data_2MAJ
#
_entry.id   2MAJ
#
_entity_poly.entity_id   1
_entity_poly.type   'polypeptide(L)'
_entity_poly.pdbx_seq_one_letter_code
;GSHMASSRQKYAEEELEQVREALRKAEKELESHSSWYAPEALQKWLQLTHEVEVQYYNIKKQNAEKQLLVAKEGAEKIKK
KR
;
_entity_poly.pdbx_strand_id   A,C
#
# COMPACT_ATOMS: atom_id res chain seq x y z
N GLY A 1 -17.09 26.77 5.08
CA GLY A 1 -17.40 25.69 6.00
C GLY A 1 -16.39 24.59 5.86
N SER A 2 -16.53 23.55 6.65
CA SER A 2 -15.62 22.44 6.59
C SER A 2 -15.90 21.59 5.38
N HIS A 3 -14.88 21.31 4.61
CA HIS A 3 -15.00 20.38 3.54
C HIS A 3 -14.88 19.02 4.17
N MET A 4 -16.02 18.50 4.57
CA MET A 4 -16.05 17.34 5.41
C MET A 4 -16.13 16.04 4.59
N ALA A 5 -16.68 15.04 5.18
CA ALA A 5 -16.63 13.73 4.68
C ALA A 5 -18.01 13.19 4.47
N SER A 6 -18.35 13.06 3.23
CA SER A 6 -19.56 12.43 2.82
C SER A 6 -19.28 11.79 1.47
N SER A 7 -19.02 12.62 0.47
CA SER A 7 -18.67 12.14 -0.84
C SER A 7 -17.22 11.67 -0.83
N ARG A 8 -16.36 12.44 -0.12
CA ARG A 8 -14.94 12.09 0.02
C ARG A 8 -14.75 10.76 0.75
N GLN A 9 -15.78 10.33 1.51
CA GLN A 9 -15.71 9.06 2.22
C GLN A 9 -15.66 7.92 1.23
N LYS A 10 -16.34 8.09 0.10
CA LYS A 10 -16.37 7.05 -0.90
C LYS A 10 -15.02 6.94 -1.54
N TYR A 11 -14.41 8.07 -1.85
CA TYR A 11 -13.07 8.09 -2.42
C TYR A 11 -12.09 7.45 -1.46
N ALA A 12 -12.30 7.73 -0.18
CA ALA A 12 -11.50 7.14 0.88
C ALA A 12 -11.64 5.63 0.87
N GLU A 13 -12.87 5.14 0.84
CA GLU A 13 -13.14 3.70 0.80
C GLU A 13 -12.58 3.07 -0.46
N GLU A 14 -12.95 3.65 -1.59
CA GLU A 14 -12.55 3.17 -2.90
C GLU A 14 -11.04 3.12 -3.04
N GLU A 15 -10.36 4.16 -2.60
CA GLU A 15 -8.93 4.15 -2.67
C GLU A 15 -8.30 3.26 -1.62
N LEU A 16 -8.86 3.21 -0.40
CA LEU A 16 -8.37 2.29 0.68
C LEU A 16 -8.33 0.86 0.17
N GLU A 17 -9.41 0.48 -0.42
CA GLU A 17 -9.51 -0.84 -0.94
C GLU A 17 -8.53 -0.99 -2.09
N GLN A 18 -8.56 -0.06 -3.04
CA GLN A 18 -7.70 -0.13 -4.20
C GLN A 18 -6.22 -0.20 -3.81
N VAL A 19 -5.79 0.64 -2.89
CA VAL A 19 -4.40 0.66 -2.45
C VAL A 19 -3.98 -0.71 -1.87
N ARG A 20 -4.77 -1.21 -0.91
CA ARG A 20 -4.38 -2.43 -0.22
C ARG A 20 -4.50 -3.65 -1.16
N GLU A 21 -5.59 -3.70 -1.90
CA GLU A 21 -5.86 -4.79 -2.78
C GLU A 21 -4.90 -4.82 -3.92
N ALA A 22 -4.53 -3.65 -4.44
CA ALA A 22 -3.58 -3.58 -5.55
C ALA A 22 -2.22 -4.07 -5.11
N LEU A 23 -1.81 -3.71 -3.88
CA LEU A 23 -0.51 -4.18 -3.38
C LEU A 23 -0.53 -5.74 -3.35
N ARG A 24 -1.58 -6.29 -2.73
CA ARG A 24 -1.71 -7.76 -2.61
C ARG A 24 -1.89 -8.42 -3.97
N LYS A 25 -2.63 -7.76 -4.82
CA LYS A 25 -2.86 -8.15 -6.22
C LYS A 25 -1.52 -8.35 -6.92
N ALA A 26 -0.64 -7.40 -6.72
CA ALA A 26 0.68 -7.44 -7.34
C ALA A 26 1.50 -8.60 -6.76
N GLU A 27 1.35 -8.85 -5.47
CA GLU A 27 1.98 -10.04 -4.86
C GLU A 27 1.42 -11.32 -5.52
N LYS A 28 0.10 -11.30 -5.79
CA LYS A 28 -0.58 -12.41 -6.49
C LYS A 28 0.03 -12.63 -7.87
N GLU A 29 0.37 -11.54 -8.54
CA GLU A 29 1.10 -11.62 -9.79
C GLU A 29 2.39 -12.35 -9.55
N LEU A 30 3.14 -11.91 -8.55
CA LEU A 30 4.45 -12.47 -8.26
C LEU A 30 4.39 -13.98 -8.02
N GLU A 31 3.42 -14.46 -7.27
CA GLU A 31 3.30 -15.89 -7.05
C GLU A 31 2.88 -16.62 -8.35
N SER A 32 1.94 -16.03 -9.07
CA SER A 32 1.45 -16.58 -10.32
C SER A 32 2.55 -16.56 -11.40
N HIS A 33 3.53 -15.73 -11.16
CA HIS A 33 4.68 -15.57 -12.00
C HIS A 33 5.79 -16.50 -11.51
N SER A 34 5.86 -16.68 -10.20
CA SER A 34 6.82 -17.56 -9.59
C SER A 34 6.47 -19.02 -9.90
N SER A 35 5.27 -19.26 -10.40
CA SER A 35 4.92 -20.56 -10.94
C SER A 35 5.98 -21.02 -11.99
N TRP A 36 6.60 -20.04 -12.69
CA TRP A 36 7.66 -20.31 -13.65
C TRP A 36 9.01 -19.71 -13.19
N TYR A 37 8.92 -18.68 -12.33
CA TYR A 37 10.07 -17.97 -11.70
C TYR A 37 10.91 -17.17 -12.71
N ALA A 38 10.97 -15.88 -12.50
CA ALA A 38 11.83 -15.03 -13.29
C ALA A 38 13.13 -14.79 -12.55
N PRO A 39 14.20 -14.41 -13.23
CA PRO A 39 15.47 -14.05 -12.59
C PRO A 39 15.39 -12.71 -11.74
N GLU A 40 16.46 -11.90 -11.81
CA GLU A 40 16.58 -10.65 -11.08
C GLU A 40 15.39 -9.72 -11.33
N ALA A 41 14.73 -9.85 -12.48
CA ALA A 41 13.53 -9.08 -12.79
C ALA A 41 12.48 -9.26 -11.67
N LEU A 42 12.18 -10.51 -11.35
CA LEU A 42 11.24 -10.87 -10.28
C LEU A 42 11.78 -10.45 -8.95
N GLN A 43 13.07 -10.72 -8.78
CA GLN A 43 13.74 -10.43 -7.53
C GLN A 43 13.70 -8.94 -7.22
N LYS A 44 14.05 -8.16 -8.21
CA LYS A 44 14.11 -6.73 -8.09
C LYS A 44 12.71 -6.17 -7.85
N TRP A 45 11.73 -6.69 -8.61
CA TRP A 45 10.35 -6.23 -8.49
C TRP A 45 9.83 -6.34 -7.06
N LEU A 46 9.88 -7.53 -6.50
CA LEU A 46 9.28 -7.68 -5.22
C LEU A 46 10.14 -7.10 -4.14
N GLN A 47 11.46 -7.16 -4.33
CA GLN A 47 12.39 -6.58 -3.38
C GLN A 47 12.13 -5.09 -3.23
N LEU A 48 11.95 -4.37 -4.35
CA LEU A 48 11.62 -2.95 -4.31
C LEU A 48 10.31 -2.73 -3.62
N THR A 49 9.31 -3.52 -3.99
CA THR A 49 8.00 -3.40 -3.35
C THR A 49 8.12 -3.58 -1.83
N HIS A 50 8.85 -4.61 -1.44
CA HIS A 50 9.10 -4.95 -0.04
C HIS A 50 9.82 -3.82 0.73
N GLU A 51 10.95 -3.36 0.21
CA GLU A 51 11.71 -2.34 0.93
C GLU A 51 10.96 -1.02 0.96
N VAL A 52 10.19 -0.79 -0.07
CA VAL A 52 9.40 0.40 -0.18
C VAL A 52 8.22 0.35 0.76
N GLU A 53 7.48 -0.75 0.74
CA GLU A 53 6.31 -0.84 1.59
C GLU A 53 6.67 -0.81 3.05
N VAL A 54 7.80 -1.37 3.41
CA VAL A 54 8.22 -1.36 4.79
C VAL A 54 8.75 0.04 5.19
N GLN A 55 9.55 0.65 4.32
CA GLN A 55 10.05 2.02 4.56
C GLN A 55 8.85 2.95 4.72
N TYR A 56 7.95 2.83 3.78
CA TYR A 56 6.76 3.59 3.78
C TYR A 56 5.82 3.25 4.87
N TYR A 57 5.76 1.99 5.30
CA TYR A 57 4.91 1.68 6.44
C TYR A 57 5.39 2.47 7.63
N ASN A 58 6.71 2.54 7.83
CA ASN A 58 7.22 3.29 8.98
C ASN A 58 6.83 4.76 8.88
N ILE A 59 7.13 5.38 7.73
CA ILE A 59 6.77 6.79 7.54
C ILE A 59 5.26 7.04 7.56
N LYS A 60 4.51 6.20 6.91
CA LYS A 60 3.08 6.40 6.83
C LYS A 60 2.40 6.06 8.13
N LYS A 61 2.85 5.03 8.83
CA LYS A 61 2.27 4.68 10.13
C LYS A 61 2.45 5.83 11.09
N GLN A 62 3.69 6.35 11.18
CA GLN A 62 3.93 7.48 12.08
C GLN A 62 3.15 8.71 11.63
N ASN A 63 3.06 8.90 10.30
CA ASN A 63 2.36 10.04 9.71
C ASN A 63 0.90 9.93 10.03
N ALA A 64 0.34 8.76 9.80
CA ALA A 64 -1.06 8.52 9.96
C ALA A 64 -1.49 8.69 11.39
N GLU A 65 -0.71 8.10 12.29
CA GLU A 65 -0.98 8.21 13.70
C GLU A 65 -0.94 9.68 14.14
N LYS A 66 0.05 10.43 13.65
CA LYS A 66 0.18 11.81 14.03
C LYS A 66 -0.87 12.71 13.31
N GLN A 67 -1.15 12.39 12.07
CA GLN A 67 -2.09 13.16 11.27
C GLN A 67 -3.47 13.07 11.90
N LEU A 68 -3.90 11.85 12.20
CA LEU A 68 -5.11 11.71 12.94
C LEU A 68 -4.99 12.21 14.34
N LEU A 69 -3.81 12.17 14.96
CA LEU A 69 -3.65 12.70 16.35
C LEU A 69 -4.14 14.15 16.39
N VAL A 70 -3.61 14.94 15.47
CA VAL A 70 -3.93 16.33 15.43
C VAL A 70 -5.32 16.56 14.88
N ALA A 71 -5.75 15.68 14.00
CA ALA A 71 -7.07 15.79 13.44
C ALA A 71 -8.14 15.34 14.40
N LYS A 72 -7.91 14.26 15.08
CA LYS A 72 -8.82 13.66 16.04
C LYS A 72 -9.07 14.65 17.15
N GLU A 73 -7.98 15.14 17.73
CA GLU A 73 -8.10 16.11 18.79
C GLU A 73 -8.67 17.41 18.26
N GLY A 74 -8.09 17.92 17.18
CA GLY A 74 -8.54 19.15 16.57
C GLY A 74 -10.02 19.13 16.24
N ALA A 75 -10.45 18.05 15.63
CA ALA A 75 -11.84 17.90 15.25
C ALA A 75 -12.75 17.83 16.43
N GLU A 76 -12.45 17.02 17.42
CA GLU A 76 -13.36 16.93 18.55
C GLU A 76 -13.29 18.13 19.48
N LYS A 77 -12.30 18.97 19.28
CA LYS A 77 -12.25 20.26 19.96
C LYS A 77 -13.13 21.28 19.21
N ILE A 78 -13.07 21.27 17.89
CA ILE A 78 -13.83 22.23 17.08
C ILE A 78 -15.26 21.77 16.79
N LYS A 79 -15.43 20.50 16.53
CA LYS A 79 -16.71 19.93 16.27
C LYS A 79 -17.37 19.58 17.58
N LYS A 80 -18.20 20.46 18.05
CA LYS A 80 -18.88 20.26 19.31
C LYS A 80 -20.36 20.51 19.08
N LYS A 81 -20.77 20.31 17.87
CA LYS A 81 -22.13 20.53 17.46
C LYS A 81 -22.72 19.25 16.89
N ARG A 82 -23.95 19.32 16.51
CA ARG A 82 -24.65 18.22 15.90
C ARG A 82 -25.40 18.73 14.71
N GLY B 1 6.85 -22.50 -21.90
CA GLY B 1 8.03 -21.81 -21.39
C GLY B 1 7.66 -20.99 -20.21
N SER B 2 8.59 -20.19 -19.73
CA SER B 2 8.33 -19.36 -18.60
C SER B 2 7.58 -18.13 -19.02
N HIS B 3 6.52 -17.82 -18.31
CA HIS B 3 5.84 -16.57 -18.51
C HIS B 3 6.63 -15.59 -17.67
N MET B 4 7.64 -15.02 -18.29
CA MET B 4 8.61 -14.27 -17.60
C MET B 4 8.23 -12.79 -17.55
N ALA B 5 9.20 -11.97 -17.29
CA ALA B 5 9.01 -10.62 -17.03
C ALA B 5 9.58 -9.77 -18.12
N SER B 6 8.72 -9.12 -18.83
CA SER B 6 9.08 -8.16 -19.82
C SER B 6 7.94 -7.17 -19.90
N SER B 7 6.80 -7.64 -20.32
CA SER B 7 5.62 -6.81 -20.37
C SER B 7 5.06 -6.69 -18.95
N ARG B 8 5.14 -7.79 -18.20
CA ARG B 8 4.70 -7.83 -16.81
C ARG B 8 5.53 -6.90 -15.94
N GLN B 9 6.73 -6.53 -16.42
CA GLN B 9 7.60 -5.62 -15.67
C GLN B 9 6.97 -4.25 -15.64
N LYS B 10 6.30 -3.88 -16.71
CA LYS B 10 5.68 -2.59 -16.76
C LYS B 10 4.50 -2.56 -15.81
N TYR B 11 3.71 -3.61 -15.82
CA TYR B 11 2.58 -3.72 -14.92
C TYR B 11 3.06 -3.70 -13.49
N ALA B 12 4.20 -4.32 -13.24
CA ALA B 12 4.83 -4.33 -11.94
C ALA B 12 5.19 -2.90 -11.53
N GLU B 13 5.85 -2.17 -12.43
CA GLU B 13 6.24 -0.79 -12.16
C GLU B 13 5.00 0.09 -11.96
N GLU B 14 4.10 0.02 -12.92
CA GLU B 14 2.88 0.80 -12.93
C GLU B 14 2.06 0.57 -11.68
N GLU B 15 1.92 -0.68 -11.27
CA GLU B 15 1.18 -0.97 -10.08
C GLU B 15 1.95 -0.64 -8.83
N LEU B 16 3.27 -0.93 -8.79
CA LEU B 16 4.14 -0.55 -7.63
C LEU B 16 3.97 0.93 -7.32
N GLU B 17 4.07 1.70 -8.33
CA GLU B 17 3.94 3.10 -8.20
C GLU B 17 2.53 3.45 -7.77
N GLN B 18 1.54 2.91 -8.47
CA GLN B 18 0.16 3.23 -8.19
C GLN B 18 -0.22 2.84 -6.76
N VAL B 19 0.20 1.67 -6.31
CA VAL B 19 -0.11 1.19 -4.97
C VAL B 19 0.46 2.14 -3.89
N ARG B 20 1.77 2.40 -3.98
CA ARG B 20 2.44 3.18 -2.95
C ARG B 20 1.99 4.65 -2.98
N GLU B 21 1.91 5.19 -4.18
CA GLU B 21 1.56 6.55 -4.37
C GLU B 21 0.12 6.80 -4.02
N ALA B 22 -0.75 5.84 -4.29
CA ALA B 22 -2.16 5.99 -3.96
C ALA B 22 -2.36 5.98 -2.46
N LEU B 23 -1.60 5.13 -1.76
CA LEU B 23 -1.71 5.10 -0.29
C LEU B 23 -1.33 6.51 0.26
N ARG B 24 -0.17 7.02 -0.19
CA ARG B 24 0.30 8.35 0.26
C ARG B 24 -0.64 9.46 -0.21
N LYS B 25 -1.13 9.30 -1.42
CA LYS B 25 -2.14 10.19 -2.03
C LYS B 25 -3.34 10.34 -1.10
N ALA B 26 -3.80 9.23 -0.57
CA ALA B 26 -4.93 9.22 0.30
C ALA B 26 -4.60 9.89 1.64
N GLU B 27 -3.37 9.71 2.10
CA GLU B 27 -2.90 10.44 3.29
C GLU B 27 -2.92 11.95 3.01
N LYS B 28 -2.53 12.32 1.78
CA LYS B 28 -2.57 13.71 1.31
C LYS B 28 -3.97 14.27 1.36
N GLU B 29 -4.93 13.45 1.00
CA GLU B 29 -6.32 13.80 1.14
C GLU B 29 -6.61 14.10 2.60
N LEU B 30 -6.23 13.18 3.48
CA LEU B 30 -6.50 13.31 4.90
C LEU B 30 -5.95 14.61 5.48
N GLU B 31 -4.75 14.99 5.09
CA GLU B 31 -4.20 16.24 5.61
C GLU B 31 -4.91 17.46 5.00
N SER B 32 -5.20 17.39 3.71
CA SER B 32 -5.88 18.45 2.99
C SER B 32 -7.35 18.56 3.49
N HIS B 33 -7.80 17.51 4.11
CA HIS B 33 -9.10 17.40 4.69
C HIS B 33 -9.03 17.83 6.16
N SER B 34 -7.90 17.54 6.79
CA SER B 34 -7.68 17.93 8.16
C SER B 34 -7.47 19.43 8.27
N SER B 35 -7.25 20.09 7.14
CA SER B 35 -7.26 21.55 7.10
C SER B 35 -8.59 22.09 7.72
N TRP B 36 -9.66 21.31 7.63
CA TRP B 36 -10.95 21.67 8.23
C TRP B 36 -11.32 20.69 9.35
N TYR B 37 -10.78 19.47 9.26
CA TYR B 37 -10.95 18.35 10.24
C TYR B 37 -12.38 17.80 10.27
N ALA B 38 -12.51 16.54 9.95
CA ALA B 38 -13.78 15.86 10.04
C ALA B 38 -13.83 15.11 11.36
N PRO B 39 -15.01 14.77 11.86
CA PRO B 39 -15.16 13.95 13.07
C PRO B 39 -14.68 12.44 12.89
N GLU B 40 -15.45 11.50 13.48
CA GLU B 40 -15.15 10.07 13.43
C GLU B 40 -14.97 9.57 11.98
N ALA B 41 -15.58 10.24 11.02
CA ALA B 41 -15.43 9.91 9.60
C ALA B 41 -13.94 9.91 9.22
N LEU B 42 -13.25 11.00 9.54
CA LEU B 42 -11.82 11.15 9.29
C LEU B 42 -11.04 10.18 10.13
N GLN B 43 -11.46 10.09 11.37
CA GLN B 43 -10.79 9.24 12.33
C GLN B 43 -10.85 7.78 11.89
N LYS B 44 -12.02 7.34 11.52
CA LYS B 44 -12.26 5.98 11.12
C LYS B 44 -11.50 5.69 9.84
N TRP B 45 -11.54 6.64 8.90
CA TRP B 45 -10.87 6.48 7.61
C TRP B 45 -9.38 6.18 7.77
N LEU B 46 -8.67 7.05 8.47
CA LEU B 46 -7.26 6.87 8.51
C LEU B 46 -6.88 5.76 9.45
N GLN B 47 -7.65 5.61 10.52
CA GLN B 47 -7.44 4.56 11.50
C GLN B 47 -7.52 3.19 10.82
N LEU B 48 -8.53 2.99 9.97
CA LEU B 48 -8.64 1.75 9.20
C LEU B 48 -7.47 1.58 8.30
N THR B 49 -7.13 2.63 7.55
CA THR B 49 -5.99 2.58 6.65
C THR B 49 -4.72 2.18 7.42
N HIS B 50 -4.51 2.83 8.55
CA HIS B 50 -3.37 2.60 9.42
C HIS B 50 -3.32 1.15 9.95
N GLU B 51 -4.40 0.66 10.55
CA GLU B 51 -4.38 -0.67 11.12
C GLU B 51 -4.25 -1.73 10.04
N VAL B 52 -4.85 -1.44 8.90
CA VAL B 52 -4.81 -2.32 7.76
C VAL B 52 -3.42 -2.35 7.16
N GLU B 53 -2.83 -1.18 6.91
CA GLU B 53 -1.52 -1.14 6.28
C GLU B 53 -0.47 -1.77 7.16
N VAL B 54 -0.58 -1.61 8.46
CA VAL B 54 0.38 -2.20 9.36
C VAL B 54 0.16 -3.73 9.45
N GLN B 55 -1.10 -4.15 9.57
CA GLN B 55 -1.45 -5.58 9.60
C GLN B 55 -0.94 -6.24 8.31
N TYR B 56 -1.25 -5.58 7.21
CA TYR B 56 -0.84 -6.02 5.94
C TYR B 56 0.62 -5.90 5.69
N TYR B 57 1.29 -4.90 6.25
CA TYR B 57 2.73 -4.82 6.08
C TYR B 57 3.34 -6.08 6.68
N ASN B 58 2.84 -6.49 7.85
CA ASN B 58 3.39 -7.66 8.51
C ASN B 58 3.19 -8.91 7.63
N ILE B 59 1.94 -9.13 7.19
CA ILE B 59 1.64 -10.29 6.32
C ILE B 59 2.36 -10.20 4.97
N LYS B 60 2.35 -9.04 4.36
CA LYS B 60 2.93 -8.90 3.05
C LYS B 60 4.44 -8.91 3.09
N LYS B 61 5.04 -8.29 4.10
CA LYS B 61 6.49 -8.30 4.26
C LYS B 61 6.96 -9.73 4.41
N GLN B 62 6.30 -10.49 5.31
CA GLN B 62 6.72 -11.87 5.51
C GLN B 62 6.46 -12.69 4.25
N ASN B 63 5.35 -12.39 3.58
CA ASN B 63 4.95 -13.07 2.35
C ASN B 63 5.95 -12.81 1.28
N ALA B 64 6.26 -11.55 1.08
CA ALA B 64 7.13 -11.12 0.03
C ALA B 64 8.51 -11.68 0.18
N GLU B 65 9.01 -11.62 1.41
CA GLU B 65 10.31 -12.18 1.71
C GLU B 65 10.34 -13.66 1.39
N LYS B 66 9.29 -14.38 1.77
CA LYS B 66 9.26 -15.81 1.53
C LYS B 66 8.97 -16.13 0.05
N GLN B 67 8.12 -15.33 -0.57
CA GLN B 67 7.74 -15.52 -1.96
C GLN B 67 8.96 -15.35 -2.85
N LEU B 68 9.69 -14.27 -2.66
CA LEU B 68 10.95 -14.12 -3.35
C LEU B 68 11.97 -15.11 -2.86
N LEU B 69 11.93 -15.55 -1.61
CA LEU B 69 12.91 -16.55 -1.11
C LEU B 69 12.88 -17.77 -2.02
N VAL B 70 11.67 -18.28 -2.22
CA VAL B 70 11.49 -19.47 -3.01
C VAL B 70 11.65 -19.18 -4.48
N ALA B 71 11.30 -17.97 -4.89
CA ALA B 71 11.45 -17.59 -6.25
C ALA B 71 12.88 -17.30 -6.62
N LYS B 72 13.58 -16.61 -5.77
CA LYS B 72 14.97 -16.22 -5.96
C LYS B 72 15.81 -17.47 -6.08
N GLU B 73 15.70 -18.35 -5.09
CA GLU B 73 16.44 -19.58 -5.11
C GLU B 73 15.98 -20.45 -6.27
N GLY B 74 14.67 -20.67 -6.35
CA GLY B 74 14.10 -21.49 -7.39
C GLY B 74 14.50 -21.04 -8.78
N ALA B 75 14.43 -19.74 -9.02
CA ALA B 75 14.76 -19.17 -10.32
C ALA B 75 16.20 -19.31 -10.64
N GLU B 76 17.08 -19.00 -9.71
CA GLU B 76 18.50 -19.10 -10.01
C GLU B 76 19.00 -20.53 -10.05
N LYS B 77 18.21 -21.43 -9.52
CA LYS B 77 18.49 -22.83 -9.66
C LYS B 77 18.08 -23.31 -11.04
N ILE B 78 16.95 -22.82 -11.52
CA ILE B 78 16.44 -23.25 -12.82
C ILE B 78 17.02 -22.44 -13.98
N LYS B 79 17.07 -21.15 -13.83
CA LYS B 79 17.62 -20.27 -14.83
C LYS B 79 19.12 -20.26 -14.69
N LYS B 80 19.78 -21.07 -15.47
CA LYS B 80 21.23 -21.14 -15.46
C LYS B 80 21.70 -20.99 -16.90
N LYS B 81 20.85 -20.36 -17.66
CA LYS B 81 21.07 -20.15 -19.06
C LYS B 81 20.99 -18.67 -19.36
N ARG B 82 21.51 -18.30 -20.49
CA ARG B 82 21.41 -16.95 -20.95
C ARG B 82 20.62 -16.97 -22.23
N GLY A 1 -18.31 26.33 1.54
CA GLY A 1 -18.00 26.59 2.94
C GLY A 1 -17.87 25.31 3.71
N SER A 2 -18.99 24.70 4.02
CA SER A 2 -19.04 23.48 4.76
C SER A 2 -18.50 22.32 3.93
N HIS A 3 -17.38 21.79 4.34
CA HIS A 3 -16.83 20.62 3.72
C HIS A 3 -17.08 19.45 4.61
N MET A 4 -18.29 18.96 4.54
CA MET A 4 -18.75 17.90 5.38
C MET A 4 -18.20 16.59 4.92
N ALA A 5 -17.68 15.87 5.86
CA ALA A 5 -17.04 14.60 5.66
C ALA A 5 -17.99 13.57 5.07
N SER A 6 -17.88 13.35 3.79
CA SER A 6 -18.65 12.37 3.09
C SER A 6 -18.04 12.15 1.72
N SER A 7 -18.04 13.21 0.93
CA SER A 7 -17.54 13.16 -0.44
C SER A 7 -16.05 12.75 -0.49
N ARG A 8 -15.21 13.51 0.20
CA ARG A 8 -13.77 13.29 0.25
C ARG A 8 -13.46 11.96 0.96
N GLN A 9 -14.35 11.60 1.87
CA GLN A 9 -14.21 10.38 2.64
C GLN A 9 -14.48 9.16 1.75
N LYS A 10 -15.39 9.32 0.79
CA LYS A 10 -15.65 8.27 -0.15
C LYS A 10 -14.41 8.01 -0.97
N TYR A 11 -13.77 9.08 -1.46
CA TYR A 11 -12.55 8.96 -2.22
C TYR A 11 -11.52 8.20 -1.42
N ALA A 12 -11.34 8.61 -0.18
CA ALA A 12 -10.42 7.97 0.74
C ALA A 12 -10.71 6.47 0.90
N GLU A 13 -11.97 6.13 1.13
CA GLU A 13 -12.37 4.73 1.32
C GLU A 13 -12.16 3.91 0.05
N GLU A 14 -12.54 4.50 -1.08
CA GLU A 14 -12.37 3.88 -2.36
C GLU A 14 -10.90 3.60 -2.62
N GLU A 15 -10.06 4.55 -2.21
CA GLU A 15 -8.64 4.39 -2.31
C GLU A 15 -8.17 3.30 -1.37
N LEU A 16 -8.64 3.30 -0.11
CA LEU A 16 -8.22 2.31 0.94
C LEU A 16 -8.34 0.91 0.36
N GLU A 17 -9.48 0.65 -0.20
CA GLU A 17 -9.70 -0.63 -0.79
C GLU A 17 -8.81 -0.86 -1.98
N GLN A 18 -8.78 0.09 -2.90
CA GLN A 18 -7.99 -0.05 -4.12
C GLN A 18 -6.50 -0.24 -3.77
N VAL A 19 -5.98 0.58 -2.87
CA VAL A 19 -4.58 0.57 -2.48
C VAL A 19 -4.16 -0.78 -1.89
N ARG A 20 -4.96 -1.29 -0.93
CA ARG A 20 -4.59 -2.53 -0.27
C ARG A 20 -4.70 -3.73 -1.21
N GLU A 21 -5.82 -3.77 -1.95
CA GLU A 21 -6.06 -4.83 -2.89
C GLU A 21 -4.96 -4.84 -3.93
N ALA A 22 -4.68 -3.65 -4.49
CA ALA A 22 -3.67 -3.47 -5.55
C ALA A 22 -2.29 -3.97 -5.13
N LEU A 23 -1.87 -3.61 -3.91
CA LEU A 23 -0.55 -4.05 -3.42
C LEU A 23 -0.54 -5.60 -3.37
N ARG A 24 -1.55 -6.19 -2.71
CA ARG A 24 -1.58 -7.65 -2.57
C ARG A 24 -1.77 -8.32 -3.93
N LYS A 25 -2.54 -7.68 -4.78
CA LYS A 25 -2.79 -8.14 -6.14
C LYS A 25 -1.49 -8.20 -6.95
N ALA A 26 -0.61 -7.25 -6.70
CA ALA A 26 0.71 -7.24 -7.32
C ALA A 26 1.56 -8.38 -6.77
N GLU A 27 1.41 -8.66 -5.49
CA GLU A 27 2.06 -9.83 -4.90
C GLU A 27 1.49 -11.12 -5.50
N LYS A 28 0.19 -11.11 -5.75
CA LYS A 28 -0.49 -12.23 -6.41
C LYS A 28 0.06 -12.41 -7.81
N GLU A 29 0.37 -11.31 -8.47
CA GLU A 29 1.03 -11.29 -9.78
C GLU A 29 2.32 -12.06 -9.65
N LEU A 30 3.10 -11.68 -8.66
CA LEU A 30 4.40 -12.26 -8.41
C LEU A 30 4.30 -13.76 -8.27
N GLU A 31 3.44 -14.26 -7.40
CA GLU A 31 3.31 -15.70 -7.19
C GLU A 31 2.72 -16.44 -8.42
N SER A 32 1.73 -15.83 -9.02
CA SER A 32 1.10 -16.40 -10.19
C SER A 32 2.07 -16.40 -11.37
N HIS A 33 3.12 -15.58 -11.27
CA HIS A 33 4.16 -15.54 -12.25
C HIS A 33 5.40 -16.33 -11.77
N SER A 34 5.52 -16.52 -10.44
CA SER A 34 6.58 -17.32 -9.86
C SER A 34 6.34 -18.78 -10.14
N SER A 35 5.15 -19.09 -10.60
CA SER A 35 4.90 -20.40 -11.18
C SER A 35 5.99 -20.70 -12.28
N TRP A 36 6.40 -19.65 -13.02
CA TRP A 36 7.45 -19.74 -14.03
C TRP A 36 8.76 -19.15 -13.50
N TYR A 37 8.66 -18.29 -12.50
CA TYR A 37 9.77 -17.59 -11.81
C TYR A 37 10.50 -16.61 -12.71
N ALA A 38 10.50 -15.38 -12.33
CA ALA A 38 11.22 -14.38 -13.05
C ALA A 38 12.57 -14.21 -12.39
N PRO A 39 13.61 -13.80 -13.13
CA PRO A 39 14.95 -13.59 -12.57
C PRO A 39 15.06 -12.32 -11.66
N GLU A 40 16.19 -11.58 -11.80
CA GLU A 40 16.47 -10.38 -11.02
C GLU A 40 15.32 -9.37 -11.14
N ALA A 41 14.60 -9.40 -12.25
CA ALA A 41 13.41 -8.58 -12.46
C ALA A 41 12.43 -8.74 -11.28
N LEU A 42 12.15 -9.99 -10.94
CA LEU A 42 11.26 -10.35 -9.85
C LEU A 42 11.89 -10.06 -8.54
N GLN A 43 13.16 -10.39 -8.45
CA GLN A 43 13.89 -10.23 -7.23
C GLN A 43 13.91 -8.76 -6.83
N LYS A 44 14.16 -7.90 -7.80
CA LYS A 44 14.18 -6.47 -7.57
C LYS A 44 12.77 -5.93 -7.40
N TRP A 45 11.80 -6.52 -8.11
CA TRP A 45 10.40 -6.09 -8.00
C TRP A 45 9.96 -6.12 -6.55
N LEU A 46 10.10 -7.25 -5.94
CA LEU A 46 9.69 -7.34 -4.59
C LEU A 46 10.67 -6.73 -3.63
N GLN A 47 11.97 -6.79 -3.94
CA GLN A 47 12.99 -6.14 -3.08
C GLN A 47 12.64 -4.68 -2.89
N LEU A 48 12.29 -4.01 -3.98
CA LEU A 48 11.87 -2.65 -3.95
C LEU A 48 10.53 -2.49 -3.25
N THR A 49 9.49 -3.22 -3.70
CA THR A 49 8.15 -3.12 -3.09
C THR A 49 8.19 -3.36 -1.59
N HIS A 50 8.90 -4.40 -1.19
CA HIS A 50 9.09 -4.75 0.21
C HIS A 50 9.77 -3.62 0.96
N GLU A 51 10.89 -3.15 0.45
CA GLU A 51 11.60 -2.10 1.15
C GLU A 51 10.77 -0.82 1.18
N VAL A 52 10.02 -0.60 0.13
CA VAL A 52 9.17 0.56 0.00
C VAL A 52 8.02 0.48 0.97
N GLU A 53 7.31 -0.64 0.98
CA GLU A 53 6.15 -0.77 1.85
C GLU A 53 6.55 -0.75 3.30
N VAL A 54 7.71 -1.30 3.63
CA VAL A 54 8.16 -1.31 5.01
C VAL A 54 8.71 0.08 5.41
N GLN A 55 9.46 0.72 4.52
CA GLN A 55 10.01 2.07 4.79
C GLN A 55 8.83 3.02 4.95
N TYR A 56 7.91 2.93 4.00
CA TYR A 56 6.73 3.71 4.04
C TYR A 56 5.85 3.34 5.17
N TYR A 57 5.79 2.07 5.57
CA TYR A 57 4.97 1.71 6.72
C TYR A 57 5.46 2.49 7.91
N ASN A 58 6.77 2.59 8.08
CA ASN A 58 7.29 3.32 9.23
C ASN A 58 6.89 4.81 9.15
N ILE A 59 7.18 5.45 8.01
CA ILE A 59 6.82 6.87 7.84
C ILE A 59 5.32 7.10 7.86
N LYS A 60 4.59 6.30 7.16
CA LYS A 60 3.19 6.52 7.01
C LYS A 60 2.44 6.14 8.26
N LYS A 61 2.91 5.12 8.97
CA LYS A 61 2.31 4.75 10.25
C LYS A 61 2.44 5.91 11.22
N GLN A 62 3.66 6.46 11.32
CA GLN A 62 3.85 7.60 12.23
C GLN A 62 3.04 8.82 11.75
N ASN A 63 3.02 9.03 10.44
CA ASN A 63 2.28 10.13 9.83
C ASN A 63 0.79 9.99 10.05
N ALA A 64 0.26 8.81 9.78
CA ALA A 64 -1.17 8.54 9.90
C ALA A 64 -1.64 8.70 11.32
N GLU A 65 -0.89 8.12 12.25
CA GLU A 65 -1.22 8.21 13.66
C GLU A 65 -1.21 9.67 14.14
N LYS A 66 -0.18 10.43 13.74
CA LYS A 66 -0.10 11.82 14.18
C LYS A 66 -1.10 12.72 13.43
N GLN A 67 -1.34 12.41 12.16
CA GLN A 67 -2.26 13.19 11.36
C GLN A 67 -3.65 13.05 11.96
N LEU A 68 -4.04 11.81 12.26
CA LEU A 68 -5.25 11.60 12.97
C LEU A 68 -5.24 12.24 14.32
N LEU A 69 -4.11 12.22 15.02
CA LEU A 69 -4.05 12.82 16.38
C LEU A 69 -4.52 14.28 16.32
N VAL A 70 -3.93 15.03 15.40
CA VAL A 70 -4.23 16.43 15.29
C VAL A 70 -5.64 16.64 14.72
N ALA A 71 -6.05 15.72 13.86
CA ALA A 71 -7.35 15.78 13.27
C ALA A 71 -8.45 15.40 14.22
N LYS A 72 -8.23 14.32 14.94
CA LYS A 72 -9.15 13.78 15.93
C LYS A 72 -9.46 14.86 16.92
N GLU A 73 -8.42 15.46 17.46
CA GLU A 73 -8.56 16.53 18.40
C GLU A 73 -9.28 17.73 17.78
N GLY A 74 -8.76 18.20 16.65
CA GLY A 74 -9.31 19.37 16.01
C GLY A 74 -10.74 19.19 15.57
N ALA A 75 -11.06 18.01 15.08
CA ALA A 75 -12.39 17.70 14.61
C ALA A 75 -13.37 17.63 15.72
N GLU A 76 -13.03 16.97 16.82
CA GLU A 76 -13.99 16.89 17.89
C GLU A 76 -14.11 18.19 18.65
N LYS A 77 -13.15 19.07 18.46
CA LYS A 77 -13.29 20.41 18.99
C LYS A 77 -14.26 21.25 18.13
N ILE A 78 -14.29 21.00 16.82
CA ILE A 78 -15.10 21.81 15.92
C ILE A 78 -16.43 21.14 15.48
N LYS A 79 -16.38 19.86 15.21
CA LYS A 79 -17.53 19.13 14.75
C LYS A 79 -18.40 18.71 15.89
N LYS A 80 -19.18 19.61 16.32
CA LYS A 80 -20.13 19.43 17.38
C LYS A 80 -21.37 20.16 16.94
N LYS A 81 -22.46 19.94 17.62
CA LYS A 81 -23.68 20.62 17.28
C LYS A 81 -23.61 22.03 17.84
N ARG A 82 -23.19 22.96 17.02
CA ARG A 82 -22.99 24.29 17.44
C ARG A 82 -24.21 25.11 17.07
N GLY B 1 4.64 -20.86 -24.37
CA GLY B 1 5.62 -21.53 -23.52
C GLY B 1 6.39 -20.56 -22.67
N SER B 2 7.30 -19.84 -23.28
CA SER B 2 8.16 -18.93 -22.58
C SER B 2 7.41 -17.70 -22.07
N HIS B 3 7.32 -17.58 -20.77
CA HIS B 3 6.76 -16.42 -20.14
C HIS B 3 7.91 -15.60 -19.61
N MET B 4 8.57 -14.91 -20.50
CA MET B 4 9.73 -14.15 -20.17
C MET B 4 9.38 -12.93 -19.38
N ALA B 5 10.09 -12.75 -18.31
CA ALA B 5 9.91 -11.66 -17.39
C ALA B 5 10.11 -10.32 -18.05
N SER B 6 9.02 -9.67 -18.38
CA SER B 6 9.05 -8.37 -18.97
C SER B 6 7.62 -7.80 -18.93
N SER B 7 6.70 -8.46 -19.60
CA SER B 7 5.32 -8.06 -19.71
C SER B 7 4.66 -7.96 -18.31
N ARG B 8 4.66 -9.07 -17.60
CA ARG B 8 4.04 -9.19 -16.28
C ARG B 8 4.80 -8.32 -15.28
N GLN B 9 6.07 -8.11 -15.56
CA GLN B 9 6.93 -7.31 -14.71
C GLN B 9 6.61 -5.83 -14.86
N LYS B 10 6.16 -5.45 -16.05
CA LYS B 10 5.73 -4.08 -16.27
C LYS B 10 4.52 -3.79 -15.43
N TYR B 11 3.56 -4.73 -15.46
CA TYR B 11 2.36 -4.63 -14.65
C TYR B 11 2.72 -4.45 -13.21
N ALA B 12 3.62 -5.31 -12.74
CA ALA B 12 4.09 -5.25 -11.37
C ALA B 12 4.69 -3.86 -11.03
N GLU B 13 5.58 -3.35 -11.88
CA GLU B 13 6.21 -2.04 -11.64
C GLU B 13 5.18 -0.91 -11.66
N GLU B 14 4.30 -0.95 -12.66
CA GLU B 14 3.26 0.05 -12.80
C GLU B 14 2.36 0.05 -11.56
N GLU B 15 2.10 -1.14 -11.04
CA GLU B 15 1.34 -1.28 -9.85
C GLU B 15 2.10 -0.79 -8.66
N LEU B 16 3.40 -1.13 -8.55
CA LEU B 16 4.27 -0.73 -7.41
C LEU B 16 4.12 0.79 -7.21
N GLU B 17 4.25 1.47 -8.30
CA GLU B 17 4.12 2.89 -8.29
C GLU B 17 2.74 3.32 -7.90
N GLN B 18 1.75 2.77 -8.56
CA GLN B 18 0.37 3.16 -8.32
C GLN B 18 -0.01 2.90 -6.85
N VAL B 19 0.30 1.71 -6.37
CA VAL B 19 -0.05 1.28 -5.03
C VAL B 19 0.56 2.21 -3.96
N ARG B 20 1.86 2.53 -4.09
CA ARG B 20 2.51 3.34 -3.08
C ARG B 20 2.04 4.79 -3.14
N GLU B 21 1.94 5.31 -4.36
CA GLU B 21 1.48 6.66 -4.59
C GLU B 21 0.08 6.80 -4.06
N ALA B 22 -0.80 5.86 -4.44
CA ALA B 22 -2.21 5.88 -4.05
C ALA B 22 -2.39 5.87 -2.54
N LEU B 23 -1.61 5.03 -1.82
CA LEU B 23 -1.74 4.97 -0.36
C LEU B 23 -1.37 6.38 0.23
N ARG B 24 -0.19 6.89 -0.18
CA ARG B 24 0.27 8.21 0.33
C ARG B 24 -0.69 9.31 -0.12
N LYS B 25 -1.19 9.18 -1.32
CA LYS B 25 -2.15 10.10 -1.92
C LYS B 25 -3.43 10.17 -1.09
N ALA B 26 -3.86 9.03 -0.56
CA ALA B 26 -5.03 8.97 0.29
C ALA B 26 -4.72 9.65 1.64
N GLU B 27 -3.49 9.50 2.10
CA GLU B 27 -3.05 10.22 3.30
C GLU B 27 -3.00 11.73 3.02
N LYS B 28 -2.62 12.08 1.79
CA LYS B 28 -2.63 13.46 1.34
C LYS B 28 -4.04 14.01 1.31
N GLU B 29 -4.99 13.17 0.92
CA GLU B 29 -6.41 13.48 0.99
C GLU B 29 -6.75 13.85 2.41
N LEU B 30 -6.35 12.99 3.34
CA LEU B 30 -6.63 13.17 4.74
C LEU B 30 -6.13 14.51 5.23
N GLU B 31 -4.89 14.86 4.96
CA GLU B 31 -4.36 16.15 5.42
C GLU B 31 -5.00 17.35 4.68
N SER B 32 -5.21 17.19 3.39
CA SER B 32 -5.80 18.22 2.57
C SER B 32 -7.27 18.41 2.93
N HIS B 33 -7.82 17.44 3.65
CA HIS B 33 -9.16 17.53 4.16
C HIS B 33 -9.14 17.82 5.68
N SER B 34 -8.02 17.53 6.35
CA SER B 34 -7.87 17.81 7.77
C SER B 34 -7.69 19.29 7.97
N SER B 35 -7.43 20.00 6.90
CA SER B 35 -7.52 21.45 6.90
C SER B 35 -8.90 21.90 7.50
N TRP B 36 -9.94 21.12 7.20
CA TRP B 36 -11.29 21.35 7.74
C TRP B 36 -11.62 20.34 8.85
N TYR B 37 -10.87 19.25 8.87
CA TYR B 37 -10.98 18.13 9.84
C TYR B 37 -12.31 17.39 9.76
N ALA B 38 -12.24 16.14 9.47
CA ALA B 38 -13.40 15.30 9.44
C ALA B 38 -13.54 14.62 10.79
N PRO B 39 -14.76 14.31 11.22
CA PRO B 39 -15.01 13.62 12.50
C PRO B 39 -14.60 12.10 12.51
N GLU B 40 -15.43 11.25 13.13
CA GLU B 40 -15.20 9.80 13.26
C GLU B 40 -14.93 9.16 11.90
N ALA B 41 -15.52 9.72 10.85
CA ALA B 41 -15.29 9.26 9.49
C ALA B 41 -13.78 9.21 9.19
N LEU B 42 -13.09 10.29 9.53
CA LEU B 42 -11.64 10.43 9.34
C LEU B 42 -10.89 9.58 10.30
N GLN B 43 -11.37 9.59 11.53
CA GLN B 43 -10.72 8.85 12.59
C GLN B 43 -10.72 7.35 12.25
N LYS B 44 -11.83 6.87 11.74
CA LYS B 44 -11.97 5.50 11.32
C LYS B 44 -11.23 5.24 10.03
N TRP B 45 -11.23 6.23 9.13
CA TRP B 45 -10.52 6.13 7.85
C TRP B 45 -9.08 5.74 8.05
N LEU B 46 -8.39 6.52 8.82
CA LEU B 46 -7.04 6.22 9.04
C LEU B 46 -6.83 5.10 10.02
N GLN B 47 -7.70 4.98 11.04
CA GLN B 47 -7.61 3.88 11.99
C GLN B 47 -7.58 2.55 11.24
N LEU B 48 -8.50 2.41 10.29
CA LEU B 48 -8.56 1.23 9.46
C LEU B 48 -7.35 1.14 8.55
N THR B 49 -7.08 2.18 7.75
CA THR B 49 -5.94 2.16 6.80
C THR B 49 -4.63 1.83 7.51
N HIS B 50 -4.39 2.51 8.63
CA HIS B 50 -3.22 2.30 9.46
C HIS B 50 -3.14 0.87 9.93
N GLU B 51 -4.22 0.36 10.52
CA GLU B 51 -4.17 -0.98 11.04
C GLU B 51 -4.01 -1.98 9.89
N VAL B 52 -4.64 -1.67 8.78
CA VAL B 52 -4.58 -2.49 7.58
C VAL B 52 -3.17 -2.52 7.03
N GLU B 53 -2.59 -1.36 6.82
CA GLU B 53 -1.26 -1.30 6.24
C GLU B 53 -0.21 -1.91 7.15
N VAL B 54 -0.39 -1.78 8.44
CA VAL B 54 0.56 -2.34 9.38
C VAL B 54 0.36 -3.88 9.51
N GLN B 55 -0.90 -4.30 9.59
CA GLN B 55 -1.23 -5.74 9.67
C GLN B 55 -0.71 -6.41 8.40
N TYR B 56 -1.04 -5.80 7.28
CA TYR B 56 -0.60 -6.25 6.02
C TYR B 56 0.87 -6.12 5.83
N TYR B 57 1.51 -5.09 6.40
CA TYR B 57 2.95 -5.02 6.26
C TYR B 57 3.55 -6.26 6.86
N ASN B 58 3.04 -6.69 8.02
CA ASN B 58 3.60 -7.88 8.64
C ASN B 58 3.39 -9.12 7.74
N ILE B 59 2.14 -9.35 7.32
CA ILE B 59 1.86 -10.50 6.45
C ILE B 59 2.54 -10.40 5.10
N LYS B 60 2.49 -9.25 4.49
CA LYS B 60 3.00 -9.11 3.16
C LYS B 60 4.51 -9.04 3.16
N LYS B 61 5.10 -8.47 4.21
CA LYS B 61 6.56 -8.45 4.32
C LYS B 61 7.08 -9.87 4.40
N GLN B 62 6.48 -10.68 5.30
CA GLN B 62 6.92 -12.07 5.42
C GLN B 62 6.63 -12.83 4.11
N ASN B 63 5.48 -12.54 3.51
CA ASN B 63 5.06 -13.16 2.27
C ASN B 63 5.96 -12.81 1.12
N ALA B 64 6.26 -11.52 0.97
CA ALA B 64 7.10 -11.03 -0.11
C ALA B 64 8.50 -11.58 -0.01
N GLU B 65 9.07 -11.53 1.20
CA GLU B 65 10.41 -12.04 1.41
C GLU B 65 10.50 -13.53 1.12
N LYS B 66 9.51 -14.29 1.57
CA LYS B 66 9.55 -15.73 1.34
C LYS B 66 9.19 -16.06 -0.10
N GLN B 67 8.31 -15.28 -0.72
CA GLN B 67 7.92 -15.53 -2.09
C GLN B 67 9.12 -15.31 -2.98
N LEU B 68 9.84 -14.22 -2.76
CA LEU B 68 11.08 -14.03 -3.45
C LEU B 68 12.09 -15.07 -3.11
N LEU B 69 12.11 -15.56 -1.88
CA LEU B 69 13.10 -16.57 -1.48
C LEU B 69 12.99 -17.79 -2.42
N VAL B 70 11.76 -18.27 -2.55
CA VAL B 70 11.50 -19.44 -3.35
C VAL B 70 11.66 -19.13 -4.83
N ALA B 71 11.32 -17.92 -5.21
CA ALA B 71 11.43 -17.49 -6.57
C ALA B 71 12.86 -17.24 -6.98
N LYS B 72 13.59 -16.56 -6.12
CA LYS B 72 14.99 -16.20 -6.34
C LYS B 72 15.77 -17.47 -6.59
N GLU B 73 15.60 -18.43 -5.69
CA GLU B 73 16.26 -19.70 -5.83
C GLU B 73 15.81 -20.44 -7.10
N GLY B 74 14.51 -20.60 -7.25
CA GLY B 74 13.96 -21.33 -8.38
C GLY B 74 14.31 -20.68 -9.71
N ALA B 75 14.28 -19.37 -9.76
CA ALA B 75 14.58 -18.63 -10.96
C ALA B 75 16.01 -18.75 -11.33
N GLU B 76 16.93 -18.61 -10.39
CA GLU B 76 18.33 -18.73 -10.75
C GLU B 76 18.74 -20.15 -11.03
N LYS B 77 17.92 -21.09 -10.62
CA LYS B 77 18.15 -22.47 -11.00
C LYS B 77 17.72 -22.72 -12.45
N ILE B 78 16.69 -22.00 -12.90
CA ILE B 78 16.15 -22.22 -14.24
C ILE B 78 16.59 -21.17 -15.27
N LYS B 79 16.57 -19.91 -14.89
CA LYS B 79 16.94 -18.83 -15.77
C LYS B 79 18.43 -18.69 -15.85
N LYS B 80 18.97 -19.41 -16.75
CA LYS B 80 20.35 -19.44 -17.06
C LYS B 80 20.42 -19.67 -18.53
N LYS B 81 21.56 -19.47 -19.12
CA LYS B 81 21.70 -19.73 -20.51
C LYS B 81 21.91 -21.21 -20.67
N ARG B 82 20.87 -21.91 -21.04
CA ARG B 82 20.96 -23.32 -21.18
C ARG B 82 21.20 -23.63 -22.64
N GLY A 1 -21.45 24.00 -1.86
CA GLY A 1 -21.33 23.80 -0.43
C GLY A 1 -20.00 23.22 -0.10
N SER A 2 -19.87 22.73 1.10
CA SER A 2 -18.64 22.15 1.55
C SER A 2 -18.57 20.66 1.17
N HIS A 3 -17.36 20.15 1.09
CA HIS A 3 -17.16 18.76 0.74
C HIS A 3 -17.25 17.96 2.02
N MET A 4 -18.40 17.43 2.28
CA MET A 4 -18.63 16.79 3.52
C MET A 4 -18.15 15.36 3.51
N ALA A 5 -17.49 15.00 4.57
CA ALA A 5 -16.99 13.67 4.75
C ALA A 5 -18.12 12.72 5.12
N SER A 6 -18.85 12.35 4.12
CA SER A 6 -19.86 11.37 4.18
C SER A 6 -19.90 10.71 2.82
N SER A 7 -19.99 11.55 1.80
CA SER A 7 -19.85 11.10 0.44
C SER A 7 -18.39 10.69 0.26
N ARG A 8 -17.47 11.55 0.76
CA ARG A 8 -16.05 11.25 0.70
C ARG A 8 -15.65 10.07 1.57
N GLN A 9 -16.53 9.66 2.49
CA GLN A 9 -16.28 8.48 3.30
C GLN A 9 -16.26 7.25 2.41
N LYS A 10 -17.15 7.25 1.43
CA LYS A 10 -17.21 6.18 0.46
C LYS A 10 -15.93 6.17 -0.35
N TYR A 11 -15.51 7.36 -0.79
CA TYR A 11 -14.27 7.52 -1.53
C TYR A 11 -13.09 7.01 -0.74
N ALA A 12 -13.06 7.36 0.55
CA ALA A 12 -12.02 6.90 1.47
C ALA A 12 -11.96 5.39 1.51
N GLU A 13 -13.13 4.76 1.67
CA GLU A 13 -13.24 3.30 1.69
C GLU A 13 -12.73 2.71 0.38
N GLU A 14 -13.18 3.28 -0.74
CA GLU A 14 -12.78 2.84 -2.06
C GLU A 14 -11.28 2.92 -2.19
N GLU A 15 -10.71 4.07 -1.83
CA GLU A 15 -9.27 4.29 -1.89
C GLU A 15 -8.54 3.25 -1.05
N LEU A 16 -8.98 3.09 0.21
CA LEU A 16 -8.38 2.12 1.16
C LEU A 16 -8.31 0.71 0.59
N GLU A 17 -9.42 0.26 0.09
CA GLU A 17 -9.48 -1.08 -0.39
C GLU A 17 -8.67 -1.23 -1.67
N GLN A 18 -8.76 -0.22 -2.52
CA GLN A 18 -8.02 -0.11 -3.76
C GLN A 18 -6.52 -0.25 -3.50
N VAL A 19 -5.99 0.63 -2.66
CA VAL A 19 -4.56 0.69 -2.37
C VAL A 19 -4.03 -0.64 -1.78
N ARG A 20 -4.68 -1.12 -0.71
CA ARG A 20 -4.18 -2.29 -0.02
C ARG A 20 -4.27 -3.54 -0.91
N GLU A 21 -5.39 -3.66 -1.59
CA GLU A 21 -5.64 -4.78 -2.43
C GLU A 21 -4.89 -4.74 -3.72
N ALA A 22 -4.60 -3.55 -4.22
CA ALA A 22 -3.75 -3.42 -5.40
C ALA A 22 -2.35 -3.94 -5.09
N LEU A 23 -1.85 -3.59 -3.88
CA LEU A 23 -0.54 -4.08 -3.41
C LEU A 23 -0.59 -5.64 -3.40
N ARG A 24 -1.61 -6.17 -2.73
CA ARG A 24 -1.78 -7.62 -2.61
C ARG A 24 -1.98 -8.27 -3.97
N LYS A 25 -2.74 -7.63 -4.80
CA LYS A 25 -2.97 -8.05 -6.19
C LYS A 25 -1.65 -8.22 -6.94
N ALA A 26 -0.76 -7.29 -6.74
CA ALA A 26 0.54 -7.35 -7.36
C ALA A 26 1.35 -8.55 -6.79
N GLU A 27 1.21 -8.80 -5.50
CA GLU A 27 1.82 -10.00 -4.88
C GLU A 27 1.20 -11.27 -5.48
N LYS A 28 -0.10 -11.18 -5.78
CA LYS A 28 -0.83 -12.24 -6.45
C LYS A 28 -0.25 -12.52 -7.80
N GLU A 29 0.21 -11.47 -8.50
CA GLU A 29 0.92 -11.75 -9.70
C GLU A 29 2.19 -12.46 -9.39
N LEU A 30 2.94 -12.03 -8.36
CA LEU A 30 4.23 -12.67 -8.04
C LEU A 30 4.03 -14.18 -7.91
N GLU A 31 3.06 -14.63 -7.12
CA GLU A 31 2.80 -16.07 -7.02
C GLU A 31 2.39 -16.70 -8.40
N SER A 32 1.44 -16.07 -9.09
CA SER A 32 0.96 -16.56 -10.39
C SER A 32 2.11 -16.53 -11.44
N HIS A 33 3.03 -15.66 -11.22
CA HIS A 33 4.16 -15.41 -12.08
C HIS A 33 5.30 -16.34 -11.65
N SER A 34 5.34 -16.66 -10.36
CA SER A 34 6.34 -17.56 -9.81
C SER A 34 6.03 -19.00 -10.16
N SER A 35 4.84 -19.25 -10.65
CA SER A 35 4.55 -20.55 -11.26
C SER A 35 5.51 -20.78 -12.48
N TRP A 36 6.03 -19.68 -13.02
CA TRP A 36 7.04 -19.68 -14.07
C TRP A 36 8.41 -19.34 -13.45
N TYR A 37 8.39 -18.38 -12.52
CA TYR A 37 9.55 -17.80 -11.82
C TYR A 37 10.35 -16.92 -12.76
N ALA A 38 10.34 -15.66 -12.49
CA ALA A 38 11.07 -14.71 -13.28
C ALA A 38 12.41 -14.48 -12.62
N PRO A 39 13.41 -13.97 -13.35
CA PRO A 39 14.75 -13.74 -12.80
C PRO A 39 14.83 -12.47 -11.91
N GLU A 40 15.90 -11.65 -12.11
CA GLU A 40 16.11 -10.40 -11.38
C GLU A 40 14.87 -9.53 -11.50
N ALA A 41 14.14 -9.69 -12.58
CA ALA A 41 12.90 -8.98 -12.82
C ALA A 41 11.93 -9.14 -11.62
N LEU A 42 11.68 -10.38 -11.23
CA LEU A 42 10.80 -10.71 -10.12
C LEU A 42 11.43 -10.34 -8.80
N GLN A 43 12.71 -10.63 -8.72
CA GLN A 43 13.47 -10.40 -7.50
C GLN A 43 13.46 -8.92 -7.20
N LYS A 44 13.77 -8.13 -8.20
CA LYS A 44 13.83 -6.69 -8.09
C LYS A 44 12.45 -6.16 -7.75
N TRP A 45 11.43 -6.63 -8.47
CA TRP A 45 10.06 -6.17 -8.27
C TRP A 45 9.61 -6.29 -6.81
N LEU A 46 9.68 -7.47 -6.27
CA LEU A 46 9.17 -7.64 -4.96
C LEU A 46 10.10 -7.09 -3.89
N GLN A 47 11.42 -7.20 -4.14
CA GLN A 47 12.43 -6.66 -3.23
C GLN A 47 12.20 -5.18 -3.02
N LEU A 48 11.95 -4.47 -4.12
CA LEU A 48 11.65 -3.06 -4.05
C LEU A 48 10.36 -2.82 -3.34
N THR A 49 9.30 -3.51 -3.75
CA THR A 49 7.99 -3.34 -3.13
C THR A 49 8.06 -3.58 -1.63
N HIS A 50 8.74 -4.64 -1.24
CA HIS A 50 8.95 -4.99 0.15
C HIS A 50 9.72 -3.89 0.89
N GLU A 51 10.86 -3.48 0.35
CA GLU A 51 11.71 -2.49 1.00
C GLU A 51 10.94 -1.17 1.12
N VAL A 52 10.20 -0.88 0.08
CA VAL A 52 9.41 0.31 -0.03
C VAL A 52 8.23 0.28 0.92
N GLU A 53 7.49 -0.81 0.94
CA GLU A 53 6.30 -0.86 1.78
C GLU A 53 6.66 -0.85 3.23
N VAL A 54 7.79 -1.41 3.58
CA VAL A 54 8.21 -1.42 4.95
C VAL A 54 8.75 -0.02 5.35
N GLN A 55 9.51 0.60 4.45
CA GLN A 55 10.02 1.96 4.69
C GLN A 55 8.83 2.90 4.81
N TYR A 56 7.93 2.76 3.88
CA TYR A 56 6.75 3.52 3.83
C TYR A 56 5.80 3.22 4.92
N TYR A 57 5.73 1.98 5.39
CA TYR A 57 4.87 1.71 6.53
C TYR A 57 5.38 2.52 7.69
N ASN A 58 6.70 2.57 7.87
CA ASN A 58 7.26 3.31 8.99
C ASN A 58 6.89 4.80 8.89
N ILE A 59 7.15 5.40 7.73
CA ILE A 59 6.80 6.81 7.52
C ILE A 59 5.28 7.05 7.58
N LYS A 60 4.51 6.20 6.94
CA LYS A 60 3.09 6.40 6.89
C LYS A 60 2.43 6.07 8.22
N LYS A 61 2.97 5.11 8.95
CA LYS A 61 2.44 4.78 10.27
C LYS A 61 2.64 5.96 11.21
N GLN A 62 3.84 6.55 11.20
CA GLN A 62 4.08 7.70 12.05
C GLN A 62 3.27 8.91 11.58
N ASN A 63 3.13 9.01 10.26
CA ASN A 63 2.36 10.07 9.64
C ASN A 63 0.93 9.95 10.07
N ALA A 64 0.41 8.76 9.97
CA ALA A 64 -0.97 8.47 10.24
C ALA A 64 -1.31 8.72 11.69
N GLU A 65 -0.49 8.18 12.58
CA GLU A 65 -0.71 8.35 14.00
C GLU A 65 -0.72 9.83 14.39
N LYS A 66 0.29 10.57 13.91
CA LYS A 66 0.40 11.99 14.23
C LYS A 66 -0.71 12.82 13.54
N GLN A 67 -0.93 12.55 12.26
CA GLN A 67 -1.88 13.30 11.45
C GLN A 67 -3.31 13.13 11.98
N LEU A 68 -3.68 11.90 12.32
CA LEU A 68 -4.97 11.71 12.93
C LEU A 68 -5.03 12.24 14.31
N LEU A 69 -3.93 12.19 15.07
CA LEU A 69 -3.93 12.72 16.45
C LEU A 69 -4.38 14.20 16.40
N VAL A 70 -3.72 14.95 15.53
CA VAL A 70 -4.01 16.37 15.42
C VAL A 70 -5.37 16.63 14.75
N ALA A 71 -5.76 15.75 13.82
CA ALA A 71 -7.04 15.90 13.18
C ALA A 71 -8.18 15.49 14.08
N LYS A 72 -8.01 14.43 14.82
CA LYS A 72 -9.01 13.89 15.73
C LYS A 72 -9.32 14.96 16.77
N GLU A 73 -8.27 15.45 17.43
CA GLU A 73 -8.43 16.49 18.42
C GLU A 73 -9.00 17.74 17.79
N GLY A 74 -8.42 18.15 16.67
CA GLY A 74 -8.88 19.33 15.99
C GLY A 74 -10.33 19.24 15.60
N ALA A 75 -10.72 18.14 14.98
CA ALA A 75 -12.07 17.94 14.49
C ALA A 75 -13.09 17.95 15.60
N GLU A 76 -12.86 17.22 16.66
CA GLU A 76 -13.86 17.22 17.70
C GLU A 76 -13.85 18.50 18.52
N LYS A 77 -12.73 19.20 18.52
CA LYS A 77 -12.66 20.48 19.18
C LYS A 77 -13.32 21.60 18.37
N ILE A 78 -13.38 21.44 17.06
CA ILE A 78 -14.01 22.42 16.20
C ILE A 78 -15.50 22.11 15.96
N LYS A 79 -15.79 20.84 15.83
CA LYS A 79 -17.09 20.39 15.43
C LYS A 79 -17.96 19.96 16.60
N LYS A 80 -17.69 18.81 17.16
CA LYS A 80 -18.48 18.30 18.27
C LYS A 80 -17.80 18.73 19.56
N LYS A 81 -17.75 20.02 19.75
CA LYS A 81 -17.05 20.59 20.85
C LYS A 81 -17.86 20.49 22.12
N ARG A 82 -17.17 20.38 23.21
CA ARG A 82 -17.75 20.36 24.51
C ARG A 82 -17.53 21.74 25.14
N GLY B 1 3.50 -16.64 -27.07
CA GLY B 1 4.80 -17.04 -26.54
C GLY B 1 4.73 -17.17 -25.05
N SER B 2 5.77 -16.81 -24.37
CA SER B 2 5.76 -16.82 -22.95
C SER B 2 5.69 -15.38 -22.48
N HIS B 3 5.01 -15.15 -21.39
CA HIS B 3 4.95 -13.81 -20.85
C HIS B 3 6.24 -13.54 -20.13
N MET B 4 7.10 -12.83 -20.77
CA MET B 4 8.40 -12.61 -20.26
C MET B 4 8.41 -11.42 -19.34
N ALA B 5 9.10 -11.58 -18.25
CA ALA B 5 9.26 -10.53 -17.30
C ALA B 5 10.30 -9.55 -17.77
N SER B 6 9.91 -8.78 -18.74
CA SER B 6 10.70 -7.72 -19.26
C SER B 6 9.73 -6.60 -19.57
N SER B 7 8.71 -6.92 -20.36
CA SER B 7 7.62 -6.01 -20.58
C SER B 7 6.86 -5.88 -19.25
N ARG B 8 6.65 -7.03 -18.59
CA ARG B 8 6.00 -7.05 -17.28
C ARG B 8 6.82 -6.37 -16.19
N GLN B 9 8.10 -6.12 -16.46
CA GLN B 9 8.92 -5.36 -15.50
C GLN B 9 8.41 -3.97 -15.39
N LYS B 10 8.01 -3.42 -16.53
CA LYS B 10 7.43 -2.11 -16.59
C LYS B 10 6.12 -2.08 -15.82
N TYR B 11 5.28 -3.09 -16.06
CA TYR B 11 4.01 -3.24 -15.36
C TYR B 11 4.23 -3.32 -13.86
N ALA B 12 5.24 -4.09 -13.46
CA ALA B 12 5.60 -4.25 -12.06
C ALA B 12 5.95 -2.89 -11.43
N GLU B 13 6.79 -2.13 -12.12
CA GLU B 13 7.19 -0.80 -11.67
C GLU B 13 5.96 0.10 -11.55
N GLU B 14 5.11 0.05 -12.57
CA GLU B 14 3.88 0.82 -12.60
C GLU B 14 3.00 0.46 -11.42
N GLU B 15 2.84 -0.84 -11.16
CA GLU B 15 2.07 -1.32 -10.03
C GLU B 15 2.62 -0.80 -8.74
N LEU B 16 3.93 -0.99 -8.54
CA LEU B 16 4.64 -0.56 -7.34
C LEU B 16 4.39 0.91 -7.03
N GLU B 17 4.57 1.73 -8.02
CA GLU B 17 4.45 3.13 -7.82
C GLU B 17 2.99 3.51 -7.61
N GLN B 18 2.11 2.89 -8.39
CA GLN B 18 0.66 3.06 -8.27
C GLN B 18 0.21 2.80 -6.84
N VAL B 19 0.50 1.61 -6.35
CA VAL B 19 0.05 1.17 -5.05
C VAL B 19 0.57 2.05 -3.90
N ARG B 20 1.88 2.27 -3.85
CA ARG B 20 2.48 2.99 -2.76
C ARG B 20 2.06 4.47 -2.77
N GLU B 21 2.05 5.05 -3.95
CA GLU B 21 1.72 6.42 -4.12
C GLU B 21 0.26 6.69 -3.98
N ALA B 22 -0.57 5.71 -4.34
CA ALA B 22 -2.02 5.82 -4.13
C ALA B 22 -2.30 5.89 -2.64
N LEU B 23 -1.60 5.04 -1.85
CA LEU B 23 -1.75 5.05 -0.39
C LEU B 23 -1.36 6.47 0.13
N ARG B 24 -0.17 6.93 -0.29
CA ARG B 24 0.34 8.27 0.11
C ARG B 24 -0.60 9.37 -0.33
N LYS B 25 -1.09 9.24 -1.56
CA LYS B 25 -2.07 10.17 -2.14
C LYS B 25 -3.31 10.29 -1.26
N ALA B 26 -3.76 9.18 -0.75
CA ALA B 26 -4.91 9.16 0.11
C ALA B 26 -4.58 9.88 1.45
N GLU B 27 -3.36 9.68 1.95
CA GLU B 27 -2.89 10.42 3.14
C GLU B 27 -2.85 11.94 2.81
N LYS B 28 -2.46 12.24 1.57
CA LYS B 28 -2.44 13.60 1.06
C LYS B 28 -3.83 14.20 1.08
N GLU B 29 -4.87 13.39 0.83
CA GLU B 29 -6.17 13.91 1.05
C GLU B 29 -6.37 14.19 2.50
N LEU B 30 -5.96 13.27 3.40
CA LEU B 30 -6.16 13.47 4.85
C LEU B 30 -5.61 14.84 5.26
N GLU B 31 -4.42 15.20 4.83
CA GLU B 31 -3.91 16.52 5.18
C GLU B 31 -4.73 17.67 4.52
N SER B 32 -5.00 17.54 3.24
CA SER B 32 -5.76 18.57 2.52
C SER B 32 -7.26 18.59 2.99
N HIS B 33 -7.65 17.55 3.68
CA HIS B 33 -8.99 17.36 4.20
C HIS B 33 -8.98 17.78 5.68
N SER B 34 -7.81 17.69 6.32
CA SER B 34 -7.65 18.10 7.71
C SER B 34 -7.46 19.60 7.82
N SER B 35 -7.20 20.23 6.70
CA SER B 35 -7.27 21.68 6.66
C SER B 35 -8.72 22.15 7.06
N TRP B 36 -9.69 21.24 6.90
CA TRP B 36 -11.07 21.40 7.36
C TRP B 36 -11.26 20.58 8.67
N TYR B 37 -10.73 19.36 8.66
CA TYR B 37 -10.83 18.33 9.72
C TYR B 37 -12.20 17.70 9.73
N ALA B 38 -12.24 16.46 9.37
CA ALA B 38 -13.47 15.71 9.38
C ALA B 38 -13.56 14.96 10.70
N PRO B 39 -14.74 14.50 11.10
CA PRO B 39 -14.93 13.84 12.40
C PRO B 39 -14.55 12.33 12.33
N GLU B 40 -15.43 11.45 12.86
CA GLU B 40 -15.21 10.01 12.89
C GLU B 40 -14.91 9.50 11.50
N ALA B 41 -15.44 10.19 10.51
CA ALA B 41 -15.19 9.92 9.11
C ALA B 41 -13.67 9.84 8.81
N LEU B 42 -12.95 10.90 9.17
CA LEU B 42 -11.51 10.99 8.96
C LEU B 42 -10.77 10.06 9.87
N GLN B 43 -11.25 10.02 11.10
CA GLN B 43 -10.63 9.22 12.13
C GLN B 43 -10.68 7.75 11.73
N LYS B 44 -11.85 7.32 11.29
CA LYS B 44 -12.10 5.96 10.87
C LYS B 44 -11.26 5.65 9.65
N TRP B 45 -11.28 6.57 8.67
CA TRP B 45 -10.55 6.38 7.43
C TRP B 45 -9.07 6.08 7.67
N LEU B 46 -8.39 6.94 8.36
CA LEU B 46 -7.00 6.74 8.51
C LEU B 46 -6.67 5.67 9.54
N GLN B 47 -7.49 5.56 10.59
CA GLN B 47 -7.32 4.53 11.61
C GLN B 47 -7.34 3.16 10.96
N LEU B 48 -8.30 2.95 10.08
CA LEU B 48 -8.39 1.70 9.34
C LEU B 48 -7.22 1.53 8.43
N THR B 49 -6.90 2.55 7.64
CA THR B 49 -5.78 2.46 6.72
C THR B 49 -4.49 2.12 7.47
N HIS B 50 -4.26 2.79 8.59
CA HIS B 50 -3.10 2.57 9.44
C HIS B 50 -3.09 1.13 10.00
N GLU B 51 -4.18 0.72 10.62
CA GLU B 51 -4.26 -0.59 11.24
C GLU B 51 -4.07 -1.67 10.17
N VAL B 52 -4.68 -1.43 9.04
CA VAL B 52 -4.63 -2.29 7.89
C VAL B 52 -3.24 -2.34 7.28
N GLU B 53 -2.63 -1.21 7.03
CA GLU B 53 -1.34 -1.20 6.38
C GLU B 53 -0.28 -1.81 7.25
N VAL B 54 -0.40 -1.65 8.55
CA VAL B 54 0.56 -2.22 9.44
C VAL B 54 0.32 -3.76 9.55
N GLN B 55 -0.94 -4.16 9.62
CA GLN B 55 -1.28 -5.58 9.68
C GLN B 55 -0.81 -6.26 8.38
N TYR B 56 -1.13 -5.60 7.29
CA TYR B 56 -0.76 -6.05 6.01
C TYR B 56 0.70 -5.96 5.74
N TYR B 57 1.40 -4.96 6.29
CA TYR B 57 2.84 -4.94 6.12
C TYR B 57 3.40 -6.19 6.73
N ASN B 58 2.89 -6.57 7.91
CA ASN B 58 3.37 -7.77 8.59
C ASN B 58 3.17 -9.00 7.69
N ILE B 59 1.94 -9.19 7.21
CA ILE B 59 1.64 -10.33 6.34
C ILE B 59 2.37 -10.26 5.01
N LYS B 60 2.40 -9.10 4.40
CA LYS B 60 3.00 -8.95 3.10
C LYS B 60 4.52 -8.96 3.18
N LYS B 61 5.08 -8.47 4.27
CA LYS B 61 6.53 -8.51 4.45
C LYS B 61 6.98 -9.94 4.58
N GLN B 62 6.29 -10.73 5.42
CA GLN B 62 6.66 -12.14 5.56
C GLN B 62 6.36 -12.90 4.27
N ASN B 63 5.29 -12.47 3.58
CA ASN B 63 4.89 -13.07 2.30
C ASN B 63 5.97 -12.82 1.30
N ALA B 64 6.39 -11.58 1.22
CA ALA B 64 7.35 -11.14 0.24
C ALA B 64 8.68 -11.81 0.44
N GLU B 65 9.16 -11.81 1.68
CA GLU B 65 10.43 -12.41 2.00
C GLU B 65 10.44 -13.90 1.64
N LYS B 66 9.38 -14.61 2.02
CA LYS B 66 9.29 -16.03 1.74
C LYS B 66 9.08 -16.29 0.23
N GLN B 67 8.15 -15.56 -0.36
CA GLN B 67 7.77 -15.73 -1.76
C GLN B 67 8.95 -15.44 -2.70
N LEU B 68 9.69 -14.38 -2.43
CA LEU B 68 10.88 -14.14 -3.22
C LEU B 68 11.96 -15.11 -2.89
N LEU B 69 12.08 -15.56 -1.65
CA LEU B 69 13.14 -16.54 -1.29
C LEU B 69 12.99 -17.76 -2.23
N VAL B 70 11.77 -18.29 -2.29
CA VAL B 70 11.50 -19.46 -3.09
C VAL B 70 11.56 -19.17 -4.59
N ALA B 71 11.17 -17.95 -4.97
CA ALA B 71 11.22 -17.59 -6.36
C ALA B 71 12.62 -17.30 -6.83
N LYS B 72 13.38 -16.61 -6.00
CA LYS B 72 14.76 -16.24 -6.30
C LYS B 72 15.56 -17.53 -6.53
N GLU B 73 15.51 -18.44 -5.55
CA GLU B 73 16.20 -19.70 -5.68
C GLU B 73 15.67 -20.49 -6.86
N GLY B 74 14.36 -20.62 -6.95
CA GLY B 74 13.76 -21.35 -8.03
C GLY B 74 14.15 -20.81 -9.38
N ALA B 75 14.03 -19.50 -9.55
CA ALA B 75 14.28 -18.84 -10.81
C ALA B 75 15.70 -18.97 -11.28
N GLU B 76 16.66 -18.80 -10.40
CA GLU B 76 18.02 -18.94 -10.86
C GLU B 76 18.39 -20.41 -11.04
N LYS B 77 17.80 -21.28 -10.27
CA LYS B 77 18.05 -22.72 -10.41
C LYS B 77 17.42 -23.29 -11.70
N ILE B 78 16.39 -22.64 -12.19
CA ILE B 78 15.74 -23.10 -13.43
C ILE B 78 16.26 -22.39 -14.68
N LYS B 79 16.61 -21.13 -14.54
CA LYS B 79 17.03 -20.33 -15.67
C LYS B 79 18.55 -20.23 -15.78
N LYS B 80 19.17 -19.43 -14.93
CA LYS B 80 20.62 -19.25 -14.95
C LYS B 80 21.25 -20.22 -13.95
N LYS B 81 21.18 -21.48 -14.27
CA LYS B 81 21.60 -22.52 -13.38
C LYS B 81 23.11 -22.69 -13.41
N ARG B 82 23.66 -23.01 -12.27
CA ARG B 82 25.04 -23.34 -12.13
C ARG B 82 25.08 -24.82 -11.76
N GLY A 1 -18.35 25.99 0.34
CA GLY A 1 -18.39 24.55 0.45
C GLY A 1 -17.20 24.05 1.23
N SER A 2 -17.32 22.89 1.81
CA SER A 2 -16.28 22.32 2.58
C SER A 2 -16.04 20.90 2.14
N HIS A 3 -14.80 20.51 2.01
CA HIS A 3 -14.48 19.14 1.67
C HIS A 3 -14.57 18.30 2.92
N MET A 4 -15.77 17.87 3.22
CA MET A 4 -16.05 17.20 4.44
C MET A 4 -16.27 15.72 4.20
N ALA A 5 -16.17 14.94 5.24
CA ALA A 5 -16.29 13.53 5.12
C ALA A 5 -17.71 13.07 5.07
N SER A 6 -18.27 13.20 3.93
CA SER A 6 -19.53 12.67 3.64
C SER A 6 -19.43 12.03 2.25
N SER A 7 -19.19 12.84 1.25
CA SER A 7 -18.93 12.33 -0.07
C SER A 7 -17.50 11.82 -0.13
N ARG A 8 -16.62 12.46 0.68
CA ARG A 8 -15.24 12.02 0.76
C ARG A 8 -15.15 10.66 1.48
N GLN A 9 -16.25 10.26 2.17
CA GLN A 9 -16.31 8.94 2.83
C GLN A 9 -16.25 7.85 1.78
N LYS A 10 -16.93 8.09 0.67
CA LYS A 10 -16.92 7.15 -0.41
C LYS A 10 -15.54 7.02 -0.95
N TYR A 11 -14.92 8.17 -1.22
CA TYR A 11 -13.56 8.23 -1.69
C TYR A 11 -12.64 7.49 -0.75
N ALA A 12 -12.80 7.72 0.54
CA ALA A 12 -11.99 7.06 1.56
C ALA A 12 -12.08 5.53 1.46
N GLU A 13 -13.30 5.01 1.38
CA GLU A 13 -13.50 3.56 1.27
C GLU A 13 -12.93 3.04 -0.06
N GLU A 14 -13.23 3.76 -1.13
CA GLU A 14 -12.78 3.43 -2.47
C GLU A 14 -11.25 3.40 -2.53
N GLU A 15 -10.61 4.43 -1.96
CA GLU A 15 -9.16 4.52 -1.89
C GLU A 15 -8.60 3.39 -1.09
N LEU A 16 -9.05 3.25 0.17
CA LEU A 16 -8.55 2.24 1.12
C LEU A 16 -8.53 0.87 0.52
N GLU A 17 -9.63 0.48 -0.04
CA GLU A 17 -9.70 -0.82 -0.57
C GLU A 17 -8.91 -0.95 -1.84
N GLN A 18 -8.96 0.04 -2.71
CA GLN A 18 -8.21 -0.03 -3.95
C GLN A 18 -6.72 -0.11 -3.68
N VAL A 19 -6.22 0.75 -2.79
CA VAL A 19 -4.79 0.80 -2.49
C VAL A 19 -4.27 -0.52 -1.89
N ARG A 20 -4.96 -1.01 -0.85
CA ARG A 20 -4.47 -2.19 -0.15
C ARG A 20 -4.59 -3.44 -1.03
N GLU A 21 -5.71 -3.54 -1.76
CA GLU A 21 -5.95 -4.67 -2.57
C GLU A 21 -5.03 -4.66 -3.74
N ALA A 22 -4.75 -3.48 -4.29
CA ALA A 22 -3.85 -3.35 -5.42
C ALA A 22 -2.47 -3.83 -5.05
N LEU A 23 -1.98 -3.44 -3.87
CA LEU A 23 -0.65 -3.88 -3.42
C LEU A 23 -0.65 -5.43 -3.33
N ARG A 24 -1.62 -5.98 -2.62
CA ARG A 24 -1.70 -7.44 -2.45
C ARG A 24 -1.92 -8.15 -3.78
N LYS A 25 -2.72 -7.54 -4.62
CA LYS A 25 -3.01 -8.03 -5.97
C LYS A 25 -1.70 -8.06 -6.79
N ALA A 26 -0.82 -7.13 -6.55
CA ALA A 26 0.47 -7.12 -7.22
C ALA A 26 1.37 -8.24 -6.67
N GLU A 27 1.20 -8.54 -5.40
CA GLU A 27 1.86 -9.69 -4.81
C GLU A 27 1.25 -10.99 -5.39
N LYS A 28 -0.04 -10.92 -5.69
CA LYS A 28 -0.76 -12.02 -6.33
C LYS A 28 -0.17 -12.20 -7.74
N GLU A 29 0.17 -11.08 -8.37
CA GLU A 29 0.90 -11.09 -9.63
C GLU A 29 2.18 -11.88 -9.43
N LEU A 30 2.91 -11.55 -8.38
CA LEU A 30 4.19 -12.18 -8.10
C LEU A 30 4.05 -13.69 -7.91
N GLU A 31 3.09 -14.15 -7.13
CA GLU A 31 2.90 -15.61 -6.97
C GLU A 31 2.52 -16.27 -8.33
N SER A 32 1.63 -15.62 -9.07
CA SER A 32 1.17 -16.10 -10.36
C SER A 32 2.34 -16.21 -11.33
N HIS A 33 3.27 -15.31 -11.17
CA HIS A 33 4.42 -15.19 -11.99
C HIS A 33 5.54 -16.10 -11.45
N SER A 34 5.56 -16.29 -10.16
CA SER A 34 6.54 -17.14 -9.55
C SER A 34 6.21 -18.61 -9.74
N SER A 35 5.01 -18.92 -10.18
CA SER A 35 4.75 -20.30 -10.57
C SER A 35 5.66 -20.70 -11.78
N TRP A 36 6.24 -19.69 -12.44
CA TRP A 36 7.20 -19.90 -13.52
C TRP A 36 8.61 -19.52 -13.02
N TYR A 37 8.66 -18.36 -12.33
CA TYR A 37 9.87 -17.74 -11.70
C TYR A 37 10.71 -16.97 -12.70
N ALA A 38 10.79 -15.67 -12.50
CA ALA A 38 11.66 -14.81 -13.26
C ALA A 38 12.92 -14.60 -12.47
N PRO A 39 14.02 -14.20 -13.10
CA PRO A 39 15.29 -13.93 -12.38
C PRO A 39 15.23 -12.61 -11.52
N GLU A 40 16.35 -11.86 -11.48
CA GLU A 40 16.44 -10.64 -10.71
C GLU A 40 15.34 -9.62 -11.07
N ALA A 41 14.71 -9.79 -12.22
CA ALA A 41 13.57 -8.98 -12.61
C ALA A 41 12.43 -9.11 -11.56
N LEU A 42 12.08 -10.36 -11.25
CA LEU A 42 11.05 -10.66 -10.24
C LEU A 42 11.55 -10.28 -8.88
N GLN A 43 12.82 -10.56 -8.68
CA GLN A 43 13.46 -10.28 -7.44
C GLN A 43 13.40 -8.80 -7.16
N LYS A 44 13.83 -8.01 -8.13
CA LYS A 44 13.86 -6.56 -8.02
C LYS A 44 12.47 -6.02 -7.77
N TRP A 45 11.49 -6.55 -8.53
CA TRP A 45 10.11 -6.10 -8.39
C TRP A 45 9.64 -6.21 -6.95
N LEU A 46 9.71 -7.39 -6.38
CA LEU A 46 9.17 -7.52 -5.07
C LEU A 46 10.10 -6.95 -4.01
N GLN A 47 11.41 -7.05 -4.26
CA GLN A 47 12.46 -6.49 -3.38
C GLN A 47 12.21 -5.01 -3.16
N LEU A 48 11.99 -4.29 -4.26
CA LEU A 48 11.71 -2.87 -4.19
C LEU A 48 10.40 -2.62 -3.52
N THR A 49 9.35 -3.32 -3.94
CA THR A 49 8.02 -3.14 -3.34
C THR A 49 8.08 -3.37 -1.82
N HIS A 50 8.71 -4.46 -1.43
CA HIS A 50 8.91 -4.82 -0.02
C HIS A 50 9.69 -3.72 0.71
N GLU A 51 10.83 -3.33 0.17
CA GLU A 51 11.71 -2.35 0.79
C GLU A 51 10.95 -1.04 0.97
N VAL A 52 10.19 -0.70 -0.04
CA VAL A 52 9.40 0.50 -0.09
C VAL A 52 8.25 0.44 0.89
N GLU A 53 7.47 -0.62 0.87
CA GLU A 53 6.30 -0.70 1.73
C GLU A 53 6.68 -0.76 3.19
N VAL A 54 7.82 -1.33 3.50
CA VAL A 54 8.26 -1.38 4.86
C VAL A 54 8.81 0.00 5.30
N GLN A 55 9.64 0.62 4.44
CA GLN A 55 10.13 1.98 4.71
C GLN A 55 8.94 2.92 4.87
N TYR A 56 8.04 2.79 3.94
CA TYR A 56 6.86 3.55 3.95
C TYR A 56 5.93 3.22 5.04
N TYR A 57 5.86 1.97 5.47
CA TYR A 57 5.01 1.66 6.61
C TYR A 57 5.51 2.47 7.79
N ASN A 58 6.83 2.55 7.95
CA ASN A 58 7.38 3.32 9.07
C ASN A 58 6.98 4.81 8.96
N ILE A 59 7.26 5.42 7.80
CA ILE A 59 6.94 6.84 7.60
C ILE A 59 5.43 7.08 7.61
N LYS A 60 4.69 6.24 6.96
CA LYS A 60 3.29 6.46 6.84
C LYS A 60 2.54 6.07 8.10
N LYS A 61 3.02 5.06 8.84
CA LYS A 61 2.38 4.70 10.11
C LYS A 61 2.54 5.85 11.06
N GLN A 62 3.77 6.40 11.17
CA GLN A 62 3.97 7.54 12.06
C GLN A 62 3.18 8.76 11.56
N ASN A 63 3.12 8.88 10.23
CA ASN A 63 2.41 9.98 9.56
C ASN A 63 0.95 9.90 9.90
N ALA A 64 0.40 8.71 9.74
CA ALA A 64 -1.00 8.46 9.91
C ALA A 64 -1.42 8.68 11.33
N GLU A 65 -0.66 8.10 12.26
CA GLU A 65 -0.94 8.24 13.67
C GLU A 65 -0.96 9.73 14.07
N LYS A 66 0.09 10.45 13.70
CA LYS A 66 0.19 11.86 14.06
C LYS A 66 -0.87 12.71 13.32
N GLN A 67 -1.11 12.40 12.05
CA GLN A 67 -2.05 13.15 11.21
C GLN A 67 -3.45 13.05 11.81
N LEU A 68 -3.91 11.83 12.08
CA LEU A 68 -5.18 11.66 12.75
C LEU A 68 -5.16 12.17 14.14
N LEU A 69 -4.05 12.10 14.85
CA LEU A 69 -3.99 12.63 16.21
C LEU A 69 -4.37 14.09 16.25
N VAL A 70 -3.73 14.88 15.41
CA VAL A 70 -4.00 16.29 15.40
C VAL A 70 -5.38 16.55 14.78
N ALA A 71 -5.78 15.67 13.87
CA ALA A 71 -7.09 15.78 13.27
C ALA A 71 -8.19 15.43 14.24
N LYS A 72 -8.00 14.36 14.98
CA LYS A 72 -8.96 13.86 15.97
C LYS A 72 -9.20 14.96 16.99
N GLU A 73 -8.11 15.47 17.56
CA GLU A 73 -8.19 16.52 18.55
C GLU A 73 -8.87 17.75 17.97
N GLY A 74 -8.39 18.21 16.82
CA GLY A 74 -8.92 19.38 16.17
C GLY A 74 -10.37 19.22 15.78
N ALA A 75 -10.71 18.08 15.21
CA ALA A 75 -12.06 17.81 14.73
C ALA A 75 -13.06 17.82 15.83
N GLU A 76 -12.81 17.11 16.91
CA GLU A 76 -13.79 17.13 17.95
C GLU A 76 -13.75 18.42 18.73
N LYS A 77 -12.66 19.14 18.65
CA LYS A 77 -12.56 20.47 19.24
C LYS A 77 -13.42 21.46 18.44
N ILE A 78 -13.56 21.24 17.15
CA ILE A 78 -14.34 22.13 16.30
C ILE A 78 -15.78 21.67 16.12
N LYS A 79 -15.99 20.39 16.11
CA LYS A 79 -17.28 19.84 15.79
C LYS A 79 -18.02 19.24 16.96
N LYS A 80 -17.33 18.98 18.03
CA LYS A 80 -17.98 18.47 19.21
C LYS A 80 -17.84 19.49 20.33
N LYS A 81 -18.65 20.48 20.24
CA LYS A 81 -18.64 21.58 21.14
C LYS A 81 -20.04 21.97 21.52
N ARG A 82 -20.17 22.80 22.50
CA ARG A 82 -21.46 23.24 22.94
C ARG A 82 -21.81 24.52 22.22
N GLY B 1 3.81 -19.98 -24.67
CA GLY B 1 3.91 -18.66 -24.10
C GLY B 1 4.18 -18.71 -22.63
N SER B 2 4.93 -17.77 -22.13
CA SER B 2 5.28 -17.71 -20.75
C SER B 2 5.09 -16.31 -20.22
N HIS B 3 4.45 -16.17 -19.09
CA HIS B 3 4.31 -14.87 -18.47
C HIS B 3 5.59 -14.54 -17.72
N MET B 4 6.51 -13.97 -18.46
CA MET B 4 7.82 -13.73 -17.96
C MET B 4 8.06 -12.24 -17.77
N ALA B 5 9.03 -11.92 -16.94
CA ALA B 5 9.32 -10.57 -16.59
C ALA B 5 10.12 -9.86 -17.65
N SER B 6 9.41 -9.42 -18.61
CA SER B 6 9.90 -8.56 -19.63
C SER B 6 8.78 -7.56 -19.88
N SER B 7 7.64 -8.06 -20.32
CA SER B 7 6.46 -7.25 -20.47
C SER B 7 5.86 -7.03 -19.08
N ARG B 8 5.97 -8.05 -18.21
CA ARG B 8 5.45 -7.95 -16.85
C ARG B 8 6.31 -6.99 -16.02
N GLN B 9 7.52 -6.64 -16.51
CA GLN B 9 8.39 -5.67 -15.83
C GLN B 9 7.72 -4.33 -15.81
N LYS B 10 7.09 -4.00 -16.92
CA LYS B 10 6.39 -2.76 -17.03
C LYS B 10 5.25 -2.74 -16.03
N TYR B 11 4.50 -3.84 -16.00
CA TYR B 11 3.41 -4.01 -15.06
C TYR B 11 3.91 -3.83 -13.64
N ALA B 12 5.02 -4.48 -13.33
CA ALA B 12 5.64 -4.41 -12.02
C ALA B 12 5.92 -2.96 -11.60
N GLU B 13 6.54 -2.19 -12.48
CA GLU B 13 6.87 -0.80 -12.18
C GLU B 13 5.60 0.03 -12.04
N GLU B 14 4.70 -0.15 -13.01
CA GLU B 14 3.43 0.56 -13.05
C GLU B 14 2.61 0.29 -11.79
N GLU B 15 2.54 -0.96 -11.39
CA GLU B 15 1.83 -1.36 -10.19
C GLU B 15 2.49 -0.79 -8.96
N LEU B 16 3.81 -1.01 -8.82
CA LEU B 16 4.58 -0.56 -7.64
C LEU B 16 4.35 0.90 -7.35
N GLU B 17 4.48 1.71 -8.36
CA GLU B 17 4.32 3.10 -8.15
C GLU B 17 2.86 3.45 -7.91
N GLN B 18 1.96 2.91 -8.72
CA GLN B 18 0.54 3.19 -8.58
C GLN B 18 0.04 2.85 -7.17
N VAL B 19 0.43 1.68 -6.68
CA VAL B 19 -0.02 1.20 -5.38
C VAL B 19 0.53 2.09 -4.23
N ARG B 20 1.84 2.31 -4.22
CA ARG B 20 2.45 3.02 -3.11
C ARG B 20 2.04 4.49 -3.10
N GLU B 21 2.00 5.08 -4.29
CA GLU B 21 1.68 6.46 -4.40
C GLU B 21 0.22 6.66 -4.12
N ALA B 22 -0.62 5.69 -4.51
CA ALA B 22 -2.04 5.78 -4.21
C ALA B 22 -2.29 5.80 -2.71
N LEU B 23 -1.58 4.93 -1.97
CA LEU B 23 -1.73 4.87 -0.51
C LEU B 23 -1.34 6.26 0.08
N ARG B 24 -0.15 6.74 -0.29
CA ARG B 24 0.35 8.03 0.22
C ARG B 24 -0.54 9.18 -0.24
N LYS B 25 -0.99 9.10 -1.47
CA LYS B 25 -1.91 10.09 -2.05
C LYS B 25 -3.22 10.12 -1.23
N ALA B 26 -3.64 8.98 -0.74
CA ALA B 26 -4.81 8.93 0.10
C ALA B 26 -4.52 9.56 1.48
N GLU B 27 -3.31 9.45 1.93
CA GLU B 27 -2.88 10.16 3.13
C GLU B 27 -2.80 11.66 2.82
N LYS B 28 -2.45 12.00 1.58
CA LYS B 28 -2.40 13.37 1.10
C LYS B 28 -3.86 13.91 1.10
N GLU B 29 -4.78 13.02 0.76
CA GLU B 29 -6.21 13.29 0.87
C GLU B 29 -6.52 13.69 2.29
N LEU B 30 -6.06 12.86 3.23
CA LEU B 30 -6.32 13.07 4.64
C LEU B 30 -5.78 14.39 5.12
N GLU B 31 -4.59 14.78 4.72
CA GLU B 31 -4.03 16.06 5.16
C GLU B 31 -4.82 17.24 4.54
N SER B 32 -5.18 17.11 3.26
CA SER B 32 -5.93 18.14 2.56
C SER B 32 -7.35 18.25 3.17
N HIS B 33 -7.78 17.17 3.75
CA HIS B 33 -9.06 17.09 4.36
C HIS B 33 -8.96 17.51 5.83
N SER B 34 -7.83 17.23 6.43
CA SER B 34 -7.62 17.59 7.81
C SER B 34 -7.28 19.07 7.96
N SER B 35 -6.97 19.75 6.88
CA SER B 35 -6.90 21.20 6.97
C SER B 35 -8.28 21.84 7.27
N TRP B 36 -9.33 20.99 7.29
CA TRP B 36 -10.65 21.40 7.72
C TRP B 36 -11.00 20.58 9.00
N TYR B 37 -10.69 19.27 8.92
CA TYR B 37 -10.88 18.22 9.98
C TYR B 37 -12.30 17.68 10.05
N ALA B 38 -12.46 16.43 9.73
CA ALA B 38 -13.72 15.72 9.87
C ALA B 38 -13.69 14.96 11.19
N PRO B 39 -14.85 14.58 11.73
CA PRO B 39 -14.93 13.80 12.98
C PRO B 39 -14.43 12.31 12.81
N GLU B 40 -15.11 11.37 13.51
CA GLU B 40 -14.75 9.97 13.46
C GLU B 40 -14.74 9.41 12.03
N ALA B 41 -15.39 10.09 11.11
CA ALA B 41 -15.34 9.72 9.70
C ALA B 41 -13.87 9.73 9.19
N LEU B 42 -13.16 10.82 9.47
CA LEU B 42 -11.75 10.96 9.12
C LEU B 42 -10.93 10.03 9.96
N GLN B 43 -11.32 9.95 11.22
CA GLN B 43 -10.62 9.12 12.17
C GLN B 43 -10.66 7.68 11.70
N LYS B 44 -11.85 7.20 11.40
CA LYS B 44 -12.08 5.83 10.96
C LYS B 44 -11.33 5.57 9.67
N TRP B 45 -11.41 6.53 8.74
CA TRP B 45 -10.72 6.38 7.45
C TRP B 45 -9.24 6.05 7.63
N LEU B 46 -8.54 6.90 8.34
CA LEU B 46 -7.14 6.68 8.43
C LEU B 46 -6.82 5.59 9.43
N GLN B 47 -7.64 5.47 10.48
CA GLN B 47 -7.52 4.43 11.50
C GLN B 47 -7.54 3.06 10.83
N LEU B 48 -8.51 2.84 9.97
CA LEU B 48 -8.64 1.60 9.24
C LEU B 48 -7.49 1.41 8.32
N THR B 49 -7.15 2.43 7.54
CA THR B 49 -6.05 2.35 6.60
C THR B 49 -4.74 2.00 7.33
N HIS B 50 -4.47 2.70 8.41
CA HIS B 50 -3.31 2.49 9.27
C HIS B 50 -3.29 1.08 9.84
N GLU B 51 -4.38 0.67 10.44
CA GLU B 51 -4.47 -0.61 11.11
C GLU B 51 -4.25 -1.73 10.06
N VAL B 52 -4.84 -1.52 8.90
CA VAL B 52 -4.75 -2.43 7.80
C VAL B 52 -3.35 -2.48 7.23
N GLU B 53 -2.76 -1.33 6.93
CA GLU B 53 -1.46 -1.32 6.29
C GLU B 53 -0.39 -1.87 7.20
N VAL B 54 -0.54 -1.70 8.50
CA VAL B 54 0.43 -2.25 9.42
C VAL B 54 0.21 -3.78 9.57
N GLN B 55 -1.04 -4.20 9.68
CA GLN B 55 -1.39 -5.62 9.75
C GLN B 55 -0.87 -6.30 8.47
N TYR B 56 -1.17 -5.66 7.38
CA TYR B 56 -0.77 -6.10 6.12
C TYR B 56 0.68 -5.98 5.87
N TYR B 57 1.35 -4.96 6.41
CA TYR B 57 2.79 -4.90 6.23
C TYR B 57 3.38 -6.14 6.84
N ASN B 58 2.87 -6.57 8.00
CA ASN B 58 3.43 -7.76 8.62
C ASN B 58 3.20 -9.00 7.73
N ILE B 59 1.93 -9.23 7.33
CA ILE B 59 1.61 -10.38 6.46
C ILE B 59 2.30 -10.29 5.11
N LYS B 60 2.29 -9.13 4.52
CA LYS B 60 2.82 -9.00 3.20
C LYS B 60 4.34 -8.95 3.20
N LYS B 61 4.95 -8.40 4.25
CA LYS B 61 6.42 -8.40 4.36
C LYS B 61 6.91 -9.84 4.46
N GLN B 62 6.26 -10.63 5.34
CA GLN B 62 6.66 -12.04 5.47
C GLN B 62 6.36 -12.79 4.17
N ASN B 63 5.23 -12.42 3.53
CA ASN B 63 4.81 -13.02 2.27
C ASN B 63 5.83 -12.74 1.21
N ALA B 64 6.19 -11.49 1.11
CA ALA B 64 7.07 -11.02 0.08
C ALA B 64 8.45 -11.61 0.21
N GLU B 65 8.98 -11.60 1.43
CA GLU B 65 10.28 -12.15 1.70
C GLU B 65 10.31 -13.61 1.31
N LYS B 66 9.34 -14.38 1.78
CA LYS B 66 9.28 -15.81 1.50
C LYS B 66 8.99 -16.09 0.02
N GLN B 67 8.08 -15.32 -0.57
CA GLN B 67 7.67 -15.49 -1.96
C GLN B 67 8.88 -15.30 -2.88
N LEU B 68 9.59 -14.19 -2.71
CA LEU B 68 10.82 -14.01 -3.45
C LEU B 68 11.89 -14.97 -3.08
N LEU B 69 11.94 -15.42 -1.84
CA LEU B 69 12.96 -16.40 -1.46
C LEU B 69 12.86 -17.66 -2.28
N VAL B 70 11.66 -18.21 -2.34
CA VAL B 70 11.46 -19.42 -3.08
C VAL B 70 11.59 -19.15 -4.57
N ALA B 71 11.20 -17.93 -4.97
CA ALA B 71 11.32 -17.53 -6.34
C ALA B 71 12.76 -17.33 -6.76
N LYS B 72 13.51 -16.63 -5.93
CA LYS B 72 14.93 -16.31 -6.16
C LYS B 72 15.69 -17.61 -6.37
N GLU B 73 15.55 -18.52 -5.39
CA GLU B 73 16.22 -19.80 -5.44
C GLU B 73 15.80 -20.56 -6.70
N GLY B 74 14.49 -20.67 -6.89
CA GLY B 74 13.95 -21.39 -8.02
C GLY B 74 14.34 -20.81 -9.35
N ALA B 75 14.26 -19.50 -9.46
CA ALA B 75 14.55 -18.79 -10.69
C ALA B 75 15.96 -18.98 -11.14
N GLU B 76 16.90 -18.79 -10.25
CA GLU B 76 18.26 -18.98 -10.67
C GLU B 76 18.61 -20.45 -10.82
N LYS B 77 17.87 -21.31 -10.14
CA LYS B 77 18.03 -22.74 -10.31
C LYS B 77 17.53 -23.17 -11.71
N ILE B 78 16.51 -22.49 -12.21
CA ILE B 78 15.98 -22.82 -13.52
C ILE B 78 16.67 -22.06 -14.64
N LYS B 79 16.98 -20.82 -14.40
CA LYS B 79 17.48 -19.97 -15.44
C LYS B 79 18.98 -19.77 -15.42
N LYS B 80 19.59 -19.93 -14.29
CA LYS B 80 21.01 -19.75 -14.19
C LYS B 80 21.68 -21.10 -14.00
N LYS B 81 21.78 -21.80 -15.08
CA LYS B 81 22.32 -23.13 -15.11
C LYS B 81 23.23 -23.31 -16.30
N ARG B 82 23.96 -24.38 -16.32
CA ARG B 82 24.87 -24.67 -17.38
C ARG B 82 24.20 -25.61 -18.36
N GLY A 1 -19.95 24.36 -2.86
CA GLY A 1 -20.24 24.47 -1.44
C GLY A 1 -19.03 24.16 -0.62
N SER A 2 -19.24 23.67 0.57
CA SER A 2 -18.18 23.31 1.45
C SER A 2 -17.78 21.86 1.15
N HIS A 3 -16.58 21.47 1.56
CA HIS A 3 -16.13 20.12 1.35
C HIS A 3 -16.84 19.20 2.30
N MET A 4 -17.70 18.42 1.73
CA MET A 4 -18.61 17.61 2.47
C MET A 4 -18.02 16.25 2.77
N ALA A 5 -18.31 15.78 3.97
CA ALA A 5 -17.98 14.43 4.34
C ALA A 5 -18.96 13.49 3.65
N SER A 6 -18.90 12.21 3.94
CA SER A 6 -19.66 11.19 3.21
C SER A 6 -19.10 11.04 1.79
N SER A 7 -19.14 12.13 1.01
CA SER A 7 -18.60 12.18 -0.32
C SER A 7 -17.09 11.88 -0.29
N ARG A 8 -16.34 12.72 0.44
CA ARG A 8 -14.88 12.54 0.52
C ARG A 8 -14.49 11.22 1.18
N GLN A 9 -15.24 10.80 2.19
CA GLN A 9 -14.87 9.59 2.93
C GLN A 9 -15.15 8.34 2.10
N LYS A 10 -16.12 8.44 1.19
CA LYS A 10 -16.42 7.38 0.26
C LYS A 10 -15.22 7.10 -0.59
N TYR A 11 -14.71 8.17 -1.19
CA TYR A 11 -13.55 8.09 -2.01
C TYR A 11 -12.37 7.58 -1.23
N ALA A 12 -12.21 8.06 0.00
CA ALA A 12 -11.13 7.61 0.87
C ALA A 12 -11.24 6.11 1.15
N GLU A 13 -12.45 5.65 1.42
CA GLU A 13 -12.71 4.24 1.67
C GLU A 13 -12.37 3.41 0.40
N GLU A 14 -12.72 3.95 -0.75
CA GLU A 14 -12.41 3.32 -2.02
C GLU A 14 -10.91 3.35 -2.31
N GLU A 15 -10.23 4.43 -1.89
CA GLU A 15 -8.78 4.51 -1.98
C GLU A 15 -8.21 3.36 -1.17
N LEU A 16 -8.66 3.26 0.09
CA LEU A 16 -8.20 2.26 1.08
C LEU A 16 -8.25 0.85 0.48
N GLU A 17 -9.38 0.49 -0.07
CA GLU A 17 -9.52 -0.83 -0.63
C GLU A 17 -8.64 -1.00 -1.86
N GLN A 18 -8.64 0.00 -2.74
CA GLN A 18 -7.86 -0.08 -3.95
C GLN A 18 -6.37 -0.21 -3.61
N VAL A 19 -5.89 0.63 -2.73
CA VAL A 19 -4.47 0.66 -2.36
C VAL A 19 -4.00 -0.69 -1.78
N ARG A 20 -4.73 -1.21 -0.79
CA ARG A 20 -4.29 -2.43 -0.14
C ARG A 20 -4.44 -3.65 -1.06
N GLU A 21 -5.55 -3.71 -1.78
CA GLU A 21 -5.83 -4.81 -2.63
C GLU A 21 -4.93 -4.79 -3.83
N ALA A 22 -4.58 -3.59 -4.31
CA ALA A 22 -3.67 -3.46 -5.42
C ALA A 22 -2.28 -3.95 -5.03
N LEU A 23 -1.85 -3.63 -3.80
CA LEU A 23 -0.53 -4.11 -3.32
C LEU A 23 -0.55 -5.67 -3.37
N ARG A 24 -1.58 -6.25 -2.77
CA ARG A 24 -1.70 -7.73 -2.74
C ARG A 24 -1.89 -8.29 -4.14
N LYS A 25 -2.64 -7.57 -4.96
CA LYS A 25 -2.82 -7.87 -6.39
C LYS A 25 -1.46 -7.98 -7.09
N ALA A 26 -0.56 -7.12 -6.74
CA ALA A 26 0.76 -7.15 -7.30
C ALA A 26 1.55 -8.38 -6.76
N GLU A 27 1.32 -8.72 -5.51
CA GLU A 27 1.89 -9.95 -4.95
C GLU A 27 1.27 -11.17 -5.65
N LYS A 28 0.00 -11.03 -6.04
CA LYS A 28 -0.73 -12.05 -6.78
C LYS A 28 -0.04 -12.25 -8.15
N GLU A 29 0.39 -11.14 -8.75
CA GLU A 29 1.25 -11.21 -9.93
C GLU A 29 2.43 -12.04 -9.60
N LEU A 30 3.08 -11.73 -8.49
CA LEU A 30 4.30 -12.41 -8.12
C LEU A 30 4.12 -13.91 -8.00
N GLU A 31 3.09 -14.37 -7.35
CA GLU A 31 2.87 -15.80 -7.27
C GLU A 31 2.61 -16.41 -8.69
N SER A 32 1.81 -15.71 -9.51
CA SER A 32 1.55 -16.14 -10.89
C SER A 32 2.84 -16.08 -11.73
N HIS A 33 3.71 -15.21 -11.31
CA HIS A 33 4.96 -14.89 -11.94
C HIS A 33 5.95 -15.96 -11.49
N SER A 34 5.84 -16.34 -10.23
CA SER A 34 6.67 -17.34 -9.65
C SER A 34 6.24 -18.74 -10.04
N SER A 35 5.05 -18.86 -10.62
CA SER A 35 4.61 -20.12 -11.16
C SER A 35 5.66 -20.61 -12.21
N TRP A 36 6.24 -19.67 -12.94
CA TRP A 36 7.30 -19.97 -13.87
C TRP A 36 8.66 -19.67 -13.20
N TYR A 37 8.65 -18.60 -12.38
CA TYR A 37 9.80 -18.01 -11.65
C TYR A 37 10.64 -17.15 -12.55
N ALA A 38 10.52 -15.86 -12.36
CA ALA A 38 11.20 -14.90 -13.18
C ALA A 38 12.54 -14.54 -12.56
N PRO A 39 13.47 -14.00 -13.34
CA PRO A 39 14.81 -13.62 -12.85
C PRO A 39 14.84 -12.32 -11.99
N GLU A 40 15.88 -11.49 -12.19
CA GLU A 40 16.08 -10.26 -11.44
C GLU A 40 14.85 -9.36 -11.50
N ALA A 41 14.09 -9.49 -12.58
CA ALA A 41 12.82 -8.79 -12.74
C ALA A 41 11.92 -9.01 -11.52
N LEU A 42 11.73 -10.27 -11.17
CA LEU A 42 10.93 -10.68 -10.02
C LEU A 42 11.62 -10.34 -8.71
N GLN A 43 12.90 -10.60 -8.68
CA GLN A 43 13.69 -10.43 -7.48
C GLN A 43 13.73 -8.95 -7.08
N LYS A 44 13.95 -8.08 -8.04
CA LYS A 44 13.97 -6.67 -7.78
C LYS A 44 12.57 -6.15 -7.58
N TRP A 45 11.59 -6.74 -8.27
CA TRP A 45 10.19 -6.34 -8.10
C TRP A 45 9.80 -6.40 -6.64
N LEU A 46 9.96 -7.54 -6.04
CA LEU A 46 9.56 -7.64 -4.69
C LEU A 46 10.52 -7.02 -3.72
N GLN A 47 11.83 -7.06 -4.01
CA GLN A 47 12.80 -6.43 -3.12
C GLN A 47 12.47 -4.93 -3.00
N LEU A 48 12.19 -4.31 -4.13
CA LEU A 48 11.80 -2.91 -4.13
C LEU A 48 10.49 -2.70 -3.41
N THR A 49 9.47 -3.47 -3.75
CA THR A 49 8.14 -3.33 -3.09
C THR A 49 8.29 -3.50 -1.58
N HIS A 50 9.00 -4.54 -1.19
CA HIS A 50 9.27 -4.86 0.21
C HIS A 50 9.99 -3.71 0.91
N GLU A 51 11.07 -3.26 0.34
CA GLU A 51 11.89 -2.22 0.96
C GLU A 51 11.08 -0.92 1.06
N VAL A 52 10.29 -0.68 0.05
CA VAL A 52 9.46 0.50 -0.05
C VAL A 52 8.29 0.43 0.90
N GLU A 53 7.59 -0.69 0.92
CA GLU A 53 6.41 -0.80 1.74
C GLU A 53 6.76 -0.76 3.20
N VAL A 54 7.91 -1.29 3.55
CA VAL A 54 8.34 -1.26 4.92
C VAL A 54 8.82 0.17 5.31
N GLN A 55 9.58 0.79 4.41
CA GLN A 55 10.04 2.18 4.62
C GLN A 55 8.81 3.08 4.79
N TYR A 56 7.88 2.89 3.88
CA TYR A 56 6.66 3.59 3.87
C TYR A 56 5.75 3.23 4.99
N TYR A 57 5.75 1.99 5.45
CA TYR A 57 4.90 1.66 6.60
C TYR A 57 5.36 2.49 7.77
N ASN A 58 6.69 2.60 7.97
CA ASN A 58 7.17 3.37 9.11
C ASN A 58 6.72 4.83 8.98
N ILE A 59 7.03 5.44 7.82
CA ILE A 59 6.62 6.84 7.60
C ILE A 59 5.10 7.03 7.64
N LYS A 60 4.37 6.15 7.00
CA LYS A 60 2.93 6.31 6.91
C LYS A 60 2.24 5.96 8.21
N LYS A 61 2.72 4.94 8.94
CA LYS A 61 2.12 4.60 10.22
C LYS A 61 2.28 5.77 11.17
N GLN A 62 3.50 6.32 11.24
CA GLN A 62 3.74 7.46 12.11
C GLN A 62 2.96 8.69 11.62
N ASN A 63 2.88 8.84 10.30
CA ASN A 63 2.16 9.95 9.68
C ASN A 63 0.71 9.86 10.00
N ALA A 64 0.15 8.69 9.79
CA ALA A 64 -1.25 8.46 9.97
C ALA A 64 -1.67 8.71 11.39
N GLU A 65 -0.91 8.15 12.33
CA GLU A 65 -1.19 8.33 13.73
C GLU A 65 -1.08 9.81 14.12
N LYS A 66 -0.07 10.51 13.61
CA LYS A 66 0.11 11.90 13.96
C LYS A 66 -0.89 12.82 13.24
N GLN A 67 -1.16 12.53 11.99
CA GLN A 67 -2.06 13.34 11.20
C GLN A 67 -3.45 13.25 11.83
N LEU A 68 -3.86 12.02 12.16
CA LEU A 68 -5.10 11.86 12.88
C LEU A 68 -5.00 12.43 14.26
N LEU A 69 -3.84 12.40 14.91
CA LEU A 69 -3.71 12.95 16.27
C LEU A 69 -4.20 14.39 16.27
N VAL A 70 -3.65 15.15 15.35
CA VAL A 70 -3.96 16.55 15.26
C VAL A 70 -5.36 16.78 14.69
N ALA A 71 -5.76 15.92 13.78
CA ALA A 71 -7.06 16.03 13.18
C ALA A 71 -8.17 15.60 14.09
N LYS A 72 -7.99 14.49 14.74
CA LYS A 72 -8.97 13.92 15.65
C LYS A 72 -9.20 14.89 16.78
N GLU A 73 -8.13 15.33 17.43
CA GLU A 73 -8.28 16.27 18.50
C GLU A 73 -8.90 17.58 18.00
N GLY A 74 -8.34 18.13 16.93
CA GLY A 74 -8.83 19.38 16.37
C GLY A 74 -10.29 19.30 15.97
N ALA A 75 -10.65 18.23 15.29
CA ALA A 75 -11.99 18.03 14.80
C ALA A 75 -12.99 17.90 15.91
N GLU A 76 -12.66 17.18 16.94
CA GLU A 76 -13.62 17.00 18.01
C GLU A 76 -13.74 18.24 18.88
N LYS A 77 -12.67 19.03 18.93
CA LYS A 77 -12.73 20.31 19.62
C LYS A 77 -13.58 21.32 18.87
N ILE A 78 -13.50 21.31 17.54
CA ILE A 78 -14.28 22.25 16.74
C ILE A 78 -15.73 21.79 16.53
N LYS A 79 -15.90 20.51 16.30
CA LYS A 79 -17.19 19.96 15.96
C LYS A 79 -17.86 19.36 17.14
N LYS A 80 -18.74 20.10 17.73
CA LYS A 80 -19.52 19.65 18.83
C LYS A 80 -20.62 20.66 19.04
N LYS A 81 -21.79 20.21 19.38
CA LYS A 81 -22.85 21.10 19.71
C LYS A 81 -22.65 21.56 21.13
N ARG A 82 -21.91 22.61 21.23
CA ARG A 82 -21.52 23.19 22.47
C ARG A 82 -22.29 24.46 22.71
N GLY B 1 2.20 -17.11 -26.74
CA GLY B 1 3.52 -17.55 -26.34
C GLY B 1 3.56 -17.81 -24.87
N SER B 2 4.74 -17.91 -24.33
CA SER B 2 4.90 -18.13 -22.93
C SER B 2 4.83 -16.76 -22.26
N HIS B 3 4.56 -16.75 -20.97
CA HIS B 3 4.49 -15.51 -20.23
C HIS B 3 5.85 -14.89 -20.15
N MET B 4 5.94 -13.72 -20.72
CA MET B 4 7.20 -13.08 -20.93
C MET B 4 7.47 -12.03 -19.87
N ALA B 5 8.73 -11.95 -19.47
CA ALA B 5 9.18 -10.91 -18.59
C ALA B 5 9.29 -9.63 -19.39
N SER B 6 9.77 -8.55 -18.76
CA SER B 6 9.76 -7.22 -19.35
C SER B 6 8.31 -6.68 -19.40
N SER B 7 7.43 -7.40 -20.09
CA SER B 7 6.04 -7.08 -20.18
C SER B 7 5.40 -7.14 -18.79
N ARG B 8 5.47 -8.30 -18.14
CA ARG B 8 4.87 -8.47 -16.83
C ARG B 8 5.51 -7.58 -15.76
N GLN B 9 6.83 -7.40 -15.85
CA GLN B 9 7.53 -6.61 -14.83
C GLN B 9 7.19 -5.14 -14.97
N LYS B 10 6.88 -4.71 -16.20
CA LYS B 10 6.45 -3.35 -16.44
C LYS B 10 5.20 -3.07 -15.67
N TYR B 11 4.22 -3.94 -15.85
CA TYR B 11 2.97 -3.82 -15.16
C TYR B 11 3.15 -3.88 -13.66
N ALA B 12 4.04 -4.76 -13.20
CA ALA B 12 4.35 -4.90 -11.78
C ALA B 12 4.97 -3.60 -11.24
N GLU B 13 5.88 -3.02 -12.00
CA GLU B 13 6.52 -1.76 -11.64
C GLU B 13 5.48 -0.63 -11.58
N GLU B 14 4.56 -0.66 -12.55
CA GLU B 14 3.46 0.29 -12.60
C GLU B 14 2.54 0.09 -11.40
N GLU B 15 2.33 -1.19 -11.02
CA GLU B 15 1.54 -1.53 -9.82
C GLU B 15 2.22 -0.90 -8.62
N LEU B 16 3.53 -1.18 -8.47
CA LEU B 16 4.36 -0.73 -7.34
C LEU B 16 4.20 0.78 -7.12
N GLU B 17 4.37 1.55 -8.18
CA GLU B 17 4.23 2.96 -8.03
C GLU B 17 2.80 3.37 -7.74
N GLN B 18 1.84 2.77 -8.43
CA GLN B 18 0.44 3.09 -8.22
C GLN B 18 0.03 2.79 -6.79
N VAL B 19 0.37 1.60 -6.31
CA VAL B 19 -0.01 1.15 -4.97
C VAL B 19 0.55 2.07 -3.87
N ARG B 20 1.85 2.35 -3.91
CA ARG B 20 2.46 3.14 -2.86
C ARG B 20 2.03 4.61 -2.93
N GLU B 21 1.94 5.13 -4.15
CA GLU B 21 1.59 6.49 -4.36
C GLU B 21 0.14 6.72 -4.06
N ALA B 22 -0.69 5.73 -4.35
CA ALA B 22 -2.11 5.80 -4.05
C ALA B 22 -2.34 5.83 -2.55
N LEU B 23 -1.55 5.02 -1.80
CA LEU B 23 -1.67 5.02 -0.34
C LEU B 23 -1.34 6.46 0.17
N ARG B 24 -0.21 7.00 -0.28
CA ARG B 24 0.20 8.36 0.13
C ARG B 24 -0.79 9.41 -0.37
N LYS B 25 -1.30 9.19 -1.56
CA LYS B 25 -2.37 10.00 -2.16
C LYS B 25 -3.61 10.06 -1.25
N ALA B 26 -3.94 8.95 -0.66
CA ALA B 26 -5.05 8.88 0.24
C ALA B 26 -4.73 9.64 1.54
N GLU B 27 -3.49 9.57 1.97
CA GLU B 27 -3.02 10.37 3.11
C GLU B 27 -3.06 11.87 2.73
N LYS B 28 -2.81 12.16 1.45
CA LYS B 28 -2.86 13.51 0.91
C LYS B 28 -4.31 14.01 1.01
N GLU B 29 -5.28 13.10 0.78
CA GLU B 29 -6.67 13.39 1.05
C GLU B 29 -6.79 13.80 2.47
N LEU B 30 -6.26 12.97 3.36
CA LEU B 30 -6.38 13.23 4.79
C LEU B 30 -5.86 14.58 5.21
N GLU B 31 -4.74 15.01 4.68
CA GLU B 31 -4.25 16.34 5.06
C GLU B 31 -5.15 17.45 4.47
N SER B 32 -5.65 17.23 3.26
CA SER B 32 -6.59 18.14 2.64
C SER B 32 -7.92 18.13 3.43
N HIS B 33 -8.18 17.01 4.01
CA HIS B 33 -9.37 16.70 4.72
C HIS B 33 -9.24 17.32 6.11
N SER B 34 -8.04 17.24 6.65
CA SER B 34 -7.74 17.77 7.92
C SER B 34 -7.52 19.29 7.87
N SER B 35 -7.40 19.84 6.67
CA SER B 35 -7.40 21.30 6.52
C SER B 35 -8.69 21.88 7.15
N TRP B 36 -9.79 21.12 7.07
CA TRP B 36 -11.04 21.51 7.71
C TRP B 36 -11.23 20.70 9.01
N TYR B 37 -10.74 19.45 8.96
CA TYR B 37 -10.81 18.42 10.02
C TYR B 37 -12.18 17.77 10.07
N ALA B 38 -12.24 16.56 9.59
CA ALA B 38 -13.48 15.84 9.52
C ALA B 38 -13.68 15.01 10.78
N PRO B 39 -14.91 14.57 11.06
CA PRO B 39 -15.20 13.77 12.27
C PRO B 39 -14.73 12.29 12.17
N GLU B 40 -15.55 11.36 12.69
CA GLU B 40 -15.26 9.94 12.71
C GLU B 40 -14.92 9.42 11.31
N ALA B 41 -15.44 10.08 10.29
CA ALA B 41 -15.13 9.79 8.91
C ALA B 41 -13.61 9.74 8.71
N LEU B 42 -12.95 10.79 9.14
CA LEU B 42 -11.51 10.93 9.05
C LEU B 42 -10.80 10.02 10.04
N GLN B 43 -11.33 9.99 11.24
CA GLN B 43 -10.72 9.25 12.33
C GLN B 43 -10.72 7.75 12.02
N LYS B 44 -11.83 7.24 11.54
CA LYS B 44 -11.91 5.86 11.16
C LYS B 44 -11.20 5.60 9.86
N TRP B 45 -11.19 6.60 8.95
CA TRP B 45 -10.48 6.45 7.69
C TRP B 45 -9.03 6.07 7.93
N LEU B 46 -8.34 6.87 8.69
CA LEU B 46 -6.98 6.56 8.91
C LEU B 46 -6.77 5.46 9.89
N GLN B 47 -7.64 5.34 10.91
CA GLN B 47 -7.51 4.24 11.86
C GLN B 47 -7.55 2.90 11.14
N LEU B 48 -8.50 2.76 10.22
CA LEU B 48 -8.61 1.56 9.42
C LEU B 48 -7.41 1.40 8.52
N THR B 49 -7.04 2.45 7.77
CA THR B 49 -5.88 2.37 6.87
C THR B 49 -4.63 1.98 7.64
N HIS B 50 -4.42 2.64 8.77
CA HIS B 50 -3.29 2.38 9.66
C HIS B 50 -3.27 0.93 10.14
N GLU B 51 -4.38 0.48 10.68
CA GLU B 51 -4.46 -0.86 11.24
C GLU B 51 -4.26 -1.89 10.14
N VAL B 52 -4.83 -1.61 9.00
CA VAL B 52 -4.76 -2.45 7.84
C VAL B 52 -3.36 -2.47 7.24
N GLU B 53 -2.77 -1.31 7.04
CA GLU B 53 -1.48 -1.24 6.40
C GLU B 53 -0.40 -1.85 7.25
N VAL B 54 -0.53 -1.73 8.55
CA VAL B 54 0.44 -2.31 9.43
C VAL B 54 0.24 -3.84 9.51
N GLN B 55 -1.02 -4.26 9.58
CA GLN B 55 -1.33 -5.70 9.58
C GLN B 55 -0.80 -6.32 8.29
N TYR B 56 -1.13 -5.66 7.20
CA TYR B 56 -0.70 -6.06 5.92
C TYR B 56 0.77 -5.93 5.71
N TYR B 57 1.42 -4.93 6.31
CA TYR B 57 2.87 -4.84 6.17
C TYR B 57 3.49 -6.08 6.74
N ASN B 58 2.99 -6.55 7.89
CA ASN B 58 3.57 -7.75 8.48
C ASN B 58 3.37 -8.95 7.56
N ILE B 59 2.10 -9.17 7.14
CA ILE B 59 1.83 -10.30 6.24
C ILE B 59 2.54 -10.17 4.90
N LYS B 60 2.54 -8.99 4.32
CA LYS B 60 3.13 -8.81 3.01
C LYS B 60 4.64 -8.78 3.06
N LYS B 61 5.24 -8.21 4.10
CA LYS B 61 6.69 -8.20 4.24
C LYS B 61 7.17 -9.65 4.35
N GLN B 62 6.50 -10.43 5.21
CA GLN B 62 6.90 -11.83 5.37
C GLN B 62 6.62 -12.63 4.09
N ASN B 63 5.51 -12.28 3.41
CA ASN B 63 5.10 -12.93 2.17
C ASN B 63 6.10 -12.63 1.10
N ALA B 64 6.43 -11.37 0.96
CA ALA B 64 7.30 -10.91 -0.08
C ALA B 64 8.66 -11.54 0.05
N GLU B 65 9.19 -11.54 1.26
CA GLU B 65 10.47 -12.14 1.52
C GLU B 65 10.44 -13.65 1.24
N LYS B 66 9.37 -14.32 1.66
CA LYS B 66 9.28 -15.77 1.48
C LYS B 66 8.96 -16.15 0.01
N GLN B 67 8.07 -15.40 -0.61
CA GLN B 67 7.67 -15.65 -1.97
C GLN B 67 8.87 -15.48 -2.88
N LEU B 68 9.62 -14.40 -2.67
CA LEU B 68 10.87 -14.24 -3.37
C LEU B 68 11.87 -15.28 -2.98
N LEU B 69 11.88 -15.73 -1.72
CA LEU B 69 12.86 -16.75 -1.28
C LEU B 69 12.75 -17.96 -2.21
N VAL B 70 11.52 -18.43 -2.38
CA VAL B 70 11.28 -19.61 -3.16
C VAL B 70 11.43 -19.32 -4.65
N ALA B 71 11.05 -18.12 -5.06
CA ALA B 71 11.13 -17.73 -6.43
C ALA B 71 12.53 -17.45 -6.86
N LYS B 72 13.24 -16.70 -6.08
CA LYS B 72 14.60 -16.30 -6.35
C LYS B 72 15.46 -17.54 -6.44
N GLU B 73 15.38 -18.42 -5.44
CA GLU B 73 16.14 -19.64 -5.49
C GLU B 73 15.74 -20.50 -6.68
N GLY B 74 14.44 -20.73 -6.83
CA GLY B 74 13.93 -21.55 -7.92
C GLY B 74 14.34 -21.01 -9.27
N ALA B 75 14.18 -19.71 -9.45
CA ALA B 75 14.48 -19.05 -10.70
C ALA B 75 15.95 -19.15 -11.06
N GLU B 76 16.82 -18.91 -10.12
CA GLU B 76 18.24 -18.94 -10.44
C GLU B 76 18.76 -20.37 -10.60
N LYS B 77 18.06 -21.34 -10.02
CA LYS B 77 18.41 -22.74 -10.22
C LYS B 77 17.91 -23.26 -11.57
N ILE B 78 16.82 -22.70 -12.06
CA ILE B 78 16.28 -23.15 -13.34
C ILE B 78 16.86 -22.37 -14.52
N LYS B 79 17.04 -21.08 -14.34
CA LYS B 79 17.51 -20.19 -15.38
C LYS B 79 18.98 -19.94 -15.25
N LYS B 80 19.74 -20.57 -16.10
CA LYS B 80 21.18 -20.40 -16.14
C LYS B 80 21.68 -21.19 -17.32
N LYS B 81 22.60 -20.64 -18.07
CA LYS B 81 23.16 -21.35 -19.18
C LYS B 81 24.20 -22.34 -18.69
N ARG B 82 23.70 -23.43 -18.25
CA ARG B 82 24.46 -24.49 -17.65
C ARG B 82 24.78 -25.56 -18.66
N GLY A 1 -14.98 27.35 2.64
CA GLY A 1 -16.16 26.51 2.47
C GLY A 1 -16.16 25.40 3.50
N SER A 2 -17.31 24.81 3.71
CA SER A 2 -17.42 23.75 4.66
C SER A 2 -17.07 22.42 4.02
N HIS A 3 -15.88 21.92 4.32
CA HIS A 3 -15.49 20.60 3.84
C HIS A 3 -16.20 19.58 4.69
N MET A 4 -16.66 18.55 4.08
CA MET A 4 -17.41 17.58 4.79
C MET A 4 -16.98 16.19 4.47
N ALA A 5 -16.93 15.38 5.47
CA ALA A 5 -16.60 14.01 5.34
C ALA A 5 -17.87 13.20 5.12
N SER A 6 -18.28 13.10 3.89
CA SER A 6 -19.45 12.34 3.55
C SER A 6 -19.22 11.62 2.23
N SER A 7 -19.30 12.34 1.14
CA SER A 7 -19.10 11.80 -0.18
C SER A 7 -17.62 11.50 -0.41
N ARG A 8 -16.76 12.29 0.25
CA ARG A 8 -15.32 12.08 0.18
C ARG A 8 -14.94 10.74 0.81
N GLN A 9 -15.79 10.26 1.73
CA GLN A 9 -15.54 9.01 2.43
C GLN A 9 -15.63 7.85 1.47
N LYS A 10 -16.50 7.97 0.48
CA LYS A 10 -16.63 6.98 -0.57
C LYS A 10 -15.30 6.81 -1.27
N TYR A 11 -14.73 7.93 -1.66
CA TYR A 11 -13.49 7.92 -2.40
C TYR A 11 -12.35 7.43 -1.53
N ALA A 12 -12.35 7.84 -0.28
CA ALA A 12 -11.33 7.42 0.66
C ALA A 12 -11.41 5.91 0.94
N GLU A 13 -12.61 5.42 1.19
CA GLU A 13 -12.82 4.00 1.49
C GLU A 13 -12.50 3.15 0.26
N GLU A 14 -12.95 3.61 -0.91
CA GLU A 14 -12.64 2.93 -2.14
C GLU A 14 -11.15 2.91 -2.38
N GLU A 15 -10.47 4.04 -2.12
CA GLU A 15 -9.03 4.08 -2.26
C GLU A 15 -8.39 3.12 -1.27
N LEU A 16 -8.87 3.08 -0.02
CA LEU A 16 -8.37 2.15 1.01
C LEU A 16 -8.34 0.71 0.50
N GLU A 17 -9.46 0.29 -0.02
CA GLU A 17 -9.52 -1.04 -0.51
C GLU A 17 -8.69 -1.22 -1.77
N GLN A 18 -8.71 -0.22 -2.63
CA GLN A 18 -7.94 -0.23 -3.86
C GLN A 18 -6.45 -0.31 -3.56
N VAL A 19 -5.95 0.56 -2.71
CA VAL A 19 -4.54 0.62 -2.35
C VAL A 19 -4.04 -0.71 -1.77
N ARG A 20 -4.76 -1.22 -0.77
CA ARG A 20 -4.31 -2.44 -0.11
C ARG A 20 -4.40 -3.64 -1.05
N GLU A 21 -5.49 -3.72 -1.79
CA GLU A 21 -5.69 -4.82 -2.67
C GLU A 21 -4.84 -4.74 -3.89
N ALA A 22 -4.51 -3.54 -4.34
CA ALA A 22 -3.62 -3.38 -5.47
C ALA A 22 -2.23 -3.89 -5.11
N LEU A 23 -1.77 -3.57 -3.89
CA LEU A 23 -0.47 -4.06 -3.41
C LEU A 23 -0.51 -5.62 -3.43
N ARG A 24 -1.55 -6.17 -2.81
CA ARG A 24 -1.71 -7.64 -2.74
C ARG A 24 -1.87 -8.24 -4.12
N LYS A 25 -2.60 -7.54 -4.97
CA LYS A 25 -2.78 -7.89 -6.39
C LYS A 25 -1.43 -8.07 -7.08
N ALA A 26 -0.53 -7.16 -6.86
CA ALA A 26 0.77 -7.24 -7.45
C ALA A 26 1.56 -8.44 -6.89
N GLU A 27 1.43 -8.69 -5.58
CA GLU A 27 2.03 -9.87 -4.97
C GLU A 27 1.38 -11.14 -5.53
N LYS A 28 0.10 -11.04 -5.85
CA LYS A 28 -0.67 -12.14 -6.38
C LYS A 28 -0.11 -12.52 -7.73
N GLU A 29 0.26 -11.50 -8.52
CA GLU A 29 0.97 -11.72 -9.76
C GLU A 29 2.23 -12.48 -9.45
N LEU A 30 3.00 -11.98 -8.48
CA LEU A 30 4.28 -12.59 -8.13
C LEU A 30 4.13 -14.08 -7.85
N GLU A 31 3.22 -14.47 -6.97
CA GLU A 31 3.04 -15.88 -6.68
C GLU A 31 2.58 -16.68 -7.93
N SER A 32 1.63 -16.12 -8.67
CA SER A 32 1.09 -16.75 -9.87
C SER A 32 2.16 -16.87 -10.97
N HIS A 33 3.11 -15.97 -10.91
CA HIS A 33 4.18 -15.92 -11.84
C HIS A 33 5.34 -16.75 -11.31
N SER A 34 5.43 -16.88 -9.99
CA SER A 34 6.44 -17.70 -9.37
C SER A 34 6.09 -19.18 -9.51
N SER A 35 4.86 -19.45 -9.91
CA SER A 35 4.50 -20.79 -10.33
C SER A 35 5.36 -21.22 -11.58
N TRP A 36 6.00 -20.24 -12.21
CA TRP A 36 6.94 -20.45 -13.29
C TRP A 36 8.35 -20.00 -12.81
N TYR A 37 8.36 -18.86 -12.10
CA TYR A 37 9.53 -18.18 -11.50
C TYR A 37 10.25 -17.28 -12.48
N ALA A 38 10.30 -16.01 -12.16
CA ALA A 38 11.02 -15.03 -12.95
C ALA A 38 12.39 -14.81 -12.33
N PRO A 39 13.38 -14.37 -13.11
CA PRO A 39 14.75 -14.14 -12.62
C PRO A 39 14.88 -12.87 -11.70
N GLU A 40 16.03 -12.17 -11.81
CA GLU A 40 16.30 -11.02 -10.99
C GLU A 40 15.24 -9.93 -11.16
N ALA A 41 14.53 -9.94 -12.28
CA ALA A 41 13.41 -9.04 -12.52
C ALA A 41 12.37 -9.19 -11.38
N LEU A 42 12.07 -10.43 -11.02
CA LEU A 42 11.15 -10.75 -9.93
C LEU A 42 11.78 -10.40 -8.62
N GLN A 43 13.05 -10.74 -8.53
CA GLN A 43 13.80 -10.52 -7.30
C GLN A 43 13.84 -9.02 -6.98
N LYS A 44 14.13 -8.21 -7.98
CA LYS A 44 14.13 -6.77 -7.87
C LYS A 44 12.72 -6.24 -7.62
N TRP A 45 11.72 -6.82 -8.29
CA TRP A 45 10.33 -6.38 -8.14
C TRP A 45 9.91 -6.38 -6.69
N LEU A 46 10.04 -7.49 -6.05
CA LEU A 46 9.65 -7.54 -4.71
C LEU A 46 10.63 -6.89 -3.77
N GLN A 47 11.93 -6.97 -4.09
CA GLN A 47 12.97 -6.30 -3.29
C GLN A 47 12.62 -4.82 -3.13
N LEU A 48 12.28 -4.17 -4.25
CA LEU A 48 11.86 -2.79 -4.23
C LEU A 48 10.57 -2.63 -3.46
N THR A 49 9.52 -3.37 -3.85
CA THR A 49 8.20 -3.26 -3.21
C THR A 49 8.30 -3.47 -1.69
N HIS A 50 9.02 -4.50 -1.29
CA HIS A 50 9.25 -4.83 0.12
C HIS A 50 9.95 -3.68 0.84
N GLU A 51 11.06 -3.22 0.29
CA GLU A 51 11.83 -2.17 0.92
C GLU A 51 10.99 -0.90 1.03
N VAL A 52 10.24 -0.66 -0.01
CA VAL A 52 9.40 0.50 -0.13
C VAL A 52 8.22 0.42 0.81
N GLU A 53 7.52 -0.71 0.85
CA GLU A 53 6.34 -0.81 1.67
C GLU A 53 6.68 -0.77 3.14
N VAL A 54 7.81 -1.31 3.50
CA VAL A 54 8.20 -1.30 4.88
C VAL A 54 8.71 0.12 5.28
N GLN A 55 9.49 0.72 4.40
CA GLN A 55 9.96 2.11 4.56
C GLN A 55 8.74 3.03 4.71
N TYR A 56 7.82 2.86 3.79
CA TYR A 56 6.61 3.60 3.79
C TYR A 56 5.70 3.26 4.92
N TYR A 57 5.67 2.01 5.39
CA TYR A 57 4.82 1.70 6.54
C TYR A 57 5.30 2.51 7.71
N ASN A 58 6.62 2.62 7.87
CA ASN A 58 7.14 3.42 8.97
C ASN A 58 6.72 4.89 8.83
N ILE A 59 7.00 5.49 7.66
CA ILE A 59 6.61 6.89 7.44
C ILE A 59 5.12 7.10 7.50
N LYS A 60 4.36 6.23 6.89
CA LYS A 60 2.93 6.41 6.82
C LYS A 60 2.25 6.08 8.15
N LYS A 61 2.74 5.06 8.87
CA LYS A 61 2.17 4.73 10.18
C LYS A 61 2.36 5.92 11.11
N GLN A 62 3.56 6.52 11.09
CA GLN A 62 3.79 7.68 11.95
C GLN A 62 3.02 8.91 11.44
N ASN A 63 2.87 9.00 10.12
CA ASN A 63 2.16 10.10 9.47
C ASN A 63 0.71 10.04 9.86
N ALA A 64 0.16 8.86 9.73
CA ALA A 64 -1.24 8.61 9.96
C ALA A 64 -1.59 8.82 11.40
N GLU A 65 -0.79 8.24 12.30
CA GLU A 65 -1.04 8.36 13.72
C GLU A 65 -1.00 9.82 14.15
N LYS A 66 0.06 10.54 13.79
CA LYS A 66 0.17 11.95 14.18
C LYS A 66 -0.89 12.82 13.50
N GLN A 67 -1.17 12.56 12.22
CA GLN A 67 -2.12 13.38 11.49
C GLN A 67 -3.49 13.20 12.08
N LEU A 68 -3.91 11.95 12.30
CA LEU A 68 -5.15 11.72 13.01
C LEU A 68 -5.15 12.29 14.38
N LEU A 69 -4.05 12.20 15.09
CA LEU A 69 -3.98 12.75 16.46
C LEU A 69 -4.40 14.20 16.51
N VAL A 70 -3.79 15.00 15.66
CA VAL A 70 -4.07 16.41 15.65
C VAL A 70 -5.46 16.68 15.04
N ALA A 71 -5.84 15.85 14.08
CA ALA A 71 -7.11 15.98 13.43
C ALA A 71 -8.24 15.58 14.33
N LYS A 72 -8.07 14.47 14.98
CA LYS A 72 -9.03 13.89 15.89
C LYS A 72 -9.33 14.90 16.96
N GLU A 73 -8.29 15.42 17.61
CA GLU A 73 -8.51 16.41 18.62
C GLU A 73 -9.18 17.66 18.06
N GLY A 74 -8.58 18.25 17.04
CA GLY A 74 -9.10 19.48 16.47
C GLY A 74 -10.54 19.35 16.01
N ALA A 75 -10.84 18.26 15.34
CA ALA A 75 -12.16 18.01 14.80
C ALA A 75 -13.18 17.85 15.89
N GLU A 76 -12.89 17.04 16.88
CA GLU A 76 -13.87 16.83 17.93
C GLU A 76 -14.09 18.12 18.74
N LYS A 77 -13.10 18.99 18.81
CA LYS A 77 -13.29 20.25 19.52
C LYS A 77 -14.22 21.19 18.74
N ILE A 78 -14.16 21.11 17.41
CA ILE A 78 -14.96 22.00 16.58
C ILE A 78 -16.31 21.39 16.17
N LYS A 79 -16.31 20.11 15.94
CA LYS A 79 -17.43 19.41 15.38
C LYS A 79 -18.20 18.53 16.36
N LYS A 80 -17.59 18.21 17.48
CA LYS A 80 -18.25 17.34 18.43
C LYS A 80 -18.75 18.13 19.60
N LYS A 81 -17.88 18.37 20.54
CA LYS A 81 -18.19 19.08 21.77
C LYS A 81 -17.00 19.91 22.18
N ARG A 82 -17.23 21.17 22.40
CA ARG A 82 -16.20 22.04 22.86
C ARG A 82 -16.30 22.18 24.35
N GLY B 1 3.80 -22.59 -21.41
CA GLY B 1 4.25 -21.39 -22.11
C GLY B 1 5.34 -20.69 -21.33
N SER B 2 6.23 -20.02 -22.03
CA SER B 2 7.32 -19.34 -21.39
C SER B 2 6.84 -18.00 -20.81
N HIS B 3 6.64 -17.95 -19.51
CA HIS B 3 6.30 -16.70 -18.85
C HIS B 3 7.58 -15.91 -18.72
N MET B 4 7.56 -14.68 -19.12
CA MET B 4 8.75 -13.90 -19.09
C MET B 4 8.55 -12.61 -18.36
N ALA B 5 9.54 -12.24 -17.61
CA ALA B 5 9.53 -11.03 -16.89
C ALA B 5 10.14 -9.92 -17.72
N SER B 6 9.34 -9.35 -18.58
CA SER B 6 9.80 -8.27 -19.42
C SER B 6 8.71 -7.19 -19.49
N SER B 7 7.69 -7.44 -20.27
CA SER B 7 6.60 -6.51 -20.43
C SER B 7 5.77 -6.48 -19.16
N ARG B 8 5.72 -7.61 -18.45
CA ARG B 8 5.00 -7.70 -17.18
C ARG B 8 5.66 -6.82 -16.12
N GLN B 9 6.95 -6.52 -16.31
CA GLN B 9 7.69 -5.69 -15.37
C GLN B 9 7.20 -4.27 -15.42
N LYS B 10 6.78 -3.85 -16.62
CA LYS B 10 6.16 -2.53 -16.79
C LYS B 10 4.96 -2.40 -15.88
N TYR B 11 4.12 -3.40 -15.93
CA TYR B 11 2.90 -3.40 -15.16
C TYR B 11 3.20 -3.48 -13.68
N ALA B 12 4.13 -4.35 -13.32
CA ALA B 12 4.53 -4.53 -11.93
C ALA B 12 5.13 -3.23 -11.35
N GLU B 13 6.02 -2.60 -12.10
CA GLU B 13 6.67 -1.38 -11.65
C GLU B 13 5.66 -0.23 -11.57
N GLU B 14 4.78 -0.15 -12.56
CA GLU B 14 3.75 0.85 -12.57
C GLU B 14 2.77 0.64 -11.44
N GLU B 15 2.41 -0.62 -11.17
CA GLU B 15 1.57 -0.93 -10.05
C GLU B 15 2.28 -0.59 -8.74
N LEU B 16 3.59 -0.88 -8.65
CA LEU B 16 4.41 -0.52 -7.46
C LEU B 16 4.27 0.96 -7.14
N GLU B 17 4.47 1.78 -8.14
CA GLU B 17 4.39 3.18 -7.91
C GLU B 17 2.95 3.60 -7.63
N GLN B 18 2.01 3.01 -8.36
CA GLN B 18 0.60 3.30 -8.18
C GLN B 18 0.16 2.95 -6.75
N VAL B 19 0.45 1.73 -6.32
CA VAL B 19 0.04 1.24 -4.99
C VAL B 19 0.58 2.13 -3.87
N ARG B 20 1.88 2.41 -3.89
CA ARG B 20 2.48 3.17 -2.82
C ARG B 20 2.01 4.64 -2.85
N GLU B 21 1.94 5.20 -4.03
CA GLU B 21 1.56 6.57 -4.18
C GLU B 21 0.09 6.77 -3.96
N ALA B 22 -0.71 5.76 -4.27
CA ALA B 22 -2.14 5.81 -4.01
C ALA B 22 -2.41 5.84 -2.51
N LEU B 23 -1.66 5.01 -1.76
CA LEU B 23 -1.79 5.01 -0.29
C LEU B 23 -1.46 6.44 0.21
N ARG B 24 -0.30 6.96 -0.22
CA ARG B 24 0.14 8.31 0.17
C ARG B 24 -0.87 9.36 -0.29
N LYS B 25 -1.39 9.17 -1.49
CA LYS B 25 -2.44 10.02 -2.07
C LYS B 25 -3.64 10.14 -1.13
N ALA B 26 -4.06 9.04 -0.60
CA ALA B 26 -5.17 9.04 0.31
C ALA B 26 -4.81 9.76 1.63
N GLU B 27 -3.59 9.55 2.09
CA GLU B 27 -3.10 10.29 3.28
C GLU B 27 -3.00 11.78 2.96
N LYS B 28 -2.66 12.08 1.72
CA LYS B 28 -2.51 13.44 1.25
C LYS B 28 -3.85 14.14 1.31
N GLU B 29 -4.90 13.41 0.94
CA GLU B 29 -6.27 13.85 1.11
C GLU B 29 -6.47 14.17 2.57
N LEU B 30 -6.10 13.23 3.44
CA LEU B 30 -6.30 13.39 4.86
C LEU B 30 -5.67 14.66 5.39
N GLU B 31 -4.41 14.92 5.06
CA GLU B 31 -3.77 16.14 5.56
C GLU B 31 -4.43 17.41 4.99
N SER B 32 -4.70 17.38 3.70
CA SER B 32 -5.32 18.50 3.01
C SER B 32 -6.76 18.73 3.49
N HIS B 33 -7.36 17.68 3.99
CA HIS B 33 -8.69 17.72 4.49
C HIS B 33 -8.64 18.04 5.98
N SER B 34 -7.54 17.65 6.64
CA SER B 34 -7.33 17.97 8.03
C SER B 34 -6.96 19.43 8.20
N SER B 35 -6.63 20.09 7.10
CA SER B 35 -6.50 21.53 7.11
C SER B 35 -7.87 22.18 7.51
N TRP B 36 -8.95 21.39 7.40
CA TRP B 36 -10.28 21.77 7.85
C TRP B 36 -10.70 20.89 9.05
N TYR B 37 -10.33 19.59 8.95
CA TYR B 37 -10.56 18.52 9.95
C TYR B 37 -11.94 17.89 9.82
N ALA B 38 -11.96 16.61 9.56
CA ALA B 38 -13.18 15.85 9.52
C ALA B 38 -13.37 15.15 10.86
N PRO B 39 -14.60 14.79 11.23
CA PRO B 39 -14.88 14.09 12.52
C PRO B 39 -14.44 12.59 12.54
N GLU B 40 -15.23 11.74 13.21
CA GLU B 40 -14.93 10.32 13.37
C GLU B 40 -14.75 9.63 12.01
N ALA B 41 -15.39 10.17 10.98
CA ALA B 41 -15.23 9.67 9.62
C ALA B 41 -13.73 9.65 9.23
N LEU B 42 -13.02 10.73 9.57
CA LEU B 42 -11.57 10.84 9.34
C LEU B 42 -10.84 9.94 10.28
N GLN B 43 -11.31 9.92 11.51
CA GLN B 43 -10.68 9.14 12.54
C GLN B 43 -10.74 7.64 12.19
N LYS B 44 -11.90 7.19 11.78
CA LYS B 44 -12.11 5.83 11.32
C LYS B 44 -11.32 5.57 10.03
N TRP B 45 -11.30 6.56 9.13
CA TRP B 45 -10.60 6.43 7.84
C TRP B 45 -9.16 6.01 8.04
N LEU B 46 -8.44 6.77 8.80
CA LEU B 46 -7.10 6.42 9.01
C LEU B 46 -6.91 5.29 9.97
N GLN B 47 -7.80 5.18 10.98
CA GLN B 47 -7.75 4.06 11.93
C GLN B 47 -7.75 2.74 11.17
N LEU B 48 -8.67 2.62 10.22
CA LEU B 48 -8.74 1.44 9.38
C LEU B 48 -7.50 1.32 8.51
N THR B 49 -7.18 2.37 7.75
CA THR B 49 -6.03 2.32 6.84
C THR B 49 -4.73 1.96 7.59
N HIS B 50 -4.52 2.59 8.73
CA HIS B 50 -3.37 2.35 9.59
C HIS B 50 -3.34 0.90 10.06
N GLU B 51 -4.43 0.44 10.62
CA GLU B 51 -4.51 -0.91 11.16
C GLU B 51 -4.28 -1.93 10.04
N VAL B 52 -4.88 -1.63 8.92
CA VAL B 52 -4.81 -2.45 7.75
C VAL B 52 -3.41 -2.46 7.15
N GLU B 53 -2.81 -1.30 6.97
CA GLU B 53 -1.52 -1.24 6.33
C GLU B 53 -0.44 -1.86 7.18
N VAL B 54 -0.57 -1.74 8.49
CA VAL B 54 0.42 -2.31 9.36
C VAL B 54 0.22 -3.84 9.45
N GLN B 55 -1.03 -4.26 9.53
CA GLN B 55 -1.38 -5.67 9.50
C GLN B 55 -0.88 -6.29 8.19
N TYR B 56 -1.20 -5.62 7.12
CA TYR B 56 -0.78 -6.03 5.83
C TYR B 56 0.69 -5.92 5.62
N TYR B 57 1.37 -4.94 6.22
CA TYR B 57 2.82 -4.90 6.07
C TYR B 57 3.40 -6.15 6.67
N ASN B 58 2.86 -6.59 7.82
CA ASN B 58 3.35 -7.81 8.45
C ASN B 58 3.17 -9.01 7.51
N ILE B 59 1.93 -9.20 7.02
CA ILE B 59 1.64 -10.32 6.12
C ILE B 59 2.36 -10.21 4.78
N LYS B 60 2.39 -9.04 4.22
CA LYS B 60 2.99 -8.85 2.91
C LYS B 60 4.50 -8.86 2.99
N LYS B 61 5.08 -8.29 4.06
CA LYS B 61 6.53 -8.32 4.22
C LYS B 61 6.98 -9.78 4.31
N GLN B 62 6.29 -10.57 5.14
CA GLN B 62 6.67 -11.97 5.28
C GLN B 62 6.38 -12.74 3.96
N ASN B 63 5.29 -12.36 3.29
CA ASN B 63 4.88 -12.99 2.01
C ASN B 63 5.92 -12.75 0.97
N ALA B 64 6.31 -11.49 0.85
CA ALA B 64 7.22 -11.05 -0.16
C ALA B 64 8.58 -11.66 0.04
N GLU B 65 9.08 -11.62 1.27
CA GLU B 65 10.37 -12.17 1.60
C GLU B 65 10.42 -13.67 1.26
N LYS B 66 9.44 -14.43 1.75
CA LYS B 66 9.41 -15.88 1.51
C LYS B 66 9.16 -16.21 0.02
N GLN B 67 8.23 -15.50 -0.61
CA GLN B 67 7.89 -15.75 -1.98
C GLN B 67 9.10 -15.52 -2.85
N LEU B 68 9.77 -14.38 -2.67
CA LEU B 68 11.01 -14.13 -3.36
C LEU B 68 12.05 -15.13 -3.02
N LEU B 69 12.15 -15.54 -1.77
CA LEU B 69 13.17 -16.51 -1.37
C LEU B 69 13.10 -17.77 -2.22
N VAL B 70 11.92 -18.32 -2.32
CA VAL B 70 11.74 -19.55 -3.08
C VAL B 70 11.84 -19.29 -4.58
N ALA B 71 11.40 -18.10 -4.98
CA ALA B 71 11.44 -17.72 -6.37
C ALA B 71 12.82 -17.40 -6.83
N LYS B 72 13.53 -16.68 -6.01
CA LYS B 72 14.91 -16.25 -6.26
C LYS B 72 15.74 -17.48 -6.46
N GLU B 73 15.68 -18.40 -5.51
CA GLU B 73 16.43 -19.61 -5.64
C GLU B 73 16.01 -20.41 -6.86
N GLY B 74 14.72 -20.71 -6.94
CA GLY B 74 14.21 -21.52 -8.02
C GLY B 74 14.50 -20.96 -9.39
N ALA B 75 14.36 -19.65 -9.53
CA ALA B 75 14.60 -18.99 -10.79
C ALA B 75 16.04 -19.01 -11.18
N GLU B 76 16.91 -18.67 -10.27
CA GLU B 76 18.32 -18.63 -10.62
C GLU B 76 18.86 -20.04 -10.92
N LYS B 77 18.26 -21.05 -10.35
CA LYS B 77 18.68 -22.42 -10.65
C LYS B 77 18.24 -22.83 -12.06
N ILE B 78 17.13 -22.25 -12.54
CA ILE B 78 16.63 -22.58 -13.86
C ILE B 78 17.10 -21.60 -14.94
N LYS B 79 17.14 -20.36 -14.58
CA LYS B 79 17.37 -19.28 -15.50
C LYS B 79 18.77 -18.67 -15.44
N LYS B 80 19.48 -18.90 -14.37
CA LYS B 80 20.78 -18.28 -14.24
C LYS B 80 21.87 -19.30 -14.52
N LYS B 81 22.19 -20.05 -13.50
CA LYS B 81 23.25 -21.03 -13.55
C LYS B 81 22.87 -22.21 -12.68
N ARG B 82 22.88 -23.37 -13.26
CA ARG B 82 22.61 -24.56 -12.52
C ARG B 82 23.91 -25.20 -12.12
N GLY A 1 -16.08 26.85 4.62
CA GLY A 1 -16.23 25.67 3.77
C GLY A 1 -16.40 24.43 4.61
N SER A 2 -16.53 23.27 3.97
CA SER A 2 -16.72 22.00 4.64
C SER A 2 -16.43 20.85 3.69
N HIS A 3 -15.87 19.79 4.23
CA HIS A 3 -15.68 18.56 3.50
C HIS A 3 -16.70 17.59 4.02
N MET A 4 -17.81 17.49 3.32
CA MET A 4 -18.91 16.68 3.78
C MET A 4 -18.60 15.20 3.72
N ALA A 5 -18.91 14.55 4.81
CA ALA A 5 -18.72 13.13 4.96
C ALA A 5 -19.83 12.39 4.22
N SER A 6 -19.69 12.37 2.94
CA SER A 6 -20.58 11.67 2.07
C SER A 6 -19.80 11.37 0.79
N SER A 7 -19.45 12.42 0.07
CA SER A 7 -18.65 12.29 -1.12
C SER A 7 -17.23 11.87 -0.74
N ARG A 8 -16.64 12.61 0.18
CA ARG A 8 -15.25 12.40 0.59
C ARG A 8 -15.02 11.03 1.24
N GLN A 9 -16.02 10.56 1.98
CA GLN A 9 -15.88 9.27 2.66
C GLN A 9 -15.88 8.14 1.64
N LYS A 10 -16.56 8.37 0.49
CA LYS A 10 -16.56 7.42 -0.60
C LYS A 10 -15.17 7.24 -1.12
N TYR A 11 -14.54 8.37 -1.47
CA TYR A 11 -13.19 8.35 -2.02
C TYR A 11 -12.24 7.70 -1.07
N ALA A 12 -12.27 8.10 0.19
CA ALA A 12 -11.40 7.53 1.21
C ALA A 12 -11.55 6.00 1.30
N GLU A 13 -12.79 5.55 1.36
CA GLU A 13 -13.11 4.13 1.46
C GLU A 13 -12.64 3.37 0.20
N GLU A 14 -12.96 3.93 -0.96
CA GLU A 14 -12.58 3.38 -2.24
C GLU A 14 -11.06 3.33 -2.39
N GLU A 15 -10.39 4.40 -1.95
CA GLU A 15 -8.94 4.43 -1.97
C GLU A 15 -8.40 3.33 -1.10
N LEU A 16 -8.90 3.22 0.15
CA LEU A 16 -8.43 2.22 1.12
C LEU A 16 -8.43 0.83 0.53
N GLU A 17 -9.56 0.44 -0.04
CA GLU A 17 -9.61 -0.89 -0.56
C GLU A 17 -8.74 -1.06 -1.79
N GLN A 18 -8.76 -0.07 -2.68
CA GLN A 18 -7.95 -0.12 -3.87
C GLN A 18 -6.47 -0.22 -3.52
N VAL A 19 -5.98 0.67 -2.67
CA VAL A 19 -4.57 0.72 -2.30
C VAL A 19 -4.07 -0.60 -1.68
N ARG A 20 -4.77 -1.09 -0.65
CA ARG A 20 -4.31 -2.27 0.06
C ARG A 20 -4.39 -3.52 -0.85
N GLU A 21 -5.49 -3.64 -1.56
CA GLU A 21 -5.73 -4.76 -2.39
C GLU A 21 -4.91 -4.73 -3.64
N ALA A 22 -4.57 -3.54 -4.14
CA ALA A 22 -3.70 -3.42 -5.29
C ALA A 22 -2.31 -3.92 -4.93
N LEU A 23 -1.82 -3.53 -3.73
CA LEU A 23 -0.49 -4.00 -3.27
C LEU A 23 -0.52 -5.55 -3.23
N ARG A 24 -1.54 -6.08 -2.56
CA ARG A 24 -1.69 -7.54 -2.43
C ARG A 24 -1.86 -8.20 -3.79
N LYS A 25 -2.66 -7.59 -4.64
CA LYS A 25 -2.89 -8.09 -6.00
C LYS A 25 -1.58 -8.17 -6.79
N ALA A 26 -0.71 -7.23 -6.56
CA ALA A 26 0.59 -7.21 -7.19
C ALA A 26 1.46 -8.37 -6.66
N GLU A 27 1.35 -8.63 -5.35
CA GLU A 27 2.02 -9.81 -4.76
C GLU A 27 1.43 -11.08 -5.38
N LYS A 28 0.13 -11.03 -5.66
CA LYS A 28 -0.57 -12.13 -6.31
C LYS A 28 -0.08 -12.37 -7.71
N GLU A 29 0.30 -11.31 -8.40
CA GLU A 29 1.02 -11.47 -9.65
C GLU A 29 2.25 -12.25 -9.36
N LEU A 30 3.04 -11.78 -8.38
CA LEU A 30 4.33 -12.38 -8.05
C LEU A 30 4.21 -13.87 -7.74
N GLU A 31 3.27 -14.27 -6.93
CA GLU A 31 3.10 -15.68 -6.63
C GLU A 31 2.60 -16.48 -7.85
N SER A 32 1.66 -15.91 -8.57
CA SER A 32 1.16 -16.58 -9.76
C SER A 32 2.25 -16.57 -10.86
N HIS A 33 3.19 -15.69 -10.68
CA HIS A 33 4.29 -15.49 -11.56
C HIS A 33 5.38 -16.45 -11.14
N SER A 34 5.46 -16.70 -9.83
CA SER A 34 6.42 -17.62 -9.26
C SER A 34 6.00 -19.05 -9.56
N SER A 35 4.77 -19.22 -10.01
CA SER A 35 4.36 -20.49 -10.57
C SER A 35 5.29 -20.86 -11.75
N TRP A 36 5.91 -19.84 -12.35
CA TRP A 36 6.90 -20.03 -13.40
C TRP A 36 8.31 -19.68 -12.86
N TYR A 37 8.35 -18.57 -12.09
CA TYR A 37 9.57 -17.96 -11.47
C TYR A 37 10.31 -17.11 -12.49
N ALA A 38 10.27 -15.83 -12.29
CA ALA A 38 10.89 -14.87 -13.18
C ALA A 38 12.28 -14.51 -12.67
N PRO A 39 13.12 -13.88 -13.50
CA PRO A 39 14.48 -13.52 -13.10
C PRO A 39 14.55 -12.25 -12.20
N GLU A 40 15.62 -11.47 -12.38
CA GLU A 40 15.86 -10.28 -11.57
C GLU A 40 14.69 -9.32 -11.62
N ALA A 41 13.93 -9.36 -12.71
CA ALA A 41 12.70 -8.58 -12.83
C ALA A 41 11.78 -8.82 -11.61
N LEU A 42 11.59 -10.09 -11.27
CA LEU A 42 10.80 -10.51 -10.12
C LEU A 42 11.50 -10.16 -8.83
N GLN A 43 12.78 -10.46 -8.82
CA GLN A 43 13.60 -10.26 -7.64
C GLN A 43 13.63 -8.77 -7.28
N LYS A 44 13.81 -7.95 -8.28
CA LYS A 44 13.90 -6.51 -8.14
C LYS A 44 12.53 -5.97 -7.77
N TRP A 45 11.48 -6.51 -8.42
CA TRP A 45 10.11 -6.08 -8.17
C TRP A 45 9.76 -6.15 -6.70
N LEU A 46 9.92 -7.30 -6.12
CA LEU A 46 9.56 -7.42 -4.76
C LEU A 46 10.57 -6.82 -3.82
N GLN A 47 11.85 -6.87 -4.18
CA GLN A 47 12.92 -6.29 -3.37
C GLN A 47 12.59 -4.82 -3.09
N LEU A 48 12.24 -4.11 -4.16
CA LEU A 48 11.88 -2.71 -4.07
C LEU A 48 10.57 -2.54 -3.34
N THR A 49 9.55 -3.30 -3.72
CA THR A 49 8.24 -3.18 -3.07
C THR A 49 8.37 -3.42 -1.56
N HIS A 50 9.13 -4.44 -1.18
CA HIS A 50 9.36 -4.80 0.20
C HIS A 50 10.05 -3.66 0.96
N GLU A 51 11.18 -3.17 0.46
CA GLU A 51 11.90 -2.14 1.20
C GLU A 51 11.08 -0.84 1.27
N VAL A 52 10.34 -0.59 0.23
CA VAL A 52 9.52 0.60 0.15
C VAL A 52 8.30 0.48 1.04
N GLU A 53 7.63 -0.65 1.01
CA GLU A 53 6.44 -0.80 1.84
C GLU A 53 6.78 -0.80 3.30
N VAL A 54 7.93 -1.33 3.65
CA VAL A 54 8.33 -1.33 5.04
C VAL A 54 8.82 0.08 5.46
N GLN A 55 9.60 0.72 4.58
CA GLN A 55 10.05 2.10 4.78
C GLN A 55 8.82 2.99 4.97
N TYR A 56 7.91 2.84 4.04
CA TYR A 56 6.71 3.57 4.05
C TYR A 56 5.79 3.20 5.15
N TYR A 57 5.75 1.95 5.58
CA TYR A 57 4.90 1.63 6.71
C TYR A 57 5.36 2.44 7.89
N ASN A 58 6.68 2.56 8.08
CA ASN A 58 7.19 3.37 9.18
C ASN A 58 6.78 4.84 9.05
N ILE A 59 7.04 5.44 7.88
CA ILE A 59 6.66 6.85 7.68
C ILE A 59 5.15 7.05 7.68
N LYS A 60 4.42 6.16 7.10
CA LYS A 60 2.99 6.32 7.00
C LYS A 60 2.30 5.98 8.31
N LYS A 61 2.81 4.99 9.05
CA LYS A 61 2.23 4.66 10.34
C LYS A 61 2.41 5.83 11.30
N GLN A 62 3.61 6.43 11.30
CA GLN A 62 3.84 7.59 12.15
C GLN A 62 2.99 8.77 11.65
N ASN A 63 2.87 8.89 10.32
CA ASN A 63 2.09 9.95 9.69
C ASN A 63 0.66 9.80 10.09
N ALA A 64 0.16 8.59 9.97
CA ALA A 64 -1.21 8.28 10.22
C ALA A 64 -1.59 8.54 11.65
N GLU A 65 -0.77 8.06 12.58
CA GLU A 65 -1.04 8.25 14.00
C GLU A 65 -1.00 9.73 14.35
N LYS A 66 0.00 10.43 13.86
CA LYS A 66 0.17 11.85 14.15
C LYS A 66 -0.93 12.70 13.47
N GLN A 67 -1.20 12.41 12.21
CA GLN A 67 -2.16 13.17 11.44
C GLN A 67 -3.53 13.03 12.04
N LEU A 68 -3.96 11.80 12.27
CA LEU A 68 -5.23 11.61 12.95
C LEU A 68 -5.22 12.15 14.34
N LEU A 69 -4.10 12.12 15.05
CA LEU A 69 -4.05 12.65 16.42
C LEU A 69 -4.51 14.11 16.39
N VAL A 70 -3.87 14.88 15.52
CA VAL A 70 -4.16 16.30 15.44
C VAL A 70 -5.52 16.54 14.80
N ALA A 71 -5.91 15.65 13.91
CA ALA A 71 -7.17 15.76 13.24
C ALA A 71 -8.31 15.40 14.12
N LYS A 72 -8.22 14.27 14.77
CA LYS A 72 -9.23 13.74 15.67
C LYS A 72 -9.51 14.77 16.74
N GLU A 73 -8.45 15.23 17.40
CA GLU A 73 -8.61 16.22 18.44
C GLU A 73 -9.15 17.54 17.89
N GLY A 74 -8.50 18.07 16.85
CA GLY A 74 -8.91 19.33 16.26
C GLY A 74 -10.33 19.28 15.73
N ALA A 75 -10.68 18.17 15.13
CA ALA A 75 -12.00 17.97 14.58
C ALA A 75 -13.03 17.94 15.66
N GLU A 76 -12.72 17.36 16.79
CA GLU A 76 -13.68 17.36 17.87
C GLU A 76 -13.78 18.70 18.55
N LYS A 77 -12.73 19.48 18.49
CA LYS A 77 -12.78 20.81 19.06
C LYS A 77 -13.70 21.70 18.24
N ILE A 78 -13.54 21.62 16.93
CA ILE A 78 -14.36 22.43 16.04
C ILE A 78 -15.75 21.82 15.86
N LYS A 79 -15.82 20.53 15.83
CA LYS A 79 -17.06 19.85 15.64
C LYS A 79 -17.34 18.99 16.86
N LYS A 80 -18.04 19.53 17.79
CA LYS A 80 -18.38 18.75 18.96
C LYS A 80 -19.84 18.29 18.84
N LYS A 81 -20.50 18.80 17.80
CA LYS A 81 -21.87 18.46 17.43
C LYS A 81 -22.84 18.64 18.60
N ARG A 82 -22.79 19.83 19.16
CA ARG A 82 -23.62 20.21 20.27
C ARG A 82 -24.25 21.56 20.00
N GLY B 1 5.93 -22.76 -20.94
CA GLY B 1 5.59 -21.37 -21.26
C GLY B 1 6.56 -20.42 -20.61
N SER B 2 6.29 -19.13 -20.66
CA SER B 2 7.19 -18.15 -20.08
C SER B 2 6.46 -16.86 -19.71
N HIS B 3 7.06 -16.12 -18.81
CA HIS B 3 6.65 -14.79 -18.47
C HIS B 3 7.80 -13.88 -18.79
N MET B 4 7.74 -13.25 -19.91
CA MET B 4 8.84 -12.47 -20.40
C MET B 4 8.95 -11.17 -19.64
N ALA B 5 10.17 -10.86 -19.27
CA ALA B 5 10.48 -9.65 -18.57
C ALA B 5 10.48 -8.49 -19.55
N SER B 6 9.31 -8.11 -19.94
CA SER B 6 9.08 -7.01 -20.82
C SER B 6 7.70 -6.46 -20.50
N SER B 7 6.68 -7.20 -20.86
CA SER B 7 5.33 -6.82 -20.57
C SER B 7 5.10 -6.86 -19.06
N ARG B 8 5.43 -7.99 -18.46
CA ARG B 8 5.21 -8.23 -17.05
C ARG B 8 5.97 -7.25 -16.14
N GLN B 9 7.19 -6.87 -16.54
CA GLN B 9 7.98 -5.96 -15.71
C GLN B 9 7.36 -4.56 -15.71
N LYS B 10 6.68 -4.20 -16.81
CA LYS B 10 5.96 -2.95 -16.91
C LYS B 10 4.88 -2.92 -15.86
N TYR B 11 4.01 -3.94 -15.88
CA TYR B 11 2.90 -4.02 -14.95
C TYR B 11 3.39 -3.99 -13.52
N ALA B 12 4.39 -4.80 -13.21
CA ALA B 12 4.95 -4.84 -11.86
C ALA B 12 5.42 -3.44 -11.41
N GLU B 13 6.15 -2.76 -12.28
CA GLU B 13 6.67 -1.43 -11.99
C GLU B 13 5.51 -0.41 -11.82
N GLU B 14 4.57 -0.46 -12.76
CA GLU B 14 3.39 0.39 -12.74
C GLU B 14 2.59 0.17 -11.48
N GLU B 15 2.41 -1.10 -11.11
CA GLU B 15 1.73 -1.46 -9.89
C GLU B 15 2.44 -0.86 -8.70
N LEU B 16 3.77 -1.08 -8.61
CA LEU B 16 4.58 -0.60 -7.47
C LEU B 16 4.37 0.88 -7.23
N GLU B 17 4.49 1.67 -8.26
CA GLU B 17 4.37 3.08 -8.05
C GLU B 17 2.94 3.48 -7.72
N GLN B 18 1.99 2.90 -8.45
CA GLN B 18 0.60 3.19 -8.21
C GLN B 18 0.19 2.82 -6.79
N VAL B 19 0.50 1.61 -6.36
CA VAL B 19 0.11 1.13 -5.04
C VAL B 19 0.67 2.00 -3.90
N ARG B 20 1.98 2.24 -3.91
CA ARG B 20 2.61 2.96 -2.83
C ARG B 20 2.16 4.44 -2.81
N GLU B 21 2.12 5.03 -3.99
CA GLU B 21 1.77 6.39 -4.13
C GLU B 21 0.31 6.64 -3.94
N ALA B 22 -0.53 5.67 -4.27
CA ALA B 22 -1.97 5.78 -4.01
C ALA B 22 -2.21 5.80 -2.52
N LEU B 23 -1.52 4.92 -1.77
CA LEU B 23 -1.67 4.90 -0.30
C LEU B 23 -1.28 6.30 0.25
N ARG B 24 -0.10 6.76 -0.18
CA ARG B 24 0.41 8.09 0.23
C ARG B 24 -0.51 9.21 -0.20
N LYS B 25 -0.98 9.13 -1.42
CA LYS B 25 -1.91 10.11 -1.98
C LYS B 25 -3.20 10.20 -1.13
N ALA B 26 -3.64 9.06 -0.65
CA ALA B 26 -4.81 9.00 0.20
C ALA B 26 -4.53 9.66 1.56
N GLU B 27 -3.32 9.46 2.08
CA GLU B 27 -2.88 10.17 3.28
C GLU B 27 -2.88 11.68 3.01
N LYS B 28 -2.49 12.03 1.78
CA LYS B 28 -2.48 13.42 1.32
C LYS B 28 -3.86 14.01 1.29
N GLU B 29 -4.86 13.17 0.96
CA GLU B 29 -6.23 13.59 1.13
C GLU B 29 -6.43 13.93 2.56
N LEU B 30 -6.08 12.98 3.44
CA LEU B 30 -6.30 13.13 4.88
C LEU B 30 -5.66 14.41 5.45
N GLU B 31 -4.45 14.71 5.06
CA GLU B 31 -3.80 15.92 5.55
C GLU B 31 -4.40 17.19 4.94
N SER B 32 -4.68 17.16 3.65
CA SER B 32 -5.28 18.30 2.98
C SER B 32 -6.73 18.47 3.48
N HIS B 33 -7.25 17.38 4.01
CA HIS B 33 -8.57 17.27 4.52
C HIS B 33 -8.54 17.76 5.95
N SER B 34 -7.44 17.46 6.64
CA SER B 34 -7.23 17.88 8.00
C SER B 34 -6.94 19.37 8.07
N SER B 35 -6.63 19.97 6.94
CA SER B 35 -6.57 21.42 6.88
C SER B 35 -7.96 22.03 7.29
N TRP B 36 -9.02 21.21 7.18
CA TRP B 36 -10.36 21.54 7.65
C TRP B 36 -10.71 20.70 8.90
N TYR B 37 -10.31 19.41 8.86
CA TYR B 37 -10.54 18.35 9.88
C TYR B 37 -11.96 17.79 9.81
N ALA B 38 -12.05 16.55 9.40
CA ALA B 38 -13.32 15.87 9.22
C ALA B 38 -13.66 15.07 10.48
N PRO B 39 -14.90 14.58 10.62
CA PRO B 39 -15.30 13.82 11.80
C PRO B 39 -14.83 12.35 11.81
N GLU B 40 -15.67 11.47 12.37
CA GLU B 40 -15.36 10.07 12.50
C GLU B 40 -15.03 9.45 11.14
N ALA B 41 -15.56 10.03 10.07
CA ALA B 41 -15.23 9.62 8.70
C ALA B 41 -13.70 9.61 8.50
N LEU B 42 -13.06 10.69 8.90
CA LEU B 42 -11.60 10.85 8.83
C LEU B 42 -10.93 9.93 9.81
N GLN B 43 -11.47 9.92 11.01
CA GLN B 43 -10.90 9.13 12.08
C GLN B 43 -10.93 7.64 11.72
N LYS B 44 -12.06 7.20 11.23
CA LYS B 44 -12.29 5.82 10.87
C LYS B 44 -11.44 5.46 9.67
N TRP B 45 -11.40 6.38 8.69
CA TRP B 45 -10.64 6.18 7.46
C TRP B 45 -9.19 5.84 7.76
N LEU B 46 -8.54 6.70 8.49
CA LEU B 46 -7.16 6.48 8.69
C LEU B 46 -6.90 5.39 9.72
N GLN B 47 -7.79 5.28 10.72
CA GLN B 47 -7.71 4.24 11.76
C GLN B 47 -7.63 2.87 11.08
N LEU B 48 -8.55 2.64 10.14
CA LEU B 48 -8.60 1.39 9.39
C LEU B 48 -7.40 1.26 8.50
N THR B 49 -7.05 2.31 7.76
CA THR B 49 -5.90 2.25 6.87
C THR B 49 -4.63 1.91 7.65
N HIS B 50 -4.46 2.55 8.79
CA HIS B 50 -3.31 2.34 9.67
C HIS B 50 -3.24 0.88 10.16
N GLU B 51 -4.33 0.37 10.75
CA GLU B 51 -4.28 -0.98 11.30
C GLU B 51 -4.10 -2.01 10.20
N VAL B 52 -4.70 -1.75 9.07
CA VAL B 52 -4.63 -2.63 7.92
C VAL B 52 -3.27 -2.59 7.29
N GLU B 53 -2.70 -1.39 7.09
CA GLU B 53 -1.41 -1.30 6.45
C GLU B 53 -0.33 -1.92 7.32
N VAL B 54 -0.45 -1.78 8.62
CA VAL B 54 0.54 -2.36 9.50
C VAL B 54 0.34 -3.90 9.61
N GLN B 55 -0.92 -4.32 9.65
CA GLN B 55 -1.26 -5.75 9.65
C GLN B 55 -0.72 -6.38 8.38
N TYR B 56 -1.04 -5.74 7.29
CA TYR B 56 -0.61 -6.16 6.01
C TYR B 56 0.84 -6.01 5.80
N TYR B 57 1.48 -5.00 6.37
CA TYR B 57 2.92 -4.92 6.22
C TYR B 57 3.53 -6.18 6.80
N ASN B 58 3.03 -6.63 7.96
CA ASN B 58 3.58 -7.86 8.54
C ASN B 58 3.37 -9.07 7.62
N ILE B 59 2.11 -9.27 7.17
CA ILE B 59 1.82 -10.40 6.26
C ILE B 59 2.52 -10.27 4.91
N LYS B 60 2.55 -9.07 4.37
CA LYS B 60 3.14 -8.88 3.06
C LYS B 60 4.66 -8.86 3.12
N LYS B 61 5.24 -8.34 4.19
CA LYS B 61 6.69 -8.35 4.33
C LYS B 61 7.16 -9.79 4.42
N GLN B 62 6.48 -10.60 5.26
CA GLN B 62 6.86 -12.01 5.36
C GLN B 62 6.58 -12.73 4.03
N ASN B 63 5.47 -12.32 3.37
CA ASN B 63 5.06 -12.91 2.08
C ASN B 63 6.11 -12.63 1.06
N ALA B 64 6.52 -11.38 0.99
CA ALA B 64 7.46 -10.93 0.00
C ALA B 64 8.81 -11.59 0.17
N GLU B 65 9.30 -11.61 1.40
CA GLU B 65 10.58 -12.23 1.69
C GLU B 65 10.56 -13.72 1.35
N LYS B 66 9.49 -14.39 1.76
CA LYS B 66 9.35 -15.83 1.53
C LYS B 66 9.13 -16.14 0.04
N GLN B 67 8.26 -15.36 -0.58
CA GLN B 67 7.90 -15.58 -1.96
C GLN B 67 9.11 -15.36 -2.86
N LEU B 68 9.79 -14.23 -2.68
CA LEU B 68 11.01 -14.04 -3.41
C LEU B 68 12.07 -15.02 -3.04
N LEU B 69 12.10 -15.50 -1.79
CA LEU B 69 13.13 -16.49 -1.41
C LEU B 69 13.01 -17.70 -2.34
N VAL B 70 11.79 -18.23 -2.41
CA VAL B 70 11.55 -19.42 -3.18
C VAL B 70 11.63 -19.14 -4.67
N ALA B 71 11.28 -17.92 -5.04
CA ALA B 71 11.31 -17.51 -6.41
C ALA B 71 12.69 -17.25 -6.89
N LYS B 72 13.43 -16.47 -6.15
CA LYS B 72 14.79 -16.08 -6.47
C LYS B 72 15.64 -17.34 -6.62
N GLU B 73 15.56 -18.22 -5.62
CA GLU B 73 16.30 -19.44 -5.68
C GLU B 73 15.83 -20.33 -6.83
N GLY B 74 14.52 -20.57 -6.90
CA GLY B 74 13.97 -21.42 -7.94
C GLY B 74 14.24 -20.90 -9.33
N ALA B 75 14.13 -19.59 -9.48
CA ALA B 75 14.35 -18.93 -10.73
C ALA B 75 15.77 -19.06 -11.17
N GLU B 76 16.71 -18.96 -10.25
CA GLU B 76 18.08 -19.16 -10.65
C GLU B 76 18.42 -20.62 -10.89
N LYS B 77 17.68 -21.52 -10.27
CA LYS B 77 17.90 -22.94 -10.52
C LYS B 77 17.45 -23.30 -11.92
N ILE B 78 16.28 -22.79 -12.31
CA ILE B 78 15.74 -23.08 -13.63
C ILE B 78 16.36 -22.20 -14.70
N LYS B 79 16.59 -20.96 -14.37
CA LYS B 79 17.15 -20.04 -15.29
C LYS B 79 18.51 -19.64 -14.83
N LYS B 80 19.42 -20.46 -15.04
CA LYS B 80 20.77 -20.10 -14.78
C LYS B 80 21.30 -19.81 -16.13
N LYS B 81 21.49 -18.55 -16.39
CA LYS B 81 21.87 -18.08 -17.69
C LYS B 81 23.28 -18.53 -18.06
N ARG B 82 23.33 -19.70 -18.65
CA ARG B 82 24.52 -20.39 -19.07
C ARG B 82 24.16 -21.39 -20.13
N GLY A 1 -26.38 23.91 4.14
CA GLY A 1 -26.03 23.12 5.33
C GLY A 1 -24.55 23.15 5.52
N SER A 2 -24.06 22.39 6.45
CA SER A 2 -22.65 22.36 6.71
C SER A 2 -21.97 21.37 5.78
N HIS A 3 -21.21 21.88 4.81
CA HIS A 3 -20.48 21.00 3.92
C HIS A 3 -19.39 20.32 4.73
N MET A 4 -19.49 19.05 4.81
CA MET A 4 -18.62 18.26 5.61
C MET A 4 -18.04 17.18 4.76
N ALA A 5 -16.95 16.60 5.22
CA ALA A 5 -16.39 15.46 4.59
C ALA A 5 -17.29 14.29 4.83
N SER A 6 -18.12 14.02 3.88
CA SER A 6 -19.05 12.97 3.97
C SER A 6 -19.02 12.21 2.64
N SER A 7 -19.17 12.95 1.55
CA SER A 7 -19.10 12.37 0.23
C SER A 7 -17.65 11.97 -0.06
N ARG A 8 -16.71 12.73 0.53
CA ARG A 8 -15.28 12.43 0.39
C ARG A 8 -14.97 11.08 1.03
N GLN A 9 -15.80 10.67 1.98
CA GLN A 9 -15.56 9.44 2.70
C GLN A 9 -15.77 8.24 1.82
N LYS A 10 -16.65 8.39 0.84
CA LYS A 10 -16.86 7.33 -0.12
C LYS A 10 -15.58 7.09 -0.85
N TYR A 11 -14.99 8.19 -1.32
CA TYR A 11 -13.75 8.17 -2.05
C TYR A 11 -12.63 7.61 -1.22
N ALA A 12 -12.53 8.07 0.02
CA ALA A 12 -11.52 7.59 0.95
C ALA A 12 -11.61 6.06 1.11
N GLU A 13 -12.83 5.59 1.36
CA GLU A 13 -13.10 4.17 1.54
C GLU A 13 -12.76 3.38 0.25
N GLU A 14 -13.18 3.93 -0.88
CA GLU A 14 -12.91 3.38 -2.21
C GLU A 14 -11.41 3.28 -2.44
N GLU A 15 -10.69 4.33 -2.09
CA GLU A 15 -9.25 4.35 -2.23
C GLU A 15 -8.60 3.36 -1.29
N LEU A 16 -9.08 3.28 -0.04
CA LEU A 16 -8.54 2.32 0.97
C LEU A 16 -8.54 0.93 0.40
N GLU A 17 -9.66 0.53 -0.12
CA GLU A 17 -9.75 -0.77 -0.64
C GLU A 17 -8.92 -0.92 -1.89
N GLN A 18 -8.97 0.08 -2.76
CA GLN A 18 -8.20 0.09 -4.00
C GLN A 18 -6.72 -0.12 -3.71
N VAL A 19 -6.16 0.72 -2.86
CA VAL A 19 -4.74 0.69 -2.52
C VAL A 19 -4.30 -0.67 -1.93
N ARG A 20 -5.05 -1.18 -0.94
CA ARG A 20 -4.66 -2.44 -0.29
C ARG A 20 -4.77 -3.63 -1.25
N GLU A 21 -5.89 -3.69 -2.00
CA GLU A 21 -6.12 -4.78 -2.91
C GLU A 21 -5.04 -4.76 -3.96
N ALA A 22 -4.79 -3.57 -4.52
CA ALA A 22 -3.79 -3.37 -5.57
C ALA A 22 -2.42 -3.89 -5.17
N LEU A 23 -1.95 -3.51 -3.97
CA LEU A 23 -0.63 -3.96 -3.51
C LEU A 23 -0.61 -5.51 -3.45
N ARG A 24 -1.61 -6.09 -2.77
CA ARG A 24 -1.64 -7.55 -2.62
C ARG A 24 -1.86 -8.25 -3.96
N LYS A 25 -2.61 -7.59 -4.83
CA LYS A 25 -2.88 -8.09 -6.17
C LYS A 25 -1.59 -8.15 -6.99
N ALA A 26 -0.70 -7.21 -6.74
CA ALA A 26 0.60 -7.22 -7.39
C ALA A 26 1.48 -8.35 -6.79
N GLU A 27 1.30 -8.61 -5.52
CA GLU A 27 1.95 -9.76 -4.88
C GLU A 27 1.34 -11.06 -5.42
N LYS A 28 0.05 -11.00 -5.74
CA LYS A 28 -0.68 -12.09 -6.36
C LYS A 28 -0.05 -12.38 -7.72
N GLU A 29 0.33 -11.30 -8.42
CA GLU A 29 1.13 -11.41 -9.63
C GLU A 29 2.36 -12.18 -9.30
N LEU A 30 3.09 -11.74 -8.28
CA LEU A 30 4.39 -12.36 -7.94
C LEU A 30 4.28 -13.87 -7.68
N GLU A 31 3.27 -14.32 -6.97
CA GLU A 31 3.07 -15.74 -6.78
C GLU A 31 2.70 -16.45 -8.12
N SER A 32 1.81 -15.85 -8.91
CA SER A 32 1.43 -16.43 -10.21
C SER A 32 2.57 -16.23 -11.23
N HIS A 33 3.50 -15.39 -10.86
CA HIS A 33 4.67 -15.03 -11.60
C HIS A 33 5.71 -16.07 -11.26
N SER A 34 5.74 -16.43 -9.98
CA SER A 34 6.63 -17.46 -9.49
C SER A 34 6.18 -18.85 -9.95
N SER A 35 4.96 -18.94 -10.45
CA SER A 35 4.53 -20.14 -11.15
C SER A 35 5.48 -20.44 -12.36
N TRP A 36 6.14 -19.40 -12.87
CA TRP A 36 7.16 -19.56 -13.90
C TRP A 36 8.54 -19.19 -13.31
N TYR A 37 8.51 -18.21 -12.40
CA TYR A 37 9.66 -17.61 -11.72
C TYR A 37 10.47 -16.74 -12.67
N ALA A 38 10.53 -15.48 -12.39
CA ALA A 38 11.35 -14.60 -13.18
C ALA A 38 12.68 -14.45 -12.48
N PRO A 39 13.76 -14.19 -13.20
CA PRO A 39 15.08 -13.96 -12.58
C PRO A 39 15.16 -12.63 -11.70
N GLU A 40 16.24 -11.85 -11.86
CA GLU A 40 16.44 -10.65 -11.04
C GLU A 40 15.29 -9.66 -11.23
N ALA A 41 14.63 -9.75 -12.36
CA ALA A 41 13.44 -8.97 -12.66
C ALA A 41 12.40 -9.10 -11.51
N LEU A 42 12.13 -10.35 -11.14
CA LEU A 42 11.21 -10.66 -10.06
C LEU A 42 11.81 -10.29 -8.73
N GLN A 43 13.08 -10.58 -8.61
CA GLN A 43 13.79 -10.34 -7.37
C GLN A 43 13.77 -8.84 -7.04
N LYS A 44 14.10 -8.02 -8.01
CA LYS A 44 14.08 -6.58 -7.86
C LYS A 44 12.67 -6.06 -7.67
N TRP A 45 11.70 -6.61 -8.44
CA TRP A 45 10.31 -6.17 -8.32
C TRP A 45 9.82 -6.24 -6.88
N LEU A 46 9.92 -7.40 -6.28
CA LEU A 46 9.38 -7.52 -4.98
C LEU A 46 10.27 -6.89 -3.94
N GLN A 47 11.60 -6.95 -4.18
CA GLN A 47 12.58 -6.29 -3.30
C GLN A 47 12.24 -4.82 -3.15
N LEU A 48 12.01 -4.16 -4.27
CA LEU A 48 11.65 -2.77 -4.26
C LEU A 48 10.33 -2.57 -3.56
N THR A 49 9.29 -3.31 -3.96
CA THR A 49 7.95 -3.18 -3.35
C THR A 49 8.04 -3.37 -1.82
N HIS A 50 8.68 -4.46 -1.41
CA HIS A 50 8.87 -4.81 -0.02
C HIS A 50 9.61 -3.70 0.74
N GLU A 51 10.73 -3.26 0.23
CA GLU A 51 11.51 -2.24 0.90
C GLU A 51 10.69 -0.95 0.98
N VAL A 52 9.94 -0.67 -0.08
CA VAL A 52 9.12 0.52 -0.18
C VAL A 52 8.00 0.47 0.82
N GLU A 53 7.25 -0.62 0.82
CA GLU A 53 6.11 -0.73 1.70
C GLU A 53 6.52 -0.73 3.17
N VAL A 54 7.67 -1.30 3.47
CA VAL A 54 8.12 -1.32 4.84
C VAL A 54 8.69 0.07 5.26
N GLN A 55 9.47 0.69 4.37
CA GLN A 55 10.00 2.04 4.63
C GLN A 55 8.82 3.00 4.80
N TYR A 56 7.88 2.89 3.89
CA TYR A 56 6.71 3.66 3.94
C TYR A 56 5.82 3.31 5.07
N TYR A 57 5.72 2.03 5.47
CA TYR A 57 4.88 1.71 6.61
C TYR A 57 5.38 2.48 7.80
N ASN A 58 6.69 2.51 8.00
CA ASN A 58 7.22 3.22 9.16
C ASN A 58 6.90 4.71 9.09
N ILE A 59 7.23 5.35 7.94
CA ILE A 59 6.93 6.79 7.79
C ILE A 59 5.44 7.08 7.81
N LYS A 60 4.68 6.32 7.11
CA LYS A 60 3.29 6.61 6.98
C LYS A 60 2.56 6.27 8.25
N LYS A 61 2.95 5.19 8.94
CA LYS A 61 2.34 4.84 10.22
C LYS A 61 2.56 5.97 11.21
N GLN A 62 3.81 6.44 11.33
CA GLN A 62 4.07 7.53 12.27
C GLN A 62 3.33 8.82 11.86
N ASN A 63 3.31 9.08 10.56
CA ASN A 63 2.63 10.24 10.03
C ASN A 63 1.13 10.13 10.23
N ALA A 64 0.60 8.95 9.98
CA ALA A 64 -0.83 8.67 10.11
C ALA A 64 -1.30 8.82 11.53
N GLU A 65 -0.55 8.22 12.47
CA GLU A 65 -0.90 8.30 13.88
C GLU A 65 -0.90 9.76 14.34
N LYS A 66 0.12 10.50 13.93
CA LYS A 66 0.22 11.93 14.24
C LYS A 66 -0.90 12.74 13.54
N GLN A 67 -1.14 12.43 12.28
CA GLN A 67 -2.11 13.14 11.46
C GLN A 67 -3.50 13.00 12.04
N LEU A 68 -3.91 11.77 12.32
CA LEU A 68 -5.17 11.57 13.01
C LEU A 68 -5.15 12.12 14.40
N LEU A 69 -4.03 12.08 15.09
CA LEU A 69 -3.96 12.61 16.47
C LEU A 69 -4.39 14.08 16.48
N VAL A 70 -3.77 14.84 15.62
CA VAL A 70 -4.01 16.26 15.55
C VAL A 70 -5.37 16.55 14.92
N ALA A 71 -5.80 15.67 14.01
CA ALA A 71 -7.08 15.81 13.37
C ALA A 71 -8.22 15.41 14.28
N LYS A 72 -8.04 14.34 15.01
CA LYS A 72 -9.01 13.82 15.96
C LYS A 72 -9.32 14.91 16.95
N GLU A 73 -8.25 15.42 17.56
CA GLU A 73 -8.36 16.49 18.51
C GLU A 73 -8.96 17.71 17.87
N GLY A 74 -8.37 18.14 16.77
CA GLY A 74 -8.83 19.32 16.07
C GLY A 74 -10.29 19.24 15.72
N ALA A 75 -10.68 18.15 15.08
CA ALA A 75 -12.04 17.99 14.59
C ALA A 75 -13.06 17.96 15.68
N GLU A 76 -12.88 17.13 16.69
CA GLU A 76 -13.90 17.04 17.69
C GLU A 76 -13.91 18.23 18.63
N LYS A 77 -12.81 18.97 18.67
CA LYS A 77 -12.79 20.20 19.43
C LYS A 77 -13.44 21.34 18.63
N ILE A 78 -13.45 21.24 17.30
CA ILE A 78 -14.02 22.28 16.47
C ILE A 78 -15.47 22.00 16.02
N LYS A 79 -15.74 20.78 15.58
CA LYS A 79 -17.06 20.42 15.07
C LYS A 79 -18.03 20.11 16.19
N LYS A 80 -17.49 19.76 17.32
CA LYS A 80 -18.27 19.40 18.47
C LYS A 80 -17.75 20.16 19.66
N LYS A 81 -18.30 19.87 20.80
CA LYS A 81 -17.84 20.47 22.01
C LYS A 81 -17.11 19.40 22.80
N ARG A 82 -15.85 19.25 22.52
CA ARG A 82 -15.05 18.27 23.19
C ARG A 82 -14.06 18.99 24.06
N GLY B 1 11.32 -17.65 -29.22
CA GLY B 1 12.26 -17.51 -28.12
C GLY B 1 11.58 -17.85 -26.83
N SER B 2 12.29 -17.72 -25.74
CA SER B 2 11.76 -18.02 -24.43
C SER B 2 10.87 -16.88 -23.95
N HIS B 3 9.62 -17.16 -23.71
CA HIS B 3 8.73 -16.15 -23.22
C HIS B 3 8.77 -16.17 -21.70
N MET B 4 9.40 -15.18 -21.15
CA MET B 4 9.44 -15.08 -19.72
C MET B 4 8.86 -13.75 -19.31
N ALA B 5 8.84 -13.52 -18.03
CA ALA B 5 8.39 -12.29 -17.48
C ALA B 5 9.38 -11.19 -17.81
N SER B 6 9.00 -10.40 -18.73
CA SER B 6 9.80 -9.29 -19.16
C SER B 6 8.83 -8.13 -19.39
N SER B 7 7.80 -8.37 -20.19
CA SER B 7 6.78 -7.39 -20.45
C SER B 7 5.93 -7.18 -19.20
N ARG B 8 5.80 -8.25 -18.40
CA ARG B 8 5.07 -8.19 -17.12
C ARG B 8 5.74 -7.24 -16.15
N GLN B 9 7.03 -7.01 -16.34
CA GLN B 9 7.79 -6.19 -15.42
C GLN B 9 7.39 -4.75 -15.54
N LYS B 10 6.98 -4.34 -16.74
CA LYS B 10 6.50 -3.00 -16.96
C LYS B 10 5.28 -2.77 -16.11
N TYR B 11 4.40 -3.77 -16.12
CA TYR B 11 3.18 -3.74 -15.38
C TYR B 11 3.46 -3.75 -13.90
N ALA B 12 4.32 -4.66 -13.46
CA ALA B 12 4.70 -4.78 -12.05
C ALA B 12 5.27 -3.46 -11.53
N GLU B 13 6.20 -2.90 -12.27
CA GLU B 13 6.85 -1.63 -11.96
C GLU B 13 5.80 -0.52 -11.83
N GLU B 14 4.90 -0.48 -12.82
CA GLU B 14 3.84 0.50 -12.84
C GLU B 14 2.85 0.29 -11.71
N GLU B 15 2.58 -0.96 -11.36
CA GLU B 15 1.72 -1.26 -10.23
C GLU B 15 2.36 -0.78 -8.96
N LEU B 16 3.68 -1.05 -8.80
CA LEU B 16 4.45 -0.68 -7.60
C LEU B 16 4.30 0.82 -7.36
N GLU B 17 4.54 1.59 -8.42
CA GLU B 17 4.42 3.00 -8.28
C GLU B 17 2.99 3.44 -8.02
N GLN B 18 2.05 2.86 -8.75
CA GLN B 18 0.64 3.17 -8.58
C GLN B 18 0.19 2.92 -7.14
N VAL B 19 0.42 1.72 -6.65
CA VAL B 19 0.00 1.30 -5.31
C VAL B 19 0.57 2.23 -4.19
N ARG B 20 1.90 2.51 -4.25
CA ARG B 20 2.51 3.34 -3.20
C ARG B 20 2.04 4.79 -3.26
N GLU B 21 1.97 5.36 -4.49
CA GLU B 21 1.54 6.72 -4.65
C GLU B 21 0.12 6.83 -4.17
N ALA B 22 -0.72 5.87 -4.57
CA ALA B 22 -2.13 5.84 -4.21
C ALA B 22 -2.35 5.87 -2.71
N LEU B 23 -1.62 5.02 -1.98
CA LEU B 23 -1.76 4.97 -0.50
C LEU B 23 -1.38 6.37 0.08
N ARG B 24 -0.19 6.88 -0.31
CA ARG B 24 0.26 8.18 0.23
C ARG B 24 -0.64 9.32 -0.23
N LYS B 25 -1.17 9.17 -1.43
CA LYS B 25 -2.09 10.14 -2.02
C LYS B 25 -3.38 10.21 -1.21
N ALA B 26 -3.82 9.08 -0.70
CA ALA B 26 -5.00 9.04 0.14
C ALA B 26 -4.68 9.68 1.51
N GLU B 27 -3.47 9.50 1.96
CA GLU B 27 -3.00 10.19 3.17
C GLU B 27 -2.88 11.69 2.90
N LYS B 28 -2.53 12.02 1.64
CA LYS B 28 -2.46 13.39 1.17
C LYS B 28 -3.86 14.00 1.24
N GLU B 29 -4.87 13.18 0.93
CA GLU B 29 -6.25 13.54 1.15
C GLU B 29 -6.42 13.87 2.59
N LEU B 30 -6.01 12.95 3.47
CA LEU B 30 -6.21 13.13 4.92
C LEU B 30 -5.60 14.43 5.44
N GLU B 31 -4.47 14.86 4.91
CA GLU B 31 -3.91 16.12 5.34
C GLU B 31 -4.67 17.33 4.74
N SER B 32 -5.06 17.22 3.49
CA SER B 32 -5.85 18.27 2.85
C SER B 32 -7.31 18.23 3.39
N HIS B 33 -7.61 17.14 4.03
CA HIS B 33 -8.88 16.84 4.61
C HIS B 33 -8.86 17.42 6.00
N SER B 34 -7.70 17.33 6.64
CA SER B 34 -7.50 17.87 7.95
C SER B 34 -7.32 19.39 7.91
N SER B 35 -7.11 19.93 6.71
CA SER B 35 -7.22 21.38 6.51
C SER B 35 -8.62 21.89 7.03
N TRP B 36 -9.62 21.01 6.97
CA TRP B 36 -10.94 21.30 7.50
C TRP B 36 -11.20 20.46 8.77
N TYR B 37 -10.69 19.22 8.72
CA TYR B 37 -10.81 18.17 9.76
C TYR B 37 -12.20 17.56 9.77
N ALA B 38 -12.27 16.30 9.48
CA ALA B 38 -13.52 15.60 9.55
C ALA B 38 -13.59 14.92 10.90
N PRO B 39 -14.78 14.70 11.44
CA PRO B 39 -14.96 13.99 12.72
C PRO B 39 -14.52 12.46 12.67
N GLU B 40 -15.35 11.56 13.24
CA GLU B 40 -14.99 10.15 13.30
C GLU B 40 -14.83 9.56 11.90
N ALA B 41 -15.45 10.19 10.93
CA ALA B 41 -15.30 9.82 9.53
C ALA B 41 -13.81 9.75 9.15
N LEU B 42 -13.08 10.81 9.50
CA LEU B 42 -11.64 10.91 9.26
C LEU B 42 -10.90 9.97 10.16
N GLN B 43 -11.34 9.94 11.40
CA GLN B 43 -10.69 9.12 12.41
C GLN B 43 -10.72 7.65 11.98
N LYS B 44 -11.88 7.18 11.61
CA LYS B 44 -12.06 5.81 11.16
C LYS B 44 -11.33 5.56 9.85
N TRP B 45 -11.39 6.54 8.93
CA TRP B 45 -10.72 6.38 7.64
C TRP B 45 -9.25 6.03 7.81
N LEU B 46 -8.52 6.85 8.53
CA LEU B 46 -7.13 6.61 8.62
C LEU B 46 -6.84 5.47 9.58
N GLN B 47 -7.65 5.35 10.63
CA GLN B 47 -7.55 4.24 11.60
C GLN B 47 -7.57 2.90 10.87
N LEU B 48 -8.55 2.74 9.99
CA LEU B 48 -8.65 1.54 9.19
C LEU B 48 -7.45 1.39 8.27
N THR B 49 -7.14 2.44 7.50
CA THR B 49 -6.00 2.40 6.57
C THR B 49 -4.70 2.04 7.29
N HIS B 50 -4.42 2.74 8.37
CA HIS B 50 -3.24 2.53 9.20
C HIS B 50 -3.19 1.10 9.72
N GLU B 51 -4.25 0.64 10.33
CA GLU B 51 -4.25 -0.68 10.90
C GLU B 51 -4.12 -1.73 9.80
N VAL B 52 -4.75 -1.46 8.66
CA VAL B 52 -4.69 -2.33 7.50
C VAL B 52 -3.29 -2.42 6.95
N GLU B 53 -2.67 -1.27 6.71
CA GLU B 53 -1.35 -1.25 6.12
C GLU B 53 -0.32 -1.85 7.04
N VAL B 54 -0.49 -1.68 8.33
CA VAL B 54 0.46 -2.25 9.26
C VAL B 54 0.23 -3.78 9.42
N GLN B 55 -1.04 -4.19 9.49
CA GLN B 55 -1.38 -5.62 9.56
C GLN B 55 -0.85 -6.30 8.30
N TYR B 56 -1.16 -5.68 7.19
CA TYR B 56 -0.72 -6.16 5.94
C TYR B 56 0.74 -6.04 5.74
N TYR B 57 1.40 -5.03 6.28
CA TYR B 57 2.85 -4.96 6.13
C TYR B 57 3.45 -6.19 6.77
N ASN B 58 2.94 -6.58 7.95
CA ASN B 58 3.49 -7.76 8.61
C ASN B 58 3.27 -9.01 7.76
N ILE B 59 2.03 -9.25 7.34
CA ILE B 59 1.73 -10.43 6.51
C ILE B 59 2.43 -10.38 5.17
N LYS B 60 2.37 -9.26 4.51
CA LYS B 60 2.90 -9.18 3.18
C LYS B 60 4.41 -9.16 3.20
N LYS B 61 5.02 -8.52 4.19
CA LYS B 61 6.47 -8.51 4.31
C LYS B 61 6.98 -9.94 4.47
N GLN B 62 6.38 -10.69 5.40
CA GLN B 62 6.81 -12.07 5.62
C GLN B 62 6.52 -12.94 4.39
N ASN B 63 5.38 -12.69 3.75
CA ASN B 63 5.00 -13.42 2.56
C ASN B 63 5.89 -13.10 1.41
N ALA B 64 6.24 -11.83 1.27
CA ALA B 64 7.12 -11.34 0.21
C ALA B 64 8.51 -11.88 0.36
N GLU B 65 9.06 -11.82 1.59
CA GLU B 65 10.39 -12.34 1.86
C GLU B 65 10.45 -13.83 1.50
N LYS B 66 9.46 -14.58 1.93
CA LYS B 66 9.35 -16.01 1.60
C LYS B 66 9.13 -16.23 0.09
N GLN B 67 8.28 -15.40 -0.51
CA GLN B 67 7.90 -15.55 -1.91
C GLN B 67 9.10 -15.33 -2.81
N LEU B 68 9.81 -14.23 -2.60
CA LEU B 68 11.05 -14.03 -3.33
C LEU B 68 12.09 -15.02 -2.95
N LEU B 69 12.11 -15.48 -1.71
CA LEU B 69 13.13 -16.47 -1.30
C LEU B 69 13.06 -17.71 -2.20
N VAL B 70 11.86 -18.23 -2.31
CA VAL B 70 11.62 -19.43 -3.05
C VAL B 70 11.68 -19.17 -4.56
N ALA B 71 11.32 -17.95 -4.95
CA ALA B 71 11.38 -17.55 -6.33
C ALA B 71 12.80 -17.26 -6.78
N LYS B 72 13.57 -16.61 -5.94
CA LYS B 72 14.97 -16.27 -6.21
C LYS B 72 15.71 -17.55 -6.47
N GLU B 73 15.60 -18.46 -5.50
CA GLU B 73 16.23 -19.74 -5.60
C GLU B 73 15.69 -20.50 -6.80
N GLY B 74 14.38 -20.62 -6.88
CA GLY B 74 13.76 -21.32 -7.96
C GLY B 74 14.19 -20.81 -9.31
N ALA B 75 14.07 -19.52 -9.52
CA ALA B 75 14.35 -18.90 -10.80
C ALA B 75 15.77 -19.07 -11.22
N GLU B 76 16.72 -18.75 -10.37
CA GLU B 76 18.08 -18.82 -10.82
C GLU B 76 18.60 -20.24 -10.91
N LYS B 77 17.97 -21.16 -10.21
CA LYS B 77 18.30 -22.56 -10.35
C LYS B 77 17.67 -23.15 -11.62
N ILE B 78 16.53 -22.62 -12.05
CA ILE B 78 15.85 -23.14 -13.23
C ILE B 78 16.26 -22.42 -14.54
N LYS B 79 16.28 -21.09 -14.52
CA LYS B 79 16.61 -20.33 -15.71
C LYS B 79 18.10 -20.35 -15.97
N LYS B 80 18.87 -20.32 -14.91
CA LYS B 80 20.31 -20.26 -15.01
C LYS B 80 20.92 -21.49 -14.39
N LYS B 81 22.22 -21.49 -14.30
CA LYS B 81 22.92 -22.56 -13.65
C LYS B 81 23.46 -22.04 -12.35
N ARG B 82 22.70 -22.21 -11.32
CA ARG B 82 23.06 -21.74 -10.02
C ARG B 82 23.13 -22.93 -9.09
N GLY A 1 -27.77 17.36 5.53
CA GLY A 1 -28.07 17.17 6.95
C GLY A 1 -26.85 17.46 7.78
N SER A 2 -26.79 16.88 8.96
CA SER A 2 -25.68 17.13 9.87
C SER A 2 -24.51 16.19 9.61
N HIS A 3 -24.70 15.22 8.74
CA HIS A 3 -23.63 14.31 8.40
C HIS A 3 -22.81 14.98 7.30
N MET A 4 -21.88 15.79 7.73
CA MET A 4 -21.11 16.68 6.86
C MET A 4 -20.05 15.97 6.05
N ALA A 5 -19.64 14.82 6.48
CA ALA A 5 -18.63 14.10 5.79
C ALA A 5 -19.18 12.87 5.16
N SER A 6 -19.38 12.94 3.89
CA SER A 6 -19.95 11.87 3.15
C SER A 6 -19.19 11.69 1.83
N SER A 7 -18.94 12.79 1.13
CA SER A 7 -18.19 12.73 -0.11
C SER A 7 -16.77 12.21 0.13
N ARG A 8 -16.15 12.69 1.21
CA ARG A 8 -14.79 12.30 1.52
C ARG A 8 -14.71 10.85 1.97
N GLN A 9 -15.74 10.34 2.65
CA GLN A 9 -15.70 8.94 3.14
C GLN A 9 -15.79 7.97 1.97
N LYS A 10 -16.43 8.42 0.90
CA LYS A 10 -16.54 7.67 -0.32
C LYS A 10 -15.18 7.43 -0.92
N TYR A 11 -14.49 8.50 -1.26
CA TYR A 11 -13.19 8.42 -1.88
C TYR A 11 -12.19 7.74 -0.97
N ALA A 12 -12.22 8.11 0.31
CA ALA A 12 -11.29 7.58 1.28
C ALA A 12 -11.41 6.05 1.39
N GLU A 13 -12.62 5.55 1.54
CA GLU A 13 -12.81 4.13 1.72
C GLU A 13 -12.52 3.37 0.42
N GLU A 14 -12.99 3.93 -0.70
CA GLU A 14 -12.78 3.32 -2.00
C GLU A 14 -11.31 3.26 -2.36
N GLU A 15 -10.58 4.29 -2.04
CA GLU A 15 -9.17 4.28 -2.30
C GLU A 15 -8.43 3.40 -1.31
N LEU A 16 -8.89 3.34 -0.06
CA LEU A 16 -8.30 2.46 0.97
C LEU A 16 -8.30 1.03 0.48
N GLU A 17 -9.44 0.59 0.01
CA GLU A 17 -9.52 -0.73 -0.51
C GLU A 17 -8.71 -0.86 -1.78
N GLN A 18 -8.77 0.13 -2.65
CA GLN A 18 -7.99 0.10 -3.89
C GLN A 18 -6.49 -0.08 -3.60
N VAL A 19 -5.94 0.78 -2.74
CA VAL A 19 -4.52 0.78 -2.42
C VAL A 19 -4.06 -0.58 -1.83
N ARG A 20 -4.78 -1.06 -0.81
CA ARG A 20 -4.37 -2.28 -0.13
C ARG A 20 -4.55 -3.52 -1.01
N GLU A 21 -5.67 -3.57 -1.74
CA GLU A 21 -5.97 -4.71 -2.55
C GLU A 21 -5.05 -4.75 -3.72
N ALA A 22 -4.71 -3.58 -4.27
CA ALA A 22 -3.79 -3.49 -5.38
C ALA A 22 -2.42 -4.01 -4.98
N LEU A 23 -1.95 -3.63 -3.78
CA LEU A 23 -0.64 -4.11 -3.30
C LEU A 23 -0.67 -5.67 -3.24
N ARG A 24 -1.70 -6.19 -2.59
CA ARG A 24 -1.83 -7.66 -2.44
C ARG A 24 -2.06 -8.34 -3.77
N LYS A 25 -2.80 -7.67 -4.62
CA LYS A 25 -3.09 -8.16 -5.96
C LYS A 25 -1.78 -8.30 -6.76
N ALA A 26 -0.87 -7.38 -6.53
CA ALA A 26 0.41 -7.41 -7.16
C ALA A 26 1.27 -8.56 -6.59
N GLU A 27 1.15 -8.81 -5.29
CA GLU A 27 1.80 -10.00 -4.69
C GLU A 27 1.19 -11.26 -5.30
N LYS A 28 -0.11 -11.18 -5.58
CA LYS A 28 -0.85 -12.27 -6.18
C LYS A 28 -0.26 -12.57 -7.56
N GLU A 29 0.10 -11.52 -8.29
CA GLU A 29 0.82 -11.64 -9.54
C GLU A 29 2.12 -12.41 -9.31
N LEU A 30 2.87 -11.96 -8.30
CA LEU A 30 4.16 -12.56 -7.98
C LEU A 30 4.03 -14.06 -7.74
N GLU A 31 3.13 -14.48 -6.86
CA GLU A 31 2.94 -15.91 -6.63
C GLU A 31 2.47 -16.67 -7.90
N SER A 32 1.52 -16.04 -8.61
CA SER A 32 0.94 -16.62 -9.82
C SER A 32 1.98 -16.75 -10.93
N HIS A 33 3.05 -15.97 -10.84
CA HIS A 33 4.12 -16.15 -11.78
C HIS A 33 5.33 -16.77 -11.12
N SER A 34 5.32 -16.95 -9.81
CA SER A 34 6.41 -17.63 -9.12
C SER A 34 6.24 -19.11 -9.29
N SER A 35 5.06 -19.53 -9.66
CA SER A 35 4.86 -20.89 -10.07
C SER A 35 5.73 -21.21 -11.33
N TRP A 36 6.05 -20.16 -12.06
CA TRP A 36 6.91 -20.21 -13.24
C TRP A 36 8.33 -19.74 -12.85
N TYR A 37 8.36 -18.73 -11.98
CA TYR A 37 9.53 -18.02 -11.45
C TYR A 37 10.15 -17.10 -12.49
N ALA A 38 10.12 -15.83 -12.21
CA ALA A 38 10.73 -14.86 -13.07
C ALA A 38 12.12 -14.54 -12.57
N PRO A 39 13.03 -14.13 -13.44
CA PRO A 39 14.41 -13.73 -13.03
C PRO A 39 14.46 -12.39 -12.18
N GLU A 40 15.48 -11.57 -12.48
CA GLU A 40 15.73 -10.29 -11.81
C GLU A 40 14.49 -9.39 -11.80
N ALA A 41 13.66 -9.50 -12.82
CA ALA A 41 12.40 -8.78 -12.90
C ALA A 41 11.57 -9.00 -11.62
N LEU A 42 11.38 -10.26 -11.27
CA LEU A 42 10.65 -10.66 -10.05
C LEU A 42 11.39 -10.25 -8.83
N GLN A 43 12.68 -10.50 -8.84
CA GLN A 43 13.52 -10.22 -7.69
C GLN A 43 13.48 -8.74 -7.37
N LYS A 44 13.72 -7.93 -8.35
CA LYS A 44 13.76 -6.50 -8.18
C LYS A 44 12.36 -5.97 -7.87
N TRP A 45 11.33 -6.60 -8.46
CA TRP A 45 9.94 -6.20 -8.22
C TRP A 45 9.59 -6.27 -6.75
N LEU A 46 9.75 -7.42 -6.17
CA LEU A 46 9.29 -7.58 -4.84
C LEU A 46 10.25 -6.93 -3.87
N GLN A 47 11.55 -6.94 -4.23
CA GLN A 47 12.60 -6.28 -3.46
C GLN A 47 12.22 -4.81 -3.23
N LEU A 48 11.82 -4.13 -4.30
CA LEU A 48 11.38 -2.75 -4.21
C LEU A 48 10.10 -2.64 -3.43
N THR A 49 9.12 -3.47 -3.74
CA THR A 49 7.83 -3.44 -3.06
C THR A 49 8.04 -3.56 -1.56
N HIS A 50 8.77 -4.58 -1.16
CA HIS A 50 9.08 -4.87 0.24
C HIS A 50 9.81 -3.70 0.91
N GLU A 51 10.89 -3.26 0.31
CA GLU A 51 11.71 -2.24 0.93
C GLU A 51 10.94 -0.93 1.04
N VAL A 52 10.19 -0.63 0.02
CA VAL A 52 9.45 0.59 -0.05
C VAL A 52 8.23 0.54 0.85
N GLU A 53 7.52 -0.58 0.86
CA GLU A 53 6.32 -0.69 1.67
C GLU A 53 6.66 -0.67 3.14
N VAL A 54 7.80 -1.24 3.50
CA VAL A 54 8.18 -1.28 4.88
C VAL A 54 8.72 0.11 5.31
N GLN A 55 9.53 0.74 4.46
CA GLN A 55 10.02 2.08 4.75
C GLN A 55 8.82 3.04 4.85
N TYR A 56 7.94 2.90 3.90
CA TYR A 56 6.76 3.67 3.88
C TYR A 56 5.79 3.32 4.94
N TYR A 57 5.70 2.06 5.36
CA TYR A 57 4.84 1.74 6.48
C TYR A 57 5.32 2.53 7.67
N ASN A 58 6.64 2.62 7.85
CA ASN A 58 7.20 3.37 8.97
C ASN A 58 6.75 4.84 8.92
N ILE A 59 6.97 5.48 7.77
CA ILE A 59 6.56 6.89 7.61
C ILE A 59 5.03 7.08 7.63
N LYS A 60 4.32 6.22 6.96
CA LYS A 60 2.88 6.35 6.87
C LYS A 60 2.20 5.97 8.19
N LYS A 61 2.77 5.03 8.93
CA LYS A 61 2.24 4.66 10.23
C LYS A 61 2.39 5.82 11.19
N GLN A 62 3.57 6.45 11.19
CA GLN A 62 3.76 7.60 12.04
C GLN A 62 2.91 8.78 11.57
N ASN A 63 2.69 8.88 10.24
CA ASN A 63 1.80 9.90 9.69
C ASN A 63 0.41 9.65 10.20
N ALA A 64 -0.04 8.42 10.07
CA ALA A 64 -1.37 8.03 10.45
C ALA A 64 -1.66 8.33 11.89
N GLU A 65 -0.76 7.94 12.75
CA GLU A 65 -0.93 8.14 14.16
C GLU A 65 -0.94 9.63 14.51
N LYS A 66 0.03 10.40 14.02
CA LYS A 66 0.10 11.82 14.30
C LYS A 66 -1.05 12.62 13.66
N GLN A 67 -1.30 12.35 12.39
CA GLN A 67 -2.35 13.03 11.65
C GLN A 67 -3.68 12.83 12.29
N LEU A 68 -4.07 11.59 12.56
CA LEU A 68 -5.33 11.40 13.22
C LEU A 68 -5.34 11.91 14.62
N LEU A 69 -4.21 11.88 15.33
CA LEU A 69 -4.20 12.36 16.71
C LEU A 69 -4.64 13.84 16.72
N VAL A 70 -3.98 14.63 15.87
CA VAL A 70 -4.24 16.05 15.82
C VAL A 70 -5.59 16.35 15.18
N ALA A 71 -5.98 15.51 14.24
CA ALA A 71 -7.22 15.68 13.55
C ALA A 71 -8.40 15.28 14.39
N LYS A 72 -8.26 14.17 15.10
CA LYS A 72 -9.32 13.64 15.94
C LYS A 72 -9.62 14.67 17.01
N GLU A 73 -8.56 15.14 17.71
CA GLU A 73 -8.76 16.16 18.72
C GLU A 73 -9.38 17.39 18.10
N GLY A 74 -8.72 17.90 17.07
CA GLY A 74 -9.14 19.12 16.43
C GLY A 74 -10.55 19.08 15.89
N ALA A 75 -10.88 18.02 15.17
CA ALA A 75 -12.19 17.88 14.57
C ALA A 75 -13.26 17.83 15.62
N GLU A 76 -13.09 17.00 16.64
CA GLU A 76 -14.11 16.94 17.66
C GLU A 76 -14.09 18.14 18.59
N LYS A 77 -13.06 18.95 18.50
CA LYS A 77 -13.06 20.23 19.19
C LYS A 77 -13.83 21.28 18.40
N ILE A 78 -13.77 21.19 17.08
CA ILE A 78 -14.36 22.22 16.23
C ILE A 78 -15.77 21.86 15.72
N LYS A 79 -15.99 20.61 15.39
CA LYS A 79 -17.25 20.18 14.80
C LYS A 79 -18.41 20.27 15.78
N LYS A 80 -18.25 19.70 16.94
CA LYS A 80 -19.28 19.73 17.96
C LYS A 80 -18.62 19.59 19.30
N LYS A 81 -19.09 20.31 20.29
CA LYS A 81 -18.53 20.21 21.61
C LYS A 81 -18.93 18.90 22.26
N ARG A 82 -18.10 18.46 23.15
CA ARG A 82 -18.35 17.26 23.88
C ARG A 82 -18.83 17.63 25.27
N GLY B 1 14.53 -11.78 -27.56
CA GLY B 1 15.85 -12.00 -27.01
C GLY B 1 15.76 -12.80 -25.75
N SER B 2 16.88 -13.00 -25.08
CA SER B 2 16.91 -13.78 -23.87
C SER B 2 16.40 -13.01 -22.64
N HIS B 3 16.09 -11.73 -22.82
CA HIS B 3 15.46 -10.98 -21.77
C HIS B 3 13.98 -11.36 -21.80
N MET B 4 13.69 -12.43 -21.09
CA MET B 4 12.38 -13.08 -21.11
C MET B 4 11.34 -12.34 -20.31
N ALA B 5 11.77 -11.66 -19.28
CA ALA B 5 10.88 -10.97 -18.43
C ALA B 5 10.87 -9.50 -18.77
N SER B 6 9.86 -9.12 -19.47
CA SER B 6 9.71 -7.78 -19.93
C SER B 6 8.29 -7.30 -19.67
N SER B 7 7.31 -8.06 -20.16
CA SER B 7 5.92 -7.71 -20.00
C SER B 7 5.55 -7.62 -18.51
N ARG B 8 6.04 -8.56 -17.73
CA ARG B 8 5.73 -8.61 -16.32
C ARG B 8 6.41 -7.50 -15.53
N GLN B 9 7.59 -7.05 -15.96
CA GLN B 9 8.27 -5.99 -15.23
C GLN B 9 7.59 -4.64 -15.44
N LYS B 10 6.90 -4.53 -16.57
CA LYS B 10 6.08 -3.37 -16.87
C LYS B 10 4.98 -3.21 -15.86
N TYR B 11 4.13 -4.21 -15.78
CA TYR B 11 3.00 -4.19 -14.88
C TYR B 11 3.45 -4.13 -13.44
N ALA B 12 4.50 -4.87 -13.12
CA ALA B 12 5.01 -4.91 -11.76
C ALA B 12 5.47 -3.54 -11.29
N GLU B 13 6.28 -2.85 -12.08
CA GLU B 13 6.79 -1.56 -11.65
C GLU B 13 5.68 -0.50 -11.67
N GLU B 14 4.84 -0.54 -12.69
CA GLU B 14 3.74 0.39 -12.82
C GLU B 14 2.73 0.23 -11.69
N GLU B 15 2.43 -1.00 -11.31
CA GLU B 15 1.55 -1.21 -10.20
C GLU B 15 2.22 -0.84 -8.90
N LEU B 16 3.54 -1.10 -8.79
CA LEU B 16 4.30 -0.74 -7.58
C LEU B 16 4.16 0.73 -7.28
N GLU B 17 4.40 1.52 -8.28
CA GLU B 17 4.31 2.92 -8.10
C GLU B 17 2.89 3.33 -7.83
N GLN B 18 1.93 2.76 -8.58
CA GLN B 18 0.53 3.04 -8.36
C GLN B 18 0.11 2.74 -6.92
N VAL B 19 0.40 1.54 -6.43
CA VAL B 19 0.00 1.10 -5.08
C VAL B 19 0.57 2.03 -3.97
N ARG B 20 1.87 2.27 -4.00
CA ARG B 20 2.51 3.04 -2.95
C ARG B 20 2.13 4.52 -3.01
N GLU B 21 2.10 5.07 -4.22
CA GLU B 21 1.79 6.46 -4.41
C GLU B 21 0.36 6.71 -4.06
N ALA B 22 -0.53 5.78 -4.45
CA ALA B 22 -1.95 5.89 -4.14
C ALA B 22 -2.18 5.94 -2.63
N LEU B 23 -1.47 5.07 -1.89
CA LEU B 23 -1.58 5.06 -0.42
C LEU B 23 -1.20 6.47 0.11
N ARG B 24 -0.04 6.95 -0.33
CA ARG B 24 0.45 8.28 0.10
C ARG B 24 -0.48 9.38 -0.36
N LYS B 25 -0.98 9.28 -1.58
CA LYS B 25 -1.97 10.25 -2.11
C LYS B 25 -3.18 10.34 -1.21
N ALA B 26 -3.59 9.22 -0.70
CA ALA B 26 -4.71 9.17 0.18
C ALA B 26 -4.38 9.84 1.53
N GLU B 27 -3.15 9.65 2.01
CA GLU B 27 -2.68 10.40 3.20
C GLU B 27 -2.66 11.89 2.88
N LYS B 28 -2.29 12.20 1.65
CA LYS B 28 -2.23 13.56 1.15
C LYS B 28 -3.62 14.18 1.21
N GLU B 29 -4.62 13.41 0.87
CA GLU B 29 -6.01 13.79 1.01
C GLU B 29 -6.27 14.14 2.46
N LEU B 30 -5.89 13.22 3.35
CA LEU B 30 -6.12 13.39 4.78
C LEU B 30 -5.50 14.69 5.30
N GLU B 31 -4.25 14.97 4.98
CA GLU B 31 -3.60 16.20 5.46
C GLU B 31 -4.27 17.46 4.85
N SER B 32 -4.52 17.40 3.54
CA SER B 32 -5.12 18.48 2.83
C SER B 32 -6.50 18.81 3.38
N HIS B 33 -7.23 17.78 3.82
CA HIS B 33 -8.49 18.05 4.42
C HIS B 33 -8.40 18.13 5.93
N SER B 34 -7.24 17.81 6.51
CA SER B 34 -7.05 17.98 7.94
C SER B 34 -6.83 19.45 8.24
N SER B 35 -6.48 20.20 7.21
CA SER B 35 -6.46 21.67 7.31
C SER B 35 -7.87 22.16 7.77
N TRP B 36 -8.88 21.38 7.40
CA TRP B 36 -10.27 21.62 7.71
C TRP B 36 -10.70 20.73 8.91
N TYR B 37 -10.20 19.51 8.89
CA TYR B 37 -10.48 18.41 9.85
C TYR B 37 -11.85 17.83 9.65
N ALA B 38 -11.86 16.59 9.29
CA ALA B 38 -13.09 15.87 9.11
C ALA B 38 -13.38 15.10 10.39
N PRO B 39 -14.64 14.83 10.68
CA PRO B 39 -15.04 14.05 11.87
C PRO B 39 -14.65 12.52 11.79
N GLU B 40 -15.57 11.66 12.24
CA GLU B 40 -15.41 10.22 12.28
C GLU B 40 -15.01 9.65 10.92
N ALA B 41 -15.43 10.31 9.85
CA ALA B 41 -15.02 9.95 8.49
C ALA B 41 -13.49 9.86 8.38
N LEU B 42 -12.82 10.92 8.81
CA LEU B 42 -11.37 11.00 8.80
C LEU B 42 -10.76 10.04 9.78
N GLN B 43 -11.37 10.00 10.94
CA GLN B 43 -10.89 9.18 12.01
C GLN B 43 -10.91 7.70 11.61
N LYS B 44 -12.03 7.27 11.10
CA LYS B 44 -12.20 5.89 10.72
C LYS B 44 -11.37 5.60 9.46
N TRP B 45 -11.24 6.59 8.57
CA TRP B 45 -10.45 6.43 7.34
C TRP B 45 -9.02 6.06 7.64
N LEU B 46 -8.36 6.86 8.41
CA LEU B 46 -6.98 6.65 8.63
C LEU B 46 -6.77 5.52 9.60
N GLN B 47 -7.72 5.37 10.55
CA GLN B 47 -7.72 4.27 11.51
C GLN B 47 -7.63 2.94 10.75
N LEU B 48 -8.48 2.79 9.74
CA LEU B 48 -8.50 1.60 8.92
C LEU B 48 -7.26 1.49 8.09
N THR B 49 -6.84 2.58 7.46
CA THR B 49 -5.64 2.57 6.63
C THR B 49 -4.45 2.08 7.44
N HIS B 50 -4.24 2.72 8.58
CA HIS B 50 -3.15 2.41 9.50
C HIS B 50 -3.20 0.95 9.97
N GLU B 51 -4.33 0.55 10.49
CA GLU B 51 -4.43 -0.77 11.09
C GLU B 51 -4.25 -1.85 10.02
N VAL B 52 -4.83 -1.63 8.87
CA VAL B 52 -4.77 -2.58 7.80
C VAL B 52 -3.41 -2.57 7.14
N GLU B 53 -2.86 -1.37 6.87
CA GLU B 53 -1.56 -1.30 6.24
C GLU B 53 -0.47 -1.90 7.10
N VAL B 54 -0.56 -1.75 8.41
CA VAL B 54 0.44 -2.30 9.29
C VAL B 54 0.25 -3.82 9.44
N GLN B 55 -0.99 -4.27 9.59
CA GLN B 55 -1.28 -5.70 9.67
C GLN B 55 -0.81 -6.36 8.37
N TYR B 56 -1.14 -5.72 7.28
CA TYR B 56 -0.76 -6.15 6.00
C TYR B 56 0.69 -6.00 5.71
N TYR B 57 1.34 -4.98 6.25
CA TYR B 57 2.79 -4.87 6.06
C TYR B 57 3.41 -6.12 6.65
N ASN B 58 2.92 -6.53 7.82
CA ASN B 58 3.44 -7.73 8.48
C ASN B 58 3.29 -8.97 7.57
N ILE B 59 2.05 -9.19 7.08
CA ILE B 59 1.81 -10.34 6.20
C ILE B 59 2.51 -10.22 4.83
N LYS B 60 2.49 -9.04 4.27
CA LYS B 60 3.08 -8.83 2.96
C LYS B 60 4.60 -8.82 3.03
N LYS B 61 5.16 -8.36 4.14
CA LYS B 61 6.60 -8.38 4.32
C LYS B 61 7.06 -9.82 4.43
N GLN B 62 6.33 -10.65 5.22
CA GLN B 62 6.70 -12.06 5.29
C GLN B 62 6.47 -12.75 3.94
N ASN B 63 5.44 -12.30 3.19
CA ASN B 63 5.21 -12.81 1.84
C ASN B 63 6.37 -12.47 0.97
N ALA B 64 6.77 -11.22 1.00
CA ALA B 64 7.81 -10.71 0.15
C ALA B 64 9.12 -11.43 0.36
N GLU B 65 9.48 -11.57 1.62
CA GLU B 65 10.70 -12.22 1.97
C GLU B 65 10.70 -13.70 1.55
N LYS B 66 9.64 -14.43 1.91
CA LYS B 66 9.55 -15.84 1.55
C LYS B 66 9.39 -16.07 0.05
N GLN B 67 8.48 -15.33 -0.58
CA GLN B 67 8.22 -15.45 -2.00
C GLN B 67 9.46 -15.22 -2.81
N LEU B 68 10.16 -14.11 -2.59
CA LEU B 68 11.37 -13.91 -3.33
C LEU B 68 12.45 -14.86 -2.96
N LEU B 69 12.50 -15.31 -1.72
CA LEU B 69 13.56 -16.25 -1.34
C LEU B 69 13.45 -17.51 -2.22
N VAL B 70 12.25 -18.07 -2.26
CA VAL B 70 11.99 -19.29 -3.00
C VAL B 70 12.07 -19.04 -4.51
N ALA B 71 11.66 -17.86 -4.92
CA ALA B 71 11.66 -17.50 -6.31
C ALA B 71 13.02 -17.18 -6.81
N LYS B 72 13.78 -16.44 -6.04
CA LYS B 72 15.13 -16.03 -6.41
C LYS B 72 15.96 -17.29 -6.62
N GLU B 73 15.93 -18.19 -5.61
CA GLU B 73 16.67 -19.42 -5.73
C GLU B 73 16.18 -20.22 -6.92
N GLY B 74 14.87 -20.49 -6.93
CA GLY B 74 14.27 -21.30 -7.96
C GLY B 74 14.50 -20.77 -9.36
N ALA B 75 14.27 -19.48 -9.55
CA ALA B 75 14.42 -18.88 -10.86
C ALA B 75 15.84 -18.97 -11.35
N GLU B 76 16.79 -18.60 -10.51
CA GLU B 76 18.17 -18.68 -10.94
C GLU B 76 18.72 -20.10 -10.97
N LYS B 77 17.97 -21.04 -10.44
CA LYS B 77 18.30 -22.43 -10.63
C LYS B 77 17.76 -22.94 -11.97
N ILE B 78 16.64 -22.39 -12.41
CA ILE B 78 15.98 -22.89 -13.61
C ILE B 78 16.28 -22.09 -14.89
N LYS B 79 16.34 -20.78 -14.77
CA LYS B 79 16.52 -19.91 -15.93
C LYS B 79 17.88 -20.03 -16.57
N LYS B 80 18.88 -20.17 -15.76
CA LYS B 80 20.23 -20.27 -16.23
C LYS B 80 21.03 -20.87 -15.11
N LYS B 81 22.09 -21.56 -15.43
CA LYS B 81 22.93 -22.07 -14.39
C LYS B 81 23.95 -21.03 -14.00
N ARG B 82 24.33 -21.05 -12.76
CA ARG B 82 25.30 -20.14 -12.26
C ARG B 82 26.64 -20.81 -12.33
N GLY A 1 -18.32 25.84 -1.08
CA GLY A 1 -19.21 25.44 0.01
C GLY A 1 -18.49 24.56 0.98
N SER A 2 -19.16 24.19 2.04
CA SER A 2 -18.59 23.34 3.03
C SER A 2 -18.53 21.91 2.51
N HIS A 3 -17.35 21.36 2.44
CA HIS A 3 -17.16 20.01 1.99
C HIS A 3 -17.47 19.05 3.12
N MET A 4 -18.56 18.35 2.97
CA MET A 4 -19.05 17.45 3.96
C MET A 4 -18.18 16.21 3.96
N ALA A 5 -17.94 15.69 5.13
CA ALA A 5 -17.15 14.49 5.29
C ALA A 5 -17.99 13.28 4.94
N SER A 6 -18.19 13.13 3.67
CA SER A 6 -18.94 12.05 3.10
C SER A 6 -18.45 11.91 1.67
N SER A 7 -18.39 13.04 0.98
CA SER A 7 -17.90 13.12 -0.38
C SER A 7 -16.43 12.65 -0.44
N ARG A 8 -15.62 13.18 0.47
CA ARG A 8 -14.21 12.80 0.54
C ARG A 8 -14.06 11.38 1.07
N GLN A 9 -14.94 11.03 2.00
CA GLN A 9 -14.91 9.72 2.66
C GLN A 9 -15.18 8.61 1.66
N LYS A 10 -16.00 8.91 0.66
CA LYS A 10 -16.28 7.97 -0.41
C LYS A 10 -14.97 7.57 -1.08
N TYR A 11 -14.27 8.57 -1.58
CA TYR A 11 -13.03 8.36 -2.29
C TYR A 11 -11.99 7.75 -1.40
N ALA A 12 -11.96 8.17 -0.15
CA ALA A 12 -11.04 7.63 0.84
C ALA A 12 -11.25 6.12 1.00
N GLU A 13 -12.50 5.71 1.19
CA GLU A 13 -12.83 4.29 1.35
C GLU A 13 -12.50 3.50 0.08
N GLU A 14 -12.95 4.05 -1.05
CA GLU A 14 -12.72 3.44 -2.36
C GLU A 14 -11.25 3.24 -2.61
N GLU A 15 -10.47 4.26 -2.32
CA GLU A 15 -9.06 4.17 -2.50
C GLU A 15 -8.42 3.25 -1.48
N LEU A 16 -8.90 3.24 -0.20
CA LEU A 16 -8.37 2.30 0.85
C LEU A 16 -8.37 0.88 0.33
N GLU A 17 -9.50 0.52 -0.19
CA GLU A 17 -9.64 -0.80 -0.67
C GLU A 17 -8.76 -0.98 -1.89
N GLN A 18 -8.86 -0.06 -2.84
CA GLN A 18 -8.12 -0.12 -4.08
C GLN A 18 -6.62 -0.26 -3.82
N VAL A 19 -6.08 0.60 -2.96
CA VAL A 19 -4.65 0.65 -2.62
C VAL A 19 -4.18 -0.70 -2.04
N ARG A 20 -4.91 -1.21 -1.03
CA ARG A 20 -4.49 -2.43 -0.38
C ARG A 20 -4.63 -3.64 -1.30
N GLU A 21 -5.77 -3.71 -2.01
CA GLU A 21 -6.04 -4.79 -2.93
C GLU A 21 -4.97 -4.81 -3.99
N ALA A 22 -4.67 -3.64 -4.56
CA ALA A 22 -3.68 -3.49 -5.63
C ALA A 22 -2.31 -3.98 -5.21
N LEU A 23 -1.86 -3.61 -4.01
CA LEU A 23 -0.54 -4.04 -3.53
C LEU A 23 -0.52 -5.60 -3.49
N ARG A 24 -1.53 -6.17 -2.84
CA ARG A 24 -1.57 -7.65 -2.71
C ARG A 24 -1.80 -8.31 -4.07
N LYS A 25 -2.52 -7.63 -4.93
CA LYS A 25 -2.78 -8.08 -6.29
C LYS A 25 -1.47 -8.23 -7.04
N ALA A 26 -0.58 -7.29 -6.84
CA ALA A 26 0.72 -7.34 -7.45
C ALA A 26 1.56 -8.48 -6.85
N GLU A 27 1.40 -8.71 -5.56
CA GLU A 27 2.02 -9.88 -4.90
C GLU A 27 1.44 -11.18 -5.48
N LYS A 28 0.14 -11.17 -5.78
CA LYS A 28 -0.53 -12.27 -6.44
C LYS A 28 0.10 -12.54 -7.80
N GLU A 29 0.45 -11.48 -8.51
CA GLU A 29 1.20 -11.60 -9.75
C GLU A 29 2.49 -12.31 -9.47
N LEU A 30 3.22 -11.84 -8.47
CA LEU A 30 4.53 -12.40 -8.16
C LEU A 30 4.47 -13.90 -7.93
N GLU A 31 3.49 -14.36 -7.18
CA GLU A 31 3.35 -15.80 -6.97
C GLU A 31 2.89 -16.54 -8.26
N SER A 32 1.92 -15.97 -8.94
CA SER A 32 1.42 -16.53 -10.18
C SER A 32 2.52 -16.58 -11.24
N HIS A 33 3.40 -15.61 -11.17
CA HIS A 33 4.48 -15.53 -12.09
C HIS A 33 5.66 -16.32 -11.55
N SER A 34 5.67 -16.58 -10.23
CA SER A 34 6.72 -17.39 -9.67
C SER A 34 6.49 -18.85 -10.05
N SER A 35 5.28 -19.18 -10.48
CA SER A 35 5.05 -20.49 -11.09
C SER A 35 5.96 -20.67 -12.36
N TRP A 36 6.47 -19.55 -12.87
CA TRP A 36 7.43 -19.49 -13.96
C TRP A 36 8.82 -19.12 -13.42
N TYR A 37 8.81 -18.20 -12.46
CA TYR A 37 9.97 -17.58 -11.79
C TYR A 37 10.75 -16.72 -12.74
N ALA A 38 10.78 -15.47 -12.47
CA ALA A 38 11.52 -14.54 -13.25
C ALA A 38 12.86 -14.35 -12.57
N PRO A 39 13.89 -13.98 -13.31
CA PRO A 39 15.22 -13.74 -12.72
C PRO A 39 15.29 -12.45 -11.81
N GLU A 40 16.39 -11.67 -11.93
CA GLU A 40 16.59 -10.46 -11.12
C GLU A 40 15.40 -9.52 -11.25
N ALA A 41 14.71 -9.56 -12.40
CA ALA A 41 13.50 -8.79 -12.61
C ALA A 41 12.48 -9.01 -11.48
N LEU A 42 12.21 -10.27 -11.15
CA LEU A 42 11.30 -10.65 -10.07
C LEU A 42 11.90 -10.30 -8.74
N GLN A 43 13.17 -10.60 -8.61
CA GLN A 43 13.90 -10.40 -7.36
C GLN A 43 13.90 -8.91 -6.98
N LYS A 44 14.19 -8.08 -7.95
CA LYS A 44 14.25 -6.66 -7.77
C LYS A 44 12.84 -6.11 -7.54
N TRP A 45 11.87 -6.60 -8.33
CA TRP A 45 10.48 -6.14 -8.22
C TRP A 45 9.94 -6.27 -6.81
N LEU A 46 10.00 -7.46 -6.26
CA LEU A 46 9.41 -7.63 -5.00
C LEU A 46 10.26 -7.05 -3.89
N GLN A 47 11.59 -7.11 -4.06
CA GLN A 47 12.48 -6.50 -3.09
C GLN A 47 12.18 -5.02 -2.95
N LEU A 48 11.97 -4.34 -4.08
CA LEU A 48 11.60 -2.94 -4.06
C LEU A 48 10.27 -2.72 -3.41
N THR A 49 9.25 -3.49 -3.83
CA THR A 49 7.91 -3.35 -3.24
C THR A 49 7.97 -3.54 -1.73
N HIS A 50 8.65 -4.59 -1.31
CA HIS A 50 8.88 -4.92 0.08
C HIS A 50 9.58 -3.78 0.81
N GLU A 51 10.68 -3.30 0.28
CA GLU A 51 11.45 -2.26 0.93
C GLU A 51 10.61 -0.97 1.00
N VAL A 52 9.83 -0.75 -0.04
CA VAL A 52 8.98 0.40 -0.15
C VAL A 52 7.85 0.33 0.85
N GLU A 53 7.14 -0.78 0.88
CA GLU A 53 6.02 -0.93 1.79
C GLU A 53 6.45 -0.88 3.24
N VAL A 54 7.62 -1.41 3.54
CA VAL A 54 8.11 -1.41 4.90
C VAL A 54 8.65 0.00 5.27
N GLN A 55 9.38 0.63 4.36
CA GLN A 55 9.88 1.98 4.60
C GLN A 55 8.71 2.93 4.77
N TYR A 56 7.75 2.78 3.88
CA TYR A 56 6.57 3.56 3.93
C TYR A 56 5.71 3.21 5.10
N TYR A 57 5.66 1.95 5.54
CA TYR A 57 4.87 1.66 6.72
C TYR A 57 5.44 2.46 7.87
N ASN A 58 6.77 2.54 7.97
CA ASN A 58 7.36 3.30 9.05
C ASN A 58 6.95 4.78 8.96
N ILE A 59 7.17 5.40 7.79
CA ILE A 59 6.83 6.82 7.61
C ILE A 59 5.33 7.07 7.66
N LYS A 60 4.57 6.24 7.03
CA LYS A 60 3.17 6.47 6.94
C LYS A 60 2.45 6.07 8.22
N LYS A 61 2.95 5.07 8.95
CA LYS A 61 2.35 4.71 10.23
C LYS A 61 2.54 5.89 11.18
N GLN A 62 3.76 6.44 11.21
CA GLN A 62 3.99 7.60 12.09
C GLN A 62 3.19 8.81 11.59
N ASN A 63 3.07 8.92 10.26
CA ASN A 63 2.29 9.99 9.61
C ASN A 63 0.85 9.88 10.01
N ALA A 64 0.34 8.67 9.91
CA ALA A 64 -1.04 8.39 10.14
C ALA A 64 -1.43 8.60 11.58
N GLU A 65 -0.63 8.08 12.49
CA GLU A 65 -0.88 8.23 13.91
C GLU A 65 -0.84 9.71 14.30
N LYS A 66 0.15 10.42 13.79
CA LYS A 66 0.29 11.84 14.11
C LYS A 66 -0.82 12.69 13.47
N GLN A 67 -1.10 12.42 12.19
CA GLN A 67 -2.07 13.19 11.44
C GLN A 67 -3.44 13.05 12.08
N LEU A 68 -3.88 11.81 12.31
CA LEU A 68 -5.11 11.60 13.02
C LEU A 68 -5.08 12.13 14.40
N LEU A 69 -3.94 12.08 15.09
CA LEU A 69 -3.91 12.58 16.47
C LEU A 69 -4.36 14.04 16.49
N VAL A 70 -3.74 14.84 15.62
CA VAL A 70 -4.04 16.26 15.56
C VAL A 70 -5.43 16.50 14.98
N ALA A 71 -5.83 15.63 14.07
CA ALA A 71 -7.12 15.75 13.44
C ALA A 71 -8.24 15.30 14.33
N LYS A 72 -8.02 14.23 15.06
CA LYS A 72 -8.97 13.65 15.97
C LYS A 72 -9.30 14.68 17.03
N GLU A 73 -8.25 15.18 17.67
CA GLU A 73 -8.42 16.20 18.68
C GLU A 73 -9.02 17.47 18.10
N GLY A 74 -8.50 17.91 16.96
CA GLY A 74 -9.00 19.10 16.32
C GLY A 74 -10.45 18.99 15.92
N ALA A 75 -10.81 17.87 15.34
CA ALA A 75 -12.17 17.64 14.88
C ALA A 75 -13.14 17.62 16.02
N GLU A 76 -12.79 16.96 17.10
CA GLU A 76 -13.69 16.92 18.25
C GLU A 76 -13.79 18.29 18.88
N LYS A 77 -12.71 19.02 18.83
CA LYS A 77 -12.66 20.35 19.37
C LYS A 77 -13.53 21.31 18.55
N ILE A 78 -13.64 21.07 17.25
CA ILE A 78 -14.39 21.97 16.40
C ILE A 78 -15.79 21.47 16.03
N LYS A 79 -15.96 20.17 15.87
CA LYS A 79 -17.23 19.64 15.42
C LYS A 79 -18.20 19.43 16.59
N LYS A 80 -18.05 18.32 17.27
CA LYS A 80 -18.92 17.99 18.37
C LYS A 80 -18.08 17.41 19.47
N LYS A 81 -18.09 18.04 20.61
CA LYS A 81 -17.31 17.56 21.73
C LYS A 81 -17.95 16.30 22.30
N ARG A 82 -19.22 16.25 22.15
CA ARG A 82 -20.01 15.14 22.61
C ARG A 82 -20.73 14.60 21.40
N GLY B 1 2.32 -19.29 -24.95
CA GLY B 1 3.76 -19.20 -25.19
C GLY B 1 4.48 -18.88 -23.92
N SER B 2 5.73 -18.56 -24.02
CA SER B 2 6.54 -18.25 -22.88
C SER B 2 6.32 -16.81 -22.47
N HIS B 3 5.82 -16.60 -21.28
CA HIS B 3 5.61 -15.26 -20.79
C HIS B 3 6.92 -14.71 -20.28
N MET B 4 7.49 -13.83 -21.06
CA MET B 4 8.77 -13.26 -20.77
C MET B 4 8.64 -12.30 -19.62
N ALA B 5 9.63 -12.31 -18.77
CA ALA B 5 9.67 -11.45 -17.62
C ALA B 5 10.07 -10.04 -18.02
N SER B 6 9.12 -9.39 -18.61
CA SER B 6 9.21 -8.02 -19.02
C SER B 6 7.79 -7.50 -19.10
N SER B 7 6.94 -8.29 -19.75
CA SER B 7 5.53 -7.98 -19.91
C SER B 7 4.87 -7.84 -18.53
N ARG B 8 5.10 -8.83 -17.67
CA ARG B 8 4.55 -8.81 -16.32
C ARG B 8 5.24 -7.74 -15.48
N GLN B 9 6.53 -7.52 -15.77
CA GLN B 9 7.35 -6.57 -15.03
C GLN B 9 6.86 -5.15 -15.23
N LYS B 10 6.40 -4.86 -16.44
CA LYS B 10 5.81 -3.58 -16.76
C LYS B 10 4.68 -3.27 -15.79
N TYR B 11 3.71 -4.17 -15.76
CA TYR B 11 2.55 -4.00 -14.93
C TYR B 11 2.92 -3.98 -13.47
N ALA B 12 3.84 -4.84 -13.07
CA ALA B 12 4.31 -4.90 -11.71
C ALA B 12 4.90 -3.56 -11.26
N GLU B 13 5.77 -2.99 -12.07
CA GLU B 13 6.40 -1.72 -11.77
C GLU B 13 5.37 -0.59 -11.77
N GLU B 14 4.52 -0.56 -12.80
CA GLU B 14 3.47 0.43 -12.92
C GLU B 14 2.59 0.43 -11.71
N GLU B 15 2.22 -0.76 -11.29
CA GLU B 15 1.40 -0.92 -10.15
C GLU B 15 2.13 -0.59 -8.87
N LEU B 16 3.43 -0.97 -8.74
CA LEU B 16 4.26 -0.64 -7.52
C LEU B 16 4.17 0.85 -7.24
N GLU B 17 4.38 1.60 -8.29
CA GLU B 17 4.30 3.01 -8.17
C GLU B 17 2.89 3.43 -7.83
N GLN B 18 1.93 2.96 -8.63
CA GLN B 18 0.53 3.34 -8.45
C GLN B 18 0.03 3.02 -7.03
N VAL B 19 0.32 1.80 -6.54
CA VAL B 19 -0.10 1.34 -5.22
C VAL B 19 0.45 2.25 -4.11
N ARG B 20 1.76 2.51 -4.16
CA ARG B 20 2.38 3.30 -3.09
C ARG B 20 1.93 4.77 -3.16
N GLU B 21 1.89 5.31 -4.38
CA GLU B 21 1.49 6.68 -4.61
C GLU B 21 0.08 6.87 -4.10
N ALA B 22 -0.80 5.94 -4.50
CA ALA B 22 -2.22 5.97 -4.14
C ALA B 22 -2.43 5.97 -2.63
N LEU B 23 -1.71 5.09 -1.91
CA LEU B 23 -1.84 5.04 -0.44
C LEU B 23 -1.49 6.44 0.14
N ARG B 24 -0.32 6.96 -0.25
CA ARG B 24 0.12 8.27 0.28
C ARG B 24 -0.78 9.40 -0.21
N LYS B 25 -1.31 9.23 -1.40
CA LYS B 25 -2.24 10.16 -2.01
C LYS B 25 -3.49 10.28 -1.14
N ALA B 26 -3.95 9.16 -0.64
CA ALA B 26 -5.09 9.15 0.23
C ALA B 26 -4.74 9.81 1.59
N GLU B 27 -3.52 9.60 2.04
CA GLU B 27 -3.03 10.31 3.23
C GLU B 27 -2.96 11.83 2.96
N LYS B 28 -2.57 12.18 1.73
CA LYS B 28 -2.57 13.58 1.27
C LYS B 28 -3.96 14.17 1.36
N GLU B 29 -4.95 13.38 1.03
CA GLU B 29 -6.33 13.76 1.22
C GLU B 29 -6.56 14.06 2.68
N LEU B 30 -6.20 13.12 3.53
CA LEU B 30 -6.44 13.24 4.97
C LEU B 30 -5.87 14.53 5.53
N GLU B 31 -4.68 14.91 5.13
CA GLU B 31 -4.09 16.16 5.60
C GLU B 31 -4.80 17.40 4.98
N SER B 32 -5.05 17.33 3.68
CA SER B 32 -5.73 18.40 2.98
C SER B 32 -7.16 18.57 3.49
N HIS B 33 -7.71 17.49 3.97
CA HIS B 33 -9.02 17.49 4.50
C HIS B 33 -8.95 17.76 6.00
N SER B 34 -7.79 17.52 6.62
CA SER B 34 -7.63 17.83 8.03
C SER B 34 -7.50 19.34 8.20
N SER B 35 -7.25 20.04 7.12
CA SER B 35 -7.36 21.50 7.15
C SER B 35 -8.83 21.92 7.54
N TRP B 36 -9.76 21.02 7.31
CA TRP B 36 -11.16 21.15 7.68
C TRP B 36 -11.45 20.30 8.94
N TYR B 37 -10.82 19.12 8.99
CA TYR B 37 -10.96 18.08 10.03
C TYR B 37 -12.34 17.47 9.99
N ALA B 38 -12.39 16.22 9.67
CA ALA B 38 -13.63 15.50 9.66
C ALA B 38 -13.75 14.80 10.98
N PRO B 39 -14.96 14.49 11.43
CA PRO B 39 -15.16 13.78 12.71
C PRO B 39 -14.68 12.28 12.67
N GLU B 40 -15.46 11.38 13.29
CA GLU B 40 -15.12 9.98 13.37
C GLU B 40 -14.90 9.38 11.98
N ALA B 41 -15.52 9.96 10.97
CA ALA B 41 -15.32 9.57 9.58
C ALA B 41 -13.81 9.57 9.23
N LEU B 42 -13.13 10.69 9.56
CA LEU B 42 -11.69 10.83 9.34
C LEU B 42 -10.92 9.92 10.26
N GLN B 43 -11.37 9.88 11.50
CA GLN B 43 -10.71 9.09 12.52
C GLN B 43 -10.72 7.61 12.12
N LYS B 44 -11.87 7.14 11.70
CA LYS B 44 -12.06 5.76 11.32
C LYS B 44 -11.30 5.49 10.02
N TRP B 45 -11.36 6.44 9.08
CA TRP B 45 -10.70 6.30 7.78
C TRP B 45 -9.23 6.00 7.92
N LEU B 46 -8.53 6.87 8.60
CA LEU B 46 -7.13 6.70 8.65
C LEU B 46 -6.74 5.60 9.60
N GLN B 47 -7.53 5.42 10.68
CA GLN B 47 -7.28 4.34 11.61
C GLN B 47 -7.34 2.99 10.90
N LEU B 48 -8.34 2.82 10.02
CA LEU B 48 -8.44 1.61 9.23
C LEU B 48 -7.26 1.48 8.30
N THR B 49 -6.96 2.53 7.55
CA THR B 49 -5.84 2.51 6.58
C THR B 49 -4.54 2.14 7.31
N HIS B 50 -4.30 2.81 8.43
CA HIS B 50 -3.15 2.58 9.29
C HIS B 50 -3.09 1.12 9.76
N GLU B 51 -4.19 0.63 10.32
CA GLU B 51 -4.20 -0.70 10.86
C GLU B 51 -4.03 -1.72 9.73
N VAL B 52 -4.62 -1.41 8.60
CA VAL B 52 -4.54 -2.23 7.41
C VAL B 52 -3.12 -2.27 6.89
N GLU B 53 -2.49 -1.12 6.71
CA GLU B 53 -1.16 -1.07 6.16
C GLU B 53 -0.14 -1.72 7.08
N VAL B 54 -0.35 -1.59 8.38
CA VAL B 54 0.55 -2.18 9.31
C VAL B 54 0.32 -3.71 9.41
N GLN B 55 -0.93 -4.12 9.50
CA GLN B 55 -1.27 -5.54 9.54
C GLN B 55 -0.78 -6.21 8.26
N TYR B 56 -1.07 -5.56 7.15
CA TYR B 56 -0.63 -6.02 5.89
C TYR B 56 0.85 -5.95 5.74
N TYR B 57 1.53 -4.95 6.32
CA TYR B 57 2.98 -4.94 6.21
C TYR B 57 3.52 -6.19 6.85
N ASN B 58 2.95 -6.59 7.98
CA ASN B 58 3.43 -7.80 8.64
C ASN B 58 3.22 -9.03 7.74
N ILE B 59 1.98 -9.23 7.28
CA ILE B 59 1.67 -10.38 6.41
C ILE B 59 2.39 -10.30 5.08
N LYS B 60 2.39 -9.16 4.47
CA LYS B 60 2.95 -9.05 3.16
C LYS B 60 4.46 -8.99 3.18
N LYS B 61 5.06 -8.44 4.25
CA LYS B 61 6.53 -8.45 4.36
C LYS B 61 6.99 -9.89 4.50
N GLN B 62 6.29 -10.68 5.35
CA GLN B 62 6.66 -12.09 5.49
C GLN B 62 6.37 -12.83 4.19
N ASN B 63 5.27 -12.45 3.54
CA ASN B 63 4.87 -13.03 2.26
C ASN B 63 5.94 -12.76 1.23
N ALA B 64 6.35 -11.52 1.16
CA ALA B 64 7.26 -11.05 0.17
C ALA B 64 8.62 -11.68 0.31
N GLU B 65 9.14 -11.67 1.53
CA GLU B 65 10.44 -12.24 1.80
C GLU B 65 10.45 -13.74 1.50
N LYS B 66 9.40 -14.43 1.92
CA LYS B 66 9.30 -15.86 1.67
C LYS B 66 9.09 -16.15 0.17
N GLN B 67 8.23 -15.36 -0.48
CA GLN B 67 7.88 -15.58 -1.88
C GLN B 67 9.12 -15.39 -2.73
N LEU B 68 9.79 -14.26 -2.57
CA LEU B 68 11.03 -14.07 -3.27
C LEU B 68 12.07 -15.04 -2.87
N LEU B 69 12.10 -15.50 -1.63
CA LEU B 69 13.14 -16.46 -1.22
C LEU B 69 13.04 -17.70 -2.13
N VAL B 70 11.83 -18.24 -2.23
CA VAL B 70 11.61 -19.43 -3.02
C VAL B 70 11.76 -19.14 -4.50
N ALA B 71 11.38 -17.94 -4.90
CA ALA B 71 11.46 -17.55 -6.28
C ALA B 71 12.87 -17.21 -6.71
N LYS B 72 13.59 -16.53 -5.86
CA LYS B 72 14.96 -16.14 -6.12
C LYS B 72 15.78 -17.39 -6.33
N GLU B 73 15.69 -18.30 -5.37
CA GLU B 73 16.39 -19.55 -5.44
C GLU B 73 15.93 -20.37 -6.64
N GLY B 74 14.62 -20.48 -6.80
CA GLY B 74 14.06 -21.25 -7.89
C GLY B 74 14.43 -20.69 -9.24
N ALA B 75 14.40 -19.38 -9.37
CA ALA B 75 14.71 -18.71 -10.62
C ALA B 75 16.14 -18.90 -11.02
N GLU B 76 17.06 -18.71 -10.10
CA GLU B 76 18.47 -18.86 -10.47
C GLU B 76 18.77 -20.34 -10.73
N LYS B 77 18.06 -21.20 -10.03
CA LYS B 77 18.21 -22.63 -10.20
C LYS B 77 17.76 -23.05 -11.60
N ILE B 78 16.72 -22.40 -12.11
CA ILE B 78 16.17 -22.78 -13.41
C ILE B 78 16.69 -21.91 -14.57
N LYS B 79 16.81 -20.61 -14.38
CA LYS B 79 17.20 -19.71 -15.43
C LYS B 79 18.70 -19.72 -15.66
N LYS B 80 19.41 -18.96 -14.86
CA LYS B 80 20.84 -18.85 -15.00
C LYS B 80 21.47 -18.87 -13.64
N LYS B 81 22.29 -19.87 -13.39
CA LYS B 81 22.99 -19.99 -12.12
C LYS B 81 24.14 -19.00 -12.09
N ARG B 82 24.47 -18.54 -13.25
CA ARG B 82 25.45 -17.53 -13.43
C ARG B 82 24.88 -16.63 -14.52
N GLY A 1 -26.24 22.11 2.79
CA GLY A 1 -24.87 22.66 2.76
C GLY A 1 -24.10 22.22 3.97
N SER A 2 -23.64 21.01 3.96
CA SER A 2 -22.91 20.46 5.07
C SER A 2 -21.44 20.29 4.74
N HIS A 3 -20.59 20.79 5.63
CA HIS A 3 -19.17 20.61 5.48
C HIS A 3 -18.77 19.25 6.01
N MET A 4 -18.82 18.30 5.14
CA MET A 4 -18.56 16.94 5.49
C MET A 4 -17.76 16.33 4.39
N ALA A 5 -16.99 15.30 4.71
CA ALA A 5 -16.19 14.61 3.70
C ALA A 5 -17.11 14.06 2.62
N SER A 6 -18.10 13.25 3.06
CA SER A 6 -19.15 12.65 2.22
C SER A 6 -18.59 11.95 0.98
N SER A 7 -18.42 12.71 -0.09
CA SER A 7 -17.86 12.21 -1.31
C SER A 7 -16.45 11.74 -1.04
N ARG A 8 -15.69 12.55 -0.33
CA ARG A 8 -14.30 12.29 -0.09
C ARG A 8 -14.13 11.06 0.80
N GLN A 9 -15.08 10.81 1.70
CA GLN A 9 -14.97 9.66 2.58
C GLN A 9 -15.39 8.38 1.85
N LYS A 10 -16.27 8.54 0.86
CA LYS A 10 -16.66 7.44 -0.01
C LYS A 10 -15.42 6.98 -0.76
N TYR A 11 -14.75 7.96 -1.39
CA TYR A 11 -13.50 7.72 -2.12
C TYR A 11 -12.46 7.15 -1.20
N ALA A 12 -12.37 7.69 0.02
CA ALA A 12 -11.42 7.21 1.01
C ALA A 12 -11.58 5.71 1.23
N GLU A 13 -12.81 5.26 1.46
CA GLU A 13 -13.07 3.83 1.66
C GLU A 13 -12.73 3.04 0.39
N GLU A 14 -13.23 3.52 -0.74
CA GLU A 14 -13.01 2.87 -2.02
C GLU A 14 -11.52 2.80 -2.39
N GLU A 15 -10.80 3.87 -2.12
CA GLU A 15 -9.38 3.90 -2.35
C GLU A 15 -8.65 3.02 -1.36
N LEU A 16 -9.09 2.99 -0.07
CA LEU A 16 -8.50 2.10 0.95
C LEU A 16 -8.48 0.66 0.45
N GLU A 17 -9.60 0.25 -0.04
CA GLU A 17 -9.72 -1.08 -0.53
C GLU A 17 -8.81 -1.25 -1.75
N GLN A 18 -8.90 -0.31 -2.67
CA GLN A 18 -8.12 -0.37 -3.90
C GLN A 18 -6.63 -0.39 -3.60
N VAL A 19 -6.14 0.49 -2.75
CA VAL A 19 -4.72 0.57 -2.43
C VAL A 19 -4.20 -0.75 -1.83
N ARG A 20 -4.92 -1.28 -0.82
CA ARG A 20 -4.45 -2.48 -0.14
C ARG A 20 -4.52 -3.70 -1.04
N GLU A 21 -5.61 -3.83 -1.77
CA GLU A 21 -5.79 -4.93 -2.65
C GLU A 21 -4.91 -4.80 -3.86
N ALA A 22 -4.59 -3.59 -4.27
CA ALA A 22 -3.69 -3.37 -5.40
C ALA A 22 -2.30 -3.89 -5.07
N LEU A 23 -1.82 -3.54 -3.87
CA LEU A 23 -0.50 -3.99 -3.43
C LEU A 23 -0.50 -5.55 -3.40
N ARG A 24 -1.49 -6.13 -2.73
CA ARG A 24 -1.57 -7.59 -2.61
C ARG A 24 -1.80 -8.27 -3.95
N LYS A 25 -2.59 -7.63 -4.80
CA LYS A 25 -2.85 -8.11 -6.17
C LYS A 25 -1.52 -8.26 -6.90
N ALA A 26 -0.68 -7.27 -6.76
CA ALA A 26 0.62 -7.28 -7.39
C ALA A 26 1.51 -8.41 -6.81
N GLU A 27 1.36 -8.65 -5.52
CA GLU A 27 2.01 -9.80 -4.87
C GLU A 27 1.45 -11.11 -5.46
N LYS A 28 0.15 -11.12 -5.73
CA LYS A 28 -0.51 -12.24 -6.39
C LYS A 28 0.10 -12.46 -7.77
N GLU A 29 0.38 -11.37 -8.47
CA GLU A 29 1.10 -11.44 -9.75
C GLU A 29 2.40 -12.17 -9.54
N LEU A 30 3.14 -11.75 -8.53
CA LEU A 30 4.43 -12.31 -8.23
C LEU A 30 4.35 -13.84 -8.05
N GLU A 31 3.44 -14.31 -7.23
CA GLU A 31 3.28 -15.75 -7.02
C GLU A 31 2.71 -16.49 -8.26
N SER A 32 1.69 -15.91 -8.86
CA SER A 32 1.03 -16.49 -10.02
C SER A 32 1.98 -16.55 -11.22
N HIS A 33 3.01 -15.72 -11.18
CA HIS A 33 4.04 -15.71 -12.19
C HIS A 33 5.24 -16.52 -11.68
N SER A 34 5.39 -16.62 -10.36
CA SER A 34 6.44 -17.43 -9.75
C SER A 34 6.17 -18.91 -9.98
N SER A 35 4.97 -19.22 -10.43
CA SER A 35 4.66 -20.56 -10.89
C SER A 35 5.76 -21.05 -11.91
N TRP A 36 6.24 -20.11 -12.74
CA TRP A 36 7.34 -20.37 -13.66
C TRP A 36 8.61 -19.60 -13.26
N TYR A 37 8.43 -18.56 -12.44
CA TYR A 37 9.52 -17.73 -11.85
C TYR A 37 10.18 -16.80 -12.85
N ALA A 38 10.25 -15.55 -12.50
CA ALA A 38 10.96 -14.56 -13.28
C ALA A 38 12.34 -14.38 -12.67
N PRO A 39 13.31 -13.82 -13.39
CA PRO A 39 14.66 -13.60 -12.85
C PRO A 39 14.73 -12.35 -11.92
N GLU A 40 15.84 -11.61 -12.00
CA GLU A 40 16.06 -10.41 -11.20
C GLU A 40 14.92 -9.39 -11.36
N ALA A 41 14.22 -9.46 -12.49
CA ALA A 41 13.02 -8.64 -12.71
C ALA A 41 12.04 -8.84 -11.53
N LEU A 42 11.81 -10.09 -11.18
CA LEU A 42 10.95 -10.49 -10.06
C LEU A 42 11.60 -10.16 -8.76
N GLN A 43 12.87 -10.47 -8.68
CA GLN A 43 13.62 -10.26 -7.46
C GLN A 43 13.62 -8.78 -7.08
N LYS A 44 13.94 -7.93 -8.02
CA LYS A 44 13.96 -6.52 -7.78
C LYS A 44 12.56 -5.96 -7.62
N TRP A 45 11.58 -6.51 -8.36
CA TRP A 45 10.20 -6.04 -8.23
C TRP A 45 9.73 -6.14 -6.79
N LEU A 46 9.79 -7.32 -6.23
CA LEU A 46 9.25 -7.50 -4.96
C LEU A 46 10.14 -6.93 -3.88
N GLN A 47 11.46 -6.99 -4.09
CA GLN A 47 12.39 -6.40 -3.15
C GLN A 47 12.16 -4.91 -3.02
N LEU A 48 11.99 -4.22 -4.14
CA LEU A 48 11.70 -2.79 -4.10
C LEU A 48 10.39 -2.54 -3.42
N THR A 49 9.36 -3.28 -3.80
CA THR A 49 8.04 -3.15 -3.19
C THR A 49 8.11 -3.38 -1.68
N HIS A 50 8.75 -4.47 -1.30
CA HIS A 50 8.97 -4.83 0.11
C HIS A 50 9.72 -3.72 0.86
N GLU A 51 10.83 -3.30 0.33
CA GLU A 51 11.66 -2.31 0.99
C GLU A 51 10.91 -1.00 1.11
N VAL A 52 10.11 -0.71 0.10
CA VAL A 52 9.30 0.47 0.03
C VAL A 52 8.15 0.41 1.02
N GLU A 53 7.39 -0.68 1.01
CA GLU A 53 6.22 -0.79 1.87
C GLU A 53 6.62 -0.80 3.33
N VAL A 54 7.77 -1.36 3.63
CA VAL A 54 8.22 -1.39 5.00
C VAL A 54 8.78 0.01 5.41
N GLN A 55 9.56 0.60 4.53
CA GLN A 55 10.07 1.95 4.75
C GLN A 55 8.90 2.92 4.94
N TYR A 56 7.97 2.82 4.04
CA TYR A 56 6.80 3.61 4.07
C TYR A 56 5.90 3.26 5.19
N TYR A 57 5.82 1.99 5.61
CA TYR A 57 4.98 1.69 6.77
C TYR A 57 5.50 2.47 7.94
N ASN A 58 6.82 2.53 8.11
CA ASN A 58 7.36 3.27 9.25
C ASN A 58 6.99 4.76 9.16
N ILE A 59 7.29 5.38 8.00
CA ILE A 59 6.96 6.81 7.82
C ILE A 59 5.47 7.07 7.85
N LYS A 60 4.71 6.26 7.19
CA LYS A 60 3.32 6.50 7.07
C LYS A 60 2.58 6.14 8.34
N LYS A 61 3.03 5.11 9.06
CA LYS A 61 2.40 4.75 10.34
C LYS A 61 2.57 5.90 11.31
N GLN A 62 3.81 6.41 11.44
CA GLN A 62 4.05 7.53 12.35
C GLN A 62 3.24 8.77 11.90
N ASN A 63 3.24 8.99 10.58
CA ASN A 63 2.54 10.11 9.95
C ASN A 63 1.07 10.01 10.20
N ALA A 64 0.53 8.84 9.93
CA ALA A 64 -0.89 8.58 9.98
C ALA A 64 -1.43 8.73 11.37
N GLU A 65 -0.74 8.12 12.33
CA GLU A 65 -1.16 8.20 13.71
C GLU A 65 -1.13 9.65 14.17
N LYS A 66 -0.08 10.38 13.79
CA LYS A 66 0.02 11.78 14.21
C LYS A 66 -1.00 12.66 13.45
N GLN A 67 -1.23 12.36 12.19
CA GLN A 67 -2.15 13.14 11.39
C GLN A 67 -3.55 13.02 11.97
N LEU A 68 -3.98 11.81 12.29
CA LEU A 68 -5.22 11.63 12.98
C LEU A 68 -5.21 12.21 14.36
N LEU A 69 -4.07 12.18 15.06
CA LEU A 69 -3.98 12.80 16.41
C LEU A 69 -4.45 14.26 16.36
N VAL A 70 -3.84 14.98 15.44
CA VAL A 70 -4.11 16.39 15.31
C VAL A 70 -5.47 16.63 14.68
N ALA A 71 -5.88 15.70 13.83
CA ALA A 71 -7.14 15.82 13.17
C ALA A 71 -8.28 15.50 14.09
N LYS A 72 -8.17 14.40 14.80
CA LYS A 72 -9.17 13.92 15.74
C LYS A 72 -9.42 15.03 16.76
N GLU A 73 -8.35 15.54 17.36
CA GLU A 73 -8.51 16.60 18.31
C GLU A 73 -9.10 17.86 17.68
N GLY A 74 -8.47 18.33 16.61
CA GLY A 74 -8.92 19.54 15.94
C GLY A 74 -10.35 19.45 15.45
N ALA A 75 -10.71 18.31 14.91
CA ALA A 75 -12.03 18.08 14.38
C ALA A 75 -13.05 18.12 15.45
N GLU A 76 -12.79 17.45 16.53
CA GLU A 76 -13.75 17.41 17.60
C GLU A 76 -13.80 18.71 18.38
N LYS A 77 -12.77 19.53 18.24
CA LYS A 77 -12.79 20.84 18.85
C LYS A 77 -13.65 21.80 18.06
N ILE A 78 -13.67 21.65 16.74
CA ILE A 78 -14.48 22.53 15.91
C ILE A 78 -15.88 21.99 15.71
N LYS A 79 -15.98 20.70 15.63
CA LYS A 79 -17.23 20.05 15.44
C LYS A 79 -17.66 19.43 16.74
N LYS A 80 -18.28 20.22 17.52
CA LYS A 80 -18.76 19.81 18.80
C LYS A 80 -20.17 20.30 18.86
N LYS A 81 -21.02 19.67 19.61
CA LYS A 81 -22.39 20.10 19.63
C LYS A 81 -22.66 21.10 20.71
N ARG A 82 -22.68 22.32 20.28
CA ARG A 82 -22.97 23.46 21.06
C ARG A 82 -23.40 24.48 20.05
N GLY B 1 10.53 -15.56 -29.30
CA GLY B 1 9.77 -15.88 -28.10
C GLY B 1 10.66 -16.02 -26.89
N SER B 2 10.34 -15.29 -25.86
CA SER B 2 11.11 -15.34 -24.64
C SER B 2 10.15 -15.52 -23.49
N HIS B 3 10.42 -16.44 -22.61
CA HIS B 3 9.59 -16.60 -21.44
C HIS B 3 10.06 -15.65 -20.33
N MET B 4 9.56 -14.46 -20.40
CA MET B 4 9.96 -13.41 -19.51
C MET B 4 8.73 -12.68 -19.03
N ALA B 5 8.86 -11.98 -17.91
CA ALA B 5 7.79 -11.17 -17.39
C ALA B 5 7.46 -10.10 -18.42
N SER B 6 8.48 -9.31 -18.78
CA SER B 6 8.42 -8.29 -19.84
C SER B 6 7.25 -7.30 -19.66
N SER B 7 6.10 -7.65 -20.18
CA SER B 7 4.93 -6.85 -20.06
C SER B 7 4.52 -6.78 -18.59
N ARG B 8 4.64 -7.91 -17.91
CA ARG B 8 4.22 -8.02 -16.54
C ARG B 8 5.14 -7.26 -15.61
N GLN B 9 6.42 -7.16 -15.97
CA GLN B 9 7.36 -6.44 -15.12
C GLN B 9 7.19 -4.93 -15.31
N LYS B 10 6.73 -4.54 -16.49
CA LYS B 10 6.41 -3.16 -16.77
C LYS B 10 5.27 -2.75 -15.84
N TYR B 11 4.24 -3.59 -15.83
CA TYR B 11 3.09 -3.40 -14.96
C TYR B 11 3.48 -3.46 -13.52
N ALA B 12 4.41 -4.33 -13.18
CA ALA B 12 4.89 -4.45 -11.82
C ALA B 12 5.47 -3.13 -11.34
N GLU B 13 6.34 -2.52 -12.13
CA GLU B 13 6.95 -1.24 -11.78
C GLU B 13 5.88 -0.14 -11.70
N GLU B 14 5.06 -0.08 -12.74
CA GLU B 14 4.00 0.89 -12.83
C GLU B 14 3.00 0.76 -11.69
N GLU B 15 2.61 -0.47 -11.36
CA GLU B 15 1.73 -0.69 -10.26
C GLU B 15 2.39 -0.43 -8.94
N LEU B 16 3.70 -0.75 -8.80
CA LEU B 16 4.49 -0.44 -7.57
C LEU B 16 4.33 1.02 -7.24
N GLU B 17 4.55 1.85 -8.22
CA GLU B 17 4.46 3.23 -7.96
C GLU B 17 3.04 3.66 -7.72
N GLN B 18 2.11 3.11 -8.48
CA GLN B 18 0.72 3.45 -8.31
C GLN B 18 0.20 3.03 -6.93
N VAL B 19 0.52 1.82 -6.49
CA VAL B 19 0.06 1.32 -5.19
C VAL B 19 0.60 2.19 -4.02
N ARG B 20 1.92 2.43 -4.02
CA ARG B 20 2.53 3.17 -2.92
C ARG B 20 2.06 4.63 -2.88
N GLU B 21 2.01 5.24 -4.05
CA GLU B 21 1.60 6.60 -4.14
C GLU B 21 0.13 6.75 -3.93
N ALA B 22 -0.66 5.73 -4.28
CA ALA B 22 -2.10 5.76 -4.03
C ALA B 22 -2.36 5.82 -2.54
N LEU B 23 -1.64 4.98 -1.78
CA LEU B 23 -1.79 4.96 -0.33
C LEU B 23 -1.42 6.36 0.23
N ARG B 24 -0.24 6.86 -0.14
CA ARG B 24 0.22 8.18 0.35
C ARG B 24 -0.69 9.30 -0.14
N LYS B 25 -1.15 9.19 -1.37
CA LYS B 25 -2.11 10.15 -1.97
C LYS B 25 -3.33 10.26 -1.07
N ALA B 26 -3.83 9.13 -0.64
CA ALA B 26 -4.99 9.10 0.21
C ALA B 26 -4.68 9.73 1.59
N GLU B 27 -3.47 9.54 2.06
CA GLU B 27 -3.00 10.24 3.27
C GLU B 27 -2.94 11.75 3.00
N LYS B 28 -2.53 12.12 1.79
CA LYS B 28 -2.52 13.51 1.35
C LYS B 28 -3.93 14.07 1.36
N GLU B 29 -4.90 13.27 0.98
CA GLU B 29 -6.30 13.62 1.11
C GLU B 29 -6.60 13.93 2.55
N LEU B 30 -6.19 13.04 3.43
CA LEU B 30 -6.45 13.19 4.85
C LEU B 30 -5.93 14.52 5.38
N GLU B 31 -4.70 14.89 5.05
CA GLU B 31 -4.16 16.17 5.49
C GLU B 31 -4.82 17.36 4.76
N SER B 32 -4.98 17.25 3.45
CA SER B 32 -5.57 18.31 2.64
C SER B 32 -7.03 18.55 3.01
N HIS B 33 -7.62 17.57 3.66
CA HIS B 33 -8.96 17.68 4.14
C HIS B 33 -8.94 18.01 5.65
N SER B 34 -7.86 17.61 6.33
CA SER B 34 -7.67 17.93 7.74
C SER B 34 -7.41 19.42 7.91
N SER B 35 -7.17 20.11 6.81
CA SER B 35 -7.13 21.57 6.83
C SER B 35 -8.42 22.11 7.53
N TRP B 36 -9.55 21.44 7.32
CA TRP B 36 -10.79 21.78 7.99
C TRP B 36 -11.21 20.69 8.99
N TYR B 37 -10.66 19.48 8.79
CA TYR B 37 -10.84 18.31 9.68
C TYR B 37 -12.23 17.67 9.57
N ALA B 38 -12.24 16.41 9.27
CA ALA B 38 -13.46 15.64 9.20
C ALA B 38 -13.63 14.94 10.54
N PRO B 39 -14.83 14.49 10.88
CA PRO B 39 -15.09 13.80 12.14
C PRO B 39 -14.63 12.30 12.13
N GLU B 40 -15.43 11.43 12.77
CA GLU B 40 -15.12 10.00 12.86
C GLU B 40 -14.92 9.36 11.47
N ALA B 41 -15.48 9.99 10.45
CA ALA B 41 -15.25 9.62 9.05
C ALA B 41 -13.73 9.57 8.78
N LEU B 42 -13.04 10.64 9.17
CA LEU B 42 -11.60 10.77 9.01
C LEU B 42 -10.88 9.87 9.96
N GLN B 43 -11.37 9.85 11.18
CA GLN B 43 -10.76 9.08 12.24
C GLN B 43 -10.74 7.60 11.87
N LYS B 44 -11.88 7.08 11.49
CA LYS B 44 -11.97 5.70 11.10
C LYS B 44 -11.27 5.44 9.78
N TRP B 45 -11.33 6.41 8.84
CA TRP B 45 -10.65 6.23 7.55
C TRP B 45 -9.17 5.91 7.75
N LEU B 46 -8.48 6.78 8.46
CA LEU B 46 -7.08 6.59 8.55
C LEU B 46 -6.73 5.50 9.52
N GLN B 47 -7.53 5.34 10.58
CA GLN B 47 -7.29 4.27 11.53
C GLN B 47 -7.40 2.91 10.86
N LEU B 48 -8.43 2.72 10.02
CA LEU B 48 -8.57 1.47 9.29
C LEU B 48 -7.40 1.28 8.36
N THR B 49 -7.09 2.32 7.59
CA THR B 49 -5.97 2.25 6.66
C THR B 49 -4.66 1.92 7.39
N HIS B 50 -4.41 2.63 8.48
CA HIS B 50 -3.24 2.43 9.33
C HIS B 50 -3.18 1.00 9.88
N GLU B 51 -4.26 0.56 10.48
CA GLU B 51 -4.30 -0.74 11.11
C GLU B 51 -4.11 -1.82 10.04
N VAL B 52 -4.69 -1.58 8.89
CA VAL B 52 -4.61 -2.46 7.74
C VAL B 52 -3.21 -2.49 7.17
N GLU B 53 -2.61 -1.33 6.90
CA GLU B 53 -1.30 -1.30 6.28
C GLU B 53 -0.25 -1.89 7.19
N VAL B 54 -0.42 -1.72 8.48
CA VAL B 54 0.54 -2.28 9.41
C VAL B 54 0.32 -3.80 9.55
N GLN B 55 -0.94 -4.21 9.66
CA GLN B 55 -1.29 -5.62 9.72
C GLN B 55 -0.80 -6.33 8.45
N TYR B 56 -1.09 -5.70 7.34
CA TYR B 56 -0.65 -6.17 6.08
C TYR B 56 0.81 -6.06 5.89
N TYR B 57 1.48 -5.04 6.43
CA TYR B 57 2.94 -5.00 6.28
C TYR B 57 3.52 -6.24 6.91
N ASN B 58 3.00 -6.64 8.08
CA ASN B 58 3.52 -7.84 8.73
C ASN B 58 3.32 -9.07 7.84
N ILE B 59 2.07 -9.29 7.41
CA ILE B 59 1.78 -10.45 6.55
C ILE B 59 2.48 -10.37 5.21
N LYS B 60 2.44 -9.24 4.60
CA LYS B 60 2.97 -9.12 3.27
C LYS B 60 4.48 -9.08 3.28
N LYS B 61 5.09 -8.47 4.31
CA LYS B 61 6.55 -8.46 4.40
C LYS B 61 7.06 -9.88 4.52
N GLN B 62 6.45 -10.66 5.45
CA GLN B 62 6.89 -12.05 5.63
C GLN B 62 6.61 -12.87 4.35
N ASN B 63 5.45 -12.63 3.76
CA ASN B 63 5.00 -13.34 2.57
C ASN B 63 5.90 -12.99 1.40
N ALA B 64 6.23 -11.72 1.30
CA ALA B 64 7.01 -11.22 0.20
C ALA B 64 8.42 -11.73 0.23
N GLU B 65 9.04 -11.64 1.39
CA GLU B 65 10.39 -12.10 1.56
C GLU B 65 10.47 -13.58 1.25
N LYS B 66 9.49 -14.34 1.71
CA LYS B 66 9.49 -15.77 1.45
C LYS B 66 9.15 -16.08 -0.02
N GLN B 67 8.28 -15.28 -0.63
CA GLN B 67 7.91 -15.53 -2.00
C GLN B 67 9.11 -15.33 -2.89
N LEU B 68 9.82 -14.23 -2.70
CA LEU B 68 11.06 -14.04 -3.41
C LEU B 68 12.09 -15.07 -3.05
N LEU B 69 12.12 -15.55 -1.81
CA LEU B 69 13.10 -16.61 -1.44
C LEU B 69 12.96 -17.80 -2.36
N VAL B 70 11.73 -18.28 -2.48
CA VAL B 70 11.47 -19.45 -3.27
C VAL B 70 11.53 -19.13 -4.76
N ALA B 71 11.22 -17.91 -5.10
CA ALA B 71 11.25 -17.50 -6.46
C ALA B 71 12.64 -17.28 -6.96
N LYS B 72 13.42 -16.55 -6.19
CA LYS B 72 14.80 -16.22 -6.50
C LYS B 72 15.55 -17.52 -6.70
N GLU B 73 15.42 -18.41 -5.74
CA GLU B 73 16.07 -19.68 -5.86
C GLU B 73 15.57 -20.50 -7.04
N GLY B 74 14.26 -20.66 -7.12
CA GLY B 74 13.65 -21.44 -8.18
C GLY B 74 13.96 -20.90 -9.56
N ALA B 75 13.93 -19.59 -9.69
CA ALA B 75 14.20 -18.92 -10.94
C ALA B 75 15.60 -19.17 -11.36
N GLU B 76 16.55 -18.92 -10.48
CA GLU B 76 17.94 -19.10 -10.82
C GLU B 76 18.31 -20.56 -11.04
N LYS B 77 17.51 -21.47 -10.50
CA LYS B 77 17.73 -22.88 -10.79
C LYS B 77 17.30 -23.23 -12.20
N ILE B 78 16.24 -22.59 -12.70
CA ILE B 78 15.77 -22.87 -14.05
C ILE B 78 16.44 -21.96 -15.07
N LYS B 79 16.71 -20.77 -14.64
CA LYS B 79 17.34 -19.79 -15.43
C LYS B 79 18.78 -19.75 -15.10
N LYS B 80 19.50 -20.58 -15.71
CA LYS B 80 20.88 -20.67 -15.49
C LYS B 80 21.49 -20.90 -16.83
N LYS B 81 22.62 -20.32 -17.07
CA LYS B 81 23.21 -20.47 -18.37
C LYS B 81 23.96 -21.77 -18.51
N ARG B 82 23.24 -22.74 -19.00
CA ARG B 82 23.74 -24.04 -19.32
C ARG B 82 22.78 -24.58 -20.36
N GLY A 1 -22.38 24.07 11.69
CA GLY A 1 -21.12 24.51 11.10
C GLY A 1 -20.91 23.84 9.78
N SER A 2 -19.74 24.03 9.19
CA SER A 2 -19.45 23.44 7.91
C SER A 2 -19.01 21.99 8.06
N HIS A 3 -19.97 21.11 8.03
CA HIS A 3 -19.72 19.70 8.11
C HIS A 3 -19.57 19.20 6.68
N MET A 4 -18.36 18.98 6.23
CA MET A 4 -18.16 18.61 4.84
C MET A 4 -17.93 17.13 4.62
N ALA A 5 -16.99 16.56 5.33
CA ALA A 5 -16.52 15.22 5.05
C ALA A 5 -17.56 14.13 5.27
N SER A 6 -18.14 13.74 4.19
CA SER A 6 -19.10 12.69 4.12
C SER A 6 -18.88 11.97 2.80
N SER A 7 -18.94 12.72 1.72
CA SER A 7 -18.70 12.18 0.42
C SER A 7 -17.22 11.78 0.30
N ARG A 8 -16.34 12.61 0.90
CA ARG A 8 -14.90 12.38 0.91
C ARG A 8 -14.52 11.00 1.44
N GLN A 9 -15.14 10.58 2.54
CA GLN A 9 -14.78 9.30 3.14
C GLN A 9 -15.17 8.12 2.28
N LYS A 10 -16.10 8.34 1.35
CA LYS A 10 -16.47 7.31 0.43
C LYS A 10 -15.33 7.05 -0.52
N TYR A 11 -14.80 8.12 -1.12
CA TYR A 11 -13.70 8.02 -2.05
C TYR A 11 -12.49 7.44 -1.35
N ALA A 12 -12.28 7.91 -0.13
CA ALA A 12 -11.21 7.44 0.70
C ALA A 12 -11.33 5.93 0.96
N GLU A 13 -12.54 5.47 1.27
CA GLU A 13 -12.78 4.06 1.54
C GLU A 13 -12.55 3.23 0.28
N GLU A 14 -13.09 3.72 -0.84
CA GLU A 14 -12.92 3.07 -2.14
C GLU A 14 -11.45 2.89 -2.44
N GLU A 15 -10.70 3.97 -2.31
CA GLU A 15 -9.29 3.91 -2.57
C GLU A 15 -8.54 3.09 -1.53
N LEU A 16 -8.98 3.11 -0.27
CA LEU A 16 -8.38 2.28 0.82
C LEU A 16 -8.37 0.83 0.37
N GLU A 17 -9.51 0.38 -0.11
CA GLU A 17 -9.60 -0.95 -0.60
C GLU A 17 -8.74 -1.10 -1.84
N GLN A 18 -8.85 -0.18 -2.78
CA GLN A 18 -8.08 -0.24 -4.02
C GLN A 18 -6.56 -0.28 -3.76
N VAL A 19 -6.06 0.59 -2.89
CA VAL A 19 -4.63 0.66 -2.56
C VAL A 19 -4.13 -0.67 -1.99
N ARG A 20 -4.85 -1.19 -0.98
CA ARG A 20 -4.40 -2.41 -0.32
C ARG A 20 -4.53 -3.63 -1.24
N GLU A 21 -5.63 -3.68 -1.98
CA GLU A 21 -5.90 -4.79 -2.85
C GLU A 21 -4.97 -4.77 -4.01
N ALA A 22 -4.61 -3.58 -4.50
CA ALA A 22 -3.68 -3.43 -5.60
C ALA A 22 -2.32 -3.95 -5.22
N LEU A 23 -1.86 -3.60 -4.00
CA LEU A 23 -0.57 -4.07 -3.51
C LEU A 23 -0.59 -5.63 -3.50
N ARG A 24 -1.63 -6.18 -2.89
CA ARG A 24 -1.77 -7.64 -2.79
C ARG A 24 -1.94 -8.27 -4.16
N LYS A 25 -2.69 -7.62 -5.01
CA LYS A 25 -2.89 -8.04 -6.40
C LYS A 25 -1.53 -8.19 -7.12
N ALA A 26 -0.66 -7.25 -6.88
CA ALA A 26 0.66 -7.30 -7.45
C ALA A 26 1.45 -8.48 -6.89
N GLU A 27 1.29 -8.75 -5.60
CA GLU A 27 1.87 -9.95 -4.99
C GLU A 27 1.25 -11.21 -5.62
N LYS A 28 -0.03 -11.10 -5.99
CA LYS A 28 -0.74 -12.19 -6.67
C LYS A 28 -0.09 -12.48 -7.99
N GLU A 29 0.38 -11.44 -8.67
CA GLU A 29 1.18 -11.68 -9.82
C GLU A 29 2.40 -12.41 -9.39
N LEU A 30 3.13 -11.90 -8.40
CA LEU A 30 4.42 -12.50 -8.02
C LEU A 30 4.31 -14.01 -7.76
N GLU A 31 3.30 -14.45 -7.04
CA GLU A 31 3.05 -15.88 -6.90
C GLU A 31 2.70 -16.58 -8.27
N SER A 32 1.84 -15.94 -9.06
CA SER A 32 1.47 -16.48 -10.38
C SER A 32 2.65 -16.32 -11.41
N HIS A 33 3.58 -15.48 -11.05
CA HIS A 33 4.75 -15.12 -11.80
C HIS A 33 5.84 -16.11 -11.40
N SER A 34 5.87 -16.44 -10.11
CA SER A 34 6.77 -17.42 -9.57
C SER A 34 6.31 -18.84 -9.91
N SER A 35 5.08 -18.95 -10.39
CA SER A 35 4.62 -20.19 -10.97
C SER A 35 5.56 -20.59 -12.16
N TRP A 36 6.24 -19.59 -12.74
CA TRP A 36 7.23 -19.81 -13.77
C TRP A 36 8.63 -19.51 -13.19
N TYR A 37 8.66 -18.46 -12.35
CA TYR A 37 9.86 -17.88 -11.71
C TYR A 37 10.68 -17.07 -12.68
N ALA A 38 10.73 -15.80 -12.44
CA ALA A 38 11.52 -14.91 -13.24
C ALA A 38 12.83 -14.72 -12.52
N PRO A 39 13.89 -14.34 -13.23
CA PRO A 39 15.18 -14.08 -12.60
C PRO A 39 15.19 -12.76 -11.73
N GLU A 40 16.26 -11.98 -11.84
CA GLU A 40 16.41 -10.77 -11.07
C GLU A 40 15.27 -9.77 -11.35
N ALA A 41 14.58 -9.96 -12.47
CA ALA A 41 13.38 -9.21 -12.80
C ALA A 41 12.38 -9.31 -11.64
N LEU A 42 12.09 -10.54 -11.23
CA LEU A 42 11.20 -10.85 -10.13
C LEU A 42 11.80 -10.43 -8.82
N GLN A 43 13.09 -10.71 -8.70
CA GLN A 43 13.82 -10.44 -7.47
C GLN A 43 13.78 -8.92 -7.17
N LYS A 44 14.14 -8.12 -8.15
CA LYS A 44 14.10 -6.67 -8.00
C LYS A 44 12.68 -6.19 -7.79
N TRP A 45 11.72 -6.73 -8.54
CA TRP A 45 10.34 -6.30 -8.41
C TRP A 45 9.83 -6.38 -6.96
N LEU A 46 9.92 -7.54 -6.37
CA LEU A 46 9.35 -7.68 -5.08
C LEU A 46 10.22 -7.05 -4.02
N GLN A 47 11.54 -7.10 -4.23
CA GLN A 47 12.47 -6.47 -3.28
C GLN A 47 12.19 -4.96 -3.20
N LEU A 48 11.97 -4.32 -4.35
CA LEU A 48 11.61 -2.91 -4.35
C LEU A 48 10.30 -2.70 -3.65
N THR A 49 9.29 -3.52 -3.98
CA THR A 49 7.98 -3.40 -3.34
C THR A 49 8.11 -3.54 -1.83
N HIS A 50 8.84 -4.55 -1.42
CA HIS A 50 9.09 -4.85 -0.02
C HIS A 50 9.81 -3.69 0.70
N GLU A 51 10.93 -3.22 0.16
CA GLU A 51 11.69 -2.16 0.82
C GLU A 51 10.85 -0.89 0.91
N VAL A 52 10.12 -0.65 -0.14
CA VAL A 52 9.29 0.50 -0.25
C VAL A 52 8.11 0.42 0.70
N GLU A 53 7.41 -0.70 0.72
CA GLU A 53 6.24 -0.80 1.54
C GLU A 53 6.58 -0.77 3.01
N VAL A 54 7.72 -1.31 3.37
CA VAL A 54 8.13 -1.31 4.75
C VAL A 54 8.63 0.08 5.17
N GLN A 55 9.45 0.70 4.34
CA GLN A 55 9.94 2.05 4.61
C GLN A 55 8.74 3.00 4.70
N TYR A 56 7.86 2.87 3.73
CA TYR A 56 6.67 3.65 3.69
C TYR A 56 5.71 3.32 4.77
N TYR A 57 5.64 2.07 5.21
CA TYR A 57 4.78 1.74 6.33
C TYR A 57 5.24 2.53 7.52
N ASN A 58 6.56 2.60 7.74
CA ASN A 58 7.09 3.36 8.87
C ASN A 58 6.70 4.82 8.78
N ILE A 59 6.98 5.45 7.64
CA ILE A 59 6.63 6.87 7.47
C ILE A 59 5.12 7.11 7.51
N LYS A 60 4.36 6.24 6.91
CA LYS A 60 2.92 6.42 6.84
C LYS A 60 2.24 6.06 8.15
N LYS A 61 2.73 5.05 8.85
CA LYS A 61 2.17 4.66 10.14
C LYS A 61 2.39 5.79 11.13
N GLN A 62 3.61 6.32 11.18
CA GLN A 62 3.89 7.42 12.08
C GLN A 62 3.09 8.66 11.66
N ASN A 63 2.96 8.85 10.33
CA ASN A 63 2.18 9.95 9.76
C ASN A 63 0.77 9.83 10.20
N ALA A 64 0.22 8.64 10.01
CA ALA A 64 -1.16 8.38 10.25
C ALA A 64 -1.55 8.58 11.69
N GLU A 65 -0.75 8.01 12.59
CA GLU A 65 -1.02 8.13 13.99
C GLU A 65 -0.97 9.59 14.43
N LYS A 66 0.06 10.31 13.99
CA LYS A 66 0.20 11.72 14.34
C LYS A 66 -0.89 12.58 13.66
N GLN A 67 -1.15 12.29 12.40
CA GLN A 67 -2.09 13.04 11.57
C GLN A 67 -3.48 12.96 12.18
N LEU A 68 -3.95 11.74 12.43
CA LEU A 68 -5.22 11.59 13.11
C LEU A 68 -5.18 12.14 14.49
N LEU A 69 -4.08 12.03 15.22
CA LEU A 69 -4.02 12.55 16.61
C LEU A 69 -4.44 14.02 16.61
N VAL A 70 -3.79 14.78 15.75
CA VAL A 70 -4.02 16.20 15.70
C VAL A 70 -5.37 16.53 15.04
N ALA A 71 -5.78 15.69 14.11
CA ALA A 71 -7.05 15.88 13.45
C ALA A 71 -8.21 15.54 14.34
N LYS A 72 -8.09 14.43 15.02
CA LYS A 72 -9.10 13.90 15.92
C LYS A 72 -9.36 14.92 17.01
N GLU A 73 -8.29 15.38 17.65
CA GLU A 73 -8.42 16.39 18.66
C GLU A 73 -8.95 17.70 18.09
N GLY A 74 -8.39 18.13 16.98
CA GLY A 74 -8.82 19.35 16.33
C GLY A 74 -10.28 19.31 15.94
N ALA A 75 -10.70 18.21 15.36
CA ALA A 75 -12.07 18.04 14.91
C ALA A 75 -13.03 18.07 16.06
N GLU A 76 -12.72 17.38 17.16
CA GLU A 76 -13.63 17.42 18.28
C GLU A 76 -13.57 18.73 19.04
N LYS A 77 -12.51 19.49 18.84
CA LYS A 77 -12.40 20.81 19.41
C LYS A 77 -13.23 21.82 18.58
N ILE A 78 -13.39 21.54 17.30
CA ILE A 78 -14.10 22.47 16.44
C ILE A 78 -15.54 22.07 16.15
N LYS A 79 -15.78 20.80 15.84
CA LYS A 79 -17.10 20.33 15.47
C LYS A 79 -17.97 20.12 16.69
N LYS A 80 -17.37 19.66 17.74
CA LYS A 80 -18.10 19.33 18.93
C LYS A 80 -17.80 20.32 20.03
N LYS A 81 -18.81 20.70 20.77
CA LYS A 81 -18.61 21.55 21.89
C LYS A 81 -18.53 20.71 23.13
N ARG A 82 -17.45 20.87 23.84
CA ARG A 82 -17.24 20.17 25.06
C ARG A 82 -17.77 21.08 26.14
N GLY B 1 15.60 -21.40 -22.94
CA GLY B 1 14.38 -21.80 -22.27
C GLY B 1 13.35 -20.74 -22.38
N SER B 2 12.23 -20.90 -21.73
CA SER B 2 11.20 -19.92 -21.80
C SER B 2 11.52 -18.74 -20.87
N HIS B 3 12.16 -17.73 -21.40
CA HIS B 3 12.48 -16.56 -20.62
C HIS B 3 11.22 -15.75 -20.49
N MET B 4 10.65 -15.86 -19.36
CA MET B 4 9.40 -15.27 -19.06
C MET B 4 9.69 -14.03 -18.27
N ALA B 5 8.73 -13.13 -18.25
CA ALA B 5 8.72 -11.98 -17.39
C ALA B 5 9.73 -10.91 -17.74
N SER B 6 9.31 -10.05 -18.59
CA SER B 6 10.04 -8.90 -18.97
C SER B 6 8.99 -7.80 -19.14
N SER B 7 7.93 -8.13 -19.86
CA SER B 7 6.80 -7.25 -20.01
C SER B 7 6.05 -7.16 -18.67
N ARG B 8 5.98 -8.29 -17.96
CA ARG B 8 5.32 -8.39 -16.65
C ARG B 8 5.88 -7.42 -15.62
N GLN B 9 7.21 -7.31 -15.53
CA GLN B 9 7.81 -6.43 -14.54
C GLN B 9 7.54 -4.96 -14.83
N LYS B 10 7.16 -4.65 -16.05
CA LYS B 10 6.77 -3.31 -16.39
C LYS B 10 5.47 -2.97 -15.69
N TYR B 11 4.48 -3.84 -15.87
CA TYR B 11 3.17 -3.67 -15.27
C TYR B 11 3.30 -3.63 -13.77
N ALA B 12 4.14 -4.52 -13.26
CA ALA B 12 4.42 -4.60 -11.85
C ALA B 12 5.03 -3.29 -11.34
N GLU B 13 5.99 -2.73 -12.07
CA GLU B 13 6.64 -1.49 -11.64
C GLU B 13 5.65 -0.32 -11.66
N GLU B 14 4.86 -0.26 -12.74
CA GLU B 14 3.81 0.75 -12.89
C GLU B 14 2.89 0.70 -11.70
N GLU B 15 2.43 -0.50 -11.37
CA GLU B 15 1.55 -0.67 -10.27
C GLU B 15 2.23 -0.47 -8.94
N LEU B 16 3.52 -0.84 -8.82
CA LEU B 16 4.33 -0.57 -7.61
C LEU B 16 4.22 0.90 -7.25
N GLU B 17 4.45 1.71 -8.24
CA GLU B 17 4.41 3.10 -8.01
C GLU B 17 2.98 3.52 -7.71
N GLN B 18 2.04 3.02 -8.50
CA GLN B 18 0.64 3.36 -8.32
C GLN B 18 0.15 2.98 -6.90
N VAL B 19 0.42 1.75 -6.46
CA VAL B 19 -0.01 1.26 -5.15
C VAL B 19 0.51 2.15 -4.01
N ARG B 20 1.83 2.42 -4.04
CA ARG B 20 2.43 3.19 -2.96
C ARG B 20 1.99 4.67 -3.00
N GLU B 21 1.92 5.22 -4.22
CA GLU B 21 1.58 6.59 -4.39
C GLU B 21 0.12 6.83 -4.12
N ALA B 22 -0.71 5.84 -4.44
CA ALA B 22 -2.14 5.91 -4.15
C ALA B 22 -2.37 5.94 -2.66
N LEU B 23 -1.64 5.09 -1.92
CA LEU B 23 -1.75 5.07 -0.46
C LEU B 23 -1.40 6.50 0.08
N ARG B 24 -0.25 7.01 -0.36
CA ARG B 24 0.21 8.36 0.08
C ARG B 24 -0.77 9.44 -0.37
N LYS B 25 -1.24 9.30 -1.59
CA LYS B 25 -2.26 10.20 -2.15
C LYS B 25 -3.50 10.28 -1.23
N ALA B 26 -3.92 9.15 -0.72
CA ALA B 26 -5.05 9.12 0.17
C ALA B 26 -4.71 9.85 1.48
N GLU B 27 -3.48 9.67 1.96
CA GLU B 27 -2.99 10.44 3.13
C GLU B 27 -2.95 11.93 2.79
N LYS B 28 -2.64 12.23 1.52
CA LYS B 28 -2.65 13.60 1.02
C LYS B 28 -4.02 14.19 1.14
N GLU B 29 -5.06 13.38 0.90
CA GLU B 29 -6.37 13.85 1.20
C GLU B 29 -6.47 14.11 2.65
N LEU B 30 -6.07 13.14 3.49
CA LEU B 30 -6.25 13.30 4.95
C LEU B 30 -5.63 14.60 5.48
N GLU B 31 -4.50 15.00 4.96
CA GLU B 31 -3.94 16.30 5.35
C GLU B 31 -4.77 17.46 4.77
N SER B 32 -5.16 17.35 3.52
CA SER B 32 -6.00 18.36 2.86
C SER B 32 -7.45 18.32 3.43
N HIS B 33 -7.75 17.25 4.10
CA HIS B 33 -9.02 16.93 4.70
C HIS B 33 -9.00 17.47 6.12
N SER B 34 -7.84 17.35 6.75
CA SER B 34 -7.62 17.87 8.08
C SER B 34 -7.41 19.38 8.04
N SER B 35 -7.19 19.92 6.85
CA SER B 35 -7.22 21.37 6.65
C SER B 35 -8.62 21.94 7.06
N TRP B 36 -9.61 21.04 7.14
CA TRP B 36 -10.92 21.38 7.65
C TRP B 36 -11.19 20.61 8.95
N TYR B 37 -10.74 19.35 8.94
CA TYR B 37 -10.90 18.34 10.00
C TYR B 37 -12.28 17.76 10.00
N ALA B 38 -12.35 16.50 9.73
CA ALA B 38 -13.57 15.78 9.80
C ALA B 38 -13.64 15.10 11.12
N PRO B 39 -14.82 14.79 11.62
CA PRO B 39 -14.97 14.04 12.88
C PRO B 39 -14.53 12.55 12.72
N GLU B 40 -15.29 11.64 13.35
CA GLU B 40 -15.00 10.23 13.33
C GLU B 40 -14.90 9.67 11.88
N ALA B 41 -15.44 10.39 10.92
CA ALA B 41 -15.31 10.06 9.52
C ALA B 41 -13.82 9.95 9.16
N LEU B 42 -13.08 10.98 9.53
CA LEU B 42 -11.65 11.06 9.31
C LEU B 42 -10.93 10.09 10.20
N GLN B 43 -11.40 10.04 11.44
CA GLN B 43 -10.78 9.19 12.44
C GLN B 43 -10.84 7.72 11.99
N LYS B 44 -12.02 7.26 11.63
CA LYS B 44 -12.17 5.90 11.14
C LYS B 44 -11.44 5.68 9.83
N TRP B 45 -11.47 6.68 8.93
CA TRP B 45 -10.78 6.53 7.65
C TRP B 45 -9.31 6.17 7.83
N LEU B 46 -8.59 6.99 8.55
CA LEU B 46 -7.20 6.78 8.62
C LEU B 46 -6.86 5.65 9.56
N GLN B 47 -7.65 5.48 10.62
CA GLN B 47 -7.43 4.41 11.57
C GLN B 47 -7.61 3.05 10.88
N LEU B 48 -8.58 2.96 9.98
CA LEU B 48 -8.74 1.75 9.19
C LEU B 48 -7.55 1.56 8.26
N THR B 49 -7.17 2.61 7.55
CA THR B 49 -6.03 2.53 6.63
C THR B 49 -4.77 2.08 7.39
N HIS B 50 -4.53 2.74 8.52
CA HIS B 50 -3.39 2.46 9.40
C HIS B 50 -3.36 1.00 9.87
N GLU B 51 -4.47 0.54 10.44
CA GLU B 51 -4.51 -0.81 10.99
C GLU B 51 -4.34 -1.84 9.88
N VAL B 52 -4.92 -1.53 8.76
CA VAL B 52 -4.85 -2.38 7.61
C VAL B 52 -3.46 -2.39 7.01
N GLU B 53 -2.89 -1.23 6.78
CA GLU B 53 -1.58 -1.16 6.15
C GLU B 53 -0.50 -1.78 7.02
N VAL B 54 -0.63 -1.66 8.33
CA VAL B 54 0.34 -2.22 9.21
C VAL B 54 0.16 -3.75 9.32
N GLN B 55 -1.08 -4.20 9.46
CA GLN B 55 -1.35 -5.64 9.50
C GLN B 55 -0.92 -6.27 8.19
N TYR B 56 -1.28 -5.61 7.11
CA TYR B 56 -0.91 -6.05 5.81
C TYR B 56 0.55 -5.92 5.54
N TYR B 57 1.22 -4.92 6.10
CA TYR B 57 2.66 -4.85 5.93
C TYR B 57 3.27 -6.10 6.53
N ASN B 58 2.79 -6.51 7.72
CA ASN B 58 3.33 -7.72 8.35
C ASN B 58 3.15 -8.94 7.47
N ILE B 59 1.90 -9.15 7.02
CA ILE B 59 1.62 -10.30 6.15
C ILE B 59 2.36 -10.20 4.81
N LYS B 60 2.39 -9.04 4.22
CA LYS B 60 2.99 -8.88 2.92
C LYS B 60 4.52 -8.88 3.00
N LYS B 61 5.09 -8.30 4.05
CA LYS B 61 6.54 -8.30 4.22
C LYS B 61 7.02 -9.74 4.40
N GLN B 62 6.35 -10.49 5.27
CA GLN B 62 6.74 -11.88 5.49
C GLN B 62 6.49 -12.70 4.20
N ASN B 63 5.41 -12.36 3.49
CA ASN B 63 5.05 -13.01 2.24
C ASN B 63 6.11 -12.77 1.23
N ALA B 64 6.48 -11.52 1.08
CA ALA B 64 7.39 -11.09 0.07
C ALA B 64 8.77 -11.66 0.26
N GLU B 65 9.28 -11.57 1.49
CA GLU B 65 10.58 -12.10 1.80
C GLU B 65 10.62 -13.61 1.51
N LYS B 66 9.59 -14.32 1.96
CA LYS B 66 9.54 -15.77 1.72
C LYS B 66 9.30 -16.09 0.22
N GLN B 67 8.42 -15.33 -0.42
CA GLN B 67 8.02 -15.56 -1.81
C GLN B 67 9.22 -15.36 -2.73
N LEU B 68 9.92 -14.25 -2.57
CA LEU B 68 11.15 -14.07 -3.31
C LEU B 68 12.19 -15.06 -2.93
N LEU B 69 12.30 -15.45 -1.67
CA LEU B 69 13.34 -16.43 -1.26
C LEU B 69 13.21 -17.68 -2.12
N VAL B 70 11.99 -18.20 -2.16
CA VAL B 70 11.74 -19.43 -2.87
C VAL B 70 11.79 -19.22 -4.40
N ALA B 71 11.40 -18.03 -4.83
CA ALA B 71 11.42 -17.69 -6.23
C ALA B 71 12.82 -17.46 -6.73
N LYS B 72 13.57 -16.72 -5.98
CA LYS B 72 14.95 -16.36 -6.29
C LYS B 72 15.76 -17.62 -6.44
N GLU B 73 15.70 -18.49 -5.43
CA GLU B 73 16.41 -19.74 -5.50
C GLU B 73 15.87 -20.61 -6.64
N GLY B 74 14.55 -20.69 -6.76
CA GLY B 74 13.92 -21.48 -7.80
C GLY B 74 14.32 -21.01 -9.18
N ALA B 75 14.30 -19.72 -9.40
CA ALA B 75 14.62 -19.11 -10.67
C ALA B 75 16.06 -19.33 -11.04
N GLU B 76 16.98 -19.17 -10.11
CA GLU B 76 18.36 -19.40 -10.46
C GLU B 76 18.67 -20.88 -10.61
N LYS B 77 17.83 -21.72 -10.04
CA LYS B 77 17.95 -23.14 -10.19
C LYS B 77 17.45 -23.56 -11.59
N ILE B 78 16.49 -22.83 -12.12
CA ILE B 78 15.89 -23.18 -13.40
C ILE B 78 16.44 -22.40 -14.59
N LYS B 79 16.60 -21.10 -14.43
CA LYS B 79 17.04 -20.26 -15.52
C LYS B 79 18.53 -20.32 -15.74
N LYS B 80 19.27 -20.57 -14.70
CA LYS B 80 20.71 -20.52 -14.78
C LYS B 80 21.30 -21.87 -14.43
N LYS B 81 22.29 -22.30 -15.17
CA LYS B 81 22.96 -23.50 -14.82
C LYS B 81 24.15 -23.16 -13.97
N ARG B 82 24.16 -23.66 -12.78
CA ARG B 82 25.24 -23.42 -11.88
C ARG B 82 26.36 -24.36 -12.26
N GLY A 1 -11.05 28.04 5.22
CA GLY A 1 -11.95 27.39 4.28
C GLY A 1 -12.50 26.14 4.87
N SER A 2 -13.54 25.60 4.30
CA SER A 2 -14.12 24.38 4.81
C SER A 2 -14.71 23.56 3.68
N HIS A 3 -14.11 22.44 3.42
CA HIS A 3 -14.70 21.52 2.48
C HIS A 3 -15.04 20.29 3.28
N MET A 4 -16.18 19.73 3.05
CA MET A 4 -16.59 18.62 3.85
C MET A 4 -16.59 17.36 3.04
N ALA A 5 -15.95 16.35 3.56
CA ALA A 5 -15.84 15.11 2.88
C ALA A 5 -17.00 14.20 3.22
N SER A 6 -17.67 13.79 2.20
CA SER A 6 -18.72 12.81 2.31
C SER A 6 -18.60 11.93 1.10
N SER A 7 -18.60 12.57 -0.08
CA SER A 7 -18.40 11.88 -1.31
C SER A 7 -16.95 11.40 -1.37
N ARG A 8 -16.04 12.23 -0.84
CA ARG A 8 -14.64 11.87 -0.74
C ARG A 8 -14.41 10.73 0.23
N GLN A 9 -15.37 10.50 1.14
CA GLN A 9 -15.25 9.39 2.08
C GLN A 9 -15.45 8.08 1.36
N LYS A 10 -16.29 8.13 0.32
CA LYS A 10 -16.47 6.99 -0.55
C LYS A 10 -15.18 6.76 -1.30
N TYR A 11 -14.66 7.84 -1.88
CA TYR A 11 -13.40 7.78 -2.60
C TYR A 11 -12.26 7.27 -1.74
N ALA A 12 -12.18 7.75 -0.53
CA ALA A 12 -11.15 7.33 0.42
C ALA A 12 -11.30 5.84 0.73
N GLU A 13 -12.52 5.41 0.97
CA GLU A 13 -12.79 4.01 1.27
C GLU A 13 -12.44 3.12 0.07
N GLU A 14 -12.86 3.57 -1.11
CA GLU A 14 -12.55 2.88 -2.35
C GLU A 14 -11.06 2.82 -2.56
N GLU A 15 -10.37 3.91 -2.21
CA GLU A 15 -8.93 3.95 -2.29
C GLU A 15 -8.32 2.99 -1.32
N LEU A 16 -8.76 3.00 -0.05
CA LEU A 16 -8.23 2.12 1.02
C LEU A 16 -8.25 0.69 0.53
N GLU A 17 -9.36 0.31 0.00
CA GLU A 17 -9.47 -1.00 -0.48
C GLU A 17 -8.61 -1.20 -1.71
N GLN A 18 -8.69 -0.31 -2.69
CA GLN A 18 -7.93 -0.46 -3.92
C GLN A 18 -6.42 -0.46 -3.65
N VAL A 19 -5.95 0.42 -2.79
CA VAL A 19 -4.53 0.51 -2.46
C VAL A 19 -4.02 -0.81 -1.85
N ARG A 20 -4.76 -1.33 -0.84
CA ARG A 20 -4.33 -2.56 -0.18
C ARG A 20 -4.43 -3.76 -1.14
N GLU A 21 -5.55 -3.80 -1.89
CA GLU A 21 -5.79 -4.87 -2.81
C GLU A 21 -4.77 -4.86 -3.89
N ALA A 22 -4.50 -3.68 -4.45
CA ALA A 22 -3.53 -3.52 -5.53
C ALA A 22 -2.15 -4.00 -5.14
N LEU A 23 -1.69 -3.62 -3.92
CA LEU A 23 -0.37 -4.05 -3.45
C LEU A 23 -0.36 -5.61 -3.39
N ARG A 24 -1.36 -6.18 -2.71
CA ARG A 24 -1.43 -7.64 -2.54
C ARG A 24 -1.67 -8.34 -3.87
N LYS A 25 -2.41 -7.69 -4.73
CA LYS A 25 -2.70 -8.19 -6.08
C LYS A 25 -1.41 -8.30 -6.89
N ALA A 26 -0.53 -7.35 -6.71
CA ALA A 26 0.74 -7.38 -7.38
C ALA A 26 1.60 -8.52 -6.81
N GLU A 27 1.49 -8.74 -5.51
CA GLU A 27 2.12 -9.90 -4.85
C GLU A 27 1.49 -11.20 -5.37
N LYS A 28 0.19 -11.13 -5.65
CA LYS A 28 -0.56 -12.25 -6.18
C LYS A 28 -0.06 -12.59 -7.58
N GLU A 29 0.33 -11.56 -8.32
CA GLU A 29 0.97 -11.73 -9.62
C GLU A 29 2.26 -12.46 -9.41
N LEU A 30 3.06 -11.98 -8.46
CA LEU A 30 4.38 -12.53 -8.17
C LEU A 30 4.28 -14.04 -7.92
N GLU A 31 3.33 -14.47 -7.08
CA GLU A 31 3.13 -15.91 -6.84
C GLU A 31 2.58 -16.65 -8.09
N SER A 32 1.60 -16.06 -8.75
CA SER A 32 0.99 -16.65 -9.95
C SER A 32 2.02 -16.79 -11.07
N HIS A 33 3.04 -15.96 -11.01
CA HIS A 33 4.12 -15.99 -11.95
C HIS A 33 5.27 -16.83 -11.42
N SER A 34 5.38 -16.91 -10.09
CA SER A 34 6.41 -17.71 -9.45
C SER A 34 6.13 -19.20 -9.67
N SER A 35 4.92 -19.49 -10.15
CA SER A 35 4.61 -20.84 -10.63
C SER A 35 5.72 -21.29 -11.65
N TRP A 36 6.26 -20.34 -12.39
CA TRP A 36 7.38 -20.56 -13.29
C TRP A 36 8.68 -19.98 -12.72
N TYR A 37 8.59 -18.74 -12.20
CA TYR A 37 9.72 -17.94 -11.59
C TYR A 37 10.46 -17.08 -12.62
N ALA A 38 10.51 -15.80 -12.35
CA ALA A 38 11.26 -14.85 -13.15
C ALA A 38 12.61 -14.62 -12.49
N PRO A 39 13.63 -14.17 -13.24
CA PRO A 39 14.96 -13.88 -12.68
C PRO A 39 15.02 -12.57 -11.82
N GLU A 40 16.12 -11.81 -11.96
CA GLU A 40 16.37 -10.60 -11.18
C GLU A 40 15.23 -9.59 -11.34
N ALA A 41 14.55 -9.65 -12.47
CA ALA A 41 13.37 -8.83 -12.73
C ALA A 41 12.34 -8.99 -11.58
N LEU A 42 12.06 -10.23 -11.22
CA LEU A 42 11.16 -10.56 -10.11
C LEU A 42 11.79 -10.21 -8.80
N GLN A 43 13.07 -10.53 -8.71
CA GLN A 43 13.81 -10.31 -7.48
C GLN A 43 13.82 -8.83 -7.11
N LYS A 44 14.13 -7.99 -8.06
CA LYS A 44 14.16 -6.57 -7.85
C LYS A 44 12.75 -6.01 -7.70
N TRP A 45 11.77 -6.55 -8.45
CA TRP A 45 10.39 -6.09 -8.32
C TRP A 45 9.92 -6.17 -6.88
N LEU A 46 10.00 -7.33 -6.30
CA LEU A 46 9.45 -7.49 -5.01
C LEU A 46 10.35 -6.89 -3.95
N GLN A 47 11.68 -6.95 -4.19
CA GLN A 47 12.65 -6.31 -3.29
C GLN A 47 12.31 -4.84 -3.10
N LEU A 48 12.07 -4.14 -4.21
CA LEU A 48 11.68 -2.75 -4.15
C LEU A 48 10.38 -2.58 -3.44
N THR A 49 9.37 -3.35 -3.84
CA THR A 49 8.04 -3.27 -3.23
C THR A 49 8.12 -3.47 -1.71
N HIS A 50 8.83 -4.52 -1.32
CA HIS A 50 9.05 -4.86 0.08
C HIS A 50 9.72 -3.71 0.83
N GLU A 51 10.82 -3.21 0.31
CA GLU A 51 11.53 -2.14 0.98
C GLU A 51 10.68 -0.87 1.02
N VAL A 52 9.89 -0.68 -0.01
CA VAL A 52 9.01 0.46 -0.11
C VAL A 52 7.91 0.35 0.93
N GLU A 53 7.24 -0.77 0.98
CA GLU A 53 6.13 -0.94 1.89
C GLU A 53 6.58 -0.90 3.34
N VAL A 54 7.76 -1.40 3.62
CA VAL A 54 8.26 -1.39 4.97
C VAL A 54 8.77 0.03 5.37
N GLN A 55 9.56 0.64 4.49
CA GLN A 55 10.05 2.01 4.73
C GLN A 55 8.86 2.94 4.89
N TYR A 56 7.92 2.79 3.99
CA TYR A 56 6.74 3.55 4.04
C TYR A 56 5.86 3.19 5.19
N TYR A 57 5.82 1.92 5.61
CA TYR A 57 4.99 1.60 6.77
C TYR A 57 5.48 2.40 7.95
N ASN A 58 6.80 2.51 8.12
CA ASN A 58 7.31 3.25 9.26
C ASN A 58 6.93 4.74 9.15
N ILE A 59 7.25 5.36 8.00
CA ILE A 59 6.92 6.79 7.80
C ILE A 59 5.43 7.04 7.82
N LYS A 60 4.67 6.19 7.18
CA LYS A 60 3.26 6.42 7.07
C LYS A 60 2.52 6.04 8.34
N LYS A 61 2.99 5.03 9.07
CA LYS A 61 2.36 4.68 10.35
C LYS A 61 2.52 5.83 11.31
N GLN A 62 3.74 6.39 11.38
CA GLN A 62 3.94 7.55 12.24
C GLN A 62 3.15 8.75 11.72
N ASN A 63 3.06 8.84 10.37
CA ASN A 63 2.33 9.91 9.70
C ASN A 63 0.90 9.83 10.09
N ALA A 64 0.35 8.64 9.96
CA ALA A 64 -1.04 8.37 10.16
C ALA A 64 -1.48 8.61 11.58
N GLU A 65 -0.71 8.05 12.52
CA GLU A 65 -1.05 8.21 13.92
C GLU A 65 -0.99 9.69 14.33
N LYS A 66 0.05 10.39 13.87
CA LYS A 66 0.19 11.81 14.18
C LYS A 66 -0.89 12.65 13.46
N GLN A 67 -1.17 12.28 12.21
CA GLN A 67 -2.11 12.98 11.34
C GLN A 67 -3.50 12.94 11.97
N LEU A 68 -3.98 11.73 12.24
CA LEU A 68 -5.24 11.60 12.93
C LEU A 68 -5.21 12.15 14.31
N LEU A 69 -4.09 12.11 15.00
CA LEU A 69 -4.04 12.64 16.37
C LEU A 69 -4.45 14.12 16.36
N VAL A 70 -3.79 14.89 15.49
CA VAL A 70 -4.06 16.31 15.40
C VAL A 70 -5.44 16.55 14.80
N ALA A 71 -5.84 15.67 13.91
CA ALA A 71 -7.12 15.75 13.27
C ALA A 71 -8.25 15.44 14.21
N LYS A 72 -8.10 14.36 14.95
CA LYS A 72 -9.10 13.89 15.89
C LYS A 72 -9.38 14.96 16.91
N GLU A 73 -8.31 15.51 17.50
CA GLU A 73 -8.49 16.54 18.50
C GLU A 73 -9.11 17.79 17.86
N GLY A 74 -8.52 18.24 16.76
CA GLY A 74 -9.00 19.43 16.09
C GLY A 74 -10.45 19.31 15.65
N ALA A 75 -10.81 18.15 15.14
CA ALA A 75 -12.15 17.91 14.67
C ALA A 75 -13.16 17.95 15.78
N GLU A 76 -12.91 17.24 16.87
CA GLU A 76 -13.89 17.28 17.92
C GLU A 76 -13.86 18.59 18.72
N LYS A 77 -12.84 19.39 18.53
CA LYS A 77 -12.82 20.74 19.07
C LYS A 77 -13.61 21.72 18.18
N ILE A 78 -13.84 21.35 16.92
CA ILE A 78 -14.61 22.21 16.04
C ILE A 78 -16.04 21.73 15.83
N LYS A 79 -16.20 20.44 15.78
CA LYS A 79 -17.46 19.83 15.43
C LYS A 79 -18.22 19.24 16.61
N LYS A 80 -17.63 19.31 17.75
CA LYS A 80 -18.25 18.80 18.95
C LYS A 80 -18.18 19.88 20.02
N LYS A 81 -18.11 21.10 19.56
CA LYS A 81 -18.01 22.25 20.41
C LYS A 81 -18.92 23.33 19.86
N ARG A 82 -20.09 23.43 20.42
CA ARG A 82 -21.04 24.44 20.03
C ARG A 82 -21.65 25.06 21.26
N GLY B 1 3.88 -24.94 -16.87
CA GLY B 1 3.61 -23.91 -17.84
C GLY B 1 4.62 -22.80 -17.70
N SER B 2 4.68 -21.93 -18.66
CA SER B 2 5.62 -20.86 -18.60
C SER B 2 5.07 -19.62 -19.29
N HIS B 3 5.01 -18.55 -18.57
CA HIS B 3 4.67 -17.26 -19.13
C HIS B 3 5.77 -16.32 -18.67
N MET B 4 6.31 -15.55 -19.54
CA MET B 4 7.38 -14.69 -19.14
C MET B 4 6.89 -13.28 -18.99
N ALA B 5 7.23 -12.67 -17.89
CA ALA B 5 6.83 -11.33 -17.61
C ALA B 5 7.88 -10.36 -18.09
N SER B 6 7.50 -9.52 -18.98
CA SER B 6 8.33 -8.47 -19.46
C SER B 6 7.43 -7.25 -19.58
N SER B 7 6.32 -7.43 -20.27
CA SER B 7 5.30 -6.41 -20.35
C SER B 7 4.68 -6.25 -18.96
N ARG B 8 4.51 -7.38 -18.25
CA ARG B 8 3.99 -7.34 -16.90
C ARG B 8 4.96 -6.72 -15.92
N GLN B 9 6.24 -6.62 -16.30
CA GLN B 9 7.21 -5.97 -15.45
C GLN B 9 6.97 -4.48 -15.44
N LYS B 10 6.50 -3.97 -16.58
CA LYS B 10 6.08 -2.60 -16.68
C LYS B 10 4.90 -2.40 -15.78
N TYR B 11 3.91 -3.28 -15.93
CA TYR B 11 2.70 -3.25 -15.09
C TYR B 11 3.05 -3.30 -13.63
N ALA B 12 3.92 -4.23 -13.25
CA ALA B 12 4.36 -4.37 -11.87
C ALA B 12 4.99 -3.08 -11.35
N GLU B 13 5.82 -2.46 -12.17
CA GLU B 13 6.49 -1.21 -11.82
C GLU B 13 5.46 -0.08 -11.67
N GLU B 14 4.54 -0.02 -12.63
CA GLU B 14 3.46 0.94 -12.62
C GLU B 14 2.60 0.74 -11.39
N GLU B 15 2.30 -0.52 -11.10
CA GLU B 15 1.54 -0.88 -9.92
C GLU B 15 2.28 -0.48 -8.68
N LEU B 16 3.57 -0.82 -8.57
CA LEU B 16 4.41 -0.46 -7.41
C LEU B 16 4.28 1.00 -7.09
N GLU B 17 4.45 1.77 -8.11
CA GLU B 17 4.40 3.14 -7.93
C GLU B 17 2.99 3.58 -7.56
N GLN B 18 2.01 3.14 -8.33
CA GLN B 18 0.62 3.52 -8.09
C GLN B 18 0.15 3.10 -6.70
N VAL B 19 0.43 1.87 -6.30
CA VAL B 19 0.01 1.34 -5.00
C VAL B 19 0.56 2.21 -3.86
N ARG B 20 1.86 2.51 -3.91
CA ARG B 20 2.48 3.28 -2.84
C ARG B 20 1.99 4.74 -2.88
N GLU B 21 1.90 5.30 -4.10
CA GLU B 21 1.48 6.65 -4.27
C GLU B 21 0.05 6.81 -3.86
N ALA B 22 -0.78 5.86 -4.24
CA ALA B 22 -2.20 5.88 -3.93
C ALA B 22 -2.43 5.87 -2.44
N LEU B 23 -1.70 5.02 -1.71
CA LEU B 23 -1.85 4.97 -0.25
C LEU B 23 -1.47 6.37 0.35
N ARG B 24 -0.28 6.87 -0.04
CA ARG B 24 0.22 8.16 0.47
C ARG B 24 -0.67 9.31 0.01
N LYS B 25 -1.15 9.20 -1.21
CA LYS B 25 -2.07 10.19 -1.80
C LYS B 25 -3.36 10.28 -0.99
N ALA B 26 -3.83 9.16 -0.52
CA ALA B 26 -5.02 9.13 0.31
C ALA B 26 -4.71 9.80 1.66
N GLU B 27 -3.51 9.56 2.18
CA GLU B 27 -3.04 10.26 3.38
C GLU B 27 -2.90 11.77 3.10
N LYS B 28 -2.54 12.08 1.86
CA LYS B 28 -2.37 13.45 1.40
C LYS B 28 -3.74 14.14 1.41
N GLU B 29 -4.76 13.38 1.03
CA GLU B 29 -6.13 13.84 1.12
C GLU B 29 -6.44 14.15 2.56
N LEU B 30 -6.09 13.22 3.45
CA LEU B 30 -6.37 13.35 4.87
C LEU B 30 -5.79 14.66 5.42
N GLU B 31 -4.56 14.99 5.08
CA GLU B 31 -3.96 16.24 5.56
C GLU B 31 -4.58 17.48 4.87
N SER B 32 -4.77 17.36 3.58
CA SER B 32 -5.33 18.42 2.77
C SER B 32 -6.76 18.73 3.24
N HIS B 33 -7.40 17.73 3.81
CA HIS B 33 -8.73 17.86 4.35
C HIS B 33 -8.66 18.19 5.84
N SER B 34 -7.59 17.77 6.51
CA SER B 34 -7.39 18.08 7.90
C SER B 34 -7.15 19.57 8.09
N SER B 35 -6.90 20.26 6.98
CA SER B 35 -6.88 21.72 6.98
C SER B 35 -8.15 22.27 7.70
N TRP B 36 -9.27 21.56 7.52
CA TRP B 36 -10.49 21.83 8.21
C TRP B 36 -10.75 20.82 9.34
N TYR B 37 -10.51 19.53 9.04
CA TYR B 37 -10.71 18.36 9.95
C TYR B 37 -12.13 17.78 9.88
N ALA B 38 -12.22 16.51 9.57
CA ALA B 38 -13.48 15.77 9.56
C ALA B 38 -13.61 15.04 10.88
N PRO B 39 -14.82 14.63 11.29
CA PRO B 39 -15.03 13.91 12.58
C PRO B 39 -14.57 12.41 12.50
N GLU B 40 -15.35 11.53 13.16
CA GLU B 40 -15.07 10.11 13.24
C GLU B 40 -14.95 9.48 11.84
N ALA B 41 -15.52 10.12 10.85
CA ALA B 41 -15.39 9.72 9.45
C ALA B 41 -13.89 9.67 9.07
N LEU B 42 -13.17 10.72 9.42
CA LEU B 42 -11.74 10.83 9.19
C LEU B 42 -10.99 9.92 10.10
N GLN B 43 -11.44 9.90 11.34
CA GLN B 43 -10.82 9.11 12.38
C GLN B 43 -10.84 7.63 12.00
N LYS B 44 -11.98 7.14 11.61
CA LYS B 44 -12.13 5.75 11.19
C LYS B 44 -11.42 5.50 9.88
N TRP B 45 -11.48 6.46 8.94
CA TRP B 45 -10.81 6.31 7.65
C TRP B 45 -9.33 5.95 7.84
N LEU B 46 -8.62 6.78 8.55
CA LEU B 46 -7.24 6.57 8.65
C LEU B 46 -6.92 5.46 9.63
N GLN B 47 -7.76 5.33 10.68
CA GLN B 47 -7.62 4.24 11.65
C GLN B 47 -7.61 2.89 10.94
N LEU B 48 -8.55 2.70 10.04
CA LEU B 48 -8.64 1.50 9.26
C LEU B 48 -7.45 1.37 8.34
N THR B 49 -7.13 2.43 7.60
CA THR B 49 -5.99 2.40 6.66
C THR B 49 -4.70 2.02 7.40
N HIS B 50 -4.47 2.68 8.52
CA HIS B 50 -3.32 2.44 9.39
C HIS B 50 -3.27 0.99 9.85
N GLU B 51 -4.36 0.50 10.39
CA GLU B 51 -4.38 -0.85 10.91
C GLU B 51 -4.20 -1.86 9.78
N VAL B 52 -4.75 -1.54 8.64
CA VAL B 52 -4.64 -2.37 7.46
C VAL B 52 -3.21 -2.39 6.97
N GLU B 53 -2.61 -1.24 6.78
CA GLU B 53 -1.26 -1.16 6.25
C GLU B 53 -0.25 -1.79 7.18
N VAL B 54 -0.46 -1.67 8.48
CA VAL B 54 0.47 -2.25 9.44
C VAL B 54 0.28 -3.78 9.55
N GLN B 55 -0.96 -4.22 9.67
CA GLN B 55 -1.25 -5.65 9.72
C GLN B 55 -0.77 -6.31 8.42
N TYR B 56 -1.08 -5.66 7.32
CA TYR B 56 -0.64 -6.12 6.06
C TYR B 56 0.84 -6.01 5.88
N TYR B 57 1.49 -4.99 6.44
CA TYR B 57 2.95 -4.92 6.30
C TYR B 57 3.55 -6.17 6.91
N ASN B 58 3.03 -6.59 8.07
CA ASN B 58 3.60 -7.78 8.70
C ASN B 58 3.37 -9.03 7.81
N ILE B 59 2.11 -9.25 7.40
CA ILE B 59 1.80 -10.41 6.55
C ILE B 59 2.49 -10.35 5.20
N LYS B 60 2.49 -9.20 4.59
CA LYS B 60 3.03 -9.07 3.28
C LYS B 60 4.55 -9.02 3.29
N LYS B 61 5.16 -8.43 4.33
CA LYS B 61 6.62 -8.42 4.42
C LYS B 61 7.11 -9.86 4.54
N GLN B 62 6.43 -10.65 5.40
CA GLN B 62 6.81 -12.05 5.52
C GLN B 62 6.51 -12.80 4.22
N ASN B 63 5.37 -12.46 3.59
CA ASN B 63 4.95 -13.06 2.32
C ASN B 63 5.98 -12.81 1.27
N ALA B 64 6.36 -11.57 1.16
CA ALA B 64 7.24 -11.11 0.12
C ALA B 64 8.63 -11.68 0.26
N GLU B 65 9.17 -11.67 1.47
CA GLU B 65 10.50 -12.21 1.69
C GLU B 65 10.51 -13.71 1.39
N LYS B 66 9.48 -14.41 1.82
CA LYS B 66 9.38 -15.84 1.57
C LYS B 66 9.14 -16.11 0.07
N GLN B 67 8.28 -15.29 -0.51
CA GLN B 67 7.88 -15.38 -1.91
C GLN B 67 9.10 -15.24 -2.80
N LEU B 68 9.82 -14.15 -2.67
CA LEU B 68 11.05 -13.98 -3.40
C LEU B 68 12.07 -14.98 -3.04
N LEU B 69 12.14 -15.44 -1.81
CA LEU B 69 13.17 -16.41 -1.43
C LEU B 69 13.03 -17.67 -2.32
N VAL B 70 11.81 -18.20 -2.37
CA VAL B 70 11.53 -19.40 -3.13
C VAL B 70 11.66 -19.11 -4.62
N ALA B 71 11.30 -17.89 -5.00
CA ALA B 71 11.36 -17.48 -6.37
C ALA B 71 12.78 -17.25 -6.84
N LYS B 72 13.54 -16.59 -6.03
CA LYS B 72 14.92 -16.24 -6.31
C LYS B 72 15.71 -17.51 -6.55
N GLU B 73 15.61 -18.44 -5.60
CA GLU B 73 16.33 -19.70 -5.72
C GLU B 73 15.83 -20.47 -6.93
N GLY B 74 14.52 -20.63 -7.03
CA GLY B 74 13.93 -21.38 -8.12
C GLY B 74 14.28 -20.81 -9.48
N ALA B 75 14.26 -19.51 -9.59
CA ALA B 75 14.56 -18.82 -10.83
C ALA B 75 15.97 -19.03 -11.24
N GLU B 76 16.94 -18.81 -10.36
CA GLU B 76 18.30 -19.02 -10.79
C GLU B 76 18.67 -20.50 -10.89
N LYS B 77 17.82 -21.38 -10.38
CA LYS B 77 17.96 -22.81 -10.62
C LYS B 77 17.37 -23.22 -11.98
N ILE B 78 16.47 -22.41 -12.52
CA ILE B 78 15.90 -22.74 -13.83
C ILE B 78 16.51 -21.94 -14.97
N LYS B 79 16.82 -20.72 -14.69
CA LYS B 79 17.24 -19.78 -15.70
C LYS B 79 18.71 -19.50 -15.69
N LYS B 80 19.39 -20.09 -14.80
CA LYS B 80 20.81 -19.91 -14.71
C LYS B 80 21.46 -21.28 -14.68
N LYS B 81 20.68 -22.26 -15.04
CA LYS B 81 21.12 -23.62 -15.05
C LYS B 81 20.93 -24.18 -16.43
N ARG B 82 21.96 -24.15 -17.20
CA ARG B 82 21.95 -24.71 -18.51
C ARG B 82 23.21 -25.52 -18.68
N GLY A 1 -19.32 27.67 1.59
CA GLY A 1 -19.19 26.23 1.46
C GLY A 1 -18.43 25.65 2.63
N SER A 2 -18.44 24.36 2.73
CA SER A 2 -17.74 23.65 3.79
C SER A 2 -17.16 22.38 3.21
N HIS A 3 -16.19 21.81 3.88
CA HIS A 3 -15.62 20.55 3.42
C HIS A 3 -16.35 19.44 4.12
N MET A 4 -17.38 18.95 3.48
CA MET A 4 -18.26 17.97 4.03
C MET A 4 -17.62 16.60 3.99
N ALA A 5 -17.70 15.92 5.11
CA ALA A 5 -17.15 14.58 5.29
C ALA A 5 -18.08 13.53 4.75
N SER A 6 -18.45 13.70 3.55
CA SER A 6 -19.37 12.80 2.98
C SER A 6 -18.80 12.23 1.69
N SER A 7 -18.51 13.10 0.73
CA SER A 7 -17.84 12.73 -0.51
C SER A 7 -16.50 12.08 -0.18
N ARG A 8 -15.85 12.65 0.83
CA ARG A 8 -14.56 12.18 1.27
C ARG A 8 -14.61 10.75 1.78
N GLN A 9 -15.74 10.34 2.38
CA GLN A 9 -15.86 8.97 2.88
C GLN A 9 -15.91 7.97 1.74
N LYS A 10 -16.54 8.40 0.63
CA LYS A 10 -16.59 7.59 -0.56
C LYS A 10 -15.18 7.35 -1.08
N TYR A 11 -14.48 8.44 -1.36
CA TYR A 11 -13.13 8.38 -1.87
C TYR A 11 -12.18 7.67 -0.93
N ALA A 12 -12.29 7.95 0.36
CA ALA A 12 -11.46 7.31 1.37
C ALA A 12 -11.61 5.80 1.31
N GLU A 13 -12.86 5.34 1.29
CA GLU A 13 -13.14 3.92 1.23
C GLU A 13 -12.65 3.33 -0.10
N GLU A 14 -13.01 4.00 -1.19
CA GLU A 14 -12.62 3.59 -2.53
C GLU A 14 -11.13 3.42 -2.67
N GLU A 15 -10.40 4.42 -2.22
CA GLU A 15 -8.97 4.40 -2.32
C GLU A 15 -8.38 3.35 -1.40
N LEU A 16 -8.86 3.29 -0.14
CA LEU A 16 -8.36 2.31 0.87
C LEU A 16 -8.40 0.91 0.28
N GLU A 17 -9.52 0.58 -0.28
CA GLU A 17 -9.68 -0.72 -0.85
C GLU A 17 -8.80 -0.89 -2.07
N GLN A 18 -8.85 0.07 -2.98
CA GLN A 18 -8.05 0.00 -4.20
C GLN A 18 -6.56 -0.13 -3.89
N VAL A 19 -6.05 0.70 -2.98
CA VAL A 19 -4.64 0.70 -2.62
C VAL A 19 -4.20 -0.67 -2.04
N ARG A 20 -4.96 -1.19 -1.06
CA ARG A 20 -4.57 -2.44 -0.42
C ARG A 20 -4.72 -3.63 -1.36
N GLU A 21 -5.85 -3.68 -2.08
CA GLU A 21 -6.13 -4.76 -3.00
C GLU A 21 -5.04 -4.79 -4.05
N ALA A 22 -4.75 -3.61 -4.61
CA ALA A 22 -3.76 -3.47 -5.67
C ALA A 22 -2.37 -3.97 -5.26
N LEU A 23 -1.92 -3.59 -4.05
CA LEU A 23 -0.60 -4.04 -3.57
C LEU A 23 -0.61 -5.60 -3.49
N ARG A 24 -1.62 -6.15 -2.82
CA ARG A 24 -1.69 -7.61 -2.64
C ARG A 24 -1.94 -8.31 -3.96
N LYS A 25 -2.65 -7.65 -4.84
CA LYS A 25 -2.95 -8.16 -6.16
C LYS A 25 -1.67 -8.36 -6.95
N ALA A 26 -0.78 -7.40 -6.82
CA ALA A 26 0.51 -7.46 -7.46
C ALA A 26 1.33 -8.62 -6.85
N GLU A 27 1.26 -8.78 -5.53
CA GLU A 27 1.89 -9.92 -4.84
C GLU A 27 1.25 -11.24 -5.30
N LYS A 28 -0.05 -11.20 -5.53
CA LYS A 28 -0.80 -12.34 -6.02
C LYS A 28 -0.30 -12.75 -7.38
N GLU A 29 0.05 -11.77 -8.20
CA GLU A 29 0.65 -12.07 -9.45
C GLU A 29 2.01 -12.68 -9.25
N LEU A 30 2.77 -12.15 -8.28
CA LEU A 30 4.09 -12.68 -8.00
C LEU A 30 4.02 -14.17 -7.73
N GLU A 31 3.18 -14.60 -6.79
CA GLU A 31 3.02 -16.03 -6.50
C GLU A 31 2.50 -16.82 -7.75
N SER A 32 1.53 -16.26 -8.44
CA SER A 32 0.97 -16.88 -9.65
C SER A 32 2.05 -16.98 -10.76
N HIS A 33 3.03 -16.12 -10.69
CA HIS A 33 4.08 -16.08 -11.65
C HIS A 33 5.30 -16.83 -11.12
N SER A 34 5.41 -16.96 -9.80
CA SER A 34 6.48 -17.70 -9.19
C SER A 34 6.22 -19.19 -9.36
N SER A 35 5.00 -19.53 -9.74
CA SER A 35 4.72 -20.88 -10.22
C SER A 35 5.71 -21.24 -11.38
N TRP A 36 6.12 -20.21 -12.13
CA TRP A 36 7.07 -20.36 -13.21
C TRP A 36 8.46 -19.88 -12.73
N TYR A 37 8.45 -18.75 -12.00
CA TYR A 37 9.64 -18.04 -11.42
C TYR A 37 10.35 -17.19 -12.44
N ALA A 38 10.35 -15.90 -12.20
CA ALA A 38 11.05 -14.96 -13.04
C ALA A 38 12.41 -14.68 -12.43
N PRO A 39 13.40 -14.29 -13.22
CA PRO A 39 14.75 -13.93 -12.71
C PRO A 39 14.77 -12.58 -11.87
N GLU A 40 15.82 -11.75 -12.08
CA GLU A 40 16.01 -10.49 -11.35
C GLU A 40 14.78 -9.58 -11.45
N ALA A 41 14.01 -9.75 -12.53
CA ALA A 41 12.76 -9.03 -12.74
C ALA A 41 11.85 -9.19 -11.51
N LEU A 42 11.64 -10.43 -11.12
CA LEU A 42 10.83 -10.79 -9.98
C LEU A 42 11.50 -10.37 -8.70
N GLN A 43 12.79 -10.63 -8.65
CA GLN A 43 13.57 -10.34 -7.47
C GLN A 43 13.51 -8.85 -7.15
N LYS A 44 13.81 -8.02 -8.14
CA LYS A 44 13.75 -6.58 -7.98
C LYS A 44 12.34 -6.11 -7.72
N TRP A 45 11.36 -6.73 -8.38
CA TRP A 45 9.96 -6.35 -8.17
C TRP A 45 9.60 -6.37 -6.71
N LEU A 46 9.78 -7.47 -6.07
CA LEU A 46 9.41 -7.53 -4.71
C LEU A 46 10.39 -6.86 -3.80
N GLN A 47 11.67 -6.93 -4.15
CA GLN A 47 12.74 -6.28 -3.37
C GLN A 47 12.40 -4.81 -3.18
N LEU A 48 12.04 -4.17 -4.29
CA LEU A 48 11.68 -2.79 -4.28
C LEU A 48 10.40 -2.57 -3.51
N THR A 49 9.35 -3.30 -3.89
CA THR A 49 8.03 -3.14 -3.24
C THR A 49 8.13 -3.36 -1.73
N HIS A 50 8.84 -4.41 -1.34
CA HIS A 50 9.07 -4.75 0.06
C HIS A 50 9.77 -3.60 0.80
N GLU A 51 10.89 -3.13 0.25
CA GLU A 51 11.64 -2.09 0.92
C GLU A 51 10.81 -0.80 0.98
N VAL A 52 10.00 -0.61 -0.06
CA VAL A 52 9.13 0.54 -0.16
C VAL A 52 7.99 0.45 0.84
N GLU A 53 7.29 -0.66 0.87
CA GLU A 53 6.15 -0.80 1.75
C GLU A 53 6.56 -0.77 3.21
N VAL A 54 7.72 -1.30 3.52
CA VAL A 54 8.18 -1.31 4.88
C VAL A 54 8.69 0.10 5.29
N GLN A 55 9.45 0.74 4.39
CA GLN A 55 9.93 2.11 4.66
C GLN A 55 8.71 3.02 4.83
N TYR A 56 7.78 2.90 3.91
CA TYR A 56 6.59 3.65 3.95
C TYR A 56 5.71 3.28 5.09
N TYR A 57 5.67 2.01 5.50
CA TYR A 57 4.87 1.68 6.66
C TYR A 57 5.38 2.46 7.84
N ASN A 58 6.70 2.56 7.99
CA ASN A 58 7.24 3.31 9.12
C ASN A 58 6.83 4.78 9.05
N ILE A 59 7.10 5.41 7.90
CA ILE A 59 6.76 6.83 7.73
C ILE A 59 5.26 7.08 7.75
N LYS A 60 4.51 6.26 7.10
CA LYS A 60 3.10 6.47 7.00
C LYS A 60 2.37 6.06 8.26
N LYS A 61 2.86 5.04 8.98
CA LYS A 61 2.25 4.65 10.25
C LYS A 61 2.41 5.80 11.22
N GLN A 62 3.63 6.37 11.29
CA GLN A 62 3.84 7.51 12.17
C GLN A 62 3.03 8.72 11.67
N ASN A 63 2.97 8.88 10.35
CA ASN A 63 2.22 9.96 9.71
C ASN A 63 0.77 9.87 10.08
N ALA A 64 0.23 8.67 9.93
CA ALA A 64 -1.17 8.44 10.12
C ALA A 64 -1.58 8.61 11.56
N GLU A 65 -0.81 8.00 12.47
CA GLU A 65 -1.11 8.08 13.88
C GLU A 65 -1.02 9.52 14.38
N LYS A 66 0.00 10.23 13.94
CA LYS A 66 0.23 11.60 14.38
C LYS A 66 -0.83 12.54 13.71
N GLN A 67 -1.08 12.33 12.41
CA GLN A 67 -1.99 13.19 11.66
C GLN A 67 -3.39 13.03 12.21
N LEU A 68 -3.83 11.79 12.38
CA LEU A 68 -5.10 11.56 13.02
C LEU A 68 -5.12 12.04 14.43
N LEU A 69 -4.01 11.95 15.15
CA LEU A 69 -3.99 12.41 16.55
C LEU A 69 -4.43 13.88 16.60
N VAL A 70 -3.77 14.69 15.78
CA VAL A 70 -4.04 16.11 15.76
C VAL A 70 -5.40 16.41 15.14
N ALA A 71 -5.81 15.58 14.21
CA ALA A 71 -7.07 15.72 13.55
C ALA A 71 -8.21 15.30 14.43
N LYS A 72 -8.03 14.20 15.11
CA LYS A 72 -9.02 13.62 16.00
C LYS A 72 -9.36 14.65 17.06
N GLU A 73 -8.33 15.13 17.74
CA GLU A 73 -8.54 16.13 18.75
C GLU A 73 -9.09 17.41 18.15
N GLY A 74 -8.41 17.91 17.13
CA GLY A 74 -8.82 19.15 16.48
C GLY A 74 -10.26 19.12 16.01
N ALA A 75 -10.62 18.05 15.33
CA ALA A 75 -11.96 17.89 14.78
C ALA A 75 -12.99 17.80 15.86
N GLU A 76 -12.77 16.97 16.87
CA GLU A 76 -13.78 16.84 17.89
C GLU A 76 -13.87 18.03 18.82
N LYS A 77 -12.87 18.88 18.79
CA LYS A 77 -12.98 20.14 19.48
C LYS A 77 -13.74 21.16 18.65
N ILE A 78 -13.41 21.27 17.37
CA ILE A 78 -14.05 22.26 16.51
C ILE A 78 -15.47 21.84 16.10
N LYS A 79 -15.65 20.58 15.77
CA LYS A 79 -16.93 20.07 15.38
C LYS A 79 -17.78 19.86 16.60
N LYS A 80 -18.86 20.56 16.66
CA LYS A 80 -19.76 20.44 17.75
C LYS A 80 -21.12 20.10 17.21
N LYS A 81 -21.80 19.18 17.84
CA LYS A 81 -23.12 18.78 17.41
C LYS A 81 -24.09 19.93 17.61
N ARG A 82 -24.48 20.53 16.52
CA ARG A 82 -25.45 21.57 16.55
C ARG A 82 -26.68 21.01 15.91
N GLY B 1 4.93 -21.60 -25.57
CA GLY B 1 5.18 -20.26 -25.06
C GLY B 1 5.92 -20.32 -23.76
N SER B 2 6.08 -19.21 -23.12
CA SER B 2 6.73 -19.11 -21.84
C SER B 2 6.22 -17.87 -21.13
N HIS B 3 6.42 -17.77 -19.84
CA HIS B 3 6.01 -16.59 -19.10
C HIS B 3 7.19 -15.67 -19.05
N MET B 4 7.25 -14.75 -20.00
CA MET B 4 8.39 -13.90 -20.14
C MET B 4 8.34 -12.71 -19.19
N ALA B 5 9.48 -12.44 -18.61
CA ALA B 5 9.68 -11.39 -17.63
C ALA B 5 9.89 -10.06 -18.27
N SER B 6 9.00 -9.73 -19.11
CA SER B 6 9.13 -8.54 -19.83
C SER B 6 7.88 -7.68 -19.65
N SER B 7 6.74 -8.20 -20.08
CA SER B 7 5.45 -7.57 -19.88
C SER B 7 5.21 -7.41 -18.38
N ARG B 8 5.65 -8.42 -17.63
CA ARG B 8 5.49 -8.44 -16.20
C ARG B 8 6.24 -7.31 -15.53
N GLN B 9 7.38 -6.91 -16.08
CA GLN B 9 8.17 -5.82 -15.49
C GLN B 9 7.43 -4.51 -15.63
N LYS B 10 6.71 -4.35 -16.74
CA LYS B 10 5.91 -3.17 -16.97
C LYS B 10 4.86 -3.07 -15.89
N TYR B 11 4.05 -4.11 -15.78
CA TYR B 11 2.97 -4.14 -14.81
C TYR B 11 3.47 -4.04 -13.39
N ALA B 12 4.55 -4.72 -13.09
CA ALA B 12 5.14 -4.68 -11.76
C ALA B 12 5.49 -3.25 -11.38
N GLU B 13 6.17 -2.56 -12.28
CA GLU B 13 6.59 -1.19 -12.04
C GLU B 13 5.37 -0.24 -11.96
N GLU B 14 4.47 -0.38 -12.93
CA GLU B 14 3.27 0.46 -13.00
C GLU B 14 2.40 0.29 -11.76
N GLU B 15 2.24 -0.94 -11.32
CA GLU B 15 1.44 -1.19 -10.15
C GLU B 15 2.14 -0.72 -8.90
N LEU B 16 3.45 -1.01 -8.78
CA LEU B 16 4.28 -0.59 -7.60
C LEU B 16 4.08 0.89 -7.36
N GLU B 17 4.22 1.65 -8.42
CA GLU B 17 4.06 3.06 -8.31
C GLU B 17 2.63 3.43 -7.98
N GLN B 18 1.67 2.91 -8.74
CA GLN B 18 0.28 3.22 -8.51
C GLN B 18 -0.15 2.90 -7.06
N VAL B 19 0.22 1.74 -6.58
CA VAL B 19 -0.14 1.30 -5.24
C VAL B 19 0.45 2.24 -4.14
N ARG B 20 1.75 2.52 -4.21
CA ARG B 20 2.38 3.34 -3.18
C ARG B 20 1.94 4.79 -3.27
N GLU B 21 1.86 5.32 -4.51
CA GLU B 21 1.46 6.68 -4.72
C GLU B 21 0.05 6.86 -4.20
N ALA B 22 -0.83 5.92 -4.57
CA ALA B 22 -2.25 5.97 -4.18
C ALA B 22 -2.42 5.98 -2.67
N LEU B 23 -1.67 5.13 -1.96
CA LEU B 23 -1.79 5.09 -0.50
C LEU B 23 -1.39 6.49 0.09
N ARG B 24 -0.21 6.98 -0.32
CA ARG B 24 0.28 8.28 0.18
C ARG B 24 -0.60 9.43 -0.29
N LYS B 25 -1.15 9.27 -1.47
CA LYS B 25 -2.04 10.24 -2.08
C LYS B 25 -3.28 10.42 -1.23
N ALA B 26 -3.81 9.31 -0.77
CA ALA B 26 -4.98 9.31 0.10
C ALA B 26 -4.62 10.00 1.43
N GLU B 27 -3.42 9.69 1.94
CA GLU B 27 -2.91 10.36 3.14
C GLU B 27 -2.70 11.85 2.89
N LYS B 28 -2.31 12.18 1.67
CA LYS B 28 -2.12 13.55 1.25
C LYS B 28 -3.45 14.28 1.32
N GLU B 29 -4.53 13.60 0.94
CA GLU B 29 -5.83 14.19 1.11
C GLU B 29 -6.13 14.37 2.57
N LEU B 30 -5.78 13.38 3.39
CA LEU B 30 -6.05 13.48 4.83
C LEU B 30 -5.45 14.75 5.41
N GLU B 31 -4.19 15.04 5.11
CA GLU B 31 -3.59 16.26 5.63
C GLU B 31 -4.27 17.51 5.03
N SER B 32 -4.49 17.48 3.72
CA SER B 32 -5.13 18.58 2.99
C SER B 32 -6.58 18.80 3.49
N HIS B 33 -7.15 17.76 4.03
CA HIS B 33 -8.49 17.82 4.54
C HIS B 33 -8.45 18.10 6.03
N SER B 34 -7.35 17.72 6.69
CA SER B 34 -7.19 17.99 8.09
C SER B 34 -6.90 19.46 8.31
N SER B 35 -6.59 20.16 7.24
CA SER B 35 -6.55 21.62 7.29
C SER B 35 -7.95 22.15 7.81
N TRP B 36 -9.00 21.40 7.48
CA TRP B 36 -10.36 21.70 7.91
C TRP B 36 -10.75 20.77 9.08
N TYR B 37 -10.31 19.51 8.98
CA TYR B 37 -10.55 18.40 9.94
C TYR B 37 -11.95 17.81 9.81
N ALA B 38 -12.00 16.55 9.50
CA ALA B 38 -13.25 15.82 9.44
C ALA B 38 -13.45 15.10 10.76
N PRO B 39 -14.69 14.78 11.13
CA PRO B 39 -14.98 14.01 12.36
C PRO B 39 -14.55 12.50 12.25
N GLU B 40 -15.40 11.59 12.78
CA GLU B 40 -15.09 10.16 12.79
C GLU B 40 -14.81 9.62 11.38
N ALA B 41 -15.33 10.31 10.37
CA ALA B 41 -15.06 9.99 8.97
C ALA B 41 -13.54 9.90 8.73
N LEU B 42 -12.85 10.93 9.14
CA LEU B 42 -11.40 11.03 9.02
C LEU B 42 -10.74 10.05 9.96
N GLN B 43 -11.28 10.01 11.16
CA GLN B 43 -10.72 9.16 12.20
C GLN B 43 -10.74 7.69 11.75
N LYS B 44 -11.89 7.24 11.28
CA LYS B 44 -12.04 5.89 10.79
C LYS B 44 -11.24 5.66 9.54
N TRP B 45 -11.17 6.67 8.67
CA TRP B 45 -10.41 6.55 7.43
C TRP B 45 -8.99 6.11 7.71
N LEU B 46 -8.30 6.86 8.50
CA LEU B 46 -6.96 6.50 8.76
C LEU B 46 -6.82 5.36 9.73
N GLN B 47 -7.72 5.28 10.69
CA GLN B 47 -7.74 4.18 11.68
C GLN B 47 -7.73 2.86 10.95
N LEU B 48 -8.61 2.75 9.97
CA LEU B 48 -8.73 1.56 9.18
C LEU B 48 -7.50 1.37 8.35
N THR B 49 -7.13 2.39 7.55
CA THR B 49 -5.98 2.30 6.65
C THR B 49 -4.71 1.94 7.41
N HIS B 50 -4.49 2.60 8.54
CA HIS B 50 -3.34 2.37 9.41
C HIS B 50 -3.32 0.92 9.89
N GLU B 51 -4.42 0.46 10.45
CA GLU B 51 -4.46 -0.90 10.97
C GLU B 51 -4.28 -1.90 9.80
N VAL B 52 -4.82 -1.54 8.66
CA VAL B 52 -4.72 -2.35 7.46
C VAL B 52 -3.28 -2.39 6.94
N GLU B 53 -2.67 -1.24 6.75
CA GLU B 53 -1.34 -1.19 6.19
C GLU B 53 -0.31 -1.81 7.10
N VAL B 54 -0.49 -1.68 8.39
CA VAL B 54 0.45 -2.26 9.33
C VAL B 54 0.25 -3.80 9.44
N GLN B 55 -1.01 -4.22 9.50
CA GLN B 55 -1.32 -5.65 9.54
C GLN B 55 -0.79 -6.30 8.26
N TYR B 56 -1.09 -5.65 7.14
CA TYR B 56 -0.64 -6.11 5.88
C TYR B 56 0.83 -5.99 5.72
N TYR B 57 1.46 -4.98 6.29
CA TYR B 57 2.91 -4.90 6.20
C TYR B 57 3.49 -6.14 6.81
N ASN B 58 2.97 -6.57 7.95
CA ASN B 58 3.50 -7.77 8.58
C ASN B 58 3.31 -9.00 7.68
N ILE B 59 2.08 -9.22 7.23
CA ILE B 59 1.79 -10.38 6.37
C ILE B 59 2.49 -10.29 5.02
N LYS B 60 2.48 -9.15 4.42
CA LYS B 60 3.04 -9.00 3.11
C LYS B 60 4.55 -8.93 3.14
N LYS B 61 5.14 -8.36 4.21
CA LYS B 61 6.60 -8.34 4.34
C LYS B 61 7.08 -9.77 4.44
N GLN B 62 6.43 -10.56 5.32
CA GLN B 62 6.82 -11.96 5.45
C GLN B 62 6.54 -12.71 4.14
N ASN B 63 5.45 -12.35 3.46
CA ASN B 63 5.05 -12.96 2.18
C ASN B 63 6.10 -12.68 1.14
N ALA B 64 6.47 -11.43 1.03
CA ALA B 64 7.36 -10.99 0.00
C ALA B 64 8.76 -11.55 0.19
N GLU B 65 9.24 -11.52 1.42
CA GLU B 65 10.55 -12.05 1.73
C GLU B 65 10.60 -13.56 1.44
N LYS B 66 9.59 -14.27 1.87
CA LYS B 66 9.55 -15.72 1.74
C LYS B 66 9.34 -16.10 0.25
N GLN B 67 8.40 -15.40 -0.40
CA GLN B 67 8.04 -15.69 -1.77
C GLN B 67 9.23 -15.44 -2.66
N LEU B 68 9.85 -14.26 -2.54
CA LEU B 68 11.07 -14.01 -3.28
C LEU B 68 12.16 -14.94 -2.91
N LEU B 69 12.25 -15.37 -1.67
CA LEU B 69 13.31 -16.28 -1.25
C LEU B 69 13.26 -17.55 -2.13
N VAL B 70 12.07 -18.14 -2.20
CA VAL B 70 11.90 -19.37 -2.94
C VAL B 70 11.96 -19.12 -4.44
N ALA B 71 11.56 -17.94 -4.85
CA ALA B 71 11.57 -17.57 -6.22
C ALA B 71 12.95 -17.22 -6.70
N LYS B 72 13.68 -16.49 -5.89
CA LYS B 72 15.03 -16.07 -6.17
C LYS B 72 15.87 -17.31 -6.40
N GLU B 73 15.82 -18.21 -5.43
CA GLU B 73 16.56 -19.44 -5.53
C GLU B 73 16.07 -20.30 -6.68
N GLY B 74 14.76 -20.54 -6.70
CA GLY B 74 14.16 -21.35 -7.74
C GLY B 74 14.48 -20.84 -9.13
N ALA B 75 14.28 -19.56 -9.35
CA ALA B 75 14.49 -18.95 -10.63
C ALA B 75 15.91 -19.04 -11.06
N GLU B 76 16.85 -18.65 -10.21
CA GLU B 76 18.23 -18.69 -10.66
C GLU B 76 18.80 -20.10 -10.72
N LYS B 77 18.10 -21.06 -10.17
CA LYS B 77 18.45 -22.44 -10.37
C LYS B 77 17.88 -22.95 -11.71
N ILE B 78 16.64 -22.59 -12.02
CA ILE B 78 15.99 -23.07 -13.24
C ILE B 78 16.40 -22.26 -14.48
N LYS B 79 16.52 -20.96 -14.31
CA LYS B 79 16.93 -20.08 -15.37
C LYS B 79 18.41 -20.19 -15.55
N LYS B 80 18.82 -20.42 -16.75
CA LYS B 80 20.20 -20.53 -17.06
C LYS B 80 20.49 -19.75 -18.32
N LYS B 81 21.58 -19.02 -18.31
CA LYS B 81 21.98 -18.21 -19.43
C LYS B 81 22.45 -19.08 -20.57
N ARG B 82 21.56 -19.34 -21.47
CA ARG B 82 21.87 -20.06 -22.66
C ARG B 82 22.09 -19.01 -23.73
N GLY A 1 -14.85 27.45 3.96
CA GLY A 1 -16.16 26.87 3.68
C GLY A 1 -16.36 25.61 4.47
N SER A 2 -17.02 24.63 3.91
CA SER A 2 -17.22 23.40 4.62
C SER A 2 -16.91 22.20 3.74
N HIS A 3 -15.93 21.46 4.14
CA HIS A 3 -15.55 20.26 3.43
C HIS A 3 -16.28 19.12 4.08
N MET A 4 -17.36 18.69 3.48
CA MET A 4 -18.18 17.69 4.10
C MET A 4 -17.63 16.32 3.82
N ALA A 5 -17.27 15.63 4.88
CA ALA A 5 -16.75 14.29 4.80
C ALA A 5 -17.84 13.29 4.45
N SER A 6 -18.22 13.34 3.23
CA SER A 6 -19.18 12.46 2.67
C SER A 6 -18.69 12.15 1.27
N SER A 7 -18.52 13.19 0.49
CA SER A 7 -18.01 13.07 -0.84
C SER A 7 -16.55 12.56 -0.79
N ARG A 8 -15.74 13.19 0.06
CA ARG A 8 -14.33 12.82 0.15
C ARG A 8 -14.14 11.47 0.83
N GLN A 9 -15.07 11.08 1.73
CA GLN A 9 -14.91 9.81 2.43
C GLN A 9 -15.20 8.62 1.54
N LYS A 10 -16.05 8.85 0.52
CA LYS A 10 -16.27 7.84 -0.50
C LYS A 10 -14.98 7.54 -1.21
N TYR A 11 -14.29 8.60 -1.63
CA TYR A 11 -12.99 8.46 -2.25
C TYR A 11 -12.03 7.77 -1.31
N ALA A 12 -11.99 8.22 -0.07
CA ALA A 12 -11.09 7.67 0.93
C ALA A 12 -11.29 6.15 1.12
N GLU A 13 -12.54 5.72 1.29
CA GLU A 13 -12.84 4.30 1.49
C GLU A 13 -12.41 3.49 0.26
N GLU A 14 -12.79 4.01 -0.90
CA GLU A 14 -12.47 3.39 -2.16
C GLU A 14 -10.97 3.38 -2.41
N GLU A 15 -10.28 4.42 -1.96
CA GLU A 15 -8.84 4.44 -2.04
C GLU A 15 -8.26 3.36 -1.15
N LEU A 16 -8.72 3.31 0.12
CA LEU A 16 -8.22 2.31 1.11
C LEU A 16 -8.25 0.92 0.55
N GLU A 17 -9.38 0.57 0.02
CA GLU A 17 -9.49 -0.73 -0.49
C GLU A 17 -8.68 -0.92 -1.75
N GLN A 18 -8.78 0.01 -2.69
CA GLN A 18 -8.03 -0.10 -3.93
C GLN A 18 -6.51 -0.14 -3.69
N VAL A 19 -6.01 0.70 -2.79
CA VAL A 19 -4.59 0.75 -2.50
C VAL A 19 -4.07 -0.58 -1.91
N ARG A 20 -4.76 -1.06 -0.86
CA ARG A 20 -4.28 -2.25 -0.18
C ARG A 20 -4.46 -3.50 -1.04
N GLU A 21 -5.57 -3.56 -1.76
CA GLU A 21 -5.87 -4.71 -2.57
C GLU A 21 -4.93 -4.76 -3.73
N ALA A 22 -4.64 -3.59 -4.31
CA ALA A 22 -3.72 -3.52 -5.45
C ALA A 22 -2.34 -4.01 -5.03
N LEU A 23 -1.89 -3.61 -3.83
CA LEU A 23 -0.58 -4.04 -3.34
C LEU A 23 -0.59 -5.61 -3.23
N ARG A 24 -1.59 -6.15 -2.56
CA ARG A 24 -1.68 -7.61 -2.34
C ARG A 24 -1.88 -8.35 -3.66
N LYS A 25 -2.70 -7.77 -4.52
CA LYS A 25 -2.93 -8.33 -5.85
C LYS A 25 -1.66 -8.36 -6.69
N ALA A 26 -0.79 -7.40 -6.48
CA ALA A 26 0.48 -7.37 -7.16
C ALA A 26 1.38 -8.49 -6.61
N GLU A 27 1.29 -8.73 -5.32
CA GLU A 27 1.98 -9.90 -4.72
C GLU A 27 1.36 -11.18 -5.28
N LYS A 28 0.06 -11.14 -5.49
CA LYS A 28 -0.70 -12.25 -6.05
C LYS A 28 -0.20 -12.52 -7.50
N GLU A 29 0.18 -11.43 -8.18
CA GLU A 29 0.82 -11.51 -9.48
C GLU A 29 2.11 -12.25 -9.34
N LEU A 30 2.91 -11.84 -8.36
CA LEU A 30 4.22 -12.40 -8.12
C LEU A 30 4.14 -13.89 -7.88
N GLU A 31 3.21 -14.34 -7.06
CA GLU A 31 3.04 -15.79 -6.84
C GLU A 31 2.61 -16.52 -8.15
N SER A 32 1.63 -15.94 -8.85
CA SER A 32 1.14 -16.53 -10.11
C SER A 32 2.26 -16.53 -11.18
N HIS A 33 3.20 -15.64 -11.02
CA HIS A 33 4.26 -15.51 -11.96
C HIS A 33 5.47 -16.32 -11.48
N SER A 34 5.60 -16.48 -10.18
CA SER A 34 6.64 -17.29 -9.62
C SER A 34 6.32 -18.76 -9.83
N SER A 35 5.08 -19.05 -10.22
CA SER A 35 4.76 -20.40 -10.68
C SER A 35 5.70 -20.81 -11.87
N TRP A 36 6.28 -19.80 -12.54
CA TRP A 36 7.26 -20.03 -13.60
C TRP A 36 8.66 -19.58 -13.08
N TYR A 37 8.67 -18.50 -12.30
CA TYR A 37 9.86 -17.84 -11.68
C TYR A 37 10.60 -16.97 -12.66
N ALA A 38 10.51 -15.69 -12.42
CA ALA A 38 11.09 -14.70 -13.28
C ALA A 38 12.47 -14.31 -12.75
N PRO A 39 13.30 -13.65 -13.56
CA PRO A 39 14.64 -13.22 -13.14
C PRO A 39 14.64 -11.96 -12.24
N GLU A 40 15.67 -11.10 -12.41
CA GLU A 40 15.84 -9.94 -11.57
C GLU A 40 14.63 -9.03 -11.66
N ALA A 41 13.89 -9.11 -12.75
CA ALA A 41 12.63 -8.39 -12.90
C ALA A 41 11.71 -8.69 -11.69
N LEU A 42 11.57 -9.97 -11.37
CA LEU A 42 10.78 -10.42 -10.21
C LEU A 42 11.45 -10.08 -8.92
N GLN A 43 12.75 -10.34 -8.90
CA GLN A 43 13.54 -10.12 -7.70
C GLN A 43 13.50 -8.66 -7.30
N LYS A 44 13.72 -7.81 -8.27
CA LYS A 44 13.76 -6.37 -8.08
C LYS A 44 12.37 -5.88 -7.73
N TRP A 45 11.35 -6.41 -8.45
CA TRP A 45 9.98 -6.00 -8.23
C TRP A 45 9.58 -6.15 -6.78
N LEU A 46 9.72 -7.33 -6.25
CA LEU A 46 9.23 -7.53 -4.93
C LEU A 46 10.18 -6.96 -3.90
N GLN A 47 11.48 -7.02 -4.19
CA GLN A 47 12.51 -6.43 -3.33
C GLN A 47 12.21 -4.97 -3.08
N LEU A 48 11.92 -4.25 -4.16
CA LEU A 48 11.58 -2.85 -4.07
C LEU A 48 10.27 -2.66 -3.36
N THR A 49 9.24 -3.40 -3.75
CA THR A 49 7.91 -3.26 -3.12
C THR A 49 8.03 -3.48 -1.61
N HIS A 50 8.68 -4.56 -1.24
CA HIS A 50 8.94 -4.92 0.15
C HIS A 50 9.73 -3.81 0.87
N GLU A 51 10.82 -3.40 0.28
CA GLU A 51 11.70 -2.43 0.90
C GLU A 51 10.95 -1.11 1.09
N VAL A 52 10.16 -0.78 0.09
CA VAL A 52 9.39 0.43 0.05
C VAL A 52 8.23 0.36 1.02
N GLU A 53 7.44 -0.69 0.97
CA GLU A 53 6.28 -0.81 1.84
C GLU A 53 6.67 -0.82 3.30
N VAL A 54 7.82 -1.40 3.61
CA VAL A 54 8.26 -1.43 4.97
C VAL A 54 8.82 -0.04 5.40
N GLN A 55 9.63 0.57 4.54
CA GLN A 55 10.17 1.92 4.81
C GLN A 55 9.00 2.89 4.97
N TYR A 56 8.08 2.77 4.05
CA TYR A 56 6.93 3.56 4.04
C TYR A 56 5.98 3.23 5.12
N TYR A 57 5.86 1.97 5.54
CA TYR A 57 4.97 1.69 6.66
C TYR A 57 5.47 2.49 7.84
N ASN A 58 6.80 2.52 8.04
CA ASN A 58 7.33 3.26 9.18
C ASN A 58 6.98 4.75 9.08
N ILE A 59 7.32 5.37 7.93
CA ILE A 59 7.02 6.80 7.73
C ILE A 59 5.52 7.09 7.73
N LYS A 60 4.76 6.27 7.07
CA LYS A 60 3.36 6.54 6.93
C LYS A 60 2.60 6.19 8.19
N LYS A 61 3.04 5.17 8.93
CA LYS A 61 2.41 4.83 10.21
C LYS A 61 2.58 5.99 11.17
N GLN A 62 3.82 6.51 11.27
CA GLN A 62 4.05 7.63 12.17
C GLN A 62 3.29 8.88 11.68
N ASN A 63 3.25 9.04 10.35
CA ASN A 63 2.54 10.14 9.69
C ASN A 63 1.08 10.08 10.02
N ALA A 64 0.53 8.89 9.86
CA ALA A 64 -0.87 8.64 10.03
C ALA A 64 -1.30 8.84 11.45
N GLU A 65 -0.51 8.33 12.37
CA GLU A 65 -0.80 8.48 13.77
C GLU A 65 -0.87 9.94 14.15
N LYS A 66 0.16 10.72 13.80
CA LYS A 66 0.15 12.15 14.13
C LYS A 66 -0.97 12.89 13.38
N GLN A 67 -1.21 12.49 12.13
CA GLN A 67 -2.21 13.10 11.27
C GLN A 67 -3.60 13.00 11.91
N LEU A 68 -4.03 11.78 12.20
CA LEU A 68 -5.28 11.60 12.90
C LEU A 68 -5.26 12.13 14.29
N LEU A 69 -4.12 12.11 14.97
CA LEU A 69 -4.06 12.66 16.33
C LEU A 69 -4.55 14.09 16.35
N VAL A 70 -3.96 14.90 15.48
CA VAL A 70 -4.31 16.30 15.45
C VAL A 70 -5.69 16.49 14.84
N ALA A 71 -6.04 15.62 13.91
CA ALA A 71 -7.31 15.69 13.25
C ALA A 71 -8.44 15.31 14.16
N LYS A 72 -8.31 14.17 14.80
CA LYS A 72 -9.33 13.62 15.65
C LYS A 72 -9.59 14.58 16.80
N GLU A 73 -8.50 15.08 17.42
CA GLU A 73 -8.64 16.02 18.49
C GLU A 73 -9.33 17.30 18.01
N GLY A 74 -8.77 17.91 16.98
CA GLY A 74 -9.30 19.15 16.43
C GLY A 74 -10.72 19.00 15.93
N ALA A 75 -11.01 17.87 15.31
CA ALA A 75 -12.32 17.61 14.75
C ALA A 75 -13.38 17.53 15.82
N GLU A 76 -13.09 16.88 16.93
CA GLU A 76 -14.08 16.87 17.99
C GLU A 76 -14.15 18.18 18.73
N LYS A 77 -13.06 18.91 18.75
CA LYS A 77 -13.08 20.24 19.36
C LYS A 77 -13.96 21.19 18.57
N ILE A 78 -13.94 21.07 17.25
CA ILE A 78 -14.72 21.97 16.42
C ILE A 78 -16.17 21.49 16.20
N LYS A 79 -16.35 20.22 15.87
CA LYS A 79 -17.66 19.69 15.53
C LYS A 79 -18.43 19.22 16.74
N LYS A 80 -17.77 18.47 17.59
CA LYS A 80 -18.39 17.87 18.77
C LYS A 80 -18.19 18.79 19.96
N LYS A 81 -18.27 20.07 19.67
CA LYS A 81 -18.05 21.12 20.64
C LYS A 81 -19.14 21.11 21.68
N ARG A 82 -18.74 21.24 22.89
CA ARG A 82 -19.64 21.38 23.98
C ARG A 82 -19.21 22.61 24.75
N GLY B 1 4.74 -23.25 -20.57
CA GLY B 1 5.26 -22.35 -21.60
C GLY B 1 6.26 -21.42 -21.01
N SER B 2 6.36 -20.23 -21.52
CA SER B 2 7.29 -19.27 -21.00
C SER B 2 6.56 -17.99 -20.63
N HIS B 3 6.72 -17.60 -19.40
CA HIS B 3 6.14 -16.36 -18.93
C HIS B 3 7.26 -15.36 -18.87
N MET B 4 7.41 -14.61 -19.92
CA MET B 4 8.52 -13.70 -20.03
C MET B 4 8.33 -12.49 -19.15
N ALA B 5 9.25 -12.32 -18.21
CA ALA B 5 9.23 -11.19 -17.34
C ALA B 5 9.66 -9.93 -18.07
N SER B 6 8.77 -9.43 -18.84
CA SER B 6 8.93 -8.23 -19.55
C SER B 6 7.56 -7.57 -19.58
N SER B 7 6.60 -8.27 -20.12
CA SER B 7 5.25 -7.81 -20.18
C SER B 7 4.70 -7.65 -18.77
N ARG B 8 4.87 -8.70 -17.95
CA ARG B 8 4.35 -8.70 -16.60
C ARG B 8 5.11 -7.74 -15.68
N GLN B 9 6.41 -7.53 -15.95
CA GLN B 9 7.20 -6.65 -15.08
C GLN B 9 6.83 -5.20 -15.29
N LYS B 10 6.34 -4.88 -16.48
CA LYS B 10 5.83 -3.56 -16.76
C LYS B 10 4.67 -3.26 -15.84
N TYR B 11 3.75 -4.20 -15.77
CA TYR B 11 2.62 -4.11 -14.88
C TYR B 11 3.10 -4.01 -13.46
N ALA B 12 4.02 -4.90 -13.07
CA ALA B 12 4.57 -4.93 -11.71
C ALA B 12 5.16 -3.57 -11.29
N GLU B 13 5.99 -2.98 -12.13
CA GLU B 13 6.60 -1.68 -11.82
C GLU B 13 5.51 -0.62 -11.66
N GLU B 14 4.62 -0.59 -12.63
CA GLU B 14 3.54 0.36 -12.65
C GLU B 14 2.61 0.18 -11.47
N GLU B 15 2.42 -1.07 -11.05
CA GLU B 15 1.65 -1.37 -9.87
C GLU B 15 2.34 -0.83 -8.65
N LEU B 16 3.64 -1.16 -8.49
CA LEU B 16 4.46 -0.78 -7.30
C LEU B 16 4.30 0.71 -7.06
N GLU B 17 4.49 1.47 -8.10
CA GLU B 17 4.41 2.86 -7.97
C GLU B 17 2.98 3.31 -7.72
N GLN B 18 2.03 2.83 -8.51
CA GLN B 18 0.64 3.24 -8.34
C GLN B 18 0.10 2.87 -6.94
N VAL B 19 0.43 1.67 -6.47
CA VAL B 19 -0.04 1.20 -5.16
C VAL B 19 0.49 2.09 -4.01
N ARG B 20 1.82 2.31 -4.00
CA ARG B 20 2.42 3.04 -2.90
C ARG B 20 2.04 4.52 -2.94
N GLU B 21 2.01 5.09 -4.15
CA GLU B 21 1.72 6.48 -4.30
C GLU B 21 0.30 6.72 -3.97
N ALA B 22 -0.58 5.80 -4.37
CA ALA B 22 -2.00 5.93 -4.08
C ALA B 22 -2.24 5.95 -2.58
N LEU B 23 -1.54 5.06 -1.85
CA LEU B 23 -1.68 5.01 -0.39
C LEU B 23 -1.27 6.40 0.21
N ARG B 24 -0.07 6.86 -0.18
CA ARG B 24 0.47 8.14 0.33
C ARG B 24 -0.40 9.32 -0.10
N LYS B 25 -0.88 9.26 -1.32
CA LYS B 25 -1.77 10.29 -1.86
C LYS B 25 -3.09 10.34 -1.10
N ALA B 26 -3.54 9.22 -0.63
CA ALA B 26 -4.74 9.17 0.17
C ALA B 26 -4.46 9.79 1.57
N GLU B 27 -3.26 9.58 2.08
CA GLU B 27 -2.82 10.26 3.31
C GLU B 27 -2.70 11.78 3.04
N LYS B 28 -2.32 12.11 1.82
CA LYS B 28 -2.19 13.49 1.38
C LYS B 28 -3.61 14.12 1.35
N GLU B 29 -4.59 13.31 0.99
CA GLU B 29 -5.99 13.68 1.07
C GLU B 29 -6.31 14.01 2.50
N LEU B 30 -5.93 13.10 3.39
CA LEU B 30 -6.23 13.26 4.80
C LEU B 30 -5.67 14.56 5.35
N GLU B 31 -4.45 14.91 5.03
CA GLU B 31 -3.89 16.17 5.53
C GLU B 31 -4.61 17.40 4.91
N SER B 32 -4.85 17.34 3.60
CA SER B 32 -5.52 18.41 2.90
C SER B 32 -6.97 18.55 3.42
N HIS B 33 -7.51 17.46 3.87
CA HIS B 33 -8.86 17.44 4.36
C HIS B 33 -8.87 17.75 5.86
N SER B 34 -7.80 17.38 6.54
CA SER B 34 -7.66 17.70 7.94
C SER B 34 -7.35 19.17 8.13
N SER B 35 -7.02 19.85 7.06
CA SER B 35 -6.94 21.30 7.09
C SER B 35 -8.33 21.91 7.51
N TRP B 36 -9.40 21.10 7.37
CA TRP B 36 -10.73 21.47 7.85
C TRP B 36 -11.08 20.58 9.08
N TYR B 37 -10.67 19.30 9.00
CA TYR B 37 -10.87 18.22 10.02
C TYR B 37 -12.25 17.62 9.93
N ALA B 38 -12.29 16.40 9.51
CA ALA B 38 -13.51 15.67 9.30
C ALA B 38 -13.82 14.84 10.53
N PRO B 39 -15.05 14.35 10.68
CA PRO B 39 -15.43 13.54 11.83
C PRO B 39 -14.92 12.07 11.78
N GLU B 40 -15.74 11.12 12.29
CA GLU B 40 -15.36 9.73 12.35
C GLU B 40 -15.03 9.19 10.96
N ALA B 41 -15.55 9.83 9.93
CA ALA B 41 -15.22 9.49 8.56
C ALA B 41 -13.70 9.53 8.36
N LEU B 42 -13.07 10.60 8.83
CA LEU B 42 -11.62 10.78 8.77
C LEU B 42 -10.93 9.86 9.73
N GLN B 43 -11.50 9.82 10.93
CA GLN B 43 -10.93 9.02 11.99
C GLN B 43 -10.88 7.56 11.58
N LYS B 44 -12.00 7.06 11.11
CA LYS B 44 -12.15 5.68 10.70
C LYS B 44 -11.29 5.43 9.48
N TRP B 45 -11.29 6.39 8.53
CA TRP B 45 -10.52 6.24 7.30
C TRP B 45 -9.07 5.92 7.58
N LEU B 46 -8.42 6.77 8.33
CA LEU B 46 -7.04 6.58 8.53
C LEU B 46 -6.76 5.49 9.52
N GLN B 47 -7.65 5.37 10.52
CA GLN B 47 -7.58 4.32 11.54
C GLN B 47 -7.53 2.97 10.88
N LEU B 48 -8.43 2.74 9.94
CA LEU B 48 -8.48 1.51 9.20
C LEU B 48 -7.27 1.36 8.33
N THR B 49 -6.93 2.40 7.55
CA THR B 49 -5.78 2.35 6.66
C THR B 49 -4.51 2.00 7.42
N HIS B 50 -4.27 2.71 8.51
CA HIS B 50 -3.13 2.49 9.39
C HIS B 50 -3.13 1.07 9.95
N GLU B 51 -4.25 0.67 10.52
CA GLU B 51 -4.35 -0.62 11.18
C GLU B 51 -4.10 -1.73 10.15
N VAL B 52 -4.66 -1.53 8.98
CA VAL B 52 -4.57 -2.43 7.88
C VAL B 52 -3.17 -2.47 7.31
N GLU B 53 -2.59 -1.32 7.00
CA GLU B 53 -1.27 -1.30 6.38
C GLU B 53 -0.22 -1.86 7.29
N VAL B 54 -0.38 -1.69 8.58
CA VAL B 54 0.59 -2.23 9.50
C VAL B 54 0.38 -3.76 9.65
N GLN B 55 -0.88 -4.18 9.81
CA GLN B 55 -1.23 -5.61 9.89
C GLN B 55 -0.74 -6.32 8.62
N TYR B 56 -1.05 -5.68 7.51
CA TYR B 56 -0.66 -6.16 6.25
C TYR B 56 0.79 -6.05 5.99
N TYR B 57 1.48 -5.03 6.50
CA TYR B 57 2.91 -4.99 6.30
C TYR B 57 3.50 -6.23 6.91
N ASN B 58 3.01 -6.64 8.08
CA ASN B 58 3.57 -7.83 8.72
C ASN B 58 3.31 -9.08 7.83
N ILE B 59 2.03 -9.29 7.45
CA ILE B 59 1.69 -10.45 6.61
C ILE B 59 2.36 -10.40 5.24
N LYS B 60 2.35 -9.26 4.62
CA LYS B 60 2.85 -9.15 3.29
C LYS B 60 4.36 -9.12 3.27
N LYS B 61 4.99 -8.53 4.29
CA LYS B 61 6.46 -8.53 4.38
C LYS B 61 6.95 -9.96 4.48
N GLN B 62 6.34 -10.74 5.39
CA GLN B 62 6.75 -12.13 5.54
C GLN B 62 6.41 -12.93 4.26
N ASN B 63 5.27 -12.58 3.65
CA ASN B 63 4.81 -13.20 2.41
C ASN B 63 5.83 -12.96 1.32
N ALA B 64 6.20 -11.71 1.20
CA ALA B 64 7.08 -11.26 0.17
C ALA B 64 8.47 -11.81 0.32
N GLU B 65 8.96 -11.83 1.55
CA GLU B 65 10.27 -12.37 1.83
C GLU B 65 10.33 -13.83 1.40
N LYS B 66 9.37 -14.64 1.84
CA LYS B 66 9.35 -16.06 1.46
C LYS B 66 9.10 -16.23 -0.05
N GLN B 67 8.23 -15.39 -0.60
CA GLN B 67 7.83 -15.46 -2.00
C GLN B 67 9.06 -15.28 -2.90
N LEU B 68 9.76 -14.16 -2.74
CA LEU B 68 11.00 -13.97 -3.47
C LEU B 68 12.04 -14.96 -3.10
N LEU B 69 12.10 -15.43 -1.86
CA LEU B 69 13.10 -16.43 -1.49
C LEU B 69 13.02 -17.65 -2.39
N VAL B 70 11.84 -18.19 -2.50
CA VAL B 70 11.64 -19.38 -3.29
C VAL B 70 11.77 -19.06 -4.78
N ALA B 71 11.36 -17.85 -5.15
CA ALA B 71 11.43 -17.41 -6.51
C ALA B 71 12.83 -17.15 -6.95
N LYS B 72 13.55 -16.37 -6.20
CA LYS B 72 14.90 -15.93 -6.50
C LYS B 72 15.80 -17.16 -6.61
N GLU B 73 15.69 -18.06 -5.61
CA GLU B 73 16.47 -19.28 -5.64
C GLU B 73 16.11 -20.12 -6.87
N GLY B 74 14.81 -20.41 -7.01
CA GLY B 74 14.34 -21.23 -8.12
C GLY B 74 14.64 -20.63 -9.48
N ALA B 75 14.51 -19.33 -9.59
CA ALA B 75 14.73 -18.61 -10.83
C ALA B 75 16.16 -18.68 -11.26
N GLU B 76 17.10 -18.51 -10.35
CA GLU B 76 18.47 -18.65 -10.75
C GLU B 76 18.88 -20.09 -10.95
N LYS B 77 18.20 -21.00 -10.30
CA LYS B 77 18.47 -22.42 -10.51
C LYS B 77 18.08 -22.82 -11.93
N ILE B 78 16.96 -22.30 -12.41
CA ILE B 78 16.47 -22.67 -13.73
C ILE B 78 17.08 -21.83 -14.87
N LYS B 79 17.13 -20.53 -14.69
CA LYS B 79 17.57 -19.62 -15.75
C LYS B 79 19.05 -19.39 -15.75
N LYS B 80 19.61 -19.25 -14.57
CA LYS B 80 21.02 -18.97 -14.40
C LYS B 80 21.74 -20.28 -14.13
N LYS B 81 21.25 -21.31 -14.77
CA LYS B 81 21.74 -22.65 -14.62
C LYS B 81 23.17 -22.74 -15.14
N ARG B 82 24.00 -23.36 -14.39
CA ARG B 82 25.34 -23.64 -14.77
C ARG B 82 25.55 -25.13 -14.65
N GLY A 1 -14.17 25.34 -1.78
CA GLY A 1 -15.11 25.04 -0.72
C GLY A 1 -14.58 23.91 0.13
N SER A 2 -15.28 23.57 1.16
CA SER A 2 -14.85 22.55 2.07
C SER A 2 -15.13 21.16 1.51
N HIS A 3 -14.12 20.51 0.96
CA HIS A 3 -14.26 19.13 0.55
C HIS A 3 -14.21 18.31 1.82
N MET A 4 -15.34 17.96 2.34
CA MET A 4 -15.39 17.27 3.60
C MET A 4 -15.78 15.83 3.38
N ALA A 5 -15.55 15.01 4.37
CA ALA A 5 -15.86 13.60 4.31
C ALA A 5 -17.37 13.33 4.29
N SER A 6 -17.91 13.53 3.15
CA SER A 6 -19.28 13.27 2.84
C SER A 6 -19.25 12.48 1.53
N SER A 7 -18.91 13.15 0.45
CA SER A 7 -18.69 12.47 -0.79
C SER A 7 -17.24 11.95 -0.74
N ARG A 8 -16.38 12.75 -0.09
CA ARG A 8 -14.97 12.40 0.09
C ARG A 8 -14.76 11.16 0.94
N GLN A 9 -15.74 10.78 1.75
CA GLN A 9 -15.57 9.58 2.55
C GLN A 9 -15.66 8.34 1.65
N LYS A 10 -16.41 8.49 0.54
CA LYS A 10 -16.49 7.45 -0.46
C LYS A 10 -15.12 7.32 -1.09
N TYR A 11 -14.54 8.46 -1.46
CA TYR A 11 -13.21 8.50 -2.04
C TYR A 11 -12.20 7.83 -1.12
N ALA A 12 -12.26 8.17 0.16
CA ALA A 12 -11.39 7.56 1.16
C ALA A 12 -11.53 6.03 1.16
N GLU A 13 -12.77 5.55 1.20
CA GLU A 13 -13.04 4.10 1.18
C GLU A 13 -12.53 3.48 -0.13
N GLU A 14 -12.81 4.16 -1.22
CA GLU A 14 -12.41 3.73 -2.53
C GLU A 14 -10.91 3.63 -2.64
N GLU A 15 -10.21 4.65 -2.17
CA GLU A 15 -8.77 4.65 -2.16
C GLU A 15 -8.25 3.53 -1.30
N LEU A 16 -8.76 3.43 -0.05
CA LEU A 16 -8.32 2.39 0.91
C LEU A 16 -8.35 1.00 0.31
N GLU A 17 -9.47 0.66 -0.26
CA GLU A 17 -9.58 -0.65 -0.79
C GLU A 17 -8.79 -0.82 -2.07
N GLN A 18 -8.73 0.22 -2.90
CA GLN A 18 -7.94 0.16 -4.11
C GLN A 18 -6.47 -0.05 -3.79
N VAL A 19 -5.94 0.78 -2.90
CA VAL A 19 -4.53 0.74 -2.54
C VAL A 19 -4.11 -0.60 -1.92
N ARG A 20 -4.88 -1.08 -0.93
CA ARG A 20 -4.51 -2.30 -0.21
C ARG A 20 -4.66 -3.54 -1.08
N GLU A 21 -5.79 -3.63 -1.79
CA GLU A 21 -6.05 -4.78 -2.60
C GLU A 21 -5.06 -4.84 -3.73
N ALA A 22 -4.72 -3.66 -4.29
CA ALA A 22 -3.77 -3.57 -5.39
C ALA A 22 -2.40 -4.07 -4.99
N LEU A 23 -1.92 -3.65 -3.81
CA LEU A 23 -0.60 -4.08 -3.32
C LEU A 23 -0.61 -5.64 -3.21
N ARG A 24 -1.61 -6.17 -2.51
CA ARG A 24 -1.69 -7.63 -2.30
C ARG A 24 -1.91 -8.37 -3.60
N LYS A 25 -2.72 -7.79 -4.47
CA LYS A 25 -3.01 -8.34 -5.79
C LYS A 25 -1.71 -8.53 -6.55
N ALA A 26 -0.87 -7.54 -6.48
CA ALA A 26 0.41 -7.58 -7.14
C ALA A 26 1.29 -8.68 -6.53
N GLU A 27 1.23 -8.84 -5.22
CA GLU A 27 1.94 -9.94 -4.56
C GLU A 27 1.34 -11.30 -4.95
N LYS A 28 0.03 -11.34 -5.08
CA LYS A 28 -0.67 -12.54 -5.47
C LYS A 28 -0.24 -12.89 -6.90
N GLU A 29 -0.05 -11.86 -7.72
CA GLU A 29 0.52 -12.08 -9.02
C GLU A 29 1.90 -12.65 -8.88
N LEU A 30 2.71 -12.09 -7.98
CA LEU A 30 4.08 -12.56 -7.79
C LEU A 30 4.12 -14.04 -7.49
N GLU A 31 3.24 -14.53 -6.63
CA GLU A 31 3.21 -15.98 -6.35
C GLU A 31 2.73 -16.76 -7.59
N SER A 32 1.75 -16.22 -8.27
CA SER A 32 1.21 -16.84 -9.49
C SER A 32 2.26 -16.79 -10.62
N HIS A 33 3.11 -15.80 -10.55
CA HIS A 33 4.14 -15.54 -11.51
C HIS A 33 5.35 -16.38 -11.14
N SER A 34 5.52 -16.59 -9.84
CA SER A 34 6.55 -17.45 -9.34
C SER A 34 6.20 -18.91 -9.50
N SER A 35 4.94 -19.20 -9.82
CA SER A 35 4.58 -20.54 -10.25
C SER A 35 5.48 -20.94 -11.48
N TRP A 36 5.95 -19.93 -12.23
CA TRP A 36 6.89 -20.14 -13.30
C TRP A 36 8.30 -19.67 -12.85
N TYR A 37 8.35 -18.53 -12.15
CA TYR A 37 9.57 -17.84 -11.61
C TYR A 37 10.27 -16.98 -12.65
N ALA A 38 10.26 -15.70 -12.42
CA ALA A 38 10.94 -14.76 -13.27
C ALA A 38 12.30 -14.44 -12.69
N PRO A 39 13.25 -13.97 -13.51
CA PRO A 39 14.59 -13.57 -13.05
C PRO A 39 14.62 -12.26 -12.16
N GLU A 40 15.70 -11.46 -12.29
CA GLU A 40 15.87 -10.26 -11.47
C GLU A 40 14.71 -9.28 -11.60
N ALA A 41 13.97 -9.34 -12.70
CA ALA A 41 12.76 -8.51 -12.83
C ALA A 41 11.77 -8.80 -11.67
N LEU A 42 11.60 -10.08 -11.35
CA LEU A 42 10.75 -10.50 -10.22
C LEU A 42 11.40 -10.14 -8.93
N GLN A 43 12.69 -10.40 -8.88
CA GLN A 43 13.47 -10.16 -7.69
C GLN A 43 13.42 -8.67 -7.34
N LYS A 44 13.64 -7.85 -8.34
CA LYS A 44 13.65 -6.40 -8.23
C LYS A 44 12.28 -5.94 -7.83
N TRP A 45 11.25 -6.46 -8.51
CA TRP A 45 9.89 -6.06 -8.30
C TRP A 45 9.50 -6.17 -6.83
N LEU A 46 9.63 -7.33 -6.28
CA LEU A 46 9.17 -7.50 -4.97
C LEU A 46 10.11 -6.89 -3.94
N GLN A 47 11.42 -6.95 -4.22
CA GLN A 47 12.44 -6.36 -3.35
C GLN A 47 12.15 -4.88 -3.14
N LEU A 48 11.93 -4.18 -4.24
CA LEU A 48 11.62 -2.77 -4.19
C LEU A 48 10.30 -2.54 -3.49
N THR A 49 9.27 -3.28 -3.85
CA THR A 49 7.96 -3.13 -3.22
C THR A 49 8.07 -3.32 -1.70
N HIS A 50 8.76 -4.39 -1.29
CA HIS A 50 8.99 -4.72 0.11
C HIS A 50 9.72 -3.59 0.85
N GLU A 51 10.84 -3.15 0.30
CA GLU A 51 11.64 -2.15 0.98
C GLU A 51 10.88 -0.84 1.09
N VAL A 52 10.10 -0.57 0.06
CA VAL A 52 9.31 0.62 0.00
C VAL A 52 8.17 0.56 0.99
N GLU A 53 7.41 -0.52 0.98
CA GLU A 53 6.25 -0.64 1.84
C GLU A 53 6.64 -0.65 3.30
N VAL A 54 7.77 -1.24 3.62
CA VAL A 54 8.19 -1.29 5.00
C VAL A 54 8.77 0.09 5.43
N GLN A 55 9.53 0.73 4.53
CA GLN A 55 10.05 2.08 4.78
C GLN A 55 8.87 3.01 4.99
N TYR A 56 7.95 2.93 4.06
CA TYR A 56 6.78 3.69 4.11
C TYR A 56 5.88 3.34 5.22
N TYR A 57 5.80 2.06 5.60
CA TYR A 57 4.98 1.72 6.75
C TYR A 57 5.48 2.48 7.95
N ASN A 58 6.79 2.56 8.13
CA ASN A 58 7.32 3.28 9.28
C ASN A 58 6.94 4.78 9.21
N ILE A 59 7.26 5.43 8.07
CA ILE A 59 6.92 6.86 7.91
C ILE A 59 5.42 7.12 7.91
N LYS A 60 4.68 6.30 7.24
CA LYS A 60 3.28 6.54 7.10
C LYS A 60 2.53 6.15 8.36
N LYS A 61 2.99 5.12 9.08
CA LYS A 61 2.35 4.74 10.34
C LYS A 61 2.52 5.87 11.33
N GLN A 62 3.74 6.44 11.40
CA GLN A 62 3.94 7.58 12.32
C GLN A 62 3.12 8.78 11.85
N ASN A 63 3.07 8.98 10.51
CA ASN A 63 2.31 10.07 9.89
C ASN A 63 0.85 9.93 10.22
N ALA A 64 0.35 8.73 10.02
CA ALA A 64 -1.04 8.42 10.15
C ALA A 64 -1.52 8.60 11.57
N GLU A 65 -0.78 8.04 12.51
CA GLU A 65 -1.14 8.15 13.89
C GLU A 65 -1.10 9.61 14.34
N LYS A 66 -0.08 10.34 13.92
CA LYS A 66 0.06 11.73 14.29
C LYS A 66 -1.02 12.61 13.62
N GLN A 67 -1.23 12.39 12.31
CA GLN A 67 -2.17 13.20 11.55
C GLN A 67 -3.57 13.01 12.09
N LEU A 68 -4.00 11.76 12.27
CA LEU A 68 -5.28 11.54 12.89
C LEU A 68 -5.32 12.03 14.29
N LEU A 69 -4.23 11.97 15.05
CA LEU A 69 -4.25 12.44 16.44
C LEU A 69 -4.72 13.91 16.45
N VAL A 70 -4.06 14.71 15.64
CA VAL A 70 -4.36 16.13 15.59
C VAL A 70 -5.69 16.37 14.92
N ALA A 71 -6.03 15.52 13.98
CA ALA A 71 -7.27 15.65 13.27
C ALA A 71 -8.45 15.25 14.09
N LYS A 72 -8.34 14.13 14.73
CA LYS A 72 -9.37 13.55 15.55
C LYS A 72 -9.69 14.54 16.68
N GLU A 73 -8.67 15.04 17.35
CA GLU A 73 -8.88 16.02 18.38
C GLU A 73 -9.46 17.32 17.83
N GLY A 74 -8.81 17.86 16.81
CA GLY A 74 -9.23 19.10 16.20
C GLY A 74 -10.66 19.03 15.70
N ALA A 75 -10.98 17.93 15.05
CA ALA A 75 -12.31 17.71 14.51
C ALA A 75 -13.33 17.67 15.59
N GLU A 76 -13.10 16.90 16.65
CA GLU A 76 -14.08 16.84 17.71
C GLU A 76 -14.19 18.16 18.48
N LYS A 77 -13.19 19.02 18.36
CA LYS A 77 -13.33 20.34 18.95
C LYS A 77 -14.17 21.25 18.06
N ILE A 78 -13.89 21.23 16.77
CA ILE A 78 -14.56 22.13 15.83
C ILE A 78 -15.94 21.65 15.39
N LYS A 79 -16.11 20.34 15.28
CA LYS A 79 -17.36 19.76 14.81
C LYS A 79 -18.33 19.57 15.96
N LYS A 80 -17.89 19.93 17.15
CA LYS A 80 -18.69 19.82 18.34
C LYS A 80 -19.92 20.70 18.23
N LYS A 81 -21.07 20.07 18.20
CA LYS A 81 -22.33 20.74 18.13
C LYS A 81 -22.65 21.41 19.44
N ARG A 82 -22.56 22.71 19.47
CA ARG A 82 -22.87 23.47 20.64
C ARG A 82 -24.27 23.99 20.47
N GLY B 1 -0.11 -19.56 -21.39
CA GLY B 1 1.34 -19.69 -21.56
C GLY B 1 2.08 -18.99 -20.46
N SER B 2 3.33 -18.72 -20.69
CA SER B 2 4.15 -18.08 -19.70
C SER B 2 3.98 -16.58 -19.71
N HIS B 3 3.19 -16.07 -18.78
CA HIS B 3 3.17 -14.64 -18.57
C HIS B 3 4.40 -14.34 -17.75
N MET B 4 5.41 -13.86 -18.39
CA MET B 4 6.66 -13.67 -17.72
C MET B 4 7.02 -12.19 -17.66
N ALA B 5 7.94 -11.87 -16.78
CA ALA B 5 8.40 -10.52 -16.57
C ALA B 5 9.22 -9.96 -17.73
N SER B 6 8.52 -9.58 -18.74
CA SER B 6 9.03 -8.88 -19.86
C SER B 6 8.08 -7.71 -20.09
N SER B 7 6.86 -8.03 -20.45
CA SER B 7 5.83 -7.05 -20.51
C SER B 7 5.20 -6.95 -19.12
N ARG B 8 5.19 -8.08 -18.41
CA ARG B 8 4.67 -8.15 -17.04
C ARG B 8 5.54 -7.39 -16.06
N GLN B 9 6.79 -7.08 -16.43
CA GLN B 9 7.62 -6.31 -15.52
C GLN B 9 7.19 -4.86 -15.53
N LYS B 10 6.60 -4.43 -16.66
CA LYS B 10 6.01 -3.12 -16.77
C LYS B 10 4.84 -3.07 -15.82
N TYR B 11 4.01 -4.11 -15.87
CA TYR B 11 2.86 -4.23 -14.97
C TYR B 11 3.31 -4.13 -13.54
N ALA B 12 4.35 -4.86 -13.20
CA ALA B 12 4.92 -4.83 -11.86
C ALA B 12 5.29 -3.41 -11.44
N GLU B 13 6.02 -2.71 -12.31
CA GLU B 13 6.45 -1.34 -12.04
C GLU B 13 5.22 -0.40 -11.93
N GLU B 14 4.29 -0.55 -12.86
CA GLU B 14 3.07 0.24 -12.89
C GLU B 14 2.26 0.05 -11.62
N GLU B 15 2.14 -1.21 -11.18
CA GLU B 15 1.45 -1.54 -9.95
C GLU B 15 2.16 -0.92 -8.77
N LEU B 16 3.48 -1.18 -8.66
CA LEU B 16 4.30 -0.69 -7.53
C LEU B 16 4.13 0.80 -7.32
N GLU B 17 4.27 1.53 -8.39
CA GLU B 17 4.16 2.93 -8.26
C GLU B 17 2.73 3.36 -7.97
N GLN B 18 1.76 2.72 -8.62
CA GLN B 18 0.35 3.03 -8.37
C GLN B 18 0.00 2.81 -6.92
N VAL B 19 0.28 1.62 -6.42
CA VAL B 19 -0.09 1.20 -5.09
C VAL B 19 0.53 2.13 -4.00
N ARG B 20 1.84 2.39 -4.11
CA ARG B 20 2.52 3.15 -3.09
C ARG B 20 2.15 4.64 -3.13
N GLU B 21 2.08 5.20 -4.35
CA GLU B 21 1.79 6.59 -4.48
C GLU B 21 0.36 6.81 -4.04
N ALA B 22 -0.54 5.90 -4.42
CA ALA B 22 -1.94 6.00 -4.09
C ALA B 22 -2.16 6.01 -2.58
N LEU B 23 -1.48 5.09 -1.86
CA LEU B 23 -1.62 5.04 -0.38
C LEU B 23 -1.16 6.42 0.21
N ARG B 24 0.03 6.87 -0.18
CA ARG B 24 0.58 8.14 0.35
C ARG B 24 -0.26 9.32 -0.09
N LYS B 25 -0.74 9.26 -1.32
CA LYS B 25 -1.62 10.28 -1.91
C LYS B 25 -2.84 10.45 -1.03
N ALA B 26 -3.41 9.34 -0.64
CA ALA B 26 -4.59 9.33 0.18
C ALA B 26 -4.30 9.94 1.56
N GLU B 27 -3.13 9.65 2.10
CA GLU B 27 -2.68 10.27 3.35
C GLU B 27 -2.45 11.76 3.17
N LYS B 28 -1.91 12.13 2.01
CA LYS B 28 -1.63 13.51 1.70
C LYS B 28 -2.97 14.26 1.60
N GLU B 29 -3.99 13.57 1.09
CA GLU B 29 -5.30 14.12 1.14
C GLU B 29 -5.74 14.28 2.55
N LEU B 30 -5.53 13.26 3.39
CA LEU B 30 -5.95 13.32 4.79
C LEU B 30 -5.37 14.54 5.47
N GLU B 31 -4.11 14.86 5.25
CA GLU B 31 -3.53 16.06 5.84
C GLU B 31 -4.14 17.34 5.23
N SER B 32 -4.34 17.34 3.93
CA SER B 32 -4.96 18.46 3.23
C SER B 32 -6.46 18.58 3.62
N HIS B 33 -7.02 17.50 4.08
CA HIS B 33 -8.40 17.36 4.47
C HIS B 33 -8.50 17.73 5.94
N SER B 34 -7.46 17.40 6.68
CA SER B 34 -7.36 17.75 8.07
C SER B 34 -6.97 19.20 8.24
N SER B 35 -6.58 19.85 7.16
CA SER B 35 -6.48 21.30 7.17
C SER B 35 -7.85 21.91 7.61
N TRP B 36 -8.94 21.18 7.31
CA TRP B 36 -10.27 21.58 7.72
C TRP B 36 -10.79 20.65 8.86
N TYR B 37 -10.35 19.38 8.82
CA TYR B 37 -10.67 18.30 9.80
C TYR B 37 -12.07 17.73 9.63
N ALA B 38 -12.13 16.48 9.28
CA ALA B 38 -13.38 15.77 9.15
C ALA B 38 -13.63 15.00 10.43
N PRO B 39 -14.89 14.64 10.72
CA PRO B 39 -15.24 13.85 11.93
C PRO B 39 -14.75 12.35 11.87
N GLU B 40 -15.55 11.43 12.46
CA GLU B 40 -15.16 10.03 12.54
C GLU B 40 -14.95 9.41 11.16
N ALA B 41 -15.49 10.01 10.11
CA ALA B 41 -15.23 9.55 8.77
C ALA B 41 -13.71 9.60 8.47
N LEU B 42 -13.06 10.68 8.91
CA LEU B 42 -11.61 10.84 8.77
C LEU B 42 -10.91 9.92 9.72
N GLN B 43 -11.44 9.89 10.92
CA GLN B 43 -10.87 9.09 11.99
C GLN B 43 -10.88 7.60 11.58
N LYS B 44 -12.01 7.17 11.05
CA LYS B 44 -12.22 5.80 10.60
C LYS B 44 -11.30 5.52 9.43
N TRP B 45 -11.29 6.45 8.47
CA TRP B 45 -10.53 6.28 7.24
C TRP B 45 -9.08 5.97 7.52
N LEU B 46 -8.43 6.81 8.26
CA LEU B 46 -7.05 6.60 8.45
C LEU B 46 -6.76 5.51 9.45
N GLN B 47 -7.64 5.37 10.47
CA GLN B 47 -7.51 4.31 11.47
C GLN B 47 -7.50 2.95 10.80
N LEU B 48 -8.47 2.74 9.92
CA LEU B 48 -8.57 1.50 9.18
C LEU B 48 -7.39 1.31 8.28
N THR B 49 -7.05 2.34 7.49
CA THR B 49 -5.92 2.27 6.58
C THR B 49 -4.63 1.90 7.34
N HIS B 50 -4.39 2.61 8.44
CA HIS B 50 -3.24 2.37 9.31
C HIS B 50 -3.20 0.93 9.82
N GLU B 51 -4.29 0.47 10.40
CA GLU B 51 -4.32 -0.84 11.01
C GLU B 51 -4.16 -1.92 9.93
N VAL B 52 -4.74 -1.65 8.77
CA VAL B 52 -4.66 -2.54 7.64
C VAL B 52 -3.24 -2.59 7.12
N GLU B 53 -2.65 -1.44 6.85
CA GLU B 53 -1.32 -1.40 6.27
C GLU B 53 -0.27 -1.98 7.20
N VAL B 54 -0.44 -1.81 8.49
CA VAL B 54 0.51 -2.36 9.41
C VAL B 54 0.32 -3.89 9.57
N GLN B 55 -0.94 -4.33 9.68
CA GLN B 55 -1.26 -5.76 9.72
C GLN B 55 -0.72 -6.41 8.45
N TYR B 56 -1.04 -5.78 7.34
CA TYR B 56 -0.60 -6.23 6.09
C TYR B 56 0.85 -6.11 5.86
N TYR B 57 1.50 -5.09 6.41
CA TYR B 57 2.95 -5.03 6.25
C TYR B 57 3.55 -6.27 6.90
N ASN B 58 3.02 -6.68 8.05
CA ASN B 58 3.57 -7.87 8.72
C ASN B 58 3.38 -9.11 7.82
N ILE B 59 2.13 -9.34 7.39
CA ILE B 59 1.84 -10.51 6.55
C ILE B 59 2.51 -10.44 5.20
N LYS B 60 2.50 -9.29 4.59
CA LYS B 60 3.03 -9.15 3.27
C LYS B 60 4.54 -9.09 3.29
N LYS B 61 5.14 -8.50 4.32
CA LYS B 61 6.61 -8.46 4.42
C LYS B 61 7.13 -9.89 4.56
N GLN B 62 6.48 -10.69 5.43
CA GLN B 62 6.89 -12.09 5.58
C GLN B 62 6.63 -12.86 4.28
N ASN B 63 5.49 -12.54 3.65
CA ASN B 63 5.08 -13.15 2.38
C ASN B 63 6.10 -12.84 1.31
N ALA B 64 6.44 -11.57 1.21
CA ALA B 64 7.28 -11.06 0.18
C ALA B 64 8.69 -11.61 0.27
N GLU B 65 9.25 -11.57 1.47
CA GLU B 65 10.60 -12.06 1.64
C GLU B 65 10.66 -13.57 1.38
N LYS B 66 9.65 -14.31 1.84
CA LYS B 66 9.60 -15.74 1.62
C LYS B 66 9.35 -16.07 0.13
N GLN B 67 8.42 -15.33 -0.49
CA GLN B 67 8.04 -15.58 -1.87
C GLN B 67 9.21 -15.32 -2.78
N LEU B 68 9.84 -14.16 -2.65
CA LEU B 68 11.03 -13.92 -3.42
C LEU B 68 12.13 -14.87 -3.10
N LEU B 69 12.29 -15.28 -1.84
CA LEU B 69 13.36 -16.22 -1.48
C LEU B 69 13.25 -17.47 -2.37
N VAL B 70 12.06 -18.04 -2.41
CA VAL B 70 11.83 -19.25 -3.16
C VAL B 70 11.88 -18.97 -4.66
N ALA B 71 11.43 -17.79 -5.05
CA ALA B 71 11.38 -17.41 -6.43
C ALA B 71 12.74 -17.10 -6.98
N LYS B 72 13.46 -16.30 -6.26
CA LYS B 72 14.79 -15.86 -6.61
C LYS B 72 15.70 -17.07 -6.76
N GLU B 73 15.65 -17.98 -5.79
CA GLU B 73 16.41 -19.19 -5.88
C GLU B 73 15.96 -20.07 -7.04
N GLY B 74 14.66 -20.31 -7.12
CA GLY B 74 14.09 -21.13 -8.17
C GLY B 74 14.39 -20.59 -9.55
N ALA B 75 14.24 -19.29 -9.69
CA ALA B 75 14.47 -18.61 -10.94
C ALA B 75 15.90 -18.73 -11.38
N GLU B 76 16.84 -18.47 -10.48
CA GLU B 76 18.23 -18.57 -10.88
C GLU B 76 18.62 -20.00 -11.19
N LYS B 77 17.93 -20.96 -10.58
CA LYS B 77 18.18 -22.34 -10.91
C LYS B 77 17.65 -22.66 -12.32
N ILE B 78 16.42 -22.26 -12.59
CA ILE B 78 15.75 -22.61 -13.84
C ILE B 78 16.10 -21.71 -15.02
N LYS B 79 16.37 -20.44 -14.76
CA LYS B 79 16.67 -19.49 -15.82
C LYS B 79 18.15 -19.49 -16.14
N LYS B 80 18.87 -20.32 -15.43
CA LYS B 80 20.29 -20.49 -15.65
C LYS B 80 20.53 -20.99 -17.07
N LYS B 81 21.31 -20.25 -17.81
CA LYS B 81 21.60 -20.61 -19.17
C LYS B 81 22.76 -21.56 -19.19
N ARG B 82 22.51 -22.78 -19.56
CA ARG B 82 23.54 -23.77 -19.64
C ARG B 82 24.02 -23.80 -21.07
N GLY A 1 -22.66 25.66 2.22
CA GLY A 1 -21.59 24.76 1.85
C GLY A 1 -21.74 23.46 2.56
N SER A 2 -21.43 22.38 1.90
CA SER A 2 -21.57 21.08 2.49
C SER A 2 -20.33 20.73 3.30
N HIS A 3 -20.34 21.12 4.54
CA HIS A 3 -19.26 20.78 5.43
C HIS A 3 -19.76 19.76 6.39
N MET A 4 -19.69 18.51 5.98
CA MET A 4 -20.18 17.40 6.76
C MET A 4 -19.55 16.15 6.21
N ALA A 5 -19.47 15.11 7.01
CA ALA A 5 -18.94 13.85 6.56
C ALA A 5 -19.92 13.18 5.63
N SER A 6 -19.63 13.26 4.36
CA SER A 6 -20.41 12.69 3.33
C SER A 6 -19.59 12.76 2.06
N SER A 7 -19.85 11.86 1.12
CA SER A 7 -19.20 11.76 -0.19
C SER A 7 -17.72 11.32 -0.08
N ARG A 8 -16.94 12.03 0.73
CA ARG A 8 -15.53 11.74 0.95
C ARG A 8 -15.35 10.38 1.62
N GLN A 9 -16.36 9.98 2.42
CA GLN A 9 -16.34 8.71 3.15
C GLN A 9 -16.21 7.56 2.17
N LYS A 10 -17.07 7.60 1.15
CA LYS A 10 -17.13 6.60 0.10
C LYS A 10 -15.77 6.45 -0.55
N TYR A 11 -15.26 7.54 -1.08
CA TYR A 11 -13.99 7.55 -1.78
C TYR A 11 -12.85 7.06 -0.91
N ALA A 12 -12.86 7.46 0.36
CA ALA A 12 -11.83 7.05 1.30
C ALA A 12 -11.82 5.54 1.45
N GLU A 13 -12.99 4.98 1.70
CA GLU A 13 -13.11 3.54 1.88
C GLU A 13 -12.80 2.77 0.58
N GLU A 14 -13.29 3.29 -0.55
CA GLU A 14 -13.05 2.69 -1.85
C GLU A 14 -11.55 2.67 -2.17
N GLU A 15 -10.89 3.79 -1.90
CA GLU A 15 -9.46 3.88 -2.13
C GLU A 15 -8.69 3.02 -1.16
N LEU A 16 -9.16 2.91 0.10
CA LEU A 16 -8.51 2.08 1.14
C LEU A 16 -8.42 0.65 0.61
N GLU A 17 -9.54 0.15 0.13
CA GLU A 17 -9.53 -1.18 -0.40
C GLU A 17 -8.73 -1.27 -1.69
N GLN A 18 -8.88 -0.29 -2.57
CA GLN A 18 -8.13 -0.25 -3.83
C GLN A 18 -6.62 -0.34 -3.57
N VAL A 19 -6.12 0.55 -2.72
CA VAL A 19 -4.69 0.63 -2.44
C VAL A 19 -4.14 -0.69 -1.84
N ARG A 20 -4.80 -1.20 -0.79
CA ARG A 20 -4.31 -2.39 -0.12
C ARG A 20 -4.39 -3.62 -1.04
N GLU A 21 -5.50 -3.72 -1.77
CA GLU A 21 -5.70 -4.81 -2.65
C GLU A 21 -4.75 -4.74 -3.77
N ALA A 22 -4.59 -3.56 -4.38
CA ALA A 22 -3.68 -3.37 -5.51
C ALA A 22 -2.27 -3.85 -5.16
N LEU A 23 -1.80 -3.50 -3.95
CA LEU A 23 -0.48 -3.95 -3.50
C LEU A 23 -0.46 -5.51 -3.47
N ARG A 24 -1.45 -6.09 -2.80
CA ARG A 24 -1.50 -7.57 -2.68
C ARG A 24 -1.74 -8.23 -4.03
N LYS A 25 -2.52 -7.57 -4.87
CA LYS A 25 -2.79 -8.07 -6.24
C LYS A 25 -1.49 -8.15 -7.04
N ALA A 26 -0.61 -7.21 -6.81
CA ALA A 26 0.69 -7.24 -7.45
C ALA A 26 1.54 -8.39 -6.86
N GLU A 27 1.39 -8.63 -5.58
CA GLU A 27 2.02 -9.81 -4.94
C GLU A 27 1.39 -11.12 -5.46
N LYS A 28 0.10 -11.03 -5.77
CA LYS A 28 -0.66 -12.12 -6.36
C LYS A 28 -0.07 -12.40 -7.75
N GLU A 29 0.34 -11.33 -8.45
CA GLU A 29 1.07 -11.48 -9.70
C GLU A 29 2.33 -12.25 -9.43
N LEU A 30 3.09 -11.87 -8.38
CA LEU A 30 4.34 -12.56 -8.06
C LEU A 30 4.11 -14.07 -7.94
N GLU A 31 3.13 -14.49 -7.15
CA GLU A 31 2.85 -15.94 -7.01
C GLU A 31 2.39 -16.58 -8.34
N SER A 32 1.47 -15.96 -9.02
CA SER A 32 0.95 -16.47 -10.29
C SER A 32 2.04 -16.46 -11.39
N HIS A 33 3.04 -15.66 -11.19
CA HIS A 33 4.13 -15.56 -12.10
C HIS A 33 5.26 -16.47 -11.61
N SER A 34 5.31 -16.70 -10.29
CA SER A 34 6.29 -17.60 -9.69
C SER A 34 5.94 -19.05 -10.01
N SER A 35 4.73 -19.26 -10.50
CA SER A 35 4.38 -20.55 -11.10
C SER A 35 5.43 -20.89 -12.20
N TRP A 36 5.94 -19.85 -12.85
CA TRP A 36 7.00 -19.96 -13.81
C TRP A 36 8.35 -19.59 -13.17
N TYR A 37 8.33 -18.50 -12.38
CA TYR A 37 9.49 -17.90 -11.67
C TYR A 37 10.28 -17.00 -12.60
N ALA A 38 10.26 -15.73 -12.29
CA ALA A 38 10.97 -14.74 -13.08
C ALA A 38 12.34 -14.50 -12.47
N PRO A 39 13.29 -13.96 -13.24
CA PRO A 39 14.66 -13.74 -12.76
C PRO A 39 14.81 -12.47 -11.86
N GLU A 40 15.92 -11.76 -12.06
CA GLU A 40 16.26 -10.54 -11.35
C GLU A 40 15.12 -9.54 -11.41
N ALA A 41 14.36 -9.56 -12.49
CA ALA A 41 13.16 -8.73 -12.65
C ALA A 41 12.18 -8.95 -11.47
N LEU A 42 11.92 -10.20 -11.14
CA LEU A 42 11.02 -10.55 -10.03
C LEU A 42 11.64 -10.22 -8.72
N GLN A 43 12.92 -10.53 -8.63
CA GLN A 43 13.67 -10.33 -7.40
C GLN A 43 13.69 -8.83 -7.07
N LYS A 44 14.03 -8.03 -8.06
CA LYS A 44 14.09 -6.58 -7.97
C LYS A 44 12.68 -6.03 -7.64
N TRP A 45 11.67 -6.53 -8.36
CA TRP A 45 10.29 -6.07 -8.20
C TRP A 45 9.81 -6.19 -6.77
N LEU A 46 9.86 -7.37 -6.22
CA LEU A 46 9.30 -7.54 -4.92
C LEU A 46 10.21 -7.00 -3.85
N GLN A 47 11.52 -7.10 -4.06
CA GLN A 47 12.49 -6.57 -3.11
C GLN A 47 12.24 -5.09 -2.88
N LEU A 48 12.04 -4.36 -3.98
CA LEU A 48 11.75 -2.96 -3.92
C LEU A 48 10.42 -2.70 -3.28
N THR A 49 9.38 -3.43 -3.71
CA THR A 49 8.04 -3.26 -3.15
C THR A 49 8.07 -3.49 -1.63
N HIS A 50 8.74 -4.56 -1.23
CA HIS A 50 8.94 -4.92 0.17
C HIS A 50 9.64 -3.78 0.92
N GLU A 51 10.76 -3.32 0.41
CA GLU A 51 11.51 -2.28 1.08
C GLU A 51 10.67 -1.02 1.16
N VAL A 52 9.92 -0.77 0.09
CA VAL A 52 9.06 0.39 -0.01
C VAL A 52 7.93 0.32 0.98
N GLU A 53 7.22 -0.79 1.02
CA GLU A 53 6.09 -0.91 1.91
C GLU A 53 6.50 -0.86 3.35
N VAL A 54 7.65 -1.43 3.67
CA VAL A 54 8.11 -1.42 5.03
C VAL A 54 8.67 -0.02 5.42
N GLN A 55 9.43 0.58 4.51
CA GLN A 55 9.98 1.91 4.76
C GLN A 55 8.83 2.92 4.87
N TYR A 56 7.91 2.82 3.93
CA TYR A 56 6.75 3.63 3.95
C TYR A 56 5.86 3.32 5.10
N TYR A 57 5.77 2.05 5.52
CA TYR A 57 4.97 1.76 6.69
C TYR A 57 5.50 2.53 7.86
N ASN A 58 6.82 2.59 8.00
CA ASN A 58 7.39 3.34 9.11
C ASN A 58 7.03 4.83 9.03
N ILE A 59 7.31 5.45 7.86
CA ILE A 59 6.97 6.87 7.70
C ILE A 59 5.49 7.12 7.77
N LYS A 60 4.72 6.34 7.09
CA LYS A 60 3.32 6.59 7.01
C LYS A 60 2.63 6.24 8.32
N LYS A 61 3.06 5.18 9.00
CA LYS A 61 2.47 4.83 10.31
C LYS A 61 2.71 5.96 11.29
N GLN A 62 3.96 6.46 11.37
CA GLN A 62 4.25 7.54 12.31
C GLN A 62 3.45 8.81 11.92
N ASN A 63 3.44 9.10 10.62
CA ASN A 63 2.73 10.25 10.11
C ASN A 63 1.25 10.13 10.33
N ALA A 64 0.68 8.99 9.99
CA ALA A 64 -0.75 8.73 10.10
C ALA A 64 -1.23 8.85 11.54
N GLU A 65 -0.51 8.23 12.47
CA GLU A 65 -0.89 8.29 13.86
C GLU A 65 -0.84 9.74 14.37
N LYS A 66 0.17 10.49 13.95
CA LYS A 66 0.28 11.90 14.33
C LYS A 66 -0.80 12.74 13.63
N GLN A 67 -1.05 12.42 12.37
CA GLN A 67 -1.98 13.13 11.51
C GLN A 67 -3.38 13.02 12.08
N LEU A 68 -3.82 11.80 12.38
CA LEU A 68 -5.10 11.63 13.01
C LEU A 68 -5.14 12.21 14.39
N LEU A 69 -4.02 12.15 15.13
CA LEU A 69 -4.00 12.73 16.49
C LEU A 69 -4.43 14.20 16.43
N VAL A 70 -3.78 14.95 15.55
CA VAL A 70 -4.03 16.37 15.43
C VAL A 70 -5.39 16.64 14.78
N ALA A 71 -5.76 15.78 13.85
CA ALA A 71 -7.03 15.93 13.19
C ALA A 71 -8.17 15.59 14.09
N LYS A 72 -8.00 14.57 14.88
CA LYS A 72 -9.00 14.09 15.80
C LYS A 72 -9.31 15.20 16.80
N GLU A 73 -8.24 15.73 17.42
CA GLU A 73 -8.43 16.80 18.39
C GLU A 73 -9.06 18.01 17.74
N GLY A 74 -8.48 18.44 16.62
CA GLY A 74 -8.95 19.60 15.90
C GLY A 74 -10.37 19.46 15.43
N ALA A 75 -10.72 18.30 14.91
CA ALA A 75 -12.06 18.06 14.42
C ALA A 75 -13.07 18.13 15.52
N GLU A 76 -12.82 17.46 16.62
CA GLU A 76 -13.77 17.47 17.70
C GLU A 76 -13.84 18.83 18.38
N LYS A 77 -12.75 19.57 18.28
CA LYS A 77 -12.69 20.91 18.83
C LYS A 77 -13.59 21.85 18.03
N ILE A 78 -13.67 21.62 16.72
CA ILE A 78 -14.46 22.45 15.86
C ILE A 78 -15.89 21.95 15.71
N LYS A 79 -16.04 20.67 15.62
CA LYS A 79 -17.31 20.07 15.35
C LYS A 79 -18.11 19.82 16.58
N LYS A 80 -19.19 20.52 16.67
CA LYS A 80 -20.14 20.35 17.72
C LYS A 80 -21.40 19.82 17.08
N LYS A 81 -22.12 18.99 17.78
CA LYS A 81 -23.33 18.43 17.25
C LYS A 81 -24.42 19.49 17.18
N ARG A 82 -25.12 19.51 16.11
CA ARG A 82 -26.19 20.45 15.92
C ARG A 82 -27.50 19.76 16.23
N GLY B 1 7.33 -19.39 -27.38
CA GLY B 1 6.67 -18.69 -26.29
C GLY B 1 7.62 -17.72 -25.66
N SER B 2 7.15 -16.56 -25.30
CA SER B 2 8.01 -15.57 -24.72
C SER B 2 8.16 -15.79 -23.22
N HIS B 3 9.19 -16.50 -22.85
CA HIS B 3 9.46 -16.77 -21.46
C HIS B 3 10.73 -16.04 -21.07
N MET B 4 10.61 -14.77 -20.89
CA MET B 4 11.73 -13.93 -20.56
C MET B 4 11.20 -12.74 -19.81
N ALA B 5 12.03 -12.10 -19.05
CA ALA B 5 11.66 -10.91 -18.35
C ALA B 5 11.55 -9.77 -19.30
N SER B 6 10.34 -9.42 -19.60
CA SER B 6 10.05 -8.31 -20.45
C SER B 6 8.57 -8.05 -20.37
N SER B 7 8.16 -6.79 -20.51
CA SER B 7 6.75 -6.35 -20.46
C SER B 7 6.19 -6.38 -19.02
N ARG B 8 6.32 -7.52 -18.34
CA ARG B 8 5.86 -7.65 -16.95
C ARG B 8 6.62 -6.70 -16.05
N GLN B 9 7.90 -6.44 -16.41
CA GLN B 9 8.78 -5.54 -15.67
C GLN B 9 8.13 -4.17 -15.53
N LYS B 10 7.68 -3.66 -16.68
CA LYS B 10 7.04 -2.37 -16.79
C LYS B 10 5.86 -2.29 -15.85
N TYR B 11 4.92 -3.21 -16.02
CA TYR B 11 3.70 -3.24 -15.23
C TYR B 11 3.97 -3.35 -13.75
N ALA B 12 4.93 -4.18 -13.39
CA ALA B 12 5.28 -4.38 -12.00
C ALA B 12 5.73 -3.06 -11.38
N GLU B 13 6.64 -2.38 -12.06
CA GLU B 13 7.16 -1.13 -11.54
C GLU B 13 6.12 0.00 -11.56
N GLU B 14 5.29 0.03 -12.63
CA GLU B 14 4.20 0.99 -12.77
C GLU B 14 3.21 0.83 -11.63
N GLU B 15 2.87 -0.41 -11.34
CA GLU B 15 1.97 -0.72 -10.26
C GLU B 15 2.60 -0.45 -8.90
N LEU B 16 3.90 -0.73 -8.75
CA LEU B 16 4.64 -0.49 -7.49
C LEU B 16 4.46 0.99 -7.11
N GLU B 17 4.72 1.85 -8.06
CA GLU B 17 4.56 3.25 -7.80
C GLU B 17 3.10 3.62 -7.61
N GLN B 18 2.22 3.06 -8.44
CA GLN B 18 0.78 3.33 -8.32
C GLN B 18 0.27 2.99 -6.92
N VAL B 19 0.55 1.77 -6.47
CA VAL B 19 0.07 1.28 -5.18
C VAL B 19 0.58 2.16 -4.01
N ARG B 20 1.91 2.39 -3.98
CA ARG B 20 2.49 3.14 -2.86
C ARG B 20 2.03 4.60 -2.88
N GLU B 21 1.99 5.17 -4.07
CA GLU B 21 1.59 6.53 -4.21
C GLU B 21 0.15 6.68 -3.87
N ALA B 22 -0.69 5.77 -4.38
CA ALA B 22 -2.14 5.80 -4.12
C ALA B 22 -2.42 5.83 -2.63
N LEU B 23 -1.69 5.00 -1.88
CA LEU B 23 -1.85 4.96 -0.42
C LEU B 23 -1.50 6.37 0.15
N ARG B 24 -0.31 6.88 -0.22
CA ARG B 24 0.15 8.20 0.28
C ARG B 24 -0.75 9.32 -0.22
N LYS B 25 -1.24 9.18 -1.44
CA LYS B 25 -2.17 10.16 -2.02
C LYS B 25 -3.43 10.25 -1.19
N ALA B 26 -3.90 9.12 -0.70
CA ALA B 26 -5.06 9.10 0.17
C ALA B 26 -4.74 9.78 1.51
N GLU B 27 -3.53 9.56 2.00
CA GLU B 27 -3.03 10.26 3.20
C GLU B 27 -2.90 11.78 2.92
N LYS B 28 -2.56 12.10 1.68
CA LYS B 28 -2.46 13.46 1.20
C LYS B 28 -3.87 14.08 1.24
N GLU B 29 -4.89 13.27 0.92
CA GLU B 29 -6.28 13.69 1.10
C GLU B 29 -6.51 14.02 2.55
N LEU B 30 -6.07 13.13 3.46
CA LEU B 30 -6.27 13.35 4.90
C LEU B 30 -5.73 14.72 5.30
N GLU B 31 -4.52 15.07 4.88
CA GLU B 31 -3.96 16.39 5.23
C GLU B 31 -4.72 17.54 4.54
N SER B 32 -4.97 17.41 3.26
CA SER B 32 -5.67 18.43 2.49
C SER B 32 -7.13 18.59 2.97
N HIS B 33 -7.60 17.58 3.64
CA HIS B 33 -8.92 17.57 4.18
C HIS B 33 -8.86 17.97 5.66
N SER B 34 -7.71 17.73 6.30
CA SER B 34 -7.49 18.10 7.69
C SER B 34 -7.30 19.60 7.80
N SER B 35 -7.08 20.24 6.67
CA SER B 35 -7.14 21.70 6.62
C SER B 35 -8.54 22.19 7.12
N TRP B 36 -9.53 21.31 6.99
CA TRP B 36 -10.87 21.52 7.50
C TRP B 36 -11.12 20.63 8.73
N TYR B 37 -10.55 19.41 8.69
CA TYR B 37 -10.69 18.35 9.72
C TYR B 37 -12.04 17.72 9.65
N ALA B 38 -12.07 16.45 9.34
CA ALA B 38 -13.29 15.69 9.28
C ALA B 38 -13.50 15.00 10.61
N PRO B 39 -14.73 14.57 10.93
CA PRO B 39 -15.03 13.92 12.21
C PRO B 39 -14.59 12.42 12.26
N GLU B 40 -15.44 11.60 12.87
CA GLU B 40 -15.23 10.17 13.02
C GLU B 40 -14.94 9.52 11.66
N ALA B 41 -15.47 10.10 10.59
CA ALA B 41 -15.22 9.64 9.23
C ALA B 41 -13.71 9.63 8.93
N LEU B 42 -13.02 10.71 9.30
CA LEU B 42 -11.57 10.83 9.09
C LEU B 42 -10.84 9.93 10.02
N GLN B 43 -11.32 9.91 11.24
CA GLN B 43 -10.72 9.13 12.30
C GLN B 43 -10.76 7.64 11.91
N LYS B 44 -11.94 7.19 11.52
CA LYS B 44 -12.20 5.83 11.09
C LYS B 44 -11.35 5.50 9.85
N TRP B 45 -11.36 6.43 8.87
CA TRP B 45 -10.64 6.24 7.62
C TRP B 45 -9.17 5.94 7.82
N LEU B 46 -8.47 6.81 8.50
CA LEU B 46 -7.08 6.62 8.60
C LEU B 46 -6.73 5.55 9.59
N GLN B 47 -7.53 5.44 10.66
CA GLN B 47 -7.32 4.40 11.69
C GLN B 47 -7.32 3.04 11.03
N LEU B 48 -8.30 2.82 10.16
CA LEU B 48 -8.39 1.58 9.43
C LEU B 48 -7.25 1.42 8.47
N THR B 49 -6.97 2.45 7.67
CA THR B 49 -5.88 2.39 6.69
C THR B 49 -4.55 2.07 7.39
N HIS B 50 -4.30 2.76 8.50
CA HIS B 50 -3.13 2.56 9.33
C HIS B 50 -3.06 1.11 9.81
N GLU B 51 -4.14 0.64 10.42
CA GLU B 51 -4.16 -0.71 10.95
C GLU B 51 -3.96 -1.72 9.81
N VAL B 52 -4.58 -1.42 8.69
CA VAL B 52 -4.50 -2.23 7.51
C VAL B 52 -3.08 -2.30 6.98
N GLU B 53 -2.46 -1.16 6.79
CA GLU B 53 -1.14 -1.13 6.24
C GLU B 53 -0.13 -1.79 7.16
N VAL B 54 -0.31 -1.64 8.45
CA VAL B 54 0.61 -2.23 9.40
C VAL B 54 0.35 -3.76 9.52
N GLN B 55 -0.91 -4.16 9.62
CA GLN B 55 -1.28 -5.58 9.69
C GLN B 55 -0.82 -6.30 8.41
N TYR B 56 -1.13 -5.67 7.29
CA TYR B 56 -0.72 -6.17 6.03
C TYR B 56 0.75 -6.10 5.83
N TYR B 57 1.42 -5.08 6.36
CA TYR B 57 2.87 -5.05 6.24
C TYR B 57 3.44 -6.29 6.89
N ASN B 58 2.93 -6.68 8.05
CA ASN B 58 3.44 -7.88 8.70
C ASN B 58 3.20 -9.11 7.82
N ILE B 59 1.95 -9.32 7.38
CA ILE B 59 1.65 -10.49 6.53
C ILE B 59 2.38 -10.43 5.20
N LYS B 60 2.37 -9.31 4.57
CA LYS B 60 2.92 -9.21 3.26
C LYS B 60 4.44 -9.21 3.31
N LYS B 61 5.05 -8.56 4.32
CA LYS B 61 6.51 -8.57 4.48
C LYS B 61 6.99 -10.01 4.66
N GLN B 62 6.33 -10.76 5.56
CA GLN B 62 6.74 -12.15 5.79
C GLN B 62 6.53 -12.98 4.52
N ASN B 63 5.39 -12.77 3.88
CA ASN B 63 5.05 -13.47 2.66
C ASN B 63 5.98 -13.14 1.54
N ALA B 64 6.23 -11.86 1.34
CA ALA B 64 7.09 -11.35 0.27
C ALA B 64 8.50 -11.86 0.40
N GLU B 65 9.06 -11.80 1.61
CA GLU B 65 10.40 -12.27 1.83
C GLU B 65 10.49 -13.76 1.51
N LYS B 66 9.49 -14.52 1.98
CA LYS B 66 9.45 -15.95 1.72
C LYS B 66 9.21 -16.23 0.22
N GLN B 67 8.33 -15.44 -0.37
CA GLN B 67 7.91 -15.56 -1.75
C GLN B 67 9.10 -15.37 -2.69
N LEU B 68 9.87 -14.30 -2.48
CA LEU B 68 11.05 -14.11 -3.28
C LEU B 68 12.12 -15.11 -2.97
N LEU B 69 12.19 -15.58 -1.72
CA LEU B 69 13.21 -16.59 -1.37
C LEU B 69 13.01 -17.82 -2.28
N VAL B 70 11.77 -18.31 -2.33
CA VAL B 70 11.46 -19.50 -3.09
C VAL B 70 11.54 -19.22 -4.59
N ALA B 71 11.13 -18.02 -4.98
CA ALA B 71 11.17 -17.64 -6.36
C ALA B 71 12.57 -17.43 -6.85
N LYS B 72 13.39 -16.79 -6.03
CA LYS B 72 14.76 -16.50 -6.37
C LYS B 72 15.48 -17.80 -6.65
N GLU B 73 15.40 -18.74 -5.69
CA GLU B 73 16.06 -20.02 -5.86
C GLU B 73 15.54 -20.73 -7.11
N GLY B 74 14.22 -20.90 -7.16
CA GLY B 74 13.58 -21.62 -8.24
C GLY B 74 13.87 -21.01 -9.60
N ALA B 75 13.87 -19.71 -9.66
CA ALA B 75 14.09 -19.00 -10.90
C ALA B 75 15.49 -19.19 -11.41
N GLU B 76 16.46 -19.04 -10.55
CA GLU B 76 17.82 -19.16 -11.00
C GLU B 76 18.21 -20.60 -11.22
N LYS B 77 17.45 -21.49 -10.60
CA LYS B 77 17.60 -22.92 -10.74
C LYS B 77 17.11 -23.35 -12.13
N ILE B 78 16.08 -22.69 -12.63
CA ILE B 78 15.52 -23.04 -13.93
C ILE B 78 16.14 -22.24 -15.08
N LYS B 79 16.35 -20.98 -14.87
CA LYS B 79 16.85 -20.13 -15.90
C LYS B 79 18.34 -20.10 -15.94
N LYS B 80 18.86 -20.50 -17.06
CA LYS B 80 20.27 -20.49 -17.32
C LYS B 80 20.51 -19.55 -18.48
N LYS B 81 21.62 -18.85 -18.45
CA LYS B 81 21.93 -17.89 -19.48
C LYS B 81 22.23 -18.60 -20.78
N ARG B 82 21.72 -18.06 -21.84
CA ARG B 82 21.94 -18.61 -23.14
C ARG B 82 22.89 -17.68 -23.86
N GLY A 1 -20.06 25.66 10.00
CA GLY A 1 -21.20 24.76 9.91
C GLY A 1 -20.74 23.33 10.00
N SER A 2 -21.66 22.43 10.20
CA SER A 2 -21.36 21.03 10.34
C SER A 2 -21.14 20.37 8.98
N HIS A 3 -19.98 20.60 8.41
CA HIS A 3 -19.59 19.97 7.18
C HIS A 3 -18.90 18.67 7.50
N MET A 4 -19.47 17.61 7.05
CA MET A 4 -18.95 16.29 7.30
C MET A 4 -18.49 15.68 6.00
N ALA A 5 -17.52 14.79 6.11
CA ALA A 5 -17.03 14.04 5.00
C ALA A 5 -18.18 13.26 4.39
N SER A 6 -18.51 13.60 3.20
CA SER A 6 -19.58 12.98 2.49
C SER A 6 -19.04 12.49 1.16
N SER A 7 -18.58 13.40 0.34
CA SER A 7 -18.05 13.04 -0.94
C SER A 7 -16.66 12.43 -0.78
N ARG A 8 -15.83 13.04 0.08
CA ARG A 8 -14.45 12.59 0.21
C ARG A 8 -14.33 11.25 0.96
N GLN A 9 -15.34 10.92 1.78
CA GLN A 9 -15.30 9.66 2.53
C GLN A 9 -15.45 8.46 1.60
N LYS A 10 -16.19 8.69 0.50
CA LYS A 10 -16.37 7.68 -0.52
C LYS A 10 -15.03 7.40 -1.14
N TYR A 11 -14.33 8.47 -1.50
CA TYR A 11 -12.99 8.38 -2.06
C TYR A 11 -12.07 7.68 -1.09
N ALA A 12 -12.18 8.03 0.18
CA ALA A 12 -11.35 7.44 1.22
C ALA A 12 -11.49 5.92 1.27
N GLU A 13 -12.72 5.42 1.30
CA GLU A 13 -12.92 3.97 1.35
C GLU A 13 -12.47 3.32 0.03
N GLU A 14 -12.78 3.98 -1.07
CA GLU A 14 -12.39 3.52 -2.37
C GLU A 14 -10.89 3.42 -2.49
N GLU A 15 -10.19 4.47 -2.06
CA GLU A 15 -8.75 4.47 -2.05
C GLU A 15 -8.22 3.36 -1.15
N LEU A 16 -8.73 3.28 0.10
CA LEU A 16 -8.25 2.26 1.08
C LEU A 16 -8.26 0.87 0.49
N GLU A 17 -9.37 0.49 -0.07
CA GLU A 17 -9.45 -0.83 -0.57
C GLU A 17 -8.68 -1.00 -1.85
N GLN A 18 -8.72 0.02 -2.69
CA GLN A 18 -7.97 0.02 -3.94
C GLN A 18 -6.48 -0.16 -3.67
N VAL A 19 -5.93 0.68 -2.79
CA VAL A 19 -4.51 0.68 -2.48
C VAL A 19 -4.04 -0.67 -1.89
N ARG A 20 -4.77 -1.17 -0.88
CA ARG A 20 -4.32 -2.39 -0.20
C ARG A 20 -4.48 -3.63 -1.09
N GLU A 21 -5.59 -3.72 -1.78
CA GLU A 21 -5.89 -4.85 -2.59
C GLU A 21 -5.01 -4.85 -3.81
N ALA A 22 -4.63 -3.66 -4.29
CA ALA A 22 -3.73 -3.53 -5.42
C ALA A 22 -2.34 -4.03 -5.05
N LEU A 23 -1.87 -3.63 -3.86
CA LEU A 23 -0.54 -4.07 -3.39
C LEU A 23 -0.53 -5.63 -3.34
N ARG A 24 -1.51 -6.20 -2.68
CA ARG A 24 -1.59 -7.67 -2.54
C ARG A 24 -1.83 -8.33 -3.90
N LYS A 25 -2.57 -7.66 -4.74
CA LYS A 25 -2.82 -8.12 -6.11
C LYS A 25 -1.52 -8.31 -6.86
N ALA A 26 -0.64 -7.37 -6.69
CA ALA A 26 0.65 -7.40 -7.31
C ALA A 26 1.52 -8.52 -6.69
N GLU A 27 1.36 -8.75 -5.41
CA GLU A 27 2.02 -9.90 -4.77
C GLU A 27 1.43 -11.21 -5.33
N LYS A 28 0.13 -11.20 -5.57
CA LYS A 28 -0.55 -12.35 -6.17
C LYS A 28 -0.01 -12.57 -7.58
N GLU A 29 0.30 -11.48 -8.28
CA GLU A 29 0.96 -11.51 -9.57
C GLU A 29 2.26 -12.26 -9.42
N LEU A 30 3.05 -11.83 -8.45
CA LEU A 30 4.38 -12.37 -8.22
C LEU A 30 4.34 -13.89 -8.01
N GLU A 31 3.44 -14.38 -7.19
CA GLU A 31 3.33 -15.82 -6.97
C GLU A 31 2.79 -16.57 -8.22
N SER A 32 1.77 -16.00 -8.83
CA SER A 32 1.15 -16.58 -10.01
C SER A 32 2.15 -16.54 -11.20
N HIS A 33 3.12 -15.66 -11.09
CA HIS A 33 4.16 -15.52 -12.07
C HIS A 33 5.36 -16.38 -11.65
N SER A 34 5.51 -16.59 -10.34
CA SER A 34 6.55 -17.47 -9.81
C SER A 34 6.24 -18.93 -10.15
N SER A 35 5.02 -19.16 -10.61
CA SER A 35 4.67 -20.44 -11.25
C SER A 35 5.74 -20.76 -12.35
N TRP A 36 6.24 -19.72 -13.01
CA TRP A 36 7.33 -19.85 -13.95
C TRP A 36 8.65 -19.39 -13.30
N TYR A 37 8.54 -18.29 -12.55
CA TYR A 37 9.65 -17.60 -11.86
C TYR A 37 10.40 -16.68 -12.82
N ALA A 38 10.43 -15.43 -12.51
CA ALA A 38 11.16 -14.49 -13.31
C ALA A 38 12.53 -14.29 -12.68
N PRO A 39 13.51 -13.82 -13.44
CA PRO A 39 14.86 -13.58 -12.91
C PRO A 39 14.95 -12.30 -12.00
N GLU A 40 16.04 -11.52 -12.16
CA GLU A 40 16.27 -10.32 -11.35
C GLU A 40 15.10 -9.36 -11.44
N ALA A 41 14.38 -9.40 -12.55
CA ALA A 41 13.16 -8.62 -12.74
C ALA A 41 12.17 -8.85 -11.57
N LEU A 42 11.96 -10.11 -11.21
CA LEU A 42 11.08 -10.50 -10.11
C LEU A 42 11.69 -10.15 -8.80
N GLN A 43 12.97 -10.44 -8.72
CA GLN A 43 13.72 -10.22 -7.49
C GLN A 43 13.71 -8.73 -7.15
N LYS A 44 13.96 -7.92 -8.16
CA LYS A 44 14.01 -6.48 -8.01
C LYS A 44 12.62 -5.96 -7.68
N TRP A 45 11.62 -6.46 -8.41
CA TRP A 45 10.23 -6.02 -8.22
C TRP A 45 9.79 -6.14 -6.78
N LEU A 46 9.90 -7.33 -6.23
CA LEU A 46 9.39 -7.51 -4.93
C LEU A 46 10.30 -6.93 -3.88
N GLN A 47 11.63 -6.96 -4.11
CA GLN A 47 12.59 -6.34 -3.20
C GLN A 47 12.26 -4.87 -3.02
N LEU A 48 12.03 -4.17 -4.13
CA LEU A 48 11.66 -2.75 -4.08
C LEU A 48 10.35 -2.56 -3.37
N THR A 49 9.34 -3.31 -3.76
CA THR A 49 8.02 -3.19 -3.15
C THR A 49 8.10 -3.42 -1.64
N HIS A 50 8.77 -4.49 -1.24
CA HIS A 50 8.98 -4.84 0.16
C HIS A 50 9.71 -3.72 0.91
N GLU A 51 10.83 -3.30 0.36
CA GLU A 51 11.67 -2.29 1.01
C GLU A 51 10.89 -1.00 1.15
N VAL A 52 10.12 -0.70 0.14
CA VAL A 52 9.33 0.49 0.07
C VAL A 52 8.14 0.43 1.01
N GLU A 53 7.41 -0.67 1.01
CA GLU A 53 6.24 -0.76 1.85
C GLU A 53 6.62 -0.76 3.32
N VAL A 54 7.75 -1.34 3.65
CA VAL A 54 8.19 -1.37 5.02
C VAL A 54 8.75 0.03 5.42
N GLN A 55 9.54 0.62 4.54
CA GLN A 55 10.07 1.98 4.74
C GLN A 55 8.90 2.95 4.91
N TYR A 56 7.96 2.84 4.00
CA TYR A 56 6.80 3.63 4.03
C TYR A 56 5.90 3.30 5.16
N TYR A 57 5.83 2.04 5.58
CA TYR A 57 5.02 1.73 6.74
C TYR A 57 5.56 2.52 7.92
N ASN A 58 6.87 2.61 8.05
CA ASN A 58 7.45 3.38 9.15
C ASN A 58 7.04 4.86 9.07
N ILE A 59 7.28 5.47 7.89
CA ILE A 59 6.93 6.89 7.70
C ILE A 59 5.44 7.13 7.72
N LYS A 60 4.70 6.30 7.08
CA LYS A 60 3.29 6.50 6.97
C LYS A 60 2.56 6.11 8.24
N LYS A 61 3.06 5.11 8.98
CA LYS A 61 2.45 4.74 10.27
C LYS A 61 2.59 5.91 11.22
N GLN A 62 3.82 6.47 11.31
CA GLN A 62 4.02 7.63 12.19
C GLN A 62 3.19 8.83 11.69
N ASN A 63 3.11 8.96 10.36
CA ASN A 63 2.34 10.02 9.72
C ASN A 63 0.89 9.89 10.09
N ALA A 64 0.38 8.68 9.93
CA ALA A 64 -1.01 8.39 10.11
C ALA A 64 -1.44 8.65 11.53
N GLU A 65 -0.66 8.14 12.46
CA GLU A 65 -0.94 8.32 13.87
C GLU A 65 -0.94 9.80 14.23
N LYS A 66 0.08 10.53 13.79
CA LYS A 66 0.19 11.94 14.09
C LYS A 66 -0.92 12.75 13.41
N GLN A 67 -1.20 12.42 12.15
CA GLN A 67 -2.17 13.14 11.36
C GLN A 67 -3.55 13.02 11.97
N LEU A 68 -3.98 11.79 12.25
CA LEU A 68 -5.24 11.62 12.95
C LEU A 68 -5.22 12.19 14.33
N LEU A 69 -4.08 12.19 15.00
CA LEU A 69 -4.02 12.74 16.36
C LEU A 69 -4.48 14.20 16.32
N VAL A 70 -3.86 14.95 15.43
CA VAL A 70 -4.13 16.37 15.33
C VAL A 70 -5.52 16.61 14.72
N ALA A 71 -5.92 15.71 13.83
CA ALA A 71 -7.19 15.82 13.19
C ALA A 71 -8.32 15.45 14.09
N LYS A 72 -8.20 14.34 14.76
CA LYS A 72 -9.21 13.83 15.65
C LYS A 72 -9.48 14.84 16.73
N GLU A 73 -8.40 15.35 17.35
CA GLU A 73 -8.57 16.38 18.35
C GLU A 73 -9.19 17.62 17.77
N GLY A 74 -8.58 18.15 16.71
CA GLY A 74 -9.06 19.37 16.09
C GLY A 74 -10.49 19.28 15.61
N ALA A 75 -10.85 18.15 15.02
CA ALA A 75 -12.19 17.93 14.52
C ALA A 75 -13.20 17.92 15.62
N GLU A 76 -12.95 17.17 16.65
CA GLU A 76 -13.91 17.04 17.71
C GLU A 76 -13.97 18.29 18.58
N LYS A 77 -12.95 19.13 18.49
CA LYS A 77 -12.98 20.41 19.16
C LYS A 77 -13.83 21.41 18.37
N ILE A 78 -13.85 21.28 17.04
CA ILE A 78 -14.59 22.22 16.21
C ILE A 78 -16.00 21.75 15.88
N LYS A 79 -16.18 20.48 15.87
CA LYS A 79 -17.44 19.90 15.50
C LYS A 79 -18.24 19.44 16.68
N LYS A 80 -17.80 18.36 17.28
CA LYS A 80 -18.53 17.70 18.33
C LYS A 80 -18.35 18.41 19.66
N LYS A 81 -19.01 19.50 19.79
CA LYS A 81 -18.99 20.27 20.99
C LYS A 81 -20.36 20.84 21.22
N ARG A 82 -20.83 20.65 22.40
CA ARG A 82 -22.06 21.20 22.83
C ARG A 82 -21.80 21.76 24.19
N GLY B 1 12.67 -22.53 -22.24
CA GLY B 1 13.46 -21.48 -22.87
C GLY B 1 13.57 -20.31 -21.95
N SER B 2 14.42 -19.36 -22.29
CA SER B 2 14.61 -18.18 -21.51
C SER B 2 13.40 -17.23 -21.60
N HIS B 3 12.42 -17.47 -20.76
CA HIS B 3 11.30 -16.58 -20.67
C HIS B 3 11.53 -15.63 -19.54
N MET B 4 11.65 -14.40 -19.88
CA MET B 4 11.90 -13.37 -18.93
C MET B 4 10.70 -12.46 -18.86
N ALA B 5 10.49 -11.89 -17.71
CA ALA B 5 9.47 -10.93 -17.48
C ALA B 5 9.69 -9.74 -18.38
N SER B 6 8.78 -9.53 -19.26
CA SER B 6 8.85 -8.45 -20.18
C SER B 6 7.58 -7.63 -20.06
N SER B 7 6.46 -8.27 -20.32
CA SER B 7 5.20 -7.61 -20.25
C SER B 7 4.79 -7.42 -18.78
N ARG B 8 4.99 -8.46 -17.98
CA ARG B 8 4.54 -8.41 -16.59
C ARG B 8 5.42 -7.51 -15.73
N GLN B 9 6.66 -7.27 -16.14
CA GLN B 9 7.55 -6.41 -15.34
C GLN B 9 7.08 -4.96 -15.42
N LYS B 10 6.44 -4.64 -16.54
CA LYS B 10 5.86 -3.33 -16.73
C LYS B 10 4.75 -3.15 -15.73
N TYR B 11 3.85 -4.13 -15.69
CA TYR B 11 2.75 -4.14 -14.75
C TYR B 11 3.25 -4.06 -13.33
N ALA B 12 4.31 -4.79 -13.04
CA ALA B 12 4.92 -4.79 -11.72
C ALA B 12 5.35 -3.38 -11.30
N GLU B 13 6.06 -2.69 -12.18
CA GLU B 13 6.52 -1.33 -11.89
C GLU B 13 5.32 -0.38 -11.77
N GLU B 14 4.38 -0.51 -12.71
CA GLU B 14 3.18 0.30 -12.74
C GLU B 14 2.39 0.12 -11.46
N GLU B 15 2.21 -1.13 -11.05
CA GLU B 15 1.53 -1.44 -9.82
C GLU B 15 2.28 -0.85 -8.65
N LEU B 16 3.60 -1.10 -8.55
CA LEU B 16 4.42 -0.62 -7.41
C LEU B 16 4.23 0.87 -7.16
N GLU B 17 4.38 1.65 -8.19
CA GLU B 17 4.27 3.04 -7.98
C GLU B 17 2.84 3.48 -7.77
N GLN B 18 1.91 2.85 -8.49
CA GLN B 18 0.48 3.12 -8.33
C GLN B 18 0.06 2.86 -6.87
N VAL B 19 0.35 1.67 -6.38
CA VAL B 19 -0.05 1.23 -5.04
C VAL B 19 0.51 2.14 -3.94
N ARG B 20 1.82 2.41 -3.98
CA ARG B 20 2.45 3.19 -2.92
C ARG B 20 2.04 4.67 -2.95
N GLU B 21 2.00 5.23 -4.15
CA GLU B 21 1.68 6.61 -4.31
C GLU B 21 0.22 6.85 -4.03
N ALA B 22 -0.62 5.85 -4.33
CA ALA B 22 -2.04 5.94 -4.05
C ALA B 22 -2.29 5.96 -2.56
N LEU B 23 -1.57 5.10 -1.82
CA LEU B 23 -1.71 5.04 -0.35
C LEU B 23 -1.34 6.43 0.23
N ARG B 24 -0.17 6.93 -0.15
CA ARG B 24 0.30 8.24 0.35
C ARG B 24 -0.61 9.35 -0.12
N LYS B 25 -1.09 9.24 -1.35
CA LYS B 25 -2.04 10.19 -1.91
C LYS B 25 -3.26 10.33 -1.02
N ALA B 26 -3.76 9.20 -0.57
CA ALA B 26 -4.91 9.16 0.30
C ALA B 26 -4.57 9.76 1.68
N GLU B 27 -3.36 9.57 2.12
CA GLU B 27 -2.90 10.24 3.35
C GLU B 27 -2.79 11.76 3.11
N LYS B 28 -2.39 12.12 1.89
CA LYS B 28 -2.31 13.51 1.49
C LYS B 28 -3.74 14.10 1.46
N GLU B 29 -4.69 13.27 1.05
CA GLU B 29 -6.12 13.60 1.13
C GLU B 29 -6.45 13.95 2.54
N LEU B 30 -6.10 13.06 3.45
CA LEU B 30 -6.42 13.21 4.86
C LEU B 30 -5.90 14.53 5.42
N GLU B 31 -4.67 14.89 5.10
CA GLU B 31 -4.12 16.16 5.60
C GLU B 31 -4.77 17.38 4.90
N SER B 32 -4.88 17.33 3.59
CA SER B 32 -5.51 18.40 2.82
C SER B 32 -7.00 18.53 3.19
N HIS B 33 -7.55 17.48 3.77
CA HIS B 33 -8.92 17.44 4.22
C HIS B 33 -8.96 17.85 5.70
N SER B 34 -7.88 17.54 6.43
CA SER B 34 -7.75 17.93 7.83
C SER B 34 -7.59 19.45 7.95
N SER B 35 -7.34 20.10 6.82
CA SER B 35 -7.44 21.56 6.76
C SER B 35 -8.83 22.02 7.34
N TRP B 36 -9.86 21.18 7.15
CA TRP B 36 -11.18 21.39 7.73
C TRP B 36 -11.42 20.41 8.88
N TYR B 37 -10.83 19.22 8.74
CA TYR B 37 -10.96 18.09 9.68
C TYR B 37 -12.31 17.45 9.54
N ALA B 38 -12.33 16.19 9.31
CA ALA B 38 -13.58 15.46 9.29
C ALA B 38 -13.75 14.80 10.65
N PRO B 39 -14.97 14.46 11.03
CA PRO B 39 -15.23 13.75 12.30
C PRO B 39 -14.76 12.26 12.29
N GLU B 40 -15.58 11.36 12.88
CA GLU B 40 -15.28 9.94 12.97
C GLU B 40 -14.98 9.36 11.59
N ALA B 41 -15.58 9.92 10.55
CA ALA B 41 -15.30 9.53 9.17
C ALA B 41 -13.78 9.54 8.87
N LEU B 42 -13.11 10.61 9.28
CA LEU B 42 -11.66 10.77 9.10
C LEU B 42 -10.93 9.86 10.03
N GLN B 43 -11.42 9.83 11.25
CA GLN B 43 -10.80 9.05 12.29
C GLN B 43 -10.82 7.56 11.93
N LYS B 44 -11.96 7.14 11.41
CA LYS B 44 -12.19 5.78 11.00
C LYS B 44 -11.35 5.47 9.78
N TRP B 45 -11.36 6.38 8.80
CA TRP B 45 -10.64 6.21 7.54
C TRP B 45 -9.17 5.89 7.79
N LEU B 46 -8.50 6.74 8.51
CA LEU B 46 -7.13 6.55 8.66
C LEU B 46 -6.81 5.44 9.65
N GLN B 47 -7.67 5.29 10.69
CA GLN B 47 -7.54 4.18 11.65
C GLN B 47 -7.49 2.85 10.91
N LEU B 48 -8.47 2.66 10.01
CA LEU B 48 -8.54 1.45 9.22
C LEU B 48 -7.34 1.29 8.33
N THR B 49 -7.02 2.33 7.57
CA THR B 49 -5.89 2.29 6.66
C THR B 49 -4.60 1.95 7.41
N HIS B 50 -4.37 2.63 8.52
CA HIS B 50 -3.20 2.40 9.37
C HIS B 50 -3.17 0.97 9.89
N GLU B 51 -4.27 0.53 10.49
CA GLU B 51 -4.33 -0.79 11.10
C GLU B 51 -4.10 -1.85 10.04
N VAL B 52 -4.69 -1.61 8.89
CA VAL B 52 -4.61 -2.50 7.76
C VAL B 52 -3.23 -2.52 7.15
N GLU B 53 -2.63 -1.35 6.90
CA GLU B 53 -1.35 -1.32 6.26
C GLU B 53 -0.28 -1.91 7.15
N VAL B 54 -0.41 -1.73 8.44
CA VAL B 54 0.55 -2.28 9.36
C VAL B 54 0.31 -3.82 9.53
N GLN B 55 -0.95 -4.22 9.59
CA GLN B 55 -1.33 -5.64 9.65
C GLN B 55 -0.81 -6.35 8.40
N TYR B 56 -1.12 -5.74 7.28
CA TYR B 56 -0.69 -6.23 6.03
C TYR B 56 0.78 -6.11 5.85
N TYR B 57 1.43 -5.07 6.38
CA TYR B 57 2.87 -5.01 6.26
C TYR B 57 3.46 -6.25 6.90
N ASN B 58 2.93 -6.65 8.05
CA ASN B 58 3.46 -7.86 8.69
C ASN B 58 3.26 -9.09 7.79
N ILE B 59 2.02 -9.30 7.34
CA ILE B 59 1.74 -10.48 6.48
C ILE B 59 2.42 -10.39 5.13
N LYS B 60 2.40 -9.26 4.54
CA LYS B 60 2.94 -9.11 3.23
C LYS B 60 4.46 -9.03 3.25
N LYS B 61 5.05 -8.48 4.32
CA LYS B 61 6.51 -8.48 4.44
C LYS B 61 6.99 -9.91 4.54
N GLN B 62 6.35 -10.70 5.41
CA GLN B 62 6.73 -12.11 5.51
C GLN B 62 6.43 -12.86 4.22
N ASN B 63 5.33 -12.48 3.56
CA ASN B 63 4.94 -13.08 2.29
C ASN B 63 5.98 -12.78 1.24
N ALA B 64 6.34 -11.52 1.16
CA ALA B 64 7.24 -11.02 0.16
C ALA B 64 8.60 -11.64 0.28
N GLU B 65 9.12 -11.68 1.48
CA GLU B 65 10.41 -12.24 1.72
C GLU B 65 10.43 -13.73 1.39
N LYS B 66 9.41 -14.47 1.83
CA LYS B 66 9.32 -15.89 1.55
C LYS B 66 9.10 -16.15 0.04
N GLN B 67 8.23 -15.35 -0.58
CA GLN B 67 7.88 -15.53 -1.97
C GLN B 67 9.10 -15.33 -2.85
N LEU B 68 9.80 -14.21 -2.69
CA LEU B 68 11.04 -14.02 -3.43
C LEU B 68 12.08 -15.03 -3.07
N LEU B 69 12.12 -15.48 -1.82
CA LEU B 69 13.13 -16.48 -1.42
C LEU B 69 13.02 -17.70 -2.35
N VAL B 70 11.80 -18.20 -2.43
CA VAL B 70 11.54 -19.41 -3.20
C VAL B 70 11.61 -19.12 -4.70
N ALA B 71 11.25 -17.90 -5.07
CA ALA B 71 11.26 -17.50 -6.45
C ALA B 71 12.64 -17.27 -6.95
N LYS B 72 13.39 -16.49 -6.21
CA LYS B 72 14.75 -16.12 -6.57
C LYS B 72 15.56 -17.37 -6.71
N GLU B 73 15.52 -18.22 -5.69
CA GLU B 73 16.23 -19.47 -5.77
C GLU B 73 15.76 -20.32 -6.94
N GLY B 74 14.47 -20.55 -7.02
CA GLY B 74 13.91 -21.39 -8.06
C GLY B 74 14.19 -20.86 -9.46
N ALA B 75 14.09 -19.56 -9.61
CA ALA B 75 14.28 -18.89 -10.88
C ALA B 75 15.69 -19.01 -11.35
N GLU B 76 16.62 -18.77 -10.48
CA GLU B 76 17.98 -18.78 -10.89
C GLU B 76 18.49 -20.18 -11.09
N LYS B 77 17.87 -21.15 -10.43
CA LYS B 77 18.20 -22.55 -10.65
C LYS B 77 17.77 -22.98 -12.06
N ILE B 78 16.60 -22.51 -12.49
CA ILE B 78 16.07 -22.92 -13.78
C ILE B 78 16.63 -22.10 -14.94
N LYS B 79 16.83 -20.83 -14.72
CA LYS B 79 17.23 -19.94 -15.79
C LYS B 79 18.72 -19.66 -15.83
N LYS B 80 19.23 -19.08 -14.76
CA LYS B 80 20.59 -18.59 -14.75
C LYS B 80 21.53 -19.68 -14.31
N LYS B 81 21.86 -20.53 -15.21
CA LYS B 81 22.74 -21.61 -14.98
C LYS B 81 23.47 -21.90 -16.25
N ARG B 82 24.71 -22.22 -16.16
CA ARG B 82 25.46 -22.61 -17.29
C ARG B 82 26.25 -23.83 -16.91
N GLY A 1 -26.79 22.17 4.98
CA GLY A 1 -26.66 21.70 6.35
C GLY A 1 -25.24 21.30 6.65
N SER A 2 -25.02 20.64 7.76
CA SER A 2 -23.69 20.23 8.14
C SER A 2 -23.30 18.92 7.47
N HIS A 3 -22.91 19.02 6.24
CA HIS A 3 -22.48 17.87 5.48
C HIS A 3 -20.96 17.88 5.50
N MET A 4 -20.40 16.97 6.23
CA MET A 4 -18.97 16.89 6.37
C MET A 4 -18.55 15.44 6.38
N ALA A 5 -17.64 15.11 5.48
CA ALA A 5 -17.07 13.78 5.35
C ALA A 5 -18.13 12.71 5.15
N SER A 6 -18.62 12.63 3.96
CA SER A 6 -19.59 11.64 3.59
C SER A 6 -19.32 11.23 2.15
N SER A 7 -19.29 12.21 1.26
CA SER A 7 -18.99 11.95 -0.12
C SER A 7 -17.50 11.62 -0.27
N ARG A 8 -16.66 12.27 0.55
CA ARG A 8 -15.22 11.99 0.58
C ARG A 8 -14.96 10.59 1.09
N GLN A 9 -15.90 10.06 1.86
CA GLN A 9 -15.76 8.73 2.42
C GLN A 9 -15.84 7.67 1.36
N LYS A 10 -16.58 7.96 0.28
CA LYS A 10 -16.62 7.07 -0.87
C LYS A 10 -15.23 6.91 -1.41
N TYR A 11 -14.60 8.04 -1.67
CA TYR A 11 -13.25 8.06 -2.21
C TYR A 11 -12.27 7.43 -1.24
N ALA A 12 -12.39 7.78 0.02
CA ALA A 12 -11.51 7.27 1.06
C ALA A 12 -11.60 5.75 1.16
N GLU A 13 -12.81 5.22 1.25
CA GLU A 13 -13.00 3.78 1.38
C GLU A 13 -12.66 3.04 0.07
N GLU A 14 -13.06 3.63 -1.06
CA GLU A 14 -12.75 3.05 -2.36
C GLU A 14 -11.26 2.98 -2.59
N GLU A 15 -10.56 4.03 -2.23
CA GLU A 15 -9.14 4.05 -2.39
C GLU A 15 -8.44 3.20 -1.35
N LEU A 16 -8.96 3.15 -0.12
CA LEU A 16 -8.38 2.29 0.96
C LEU A 16 -8.33 0.86 0.44
N GLU A 17 -9.44 0.42 -0.09
CA GLU A 17 -9.49 -0.89 -0.59
C GLU A 17 -8.66 -1.04 -1.84
N GLN A 18 -8.72 -0.06 -2.73
CA GLN A 18 -7.93 -0.10 -3.95
C GLN A 18 -6.43 -0.21 -3.63
N VAL A 19 -5.94 0.65 -2.75
CA VAL A 19 -4.52 0.67 -2.38
C VAL A 19 -4.04 -0.67 -1.80
N ARG A 20 -4.79 -1.18 -0.82
CA ARG A 20 -4.36 -2.41 -0.16
C ARG A 20 -4.50 -3.62 -1.11
N GLU A 21 -5.61 -3.66 -1.85
CA GLU A 21 -5.87 -4.75 -2.74
C GLU A 21 -4.92 -4.74 -3.90
N ALA A 22 -4.56 -3.55 -4.37
CA ALA A 22 -3.62 -3.40 -5.48
C ALA A 22 -2.24 -3.89 -5.09
N LEU A 23 -1.81 -3.56 -3.86
CA LEU A 23 -0.51 -4.05 -3.38
C LEU A 23 -0.53 -5.60 -3.41
N ARG A 24 -1.57 -6.17 -2.81
CA ARG A 24 -1.71 -7.63 -2.75
C ARG A 24 -1.90 -8.22 -4.14
N LYS A 25 -2.60 -7.50 -4.98
CA LYS A 25 -2.79 -7.82 -6.40
C LYS A 25 -1.43 -8.03 -7.06
N ALA A 26 -0.53 -7.13 -6.78
CA ALA A 26 0.80 -7.20 -7.33
C ALA A 26 1.58 -8.39 -6.77
N GLU A 27 1.38 -8.69 -5.50
CA GLU A 27 1.97 -9.91 -4.90
C GLU A 27 1.36 -11.16 -5.56
N LYS A 28 0.07 -11.05 -5.91
CA LYS A 28 -0.67 -12.13 -6.56
C LYS A 28 -0.07 -12.35 -7.95
N GLU A 29 0.36 -11.26 -8.58
CA GLU A 29 1.09 -11.34 -9.82
C GLU A 29 2.35 -12.14 -9.58
N LEU A 30 3.11 -11.73 -8.56
CA LEU A 30 4.39 -12.34 -8.26
C LEU A 30 4.24 -13.85 -8.07
N GLU A 31 3.27 -14.31 -7.29
CA GLU A 31 3.04 -15.75 -7.13
C GLU A 31 2.63 -16.43 -8.46
N SER A 32 1.69 -15.83 -9.20
CA SER A 32 1.21 -16.36 -10.47
C SER A 32 2.37 -16.39 -11.49
N HIS A 33 3.30 -15.51 -11.31
CA HIS A 33 4.44 -15.36 -12.14
C HIS A 33 5.54 -16.29 -11.64
N SER A 34 5.57 -16.50 -10.33
CA SER A 34 6.52 -17.39 -9.72
C SER A 34 6.15 -18.85 -10.00
N SER A 35 4.95 -19.09 -10.49
CA SER A 35 4.63 -20.42 -10.99
C SER A 35 5.68 -20.83 -12.08
N TRP A 36 6.20 -19.84 -12.79
CA TRP A 36 7.25 -20.07 -13.76
C TRP A 36 8.60 -19.74 -13.10
N TYR A 37 8.61 -18.61 -12.35
CA TYR A 37 9.76 -18.00 -11.64
C TYR A 37 10.62 -17.19 -12.59
N ALA A 38 10.64 -15.91 -12.35
CA ALA A 38 11.38 -14.98 -13.16
C ALA A 38 12.74 -14.72 -12.52
N PRO A 39 13.70 -14.18 -13.27
CA PRO A 39 15.03 -13.90 -12.76
C PRO A 39 15.10 -12.61 -11.88
N GLU A 40 16.22 -11.88 -11.97
CA GLU A 40 16.44 -10.66 -11.18
C GLU A 40 15.30 -9.65 -11.37
N ALA A 41 14.63 -9.71 -12.49
CA ALA A 41 13.45 -8.89 -12.74
C ALA A 41 12.42 -9.07 -11.59
N LEU A 42 12.14 -10.32 -11.25
CA LEU A 42 11.24 -10.68 -10.15
C LEU A 42 11.86 -10.34 -8.83
N GLN A 43 13.13 -10.65 -8.72
CA GLN A 43 13.86 -10.44 -7.49
C GLN A 43 13.88 -8.95 -7.13
N LYS A 44 14.22 -8.12 -8.08
CA LYS A 44 14.25 -6.70 -7.87
C LYS A 44 12.85 -6.13 -7.70
N TRP A 45 11.87 -6.66 -8.44
CA TRP A 45 10.49 -6.20 -8.32
C TRP A 45 10.01 -6.28 -6.86
N LEU A 46 10.10 -7.46 -6.29
CA LEU A 46 9.55 -7.60 -5.00
C LEU A 46 10.45 -7.03 -3.94
N GLN A 47 11.78 -7.10 -4.15
CA GLN A 47 12.74 -6.51 -3.21
C GLN A 47 12.43 -5.02 -3.05
N LEU A 48 12.21 -4.34 -4.17
CA LEU A 48 11.85 -2.94 -4.16
C LEU A 48 10.52 -2.73 -3.47
N THR A 49 9.50 -3.48 -3.84
CA THR A 49 8.17 -3.34 -3.23
C THR A 49 8.27 -3.54 -1.71
N HIS A 50 8.99 -4.57 -1.30
CA HIS A 50 9.23 -4.89 0.11
C HIS A 50 9.94 -3.73 0.83
N GLU A 51 11.06 -3.30 0.28
CA GLU A 51 11.88 -2.24 0.89
C GLU A 51 11.03 -0.98 1.03
N VAL A 52 10.27 -0.73 -0.02
CA VAL A 52 9.42 0.43 -0.13
C VAL A 52 8.25 0.36 0.83
N GLU A 53 7.53 -0.74 0.83
CA GLU A 53 6.35 -0.85 1.67
C GLU A 53 6.71 -0.82 3.13
N VAL A 54 7.85 -1.35 3.48
CA VAL A 54 8.26 -1.34 4.86
C VAL A 54 8.77 0.07 5.25
N GLN A 55 9.50 0.70 4.35
CA GLN A 55 9.99 2.06 4.58
C GLN A 55 8.79 2.99 4.72
N TYR A 56 7.87 2.82 3.80
CA TYR A 56 6.67 3.56 3.79
C TYR A 56 5.75 3.21 4.90
N TYR A 57 5.71 1.96 5.35
CA TYR A 57 4.87 1.65 6.51
C TYR A 57 5.37 2.45 7.68
N ASN A 58 6.69 2.55 7.84
CA ASN A 58 7.24 3.30 8.95
C ASN A 58 6.83 4.78 8.85
N ILE A 59 7.08 5.40 7.69
CA ILE A 59 6.71 6.81 7.49
C ILE A 59 5.19 7.02 7.57
N LYS A 60 4.44 6.15 6.95
CA LYS A 60 3.01 6.31 6.91
C LYS A 60 2.36 5.98 8.23
N LYS A 61 2.88 4.99 8.96
CA LYS A 61 2.32 4.67 10.28
C LYS A 61 2.53 5.84 11.23
N GLN A 62 3.74 6.42 11.21
CA GLN A 62 4.00 7.58 12.08
C GLN A 62 3.19 8.79 11.60
N ASN A 63 3.06 8.91 10.27
CA ASN A 63 2.30 10.00 9.66
C ASN A 63 0.87 9.88 10.07
N ALA A 64 0.33 8.68 9.91
CA ALA A 64 -1.06 8.40 10.15
C ALA A 64 -1.43 8.65 11.58
N GLU A 65 -0.61 8.16 12.49
CA GLU A 65 -0.86 8.33 13.89
C GLU A 65 -0.87 9.80 14.28
N LYS A 66 0.13 10.57 13.85
CA LYS A 66 0.13 12.01 14.17
C LYS A 66 -0.93 12.78 13.38
N GLN A 67 -1.16 12.38 12.14
CA GLN A 67 -2.12 13.05 11.27
C GLN A 67 -3.49 13.02 11.89
N LEU A 68 -3.95 11.82 12.23
CA LEU A 68 -5.20 11.71 12.94
C LEU A 68 -5.12 12.29 14.31
N LEU A 69 -3.98 12.20 14.98
CA LEU A 69 -3.86 12.74 16.35
C LEU A 69 -4.28 14.23 16.35
N VAL A 70 -3.68 14.97 15.46
CA VAL A 70 -3.93 16.38 15.38
C VAL A 70 -5.29 16.65 14.75
N ALA A 71 -5.70 15.79 13.84
CA ALA A 71 -6.98 15.93 13.21
C ALA A 71 -8.10 15.63 14.16
N LYS A 72 -8.00 14.50 14.81
CA LYS A 72 -9.00 13.99 15.74
C LYS A 72 -9.21 15.00 16.85
N GLU A 73 -8.12 15.43 17.47
CA GLU A 73 -8.23 16.39 18.54
C GLU A 73 -8.75 17.74 18.04
N GLY A 74 -8.19 18.23 16.95
CA GLY A 74 -8.63 19.50 16.40
C GLY A 74 -10.09 19.46 15.95
N ALA A 75 -10.46 18.38 15.31
CA ALA A 75 -11.80 18.17 14.80
C ALA A 75 -12.82 18.13 15.90
N GLU A 76 -12.56 17.38 16.94
CA GLU A 76 -13.53 17.29 18.00
C GLU A 76 -13.53 18.54 18.84
N LYS A 77 -12.43 19.28 18.80
CA LYS A 77 -12.34 20.54 19.47
C LYS A 77 -13.21 21.59 18.74
N ILE A 78 -13.21 21.55 17.41
CA ILE A 78 -14.01 22.50 16.63
C ILE A 78 -15.47 22.08 16.51
N LYS A 79 -15.69 20.81 16.23
CA LYS A 79 -17.01 20.28 16.05
C LYS A 79 -17.47 19.62 17.30
N LYS A 80 -18.36 20.23 17.99
CA LYS A 80 -18.88 19.62 19.17
C LYS A 80 -20.38 19.53 18.98
N LYS A 81 -20.84 18.36 18.65
CA LYS A 81 -22.23 18.18 18.38
C LYS A 81 -22.88 17.30 19.41
N ARG A 82 -24.07 17.65 19.77
CA ARG A 82 -24.88 16.91 20.68
C ARG A 82 -26.33 17.11 20.27
N GLY B 1 12.92 -16.21 -28.39
CA GLY B 1 14.01 -16.63 -27.52
C GLY B 1 13.60 -16.57 -26.09
N SER B 2 14.51 -16.27 -25.20
CA SER B 2 14.20 -16.21 -23.81
C SER B 2 13.64 -14.83 -23.43
N HIS B 3 12.35 -14.67 -23.55
CA HIS B 3 11.70 -13.45 -23.14
C HIS B 3 10.90 -13.74 -21.89
N MET B 4 11.45 -13.40 -20.77
CA MET B 4 10.85 -13.66 -19.49
C MET B 4 10.95 -12.43 -18.64
N ALA B 5 9.81 -11.97 -18.15
CA ALA B 5 9.73 -10.82 -17.25
C ALA B 5 10.36 -9.57 -17.83
N SER B 6 9.64 -8.92 -18.69
CA SER B 6 10.07 -7.69 -19.27
C SER B 6 8.84 -6.83 -19.51
N SER B 7 7.84 -7.40 -20.15
CA SER B 7 6.59 -6.73 -20.36
C SER B 7 5.83 -6.67 -19.04
N ARG B 8 5.97 -7.74 -18.24
CA ARG B 8 5.37 -7.79 -16.90
C ARG B 8 6.00 -6.74 -15.99
N GLN B 9 7.22 -6.31 -16.33
CA GLN B 9 7.92 -5.33 -15.53
C GLN B 9 7.26 -3.96 -15.67
N LYS B 10 6.54 -3.76 -16.78
CA LYS B 10 5.78 -2.55 -16.95
C LYS B 10 4.69 -2.54 -15.92
N TYR B 11 3.93 -3.61 -15.91
CA TYR B 11 2.82 -3.76 -14.99
C TYR B 11 3.32 -3.71 -13.56
N ALA B 12 4.35 -4.48 -13.26
CA ALA B 12 4.90 -4.56 -11.92
C ALA B 12 5.35 -3.19 -11.40
N GLU B 13 6.13 -2.46 -12.19
CA GLU B 13 6.61 -1.16 -11.73
C GLU B 13 5.51 -0.11 -11.72
N GLU B 14 4.61 -0.18 -12.68
CA GLU B 14 3.49 0.74 -12.73
C GLU B 14 2.54 0.51 -11.57
N GLU B 15 2.31 -0.74 -11.21
CA GLU B 15 1.50 -1.07 -10.06
C GLU B 15 2.23 -0.65 -8.80
N LEU B 16 3.54 -0.95 -8.70
CA LEU B 16 4.37 -0.63 -7.51
C LEU B 16 4.22 0.87 -7.18
N GLU B 17 4.39 1.69 -8.18
CA GLU B 17 4.28 3.08 -7.96
C GLU B 17 2.84 3.48 -7.70
N GLN B 18 1.90 2.89 -8.43
CA GLN B 18 0.48 3.18 -8.23
C GLN B 18 0.07 2.87 -6.80
N VAL B 19 0.40 1.68 -6.33
CA VAL B 19 0.02 1.21 -5.00
C VAL B 19 0.58 2.12 -3.90
N ARG B 20 1.88 2.41 -3.98
CA ARG B 20 2.49 3.20 -2.94
C ARG B 20 2.02 4.68 -3.00
N GLU B 21 1.94 5.21 -4.21
CA GLU B 21 1.54 6.59 -4.41
C GLU B 21 0.10 6.77 -4.06
N ALA B 22 -0.72 5.76 -4.33
CA ALA B 22 -2.13 5.82 -4.02
C ALA B 22 -2.36 5.83 -2.52
N LEU B 23 -1.59 5.01 -1.78
CA LEU B 23 -1.70 5.00 -0.33
C LEU B 23 -1.38 6.43 0.19
N ARG B 24 -0.23 6.97 -0.26
CA ARG B 24 0.21 8.32 0.14
C ARG B 24 -0.78 9.38 -0.34
N LYS B 25 -1.32 9.16 -1.51
CA LYS B 25 -2.37 10.00 -2.12
C LYS B 25 -3.55 10.12 -1.15
N ALA B 26 -3.95 9.01 -0.61
CA ALA B 26 -5.06 8.98 0.31
C ALA B 26 -4.71 9.70 1.62
N GLU B 27 -3.48 9.57 2.06
CA GLU B 27 -3.00 10.32 3.23
C GLU B 27 -2.97 11.83 2.89
N LYS B 28 -2.68 12.13 1.63
CA LYS B 28 -2.63 13.50 1.13
C LYS B 28 -4.05 14.07 1.17
N GLU B 29 -5.03 13.23 0.86
CA GLU B 29 -6.43 13.61 1.03
C GLU B 29 -6.66 13.95 2.48
N LEU B 30 -6.23 13.07 3.37
CA LEU B 30 -6.45 13.24 4.80
C LEU B 30 -5.88 14.56 5.30
N GLU B 31 -4.69 14.93 4.88
CA GLU B 31 -4.12 16.21 5.31
C GLU B 31 -4.86 17.41 4.69
N SER B 32 -5.18 17.30 3.41
CA SER B 32 -5.91 18.35 2.72
C SER B 32 -7.31 18.49 3.34
N HIS B 33 -7.81 17.39 3.84
CA HIS B 33 -9.09 17.31 4.44
C HIS B 33 -8.97 17.76 5.89
N SER B 34 -7.80 17.51 6.49
CA SER B 34 -7.56 17.91 7.85
C SER B 34 -7.32 19.41 7.94
N SER B 35 -7.07 20.07 6.82
CA SER B 35 -7.04 21.51 6.83
C SER B 35 -8.42 22.08 7.32
N TRP B 36 -9.48 21.28 7.19
CA TRP B 36 -10.77 21.60 7.74
C TRP B 36 -10.95 20.79 9.05
N TYR B 37 -10.62 19.49 8.95
CA TYR B 37 -10.72 18.44 9.99
C TYR B 37 -12.12 17.85 10.04
N ALA B 38 -12.21 16.59 9.71
CA ALA B 38 -13.46 15.87 9.71
C ALA B 38 -13.63 15.11 11.03
N PRO B 39 -14.85 14.66 11.35
CA PRO B 39 -15.10 13.94 12.60
C PRO B 39 -14.66 12.44 12.55
N GLU B 40 -15.44 11.56 13.18
CA GLU B 40 -15.12 10.16 13.28
C GLU B 40 -14.93 9.51 11.91
N ALA B 41 -15.55 10.08 10.90
CA ALA B 41 -15.36 9.68 9.51
C ALA B 41 -13.86 9.66 9.16
N LEU B 42 -13.17 10.75 9.50
CA LEU B 42 -11.73 10.88 9.28
C LEU B 42 -10.98 9.98 10.21
N GLN B 43 -11.44 9.97 11.45
CA GLN B 43 -10.79 9.20 12.51
C GLN B 43 -10.80 7.70 12.16
N LYS B 44 -11.95 7.21 11.75
CA LYS B 44 -12.09 5.83 11.35
C LYS B 44 -11.39 5.56 10.04
N TRP B 45 -11.45 6.51 9.09
CA TRP B 45 -10.77 6.34 7.80
C TRP B 45 -9.30 6.00 7.98
N LEU B 46 -8.60 6.84 8.70
CA LEU B 46 -7.20 6.63 8.80
C LEU B 46 -6.88 5.52 9.78
N GLN B 47 -7.71 5.38 10.85
CA GLN B 47 -7.56 4.27 11.81
C GLN B 47 -7.56 2.95 11.07
N LEU B 48 -8.55 2.78 10.20
CA LEU B 48 -8.66 1.59 9.40
C LEU B 48 -7.47 1.44 8.46
N THR B 49 -7.12 2.49 7.74
CA THR B 49 -5.99 2.43 6.80
C THR B 49 -4.71 2.05 7.55
N HIS B 50 -4.47 2.70 8.69
CA HIS B 50 -3.31 2.43 9.55
C HIS B 50 -3.30 0.99 10.03
N GLU B 51 -4.40 0.56 10.59
CA GLU B 51 -4.52 -0.78 11.16
C GLU B 51 -4.31 -1.82 10.05
N VAL B 52 -4.89 -1.52 8.92
CA VAL B 52 -4.82 -2.36 7.76
C VAL B 52 -3.42 -2.38 7.18
N GLU B 53 -2.83 -1.23 6.94
CA GLU B 53 -1.52 -1.18 6.33
C GLU B 53 -0.46 -1.82 7.21
N VAL B 54 -0.61 -1.70 8.50
CA VAL B 54 0.35 -2.28 9.40
C VAL B 54 0.13 -3.81 9.50
N GLN B 55 -1.12 -4.23 9.54
CA GLN B 55 -1.46 -5.66 9.56
C GLN B 55 -0.95 -6.30 8.27
N TYR B 56 -1.25 -5.63 7.18
CA TYR B 56 -0.83 -6.05 5.90
C TYR B 56 0.64 -5.92 5.69
N TYR B 57 1.31 -4.92 6.27
CA TYR B 57 2.76 -4.85 6.13
C TYR B 57 3.35 -6.11 6.73
N ASN B 58 2.82 -6.53 7.88
CA ASN B 58 3.34 -7.73 8.54
C ASN B 58 3.18 -8.94 7.61
N ILE B 59 1.94 -9.15 7.12
CA ILE B 59 1.66 -10.28 6.23
C ILE B 59 2.41 -10.17 4.91
N LYS B 60 2.43 -9.00 4.33
CA LYS B 60 3.05 -8.83 3.04
C LYS B 60 4.57 -8.85 3.13
N LYS B 61 5.14 -8.29 4.20
CA LYS B 61 6.59 -8.34 4.38
C LYS B 61 7.05 -9.78 4.50
N GLN B 62 6.35 -10.56 5.34
CA GLN B 62 6.72 -11.97 5.49
C GLN B 62 6.44 -12.73 4.18
N ASN B 63 5.32 -12.39 3.53
CA ASN B 63 4.93 -13.02 2.26
C ASN B 63 5.97 -12.75 1.23
N ALA B 64 6.36 -11.51 1.11
CA ALA B 64 7.26 -11.05 0.08
C ALA B 64 8.63 -11.64 0.24
N GLU B 65 9.15 -11.60 1.46
CA GLU B 65 10.45 -12.15 1.73
C GLU B 65 10.49 -13.62 1.40
N LYS B 66 9.48 -14.35 1.84
CA LYS B 66 9.45 -15.77 1.61
C LYS B 66 9.07 -16.09 0.13
N GLN B 67 8.29 -15.20 -0.48
CA GLN B 67 7.83 -15.37 -1.87
C GLN B 67 9.02 -15.29 -2.78
N LEU B 68 9.78 -14.21 -2.66
CA LEU B 68 11.01 -14.11 -3.40
C LEU B 68 12.01 -15.14 -2.98
N LEU B 69 12.02 -15.54 -1.71
CA LEU B 69 12.99 -16.55 -1.27
C LEU B 69 12.85 -17.80 -2.13
N VAL B 70 11.61 -18.28 -2.24
CA VAL B 70 11.37 -19.48 -2.99
C VAL B 70 11.49 -19.23 -4.48
N ALA B 71 11.10 -18.03 -4.90
CA ALA B 71 11.16 -17.67 -6.29
C ALA B 71 12.57 -17.51 -6.75
N LYS B 72 13.32 -16.74 -6.02
CA LYS B 72 14.68 -16.41 -6.35
C LYS B 72 15.52 -17.67 -6.40
N GLU B 73 15.41 -18.51 -5.38
CA GLU B 73 16.16 -19.74 -5.38
C GLU B 73 15.74 -20.66 -6.52
N GLY B 74 14.44 -20.87 -6.65
CA GLY B 74 13.92 -21.72 -7.71
C GLY B 74 14.24 -21.19 -9.09
N ALA B 75 14.13 -19.90 -9.26
CA ALA B 75 14.37 -19.24 -10.52
C ALA B 75 15.79 -19.38 -10.95
N GLU B 76 16.70 -19.12 -10.06
CA GLU B 76 18.10 -19.18 -10.44
C GLU B 76 18.56 -20.62 -10.55
N LYS B 77 17.82 -21.53 -9.91
CA LYS B 77 18.08 -22.94 -10.03
C LYS B 77 17.68 -23.43 -11.42
N ILE B 78 16.55 -22.95 -11.93
CA ILE B 78 16.07 -23.37 -13.25
C ILE B 78 16.77 -22.59 -14.37
N LYS B 79 16.88 -21.30 -14.21
CA LYS B 79 17.47 -20.47 -15.22
C LYS B 79 18.91 -20.22 -14.90
N LYS B 80 19.78 -20.89 -15.55
CA LYS B 80 21.16 -20.62 -15.37
C LYS B 80 21.69 -20.16 -16.71
N LYS B 81 21.97 -18.89 -16.80
CA LYS B 81 22.44 -18.32 -18.02
C LYS B 81 23.81 -17.75 -17.81
N ARG B 82 24.68 -18.06 -18.71
CA ARG B 82 26.01 -17.61 -18.69
C ARG B 82 26.44 -17.38 -20.11
N GLY A 1 -19.36 26.29 3.62
CA GLY A 1 -19.50 25.00 2.96
C GLY A 1 -18.68 23.97 3.67
N SER A 2 -19.04 22.72 3.53
CA SER A 2 -18.32 21.68 4.20
C SER A 2 -17.96 20.56 3.24
N HIS A 3 -16.75 20.58 2.76
CA HIS A 3 -16.24 19.50 1.95
C HIS A 3 -15.64 18.51 2.90
N MET A 4 -16.49 17.73 3.51
CA MET A 4 -16.11 16.85 4.57
C MET A 4 -16.10 15.42 4.06
N ALA A 5 -15.86 14.47 4.94
CA ALA A 5 -15.87 13.09 4.57
C ALA A 5 -17.29 12.57 4.49
N SER A 6 -17.92 12.91 3.41
CA SER A 6 -19.24 12.48 3.08
C SER A 6 -19.21 11.99 1.65
N SER A 7 -18.93 12.89 0.73
CA SER A 7 -18.69 12.49 -0.63
C SER A 7 -17.27 11.92 -0.68
N ARG A 8 -16.36 12.60 0.03
CA ARG A 8 -14.96 12.18 0.13
C ARG A 8 -14.80 10.80 0.76
N GLN A 9 -15.70 10.41 1.67
CA GLN A 9 -15.56 9.11 2.34
C GLN A 9 -15.75 7.94 1.38
N LYS A 10 -16.51 8.19 0.30
CA LYS A 10 -16.73 7.17 -0.72
C LYS A 10 -15.41 6.90 -1.39
N TYR A 11 -14.78 7.99 -1.81
CA TYR A 11 -13.51 7.95 -2.47
C TYR A 11 -12.47 7.36 -1.56
N ALA A 12 -12.44 7.84 -0.33
CA ALA A 12 -11.50 7.34 0.67
C ALA A 12 -11.65 5.83 0.87
N GLU A 13 -12.88 5.37 0.99
CA GLU A 13 -13.19 3.95 1.16
C GLU A 13 -12.66 3.17 -0.06
N GLU A 14 -13.04 3.67 -1.24
CA GLU A 14 -12.65 3.10 -2.50
C GLU A 14 -11.14 3.14 -2.70
N GLU A 15 -10.50 4.21 -2.25
CA GLU A 15 -9.06 4.30 -2.28
C GLU A 15 -8.45 3.24 -1.40
N LEU A 16 -8.91 3.16 -0.14
CA LEU A 16 -8.40 2.21 0.88
C LEU A 16 -8.39 0.80 0.29
N GLU A 17 -9.51 0.40 -0.27
CA GLU A 17 -9.58 -0.90 -0.84
C GLU A 17 -8.76 -1.05 -2.08
N GLN A 18 -8.80 -0.07 -2.96
CA GLN A 18 -8.03 -0.14 -4.19
C GLN A 18 -6.54 -0.21 -3.88
N VAL A 19 -6.05 0.66 -3.02
CA VAL A 19 -4.63 0.72 -2.68
C VAL A 19 -4.15 -0.63 -2.10
N ARG A 20 -4.87 -1.15 -1.09
CA ARG A 20 -4.45 -2.38 -0.45
C ARG A 20 -4.56 -3.57 -1.39
N GLU A 21 -5.69 -3.66 -2.08
CA GLU A 21 -5.93 -4.78 -2.95
C GLU A 21 -5.00 -4.75 -4.12
N ALA A 22 -4.68 -3.56 -4.61
CA ALA A 22 -3.76 -3.43 -5.72
C ALA A 22 -2.38 -3.93 -5.35
N LEU A 23 -1.90 -3.57 -4.13
CA LEU A 23 -0.58 -4.05 -3.66
C LEU A 23 -0.60 -5.60 -3.61
N ARG A 24 -1.62 -6.16 -2.94
CA ARG A 24 -1.70 -7.63 -2.79
C ARG A 24 -1.96 -8.28 -4.12
N LYS A 25 -2.66 -7.59 -5.00
CA LYS A 25 -2.91 -8.07 -6.36
C LYS A 25 -1.57 -8.26 -7.09
N ALA A 26 -0.68 -7.31 -6.92
CA ALA A 26 0.62 -7.39 -7.55
C ALA A 26 1.46 -8.53 -6.93
N GLU A 27 1.29 -8.72 -5.63
CA GLU A 27 1.91 -9.85 -4.93
C GLU A 27 1.29 -11.18 -5.40
N LYS A 28 0.01 -11.12 -5.74
CA LYS A 28 -0.73 -12.24 -6.28
C LYS A 28 -0.14 -12.56 -7.66
N GLU A 29 0.34 -11.53 -8.37
CA GLU A 29 1.10 -11.78 -9.57
C GLU A 29 2.32 -12.54 -9.21
N LEU A 30 3.09 -12.07 -8.19
CA LEU A 30 4.37 -12.73 -7.84
C LEU A 30 4.15 -14.24 -7.62
N GLU A 31 3.15 -14.63 -6.84
CA GLU A 31 2.85 -16.07 -6.69
C GLU A 31 2.47 -16.74 -8.05
N SER A 32 1.61 -16.09 -8.82
CA SER A 32 1.19 -16.60 -10.13
C SER A 32 2.35 -16.59 -11.15
N HIS A 33 3.27 -15.72 -10.90
CA HIS A 33 4.41 -15.48 -11.73
C HIS A 33 5.52 -16.42 -11.27
N SER A 34 5.55 -16.72 -9.98
CA SER A 34 6.50 -17.64 -9.41
C SER A 34 6.10 -19.07 -9.69
N SER A 35 4.86 -19.25 -10.15
CA SER A 35 4.47 -20.53 -10.72
C SER A 35 5.41 -20.87 -11.92
N TRP A 36 6.07 -19.84 -12.46
CA TRP A 36 7.07 -19.99 -13.50
C TRP A 36 8.46 -19.63 -12.95
N TYR A 37 8.49 -18.60 -12.08
CA TYR A 37 9.67 -18.01 -11.42
C TYR A 37 10.48 -17.15 -12.37
N ALA A 38 10.47 -15.85 -12.14
CA ALA A 38 11.24 -14.93 -12.94
C ALA A 38 12.58 -14.65 -12.27
N PRO A 39 13.62 -14.30 -13.04
CA PRO A 39 14.95 -13.96 -12.49
C PRO A 39 14.99 -12.61 -11.65
N GLU A 40 16.09 -11.85 -11.81
CA GLU A 40 16.34 -10.61 -11.08
C GLU A 40 15.17 -9.63 -11.21
N ALA A 41 14.48 -9.69 -12.33
CA ALA A 41 13.30 -8.89 -12.58
C ALA A 41 12.28 -9.08 -11.43
N LEU A 42 12.01 -10.33 -11.07
CA LEU A 42 11.08 -10.66 -9.99
C LEU A 42 11.68 -10.28 -8.66
N GLN A 43 12.96 -10.59 -8.52
CA GLN A 43 13.67 -10.35 -7.28
C GLN A 43 13.65 -8.85 -6.95
N LYS A 44 13.98 -8.03 -7.92
CA LYS A 44 13.98 -6.61 -7.71
C LYS A 44 12.57 -6.08 -7.57
N TRP A 45 11.62 -6.62 -8.36
CA TRP A 45 10.23 -6.15 -8.28
C TRP A 45 9.69 -6.22 -6.85
N LEU A 46 9.74 -7.38 -6.26
CA LEU A 46 9.16 -7.50 -4.98
C LEU A 46 10.05 -6.92 -3.91
N GLN A 47 11.37 -7.02 -4.07
CA GLN A 47 12.29 -6.45 -3.09
C GLN A 47 12.11 -4.93 -3.01
N LEU A 48 11.95 -4.29 -4.15
CA LEU A 48 11.69 -2.86 -4.18
C LEU A 48 10.36 -2.56 -3.53
N THR A 49 9.31 -3.28 -3.92
CA THR A 49 7.98 -3.07 -3.33
C THR A 49 8.04 -3.26 -1.82
N HIS A 50 8.65 -4.36 -1.38
CA HIS A 50 8.85 -4.70 0.01
C HIS A 50 9.60 -3.59 0.76
N GLU A 51 10.72 -3.18 0.22
CA GLU A 51 11.54 -2.16 0.86
C GLU A 51 10.77 -0.84 0.93
N VAL A 52 9.95 -0.60 -0.07
CA VAL A 52 9.16 0.61 -0.14
C VAL A 52 8.02 0.55 0.85
N GLU A 53 7.26 -0.52 0.83
CA GLU A 53 6.11 -0.63 1.72
C GLU A 53 6.52 -0.65 3.18
N VAL A 54 7.66 -1.23 3.47
CA VAL A 54 8.12 -1.27 4.83
C VAL A 54 8.71 0.10 5.25
N GLN A 55 9.49 0.72 4.37
CA GLN A 55 10.01 2.05 4.65
C GLN A 55 8.84 3.02 4.83
N TYR A 56 7.89 2.90 3.94
CA TYR A 56 6.72 3.69 4.00
C TYR A 56 5.84 3.33 5.14
N TYR A 57 5.75 2.08 5.54
CA TYR A 57 4.94 1.75 6.71
C TYR A 57 5.51 2.51 7.89
N ASN A 58 6.83 2.57 7.99
CA ASN A 58 7.42 3.31 9.10
C ASN A 58 7.06 4.81 9.04
N ILE A 59 7.31 5.45 7.88
CA ILE A 59 6.98 6.87 7.74
C ILE A 59 5.49 7.13 7.83
N LYS A 60 4.72 6.33 7.18
CA LYS A 60 3.32 6.58 7.11
C LYS A 60 2.63 6.19 8.39
N LYS A 61 3.09 5.13 9.07
CA LYS A 61 2.49 4.77 10.36
C LYS A 61 2.75 5.87 11.37
N GLN A 62 4.00 6.36 11.43
CA GLN A 62 4.29 7.44 12.37
C GLN A 62 3.48 8.70 11.99
N ASN A 63 3.44 9.00 10.69
CA ASN A 63 2.71 10.16 10.20
C ASN A 63 1.24 10.02 10.44
N ALA A 64 0.66 8.88 10.08
CA ALA A 64 -0.77 8.62 10.21
C ALA A 64 -1.23 8.71 11.64
N GLU A 65 -0.48 8.08 12.55
CA GLU A 65 -0.82 8.12 13.95
C GLU A 65 -0.80 9.57 14.45
N LYS A 66 0.25 10.32 14.10
CA LYS A 66 0.35 11.71 14.48
C LYS A 66 -0.74 12.55 13.80
N GLN A 67 -0.96 12.29 12.53
CA GLN A 67 -1.90 13.03 11.69
C GLN A 67 -3.30 12.90 12.24
N LEU A 68 -3.73 11.68 12.51
CA LEU A 68 -5.02 11.48 13.11
C LEU A 68 -5.05 11.96 14.53
N LEU A 69 -3.93 11.91 15.24
CA LEU A 69 -3.90 12.40 16.65
C LEU A 69 -4.34 13.88 16.65
N VAL A 70 -3.68 14.65 15.81
CA VAL A 70 -3.93 16.07 15.74
C VAL A 70 -5.26 16.36 15.07
N ALA A 71 -5.68 15.50 14.16
CA ALA A 71 -6.95 15.65 13.50
C ALA A 71 -8.10 15.25 14.39
N LYS A 72 -7.91 14.20 15.15
CA LYS A 72 -8.91 13.67 16.08
C LYS A 72 -9.22 14.76 17.09
N GLU A 73 -8.17 15.26 17.74
CA GLU A 73 -8.34 16.29 18.71
C GLU A 73 -8.86 17.56 18.06
N GLY A 74 -8.22 17.96 16.96
CA GLY A 74 -8.60 19.15 16.25
C GLY A 74 -10.05 19.14 15.85
N ALA A 75 -10.48 18.04 15.26
CA ALA A 75 -11.82 17.91 14.76
C ALA A 75 -12.85 17.88 15.87
N GLU A 76 -12.65 17.08 16.89
CA GLU A 76 -13.67 17.02 17.92
C GLU A 76 -13.68 18.22 18.84
N LYS A 77 -12.62 19.01 18.78
CA LYS A 77 -12.62 20.28 19.47
C LYS A 77 -13.33 21.35 18.63
N ILE A 78 -13.12 21.32 17.30
CA ILE A 78 -13.74 22.31 16.42
C ILE A 78 -15.18 21.96 16.06
N LYS A 79 -15.44 20.68 15.82
CA LYS A 79 -16.75 20.19 15.52
C LYS A 79 -17.54 20.08 16.79
N LYS A 80 -18.05 21.16 17.21
CA LYS A 80 -18.79 21.26 18.41
C LYS A 80 -19.79 22.36 18.21
N LYS A 81 -20.91 21.98 17.68
CA LYS A 81 -21.92 22.91 17.30
C LYS A 81 -23.04 22.93 18.29
N ARG A 82 -23.63 24.05 18.42
CA ARG A 82 -24.75 24.26 19.27
C ARG A 82 -25.76 25.03 18.46
N GLY B 1 6.92 -21.00 -24.41
CA GLY B 1 6.81 -19.55 -24.36
C GLY B 1 7.31 -19.05 -23.05
N SER B 2 7.38 -17.77 -22.88
CA SER B 2 7.84 -17.20 -21.66
C SER B 2 7.08 -15.94 -21.33
N HIS B 3 6.17 -16.05 -20.42
CA HIS B 3 5.42 -14.91 -19.92
C HIS B 3 6.11 -14.45 -18.68
N MET B 4 7.25 -13.85 -18.88
CA MET B 4 8.12 -13.50 -17.80
C MET B 4 8.00 -12.01 -17.53
N ALA B 5 8.78 -11.52 -16.60
CA ALA B 5 8.77 -10.13 -16.26
C ALA B 5 9.50 -9.28 -17.29
N SER B 6 8.85 -9.11 -18.40
CA SER B 6 9.30 -8.27 -19.46
C SER B 6 8.12 -7.38 -19.84
N SER B 7 7.03 -7.96 -20.30
CA SER B 7 5.82 -7.20 -20.48
C SER B 7 5.22 -6.95 -19.09
N ARG B 8 5.24 -8.00 -18.27
CA ARG B 8 4.75 -7.94 -16.89
C ARG B 8 5.51 -6.95 -16.03
N GLN B 9 6.81 -6.75 -16.29
CA GLN B 9 7.60 -5.85 -15.44
C GLN B 9 7.15 -4.40 -15.59
N LYS B 10 6.55 -4.09 -16.73
CA LYS B 10 6.03 -2.77 -16.98
C LYS B 10 4.87 -2.55 -16.03
N TYR B 11 3.96 -3.52 -16.05
CA TYR B 11 2.79 -3.49 -15.21
C TYR B 11 3.18 -3.53 -13.76
N ALA B 12 4.11 -4.39 -13.40
CA ALA B 12 4.60 -4.49 -12.03
C ALA B 12 5.15 -3.15 -11.55
N GLU B 13 5.95 -2.50 -12.38
CA GLU B 13 6.53 -1.21 -12.03
C GLU B 13 5.43 -0.16 -11.87
N GLU B 14 4.53 -0.12 -12.85
CA GLU B 14 3.40 0.77 -12.85
C GLU B 14 2.46 0.51 -11.67
N GLU B 15 2.32 -0.76 -11.30
CA GLU B 15 1.56 -1.10 -10.13
C GLU B 15 2.23 -0.60 -8.89
N LEU B 16 3.54 -0.87 -8.76
CA LEU B 16 4.35 -0.48 -7.58
C LEU B 16 4.14 1.02 -7.32
N GLU B 17 4.30 1.81 -8.34
CA GLU B 17 4.13 3.22 -8.17
C GLU B 17 2.70 3.62 -7.94
N GLN B 18 1.76 3.02 -8.65
CA GLN B 18 0.35 3.35 -8.47
C GLN B 18 -0.09 2.98 -7.05
N VAL B 19 0.25 1.79 -6.59
CA VAL B 19 -0.15 1.31 -5.27
C VAL B 19 0.38 2.22 -4.14
N ARG B 20 1.71 2.49 -4.16
CA ARG B 20 2.30 3.30 -3.10
C ARG B 20 1.84 4.74 -3.16
N GLU B 21 1.79 5.30 -4.37
CA GLU B 21 1.43 6.67 -4.51
C GLU B 21 -0.01 6.88 -4.20
N ALA B 22 -0.85 5.90 -4.54
CA ALA B 22 -2.26 5.97 -4.24
C ALA B 22 -2.49 6.00 -2.74
N LEU B 23 -1.75 5.14 -1.99
CA LEU B 23 -1.88 5.11 -0.53
C LEU B 23 -1.51 6.52 0.03
N ARG B 24 -0.33 7.02 -0.37
CA ARG B 24 0.14 8.34 0.14
C ARG B 24 -0.75 9.45 -0.34
N LYS B 25 -1.28 9.30 -1.53
CA LYS B 25 -2.20 10.28 -2.09
C LYS B 25 -3.46 10.38 -1.21
N ALA B 26 -3.93 9.26 -0.72
CA ALA B 26 -5.10 9.25 0.15
C ALA B 26 -4.73 9.90 1.52
N GLU B 27 -3.53 9.65 1.96
CA GLU B 27 -2.99 10.29 3.17
C GLU B 27 -2.80 11.80 2.93
N LYS B 28 -2.47 12.14 1.68
CA LYS B 28 -2.34 13.51 1.23
C LYS B 28 -3.72 14.17 1.30
N GLU B 29 -4.78 13.37 1.05
CA GLU B 29 -6.10 13.89 1.29
C GLU B 29 -6.24 14.17 2.75
N LEU B 30 -5.86 13.23 3.62
CA LEU B 30 -6.05 13.43 5.08
C LEU B 30 -5.43 14.75 5.51
N GLU B 31 -4.24 15.08 5.05
CA GLU B 31 -3.65 16.39 5.42
C GLU B 31 -4.47 17.58 4.81
N SER B 32 -4.82 17.45 3.54
CA SER B 32 -5.63 18.46 2.84
C SER B 32 -7.05 18.55 3.44
N HIS B 33 -7.47 17.46 4.00
CA HIS B 33 -8.77 17.27 4.56
C HIS B 33 -8.71 17.74 6.02
N SER B 34 -7.58 17.53 6.65
CA SER B 34 -7.37 17.96 8.02
C SER B 34 -7.09 19.44 8.08
N SER B 35 -6.83 20.04 6.93
CA SER B 35 -6.81 21.49 6.83
C SER B 35 -8.20 22.06 7.28
N TRP B 36 -9.22 21.20 7.23
CA TRP B 36 -10.55 21.49 7.74
C TRP B 36 -10.79 20.69 9.03
N TYR B 37 -10.35 19.41 8.99
CA TYR B 37 -10.49 18.37 10.05
C TYR B 37 -11.86 17.75 10.05
N ALA B 38 -11.93 16.49 9.69
CA ALA B 38 -13.18 15.76 9.68
C ALA B 38 -13.34 15.00 10.98
N PRO B 39 -14.57 14.70 11.41
CA PRO B 39 -14.83 13.94 12.64
C PRO B 39 -14.43 12.41 12.56
N GLU B 40 -15.28 11.54 13.16
CA GLU B 40 -15.05 10.09 13.23
C GLU B 40 -14.79 9.51 11.84
N ALA B 41 -15.38 10.11 10.84
CA ALA B 41 -15.19 9.73 9.45
C ALA B 41 -13.70 9.71 9.07
N LEU B 42 -12.98 10.77 9.46
CA LEU B 42 -11.54 10.88 9.22
C LEU B 42 -10.79 9.93 10.10
N GLN B 43 -11.23 9.88 11.34
CA GLN B 43 -10.57 9.06 12.34
C GLN B 43 -10.61 7.59 11.91
N LYS B 44 -11.77 7.12 11.54
CA LYS B 44 -11.91 5.75 11.10
C LYS B 44 -11.24 5.52 9.78
N TRP B 45 -11.31 6.50 8.86
CA TRP B 45 -10.68 6.36 7.55
C TRP B 45 -9.19 6.02 7.68
N LEU B 46 -8.46 6.86 8.38
CA LEU B 46 -7.06 6.63 8.44
C LEU B 46 -6.70 5.54 9.40
N GLN B 47 -7.46 5.40 10.49
CA GLN B 47 -7.21 4.33 11.45
C GLN B 47 -7.36 2.97 10.80
N LEU B 48 -8.40 2.82 9.98
CA LEU B 48 -8.60 1.59 9.24
C LEU B 48 -7.47 1.37 8.25
N THR B 49 -7.14 2.40 7.48
CA THR B 49 -6.06 2.29 6.50
C THR B 49 -4.74 1.90 7.21
N HIS B 50 -4.46 2.59 8.30
CA HIS B 50 -3.30 2.35 9.14
C HIS B 50 -3.28 0.92 9.69
N GLU B 51 -4.38 0.50 10.30
CA GLU B 51 -4.45 -0.82 10.88
C GLU B 51 -4.30 -1.88 9.78
N VAL B 52 -4.82 -1.59 8.62
CA VAL B 52 -4.74 -2.48 7.49
C VAL B 52 -3.33 -2.54 6.94
N GLU B 53 -2.74 -1.38 6.66
CA GLU B 53 -1.42 -1.35 6.08
C GLU B 53 -0.37 -1.93 7.01
N VAL B 54 -0.54 -1.73 8.30
CA VAL B 54 0.41 -2.27 9.24
C VAL B 54 0.19 -3.79 9.43
N GLN B 55 -1.07 -4.22 9.48
CA GLN B 55 -1.37 -5.66 9.56
C GLN B 55 -0.85 -6.35 8.32
N TYR B 56 -1.12 -5.73 7.19
CA TYR B 56 -0.66 -6.22 5.95
C TYR B 56 0.80 -6.09 5.77
N TYR B 57 1.43 -5.05 6.30
CA TYR B 57 2.89 -4.98 6.20
C TYR B 57 3.45 -6.20 6.88
N ASN B 58 2.89 -6.57 8.02
CA ASN B 58 3.39 -7.75 8.70
C ASN B 58 3.22 -9.02 7.86
N ILE B 59 2.00 -9.27 7.36
CA ILE B 59 1.75 -10.46 6.53
C ILE B 59 2.49 -10.41 5.22
N LYS B 60 2.46 -9.29 4.57
CA LYS B 60 3.02 -9.20 3.27
C LYS B 60 4.53 -9.13 3.33
N LYS B 61 5.09 -8.52 4.37
CA LYS B 61 6.55 -8.49 4.52
C LYS B 61 7.05 -9.91 4.72
N GLN B 62 6.41 -10.66 5.64
CA GLN B 62 6.85 -12.02 5.88
C GLN B 62 6.65 -12.87 4.62
N ASN B 63 5.50 -12.67 3.95
CA ASN B 63 5.19 -13.38 2.73
C ASN B 63 6.14 -13.03 1.63
N ALA B 64 6.37 -11.75 1.41
CA ALA B 64 7.22 -11.25 0.33
C ALA B 64 8.65 -11.74 0.47
N GLU B 65 9.18 -11.66 1.68
CA GLU B 65 10.54 -12.12 1.92
C GLU B 65 10.63 -13.61 1.63
N LYS B 66 9.67 -14.38 2.11
CA LYS B 66 9.65 -15.80 1.86
C LYS B 66 9.35 -16.12 0.38
N GLN B 67 8.46 -15.37 -0.22
CA GLN B 67 8.03 -15.55 -1.59
C GLN B 67 9.21 -15.31 -2.53
N LEU B 68 9.93 -14.23 -2.33
CA LEU B 68 11.10 -13.99 -3.11
C LEU B 68 12.22 -14.92 -2.75
N LEU B 69 12.31 -15.37 -1.51
CA LEU B 69 13.37 -16.31 -1.12
C LEU B 69 13.26 -17.56 -2.00
N VAL B 70 12.05 -18.10 -2.04
CA VAL B 70 11.78 -19.31 -2.78
C VAL B 70 11.82 -19.07 -4.28
N ALA B 71 11.42 -17.87 -4.70
CA ALA B 71 11.45 -17.53 -6.09
C ALA B 71 12.85 -17.22 -6.56
N LYS B 72 13.64 -16.58 -5.72
CA LYS B 72 15.02 -16.24 -6.03
C LYS B 72 15.79 -17.51 -6.29
N GLU B 73 15.72 -18.42 -5.33
CA GLU B 73 16.39 -19.68 -5.44
C GLU B 73 15.81 -20.50 -6.58
N GLY B 74 14.49 -20.61 -6.59
CA GLY B 74 13.81 -21.35 -7.62
C GLY B 74 14.17 -20.88 -9.00
N ALA B 75 14.10 -19.57 -9.21
CA ALA B 75 14.38 -18.98 -10.50
C ALA B 75 15.80 -19.16 -10.92
N GLU B 76 16.75 -18.80 -10.09
CA GLU B 76 18.13 -18.89 -10.55
C GLU B 76 18.65 -20.33 -10.61
N LYS B 77 17.93 -21.24 -10.01
CA LYS B 77 18.23 -22.65 -10.17
C LYS B 77 17.63 -23.19 -11.47
N ILE B 78 16.45 -22.69 -11.85
CA ILE B 78 15.80 -23.16 -13.08
C ILE B 78 16.25 -22.38 -14.31
N LYS B 79 16.50 -21.10 -14.12
CA LYS B 79 16.98 -20.23 -15.16
C LYS B 79 18.46 -20.39 -15.30
N LYS B 80 18.82 -21.41 -15.96
CA LYS B 80 20.17 -21.75 -16.21
C LYS B 80 20.16 -22.45 -17.52
N LYS B 81 20.57 -21.76 -18.53
CA LYS B 81 20.48 -22.25 -19.85
C LYS B 81 21.84 -22.41 -20.48
N ARG B 82 21.94 -23.38 -21.32
CA ARG B 82 23.12 -23.63 -22.06
C ARG B 82 22.68 -23.83 -23.48
#